data_8H2A
#
_entry.id   8H2A
#
_cell.length_a   98.492
_cell.length_b   157.204
_cell.length_c   98.569
_cell.angle_alpha   90.000
_cell.angle_beta   103.500
_cell.angle_gamma   90.000
#
_symmetry.space_group_name_H-M   'P 1 21 1'
#
loop_
_entity.id
_entity.type
_entity.pdbx_description
1 polymer 'Alcohol dehydrogenase'
2 non-polymer NICOTINAMIDE-ADENINE-DINUCLEOTIDE
3 non-polymer 'ZINC ION'
4 water water
#
_entity_poly.entity_id   1
_entity_poly.type   'polypeptide(L)'
_entity_poly.pdbx_seq_one_letter_code
;MSIISKCAIAKGDGTFSIETVQVESPKADEVLVKVKAAGLCHTDHDSLNWGKPIVMGHEGAGFVEQVGSAVTNLNVGDYV
ILNWATPCMTCFQCQEGNQHICESNSPVTAGGNGYTPGHAHLEGTTWNDTPIERSFNIGTLSEYTLVKASACVKIETNMP
MPSASIISCGVMTGYGSVVNSAKLQAGSSAVVLGTGGVGLNVIQGARISGAAKIIAIDINQERLDMALQFGATHTILADK
NDIGLLKASEDVKKLTNGRGADYAFECTAIPALGAAPLAMIRNAGTAVQVSGIEEEITIDMRLFEWDKIYINPLYGKCRP
QVDFPKLVSLYEKGDLMLDEMITRTYPLENLQQAFDDMLTGKNAKGVIIF
;
_entity_poly.pdbx_strand_id   A,B,C,D,E,F,G,H
#
# COMPACT_ATOMS: atom_id res chain seq x y z
N MET A 1 -1.49 45.74 -11.25
CA MET A 1 -0.25 45.78 -10.48
C MET A 1 0.98 45.68 -11.40
N SER A 2 1.84 46.70 -11.35
CA SER A 2 3.13 46.69 -12.05
C SER A 2 4.24 47.00 -11.07
N ILE A 3 5.30 46.24 -11.18
CA ILE A 3 6.42 46.30 -10.27
C ILE A 3 7.61 46.76 -11.06
N ILE A 4 8.50 47.45 -10.38
CA ILE A 4 9.71 47.98 -10.98
C ILE A 4 10.86 47.11 -10.50
N SER A 5 11.79 46.81 -11.41
CA SER A 5 12.92 45.97 -11.06
C SER A 5 14.19 46.57 -11.63
N LYS A 6 15.25 46.65 -10.80
CA LYS A 6 16.59 46.85 -11.33
C LYS A 6 17.06 45.56 -12.02
N CYS A 7 17.71 45.70 -13.17
CA CYS A 7 18.18 44.51 -13.89
C CYS A 7 19.38 44.89 -14.74
N ALA A 8 20.07 43.87 -15.27
CA ALA A 8 21.12 44.08 -16.27
C ALA A 8 20.53 43.96 -17.68
N ILE A 9 20.58 45.07 -18.43
CA ILE A 9 20.02 45.14 -19.78
C ILE A 9 21.18 45.13 -20.77
N ALA A 10 21.15 44.19 -21.70
CA ALA A 10 22.09 44.17 -22.81
C ALA A 10 21.40 44.74 -24.05
N LYS A 11 22.16 45.49 -24.86
CA LYS A 11 21.54 46.46 -25.76
C LYS A 11 21.65 46.13 -27.24
N GLY A 12 22.60 45.30 -27.65
CA GLY A 12 22.84 45.05 -29.05
C GLY A 12 23.98 45.86 -29.62
N ASP A 13 24.97 46.21 -28.81
CA ASP A 13 26.19 46.87 -29.25
C ASP A 13 27.38 46.28 -28.51
N GLY A 14 27.20 45.13 -27.85
CA GLY A 14 28.19 44.56 -26.96
C GLY A 14 28.28 45.21 -25.60
N THR A 15 27.24 45.91 -25.14
CA THR A 15 27.29 46.73 -23.93
C THR A 15 26.11 46.42 -23.04
N PHE A 16 26.33 46.48 -21.73
CA PHE A 16 25.28 46.25 -20.74
C PHE A 16 25.29 47.37 -19.70
N SER A 17 24.09 47.77 -19.29
CA SER A 17 23.93 48.82 -18.31
C SER A 17 22.82 48.42 -17.35
N ILE A 18 23.00 48.73 -16.07
CA ILE A 18 21.95 48.45 -15.10
C ILE A 18 20.85 49.48 -15.29
N GLU A 19 19.61 48.99 -15.38
CA GLU A 19 18.46 49.83 -15.66
C GLU A 19 17.32 49.37 -14.78
N THR A 20 16.14 49.92 -15.00
CA THR A 20 14.94 49.43 -14.35
C THR A 20 13.91 49.04 -15.40
N VAL A 21 13.08 48.06 -15.05
CA VAL A 21 12.17 47.45 -15.97
C VAL A 21 10.84 47.30 -15.23
N GLN A 22 9.74 47.24 -15.96
CA GLN A 22 8.41 47.23 -15.37
C GLN A 22 7.84 45.83 -15.54
N VAL A 23 7.54 45.19 -14.43
CA VAL A 23 7.15 43.79 -14.41
C VAL A 23 5.66 43.77 -14.11
N GLU A 24 4.86 43.32 -15.07
CA GLU A 24 3.42 43.22 -14.84
C GLU A 24 3.09 42.00 -13.99
N SER A 25 1.82 41.91 -13.58
CA SER A 25 1.36 40.78 -12.81
C SER A 25 1.30 39.51 -13.69
N PRO A 26 1.37 38.32 -13.07
CA PRO A 26 1.35 37.08 -13.84
C PRO A 26 0.02 36.87 -14.53
N LYS A 27 0.09 36.32 -15.73
CA LYS A 27 -1.10 35.78 -16.39
C LYS A 27 -1.41 34.41 -15.78
N ALA A 28 -2.37 33.69 -16.37
CA ALA A 28 -2.87 32.49 -15.72
C ALA A 28 -1.84 31.38 -15.70
N ASP A 29 -0.98 31.30 -16.73
CA ASP A 29 0.04 30.27 -16.86
C ASP A 29 1.41 30.70 -16.36
N GLU A 30 1.52 31.89 -15.76
CA GLU A 30 2.82 32.49 -15.48
C GLU A 30 3.07 32.58 -13.97
N VAL A 31 4.29 32.98 -13.62
CA VAL A 31 4.72 33.09 -12.24
C VAL A 31 5.68 34.26 -12.14
N LEU A 32 5.48 35.09 -11.12
CA LEU A 32 6.39 36.21 -10.86
C LEU A 32 7.36 35.75 -9.77
N VAL A 33 8.64 35.69 -10.07
CA VAL A 33 9.63 35.13 -9.19
C VAL A 33 10.47 36.28 -8.62
N LYS A 34 10.47 36.46 -7.30
CA LYS A 34 11.53 37.20 -6.66
C LYS A 34 12.83 36.41 -6.71
N VAL A 35 13.82 36.93 -7.42
CA VAL A 35 15.10 36.28 -7.60
C VAL A 35 16.01 36.67 -6.44
N LYS A 36 16.65 35.67 -5.83
CA LYS A 36 17.57 35.90 -4.74
C LYS A 36 19.03 35.80 -5.17
N ALA A 37 19.31 35.17 -6.31
CA ALA A 37 20.66 34.96 -6.79
C ALA A 37 20.59 34.54 -8.25
N ALA A 38 21.47 35.10 -9.08
CA ALA A 38 21.51 34.77 -10.49
C ALA A 38 22.94 34.42 -10.85
N GLY A 39 23.15 33.20 -11.31
CA GLY A 39 24.48 32.79 -11.68
C GLY A 39 24.82 33.25 -13.07
N LEU A 40 26.11 33.30 -13.35
CA LEU A 40 26.62 33.84 -14.60
C LEU A 40 27.33 32.76 -15.40
N CYS A 41 26.99 32.67 -16.69
CA CYS A 41 27.49 31.69 -17.64
C CYS A 41 28.23 32.38 -18.78
N HIS A 42 29.16 31.65 -19.41
CA HIS A 42 29.86 32.17 -20.59
C HIS A 42 28.89 32.62 -21.70
N THR A 43 27.71 32.00 -21.81
CA THR A 43 26.73 32.45 -22.80
C THR A 43 26.15 33.83 -22.47
N ASP A 44 26.19 34.24 -21.20
CA ASP A 44 25.69 35.56 -20.83
C ASP A 44 26.56 36.69 -21.39
N HIS A 45 27.88 36.48 -21.45
CA HIS A 45 28.75 37.44 -22.14
C HIS A 45 28.44 37.49 -23.63
N ASP A 46 28.32 36.32 -24.25
CA ASP A 46 27.92 36.23 -25.66
C ASP A 46 26.64 37.01 -25.94
N SER A 47 25.77 37.17 -24.93
CA SER A 47 24.48 37.79 -25.17
C SER A 47 24.63 39.26 -25.55
N LEU A 48 25.60 39.95 -24.94
CA LEU A 48 25.89 41.34 -25.28
C LEU A 48 26.08 41.51 -26.79
N ASN A 49 26.71 40.52 -27.44
CA ASN A 49 27.00 40.62 -28.86
C ASN A 49 25.86 40.12 -29.72
N TRP A 50 24.80 39.56 -29.14
CA TRP A 50 23.59 39.42 -29.92
C TRP A 50 23.03 40.82 -30.16
N GLY A 51 22.34 40.98 -31.29
CA GLY A 51 21.84 42.29 -31.65
C GLY A 51 20.41 42.50 -31.24
N LYS A 52 20.11 42.46 -29.95
CA LYS A 52 18.79 42.75 -29.43
C LYS A 52 18.90 43.31 -28.03
N PRO A 53 17.92 44.12 -27.60
CA PRO A 53 17.77 44.43 -26.17
C PRO A 53 17.16 43.24 -25.44
N ILE A 54 17.84 42.78 -24.38
CA ILE A 54 17.34 41.64 -23.60
C ILE A 54 17.64 41.87 -22.13
N VAL A 55 16.80 41.29 -21.27
CA VAL A 55 17.09 41.16 -19.86
C VAL A 55 18.00 39.95 -19.70
N MET A 56 19.27 40.20 -19.40
CA MET A 56 20.27 39.16 -19.33
C MET A 56 19.99 38.24 -18.16
N GLY A 57 20.69 37.10 -18.17
CA GLY A 57 20.64 36.11 -17.12
C GLY A 57 19.83 34.89 -17.50
N HIS A 58 20.42 33.69 -17.33
CA HIS A 58 19.68 32.45 -17.50
C HIS A 58 19.94 31.44 -16.38
N GLU A 59 20.65 31.80 -15.31
CA GLU A 59 20.75 30.97 -14.11
C GLU A 59 20.15 31.73 -12.94
N GLY A 60 19.09 31.22 -12.33
CA GLY A 60 18.43 31.96 -11.27
C GLY A 60 17.66 31.08 -10.32
N ALA A 61 17.54 31.54 -9.08
CA ALA A 61 16.71 30.91 -8.06
C ALA A 61 16.12 31.97 -7.14
N GLY A 62 15.02 31.63 -6.48
CA GLY A 62 14.32 32.60 -5.66
C GLY A 62 13.02 32.03 -5.13
N PHE A 63 12.05 32.93 -4.92
CA PHE A 63 10.78 32.61 -4.28
C PHE A 63 9.63 33.09 -5.14
N VAL A 64 8.52 32.39 -5.02
CA VAL A 64 7.32 32.67 -5.81
C VAL A 64 6.57 33.79 -5.10
N GLU A 65 6.58 34.97 -5.70
CA GLU A 65 5.84 36.12 -5.17
C GLU A 65 4.39 36.07 -5.58
N GLN A 66 4.10 35.77 -6.84
CA GLN A 66 2.72 35.60 -7.29
C GLN A 66 2.64 34.43 -8.25
N VAL A 67 1.43 33.89 -8.38
CA VAL A 67 1.18 32.74 -9.24
C VAL A 67 -0.11 33.05 -9.99
N GLY A 68 -0.29 32.41 -11.16
CA GLY A 68 -1.46 32.64 -11.97
C GLY A 68 -2.62 31.75 -11.59
N SER A 69 -3.72 31.91 -12.31
CA SER A 69 -4.91 31.13 -11.98
C SER A 69 -4.80 29.67 -12.39
N ALA A 70 -4.09 29.36 -13.48
CA ALA A 70 -4.02 27.98 -13.96
C ALA A 70 -2.96 27.15 -13.22
N VAL A 71 -1.90 27.77 -12.72
CA VAL A 71 -0.85 27.03 -12.02
C VAL A 71 -1.41 26.47 -10.73
N THR A 72 -1.19 25.17 -10.49
CA THR A 72 -1.81 24.46 -9.38
C THR A 72 -0.83 23.84 -8.41
N ASN A 73 0.42 23.63 -8.78
CA ASN A 73 1.32 22.83 -7.95
C ASN A 73 2.42 23.65 -7.31
N LEU A 74 2.16 24.92 -7.05
CA LEU A 74 3.21 25.78 -6.51
C LEU A 74 2.61 27.12 -6.09
N ASN A 75 3.16 27.65 -4.99
CA ASN A 75 2.46 28.56 -4.09
C ASN A 75 3.34 29.76 -3.79
N VAL A 76 2.71 30.84 -3.30
CA VAL A 76 3.46 32.04 -2.91
C VAL A 76 4.45 31.69 -1.79
N GLY A 77 5.66 32.22 -1.87
CA GLY A 77 6.71 31.84 -0.94
C GLY A 77 7.44 30.53 -1.26
N ASP A 78 6.98 29.75 -2.23
CA ASP A 78 7.66 28.50 -2.56
C ASP A 78 9.05 28.75 -3.16
N TYR A 79 9.96 27.83 -2.88
CA TYR A 79 11.36 28.00 -3.30
C TYR A 79 11.57 27.27 -4.63
N VAL A 80 12.07 28.03 -5.60
CA VAL A 80 11.93 27.72 -7.01
C VAL A 80 13.28 27.89 -7.70
N ILE A 81 13.73 26.83 -8.39
CA ILE A 81 14.90 26.90 -9.26
C ILE A 81 14.41 27.13 -10.69
N LEU A 82 14.99 28.13 -11.35
CA LEU A 82 14.52 28.51 -12.68
C LEU A 82 15.21 27.68 -13.73
N ASN A 83 14.47 27.33 -14.78
CA ASN A 83 15.02 26.57 -15.90
C ASN A 83 14.62 27.25 -17.19
N TRP A 84 15.44 27.06 -18.23
CA TRP A 84 15.15 27.65 -19.54
C TRP A 84 14.75 26.60 -20.56
N ALA A 85 14.32 25.41 -20.12
CA ALA A 85 13.75 24.47 -21.08
C ALA A 85 12.37 24.95 -21.52
N THR A 86 11.61 25.51 -20.57
CA THR A 86 10.22 25.94 -20.70
C THR A 86 9.39 24.93 -21.49
N PRO A 87 9.39 23.66 -21.08
CA PRO A 87 8.86 22.59 -21.96
C PRO A 87 7.36 22.67 -22.13
N CYS A 88 6.92 22.54 -23.39
CA CYS A 88 5.50 22.48 -23.69
C CYS A 88 4.92 21.09 -23.39
N MET A 89 5.78 20.10 -23.19
CA MET A 89 5.44 18.73 -22.81
C MET A 89 4.67 17.93 -23.86
N THR A 90 4.11 18.56 -24.89
CA THR A 90 3.24 17.83 -25.81
C THR A 90 3.84 17.60 -27.19
N CYS A 91 4.86 18.35 -27.56
CA CYS A 91 5.35 18.28 -28.93
C CYS A 91 6.14 17.00 -29.15
N PHE A 92 6.51 16.79 -30.41
CA PHE A 92 7.27 15.63 -30.81
C PHE A 92 8.53 15.47 -29.95
N GLN A 93 9.31 16.54 -29.78
CA GLN A 93 10.57 16.38 -29.07
C GLN A 93 10.32 16.11 -27.60
N CYS A 94 9.31 16.77 -27.02
CA CYS A 94 8.94 16.51 -25.63
C CYS A 94 8.42 15.09 -25.43
N GLN A 95 7.75 14.52 -26.43
CA GLN A 95 7.27 13.16 -26.26
C GLN A 95 8.39 12.12 -26.44
N GLU A 96 9.53 12.51 -26.99
CA GLU A 96 10.71 11.65 -26.92
C GLU A 96 11.44 11.78 -25.60
N GLY A 97 10.96 12.65 -24.69
CA GLY A 97 11.70 13.01 -23.50
C GLY A 97 12.72 14.09 -23.72
N ASN A 98 12.84 14.58 -24.95
CA ASN A 98 13.72 15.70 -25.28
C ASN A 98 12.97 17.02 -25.08
N GLN A 99 12.65 17.30 -23.82
CA GLN A 99 12.13 18.61 -23.49
C GLN A 99 13.17 19.72 -23.61
N HIS A 100 14.47 19.38 -23.65
CA HIS A 100 15.50 20.41 -23.79
C HIS A 100 15.58 20.98 -25.19
N ILE A 101 14.85 20.42 -26.15
CA ILE A 101 14.95 20.80 -27.55
C ILE A 101 13.52 20.99 -28.06
N CYS A 102 12.65 21.41 -27.14
CA CYS A 102 11.23 21.64 -27.42
C CYS A 102 11.02 22.45 -28.70
N GLU A 103 10.17 21.93 -29.59
CA GLU A 103 9.98 22.57 -30.88
C GLU A 103 9.19 23.87 -30.82
N SER A 104 8.41 24.11 -29.76
CA SER A 104 7.56 25.30 -29.70
C SER A 104 7.89 26.28 -28.60
N ASN A 105 8.51 25.84 -27.51
CA ASN A 105 8.77 26.76 -26.40
C ASN A 105 10.25 26.99 -26.11
N SER A 106 11.16 26.17 -26.63
CA SER A 106 12.58 26.37 -26.37
C SER A 106 13.02 27.75 -26.84
N PRO A 107 13.80 28.47 -26.03
CA PRO A 107 14.41 29.73 -26.50
C PRO A 107 15.43 29.50 -27.61
N VAL A 108 16.11 28.35 -27.59
CA VAL A 108 17.09 28.02 -28.62
C VAL A 108 16.42 27.37 -29.83
N THR A 109 15.52 26.39 -29.59
CA THR A 109 14.99 25.65 -30.72
C THR A 109 13.94 26.45 -31.45
N ALA A 110 13.17 27.28 -30.74
CA ALA A 110 12.11 28.07 -31.35
C ALA A 110 12.54 29.50 -31.63
N GLY A 111 13.78 29.86 -31.35
CA GLY A 111 14.31 31.17 -31.71
C GLY A 111 15.72 31.12 -32.26
N THR A 116 8.20 33.33 -27.49
CA THR A 116 7.61 32.05 -27.85
C THR A 116 6.66 31.75 -26.69
N PRO A 117 5.89 30.66 -26.77
CA PRO A 117 5.02 30.31 -25.62
C PRO A 117 5.75 29.84 -24.37
N GLY A 118 7.08 29.72 -24.38
CA GLY A 118 7.81 29.50 -23.16
C GLY A 118 8.17 30.80 -22.45
N HIS A 119 8.17 31.89 -23.21
CA HIS A 119 8.31 33.24 -22.70
C HIS A 119 6.98 33.69 -22.11
N ALA A 120 7.04 34.56 -21.11
CA ALA A 120 5.83 35.17 -20.59
C ALA A 120 5.35 36.23 -21.58
N HIS A 121 4.13 36.72 -21.38
CA HIS A 121 3.55 37.70 -22.29
C HIS A 121 4.40 38.97 -22.30
N LEU A 122 4.67 39.51 -23.51
CA LEU A 122 5.71 40.53 -23.64
C LEU A 122 5.39 41.77 -22.83
N GLU A 123 4.13 42.20 -22.81
CA GLU A 123 3.75 43.34 -21.99
C GLU A 123 4.06 43.14 -20.51
N GLY A 124 4.38 41.91 -20.08
CA GLY A 124 4.69 41.64 -18.69
C GLY A 124 5.96 42.33 -18.20
N THR A 125 6.92 42.56 -19.11
CA THR A 125 8.16 43.22 -18.75
C THR A 125 8.47 44.30 -19.78
N THR A 126 8.72 45.52 -19.32
CA THR A 126 8.85 46.66 -20.20
C THR A 126 9.99 47.57 -19.79
N TRP A 127 10.68 48.08 -20.80
CA TRP A 127 11.83 48.98 -20.67
C TRP A 127 11.44 50.26 -21.38
N ASN A 128 11.28 51.33 -20.58
CA ASN A 128 10.78 52.62 -21.07
C ASN A 128 9.55 52.43 -21.96
N ASP A 129 8.67 51.54 -21.51
CA ASP A 129 7.34 51.29 -22.06
C ASP A 129 7.38 50.59 -23.43
N THR A 130 8.50 49.94 -23.77
CA THR A 130 8.56 49.05 -24.92
C THR A 130 8.85 47.63 -24.44
N PRO A 131 8.03 46.64 -24.82
CA PRO A 131 8.26 45.27 -24.34
C PRO A 131 9.66 44.80 -24.68
N ILE A 132 10.32 44.13 -23.72
CA ILE A 132 11.64 43.57 -23.97
C ILE A 132 11.69 42.12 -23.52
N GLU A 133 12.70 41.41 -24.01
CA GLU A 133 12.78 39.98 -23.85
C GLU A 133 13.66 39.57 -22.68
N ARG A 134 13.14 38.62 -21.90
CA ARG A 134 13.89 37.79 -20.96
C ARG A 134 14.82 36.82 -21.69
N SER A 135 16.13 36.97 -21.47
CA SER A 135 17.08 36.05 -22.09
C SER A 135 16.78 34.63 -21.64
N PHE A 136 16.81 33.71 -22.60
CA PHE A 136 16.44 32.31 -22.37
C PHE A 136 15.10 32.22 -21.63
N ASN A 137 14.22 33.18 -21.90
CA ASN A 137 12.84 33.23 -21.42
C ASN A 137 12.74 33.45 -19.92
N ILE A 138 13.83 33.82 -19.25
CA ILE A 138 13.79 33.88 -17.80
C ILE A 138 14.47 35.17 -17.31
N GLY A 139 15.51 35.61 -18.02
CA GLY A 139 16.21 36.84 -17.67
C GLY A 139 16.46 37.01 -16.17
N THR A 140 17.38 36.22 -15.64
CA THR A 140 17.51 36.09 -14.20
C THR A 140 18.23 37.27 -13.56
N LEU A 141 19.07 37.97 -14.33
CA LEU A 141 19.79 39.11 -13.78
C LEU A 141 18.81 40.25 -13.61
N SER A 142 17.89 40.10 -12.66
CA SER A 142 16.77 41.00 -12.52
C SER A 142 16.14 40.74 -11.17
N GLU A 143 15.78 41.82 -10.48
CA GLU A 143 15.17 41.68 -9.17
C GLU A 143 13.91 40.83 -9.24
N TYR A 144 13.04 41.10 -10.20
CA TYR A 144 11.87 40.28 -10.38
C TYR A 144 11.85 39.74 -11.80
N THR A 145 11.31 38.54 -11.96
CA THR A 145 11.10 38.00 -13.28
C THR A 145 9.69 37.44 -13.39
N LEU A 146 9.07 37.74 -14.54
CA LEU A 146 7.79 37.21 -14.93
C LEU A 146 8.08 36.18 -16.00
N VAL A 147 7.98 34.90 -15.62
CA VAL A 147 8.26 33.79 -16.49
C VAL A 147 7.01 32.92 -16.56
N LYS A 148 7.02 31.97 -17.49
CA LYS A 148 5.97 30.98 -17.45
C LYS A 148 6.33 29.85 -16.48
N ALA A 149 5.29 29.10 -16.06
CA ALA A 149 5.42 28.10 -15.00
C ALA A 149 6.35 26.94 -15.39
N SER A 150 6.42 26.58 -16.67
CA SER A 150 7.37 25.57 -17.12
C SER A 150 8.82 25.94 -16.78
N ALA A 151 9.10 27.23 -16.54
CA ALA A 151 10.43 27.72 -16.19
C ALA A 151 10.77 27.55 -14.71
N CYS A 152 9.83 27.09 -13.87
CA CYS A 152 10.01 26.98 -12.43
C CYS A 152 10.06 25.52 -12.00
N VAL A 153 11.03 25.20 -11.15
CA VAL A 153 11.09 23.91 -10.46
C VAL A 153 11.03 24.18 -8.97
N LYS A 154 10.03 23.61 -8.30
CA LYS A 154 9.92 23.76 -6.86
C LYS A 154 10.79 22.72 -6.16
N ILE A 155 11.66 23.19 -5.27
CA ILE A 155 12.43 22.34 -4.39
C ILE A 155 12.11 22.77 -2.97
N GLU A 156 12.08 21.83 -2.05
CA GLU A 156 11.83 22.25 -0.69
C GLU A 156 13.05 21.74 0.07
N THR A 157 13.92 22.69 0.36
CA THR A 157 15.23 22.53 0.96
C THR A 157 15.66 23.91 1.42
N ASN A 158 16.51 23.92 2.44
CA ASN A 158 17.16 25.13 2.89
C ASN A 158 18.50 25.36 2.19
N MET A 159 18.72 24.68 1.06
CA MET A 159 19.90 24.84 0.23
C MET A 159 20.20 26.32 -0.01
N PRO A 160 21.48 26.72 -0.01
CA PRO A 160 21.80 28.13 -0.28
C PRO A 160 21.37 28.55 -1.67
N MET A 161 20.77 29.73 -1.73
CA MET A 161 20.28 30.26 -2.99
C MET A 161 21.38 30.41 -4.05
N PRO A 162 22.62 30.75 -3.73
CA PRO A 162 23.63 30.75 -4.80
C PRO A 162 23.89 29.34 -5.32
N SER A 163 23.92 28.36 -4.42
CA SER A 163 24.09 26.96 -4.83
C SER A 163 22.94 26.50 -5.71
N ALA A 164 21.71 26.94 -5.41
CA ALA A 164 20.57 26.57 -6.22
C ALA A 164 20.67 27.18 -7.62
N SER A 165 20.94 28.50 -7.68
CA SER A 165 20.95 29.20 -8.97
C SER A 165 21.79 28.47 -9.99
N ILE A 166 22.99 28.03 -9.61
CA ILE A 166 23.90 27.54 -10.64
C ILE A 166 23.40 26.27 -11.30
N ILE A 167 22.45 25.54 -10.69
CA ILE A 167 21.86 24.40 -11.38
C ILE A 167 21.19 24.79 -12.69
N SER A 168 20.77 26.06 -12.84
CA SER A 168 19.98 26.47 -14.00
C SER A 168 20.75 26.39 -15.31
N CYS A 169 22.07 26.31 -15.28
CA CYS A 169 22.75 26.10 -16.55
C CYS A 169 24.03 25.28 -16.35
N GLY A 170 25.05 25.91 -15.75
CA GLY A 170 26.36 25.27 -15.64
C GLY A 170 26.28 23.87 -15.08
N VAL A 171 25.60 23.70 -13.95
CA VAL A 171 25.61 22.39 -13.33
C VAL A 171 24.84 21.36 -14.18
N MET A 172 23.71 21.77 -14.78
CA MET A 172 22.90 20.84 -15.55
C MET A 172 23.61 20.41 -16.84
N THR A 173 24.15 21.37 -17.62
CA THR A 173 24.75 20.95 -18.88
C THR A 173 25.96 20.07 -18.63
N GLY A 174 26.82 20.47 -17.68
CA GLY A 174 27.96 19.67 -17.25
C GLY A 174 27.64 18.26 -16.77
N TYR A 175 26.77 18.15 -15.77
CA TYR A 175 26.39 16.84 -15.26
C TYR A 175 25.61 16.03 -16.30
N GLY A 176 24.61 16.65 -16.94
CA GLY A 176 23.73 15.91 -17.83
C GLY A 176 24.42 15.43 -19.10
N SER A 177 25.31 16.25 -19.67
CA SER A 177 26.11 15.80 -20.80
C SER A 177 26.82 14.49 -20.46
N VAL A 178 27.31 14.38 -19.23
CA VAL A 178 27.97 13.17 -18.78
C VAL A 178 26.93 12.06 -18.58
N VAL A 179 25.88 12.34 -17.82
CA VAL A 179 24.96 11.29 -17.42
C VAL A 179 23.87 11.05 -18.45
N ASN A 180 23.28 12.10 -18.99
CA ASN A 180 22.13 11.94 -19.86
C ASN A 180 22.51 11.82 -21.33
N SER A 181 23.58 12.48 -21.73
CA SER A 181 23.99 12.48 -23.13
C SER A 181 24.94 11.30 -23.35
N ALA A 182 26.20 11.44 -22.89
CA ALA A 182 27.20 10.40 -23.04
C ALA A 182 26.81 9.11 -22.31
N LYS A 183 26.01 9.22 -21.25
CA LYS A 183 25.62 8.06 -20.43
C LYS A 183 26.85 7.25 -19.97
N LEU A 184 27.81 8.00 -19.40
CA LEU A 184 29.14 7.49 -19.06
C LEU A 184 29.05 6.26 -18.16
N GLN A 185 29.79 5.23 -18.52
CA GLN A 185 29.71 3.99 -17.77
C GLN A 185 30.74 4.04 -16.66
N ALA A 186 30.38 3.51 -15.51
CA ALA A 186 31.33 3.55 -14.41
C ALA A 186 32.53 2.68 -14.73
N GLY A 187 33.71 3.12 -14.29
CA GLY A 187 34.95 2.41 -14.53
C GLY A 187 35.65 2.84 -15.81
N SER A 188 35.07 3.75 -16.57
CA SER A 188 35.64 4.23 -17.81
C SER A 188 36.69 5.29 -17.53
N SER A 189 37.24 5.86 -18.60
CA SER A 189 38.11 7.03 -18.54
C SER A 189 37.44 8.22 -19.23
N ALA A 190 37.58 9.41 -18.66
CA ALA A 190 36.99 10.62 -19.25
C ALA A 190 38.05 11.69 -19.33
N VAL A 191 37.99 12.48 -20.40
CA VAL A 191 38.81 13.67 -20.59
C VAL A 191 37.88 14.87 -20.64
N VAL A 192 38.24 15.94 -19.89
CA VAL A 192 37.48 17.19 -19.89
C VAL A 192 38.39 18.30 -20.44
N LEU A 193 37.95 18.94 -21.53
CA LEU A 193 38.69 20.04 -22.17
C LEU A 193 37.99 21.36 -21.86
N GLY A 194 38.51 22.08 -20.87
CA GLY A 194 37.87 23.29 -20.41
C GLY A 194 37.14 23.09 -19.10
N THR A 195 37.85 23.22 -17.98
CA THR A 195 37.28 23.03 -16.66
C THR A 195 36.80 24.37 -16.09
N GLY A 196 35.74 24.90 -16.71
CA GLY A 196 35.19 26.18 -16.29
C GLY A 196 33.84 26.09 -15.62
N GLY A 197 32.91 26.97 -16.00
CA GLY A 197 31.57 26.91 -15.44
C GLY A 197 30.87 25.60 -15.75
N VAL A 198 31.05 25.10 -16.96
CA VAL A 198 30.45 23.82 -17.34
C VAL A 198 31.39 22.66 -17.06
N GLY A 199 32.63 22.81 -17.53
CA GLY A 199 33.59 21.72 -17.46
C GLY A 199 33.82 21.21 -16.06
N LEU A 200 33.80 22.12 -15.06
CA LEU A 200 33.92 21.66 -13.68
C LEU A 200 32.76 20.77 -13.30
N ASN A 201 31.60 20.96 -13.94
CA ASN A 201 30.44 20.16 -13.57
C ASN A 201 30.39 18.88 -14.38
N VAL A 202 31.00 18.91 -15.58
CA VAL A 202 31.29 17.68 -16.28
C VAL A 202 32.04 16.73 -15.35
N ILE A 203 33.02 17.27 -14.62
CA ILE A 203 33.91 16.48 -13.77
C ILE A 203 33.14 15.84 -12.64
N GLN A 204 32.28 16.61 -11.97
CA GLN A 204 31.40 16.05 -10.96
C GLN A 204 30.52 14.94 -11.54
N GLY A 205 30.04 15.13 -12.76
CA GLY A 205 29.28 14.08 -13.39
C GLY A 205 30.13 12.85 -13.62
N ALA A 206 31.32 13.03 -14.18
CA ALA A 206 32.23 11.91 -14.38
C ALA A 206 32.58 11.26 -13.05
N ARG A 207 32.91 12.07 -12.05
CA ARG A 207 33.21 11.55 -10.72
C ARG A 207 32.00 10.82 -10.14
N ILE A 208 30.86 11.50 -10.05
CA ILE A 208 29.66 10.88 -9.50
C ILE A 208 29.31 9.62 -10.28
N SER A 209 29.55 9.59 -11.60
CA SER A 209 29.16 8.44 -12.40
C SER A 209 30.06 7.22 -12.23
N GLY A 210 31.23 7.36 -11.62
CA GLY A 210 32.13 6.25 -11.42
C GLY A 210 33.30 6.18 -12.35
N ALA A 211 33.64 7.27 -13.04
CA ALA A 211 34.83 7.25 -13.87
C ALA A 211 36.03 6.97 -12.99
N ALA A 212 36.96 6.16 -13.51
CA ALA A 212 38.18 5.86 -12.78
C ALA A 212 39.28 6.88 -13.05
N LYS A 213 39.27 7.50 -14.22
CA LYS A 213 40.34 8.40 -14.64
C LYS A 213 39.68 9.62 -15.26
N ILE A 214 39.93 10.80 -14.66
CA ILE A 214 39.32 12.05 -15.08
C ILE A 214 40.46 13.03 -15.37
N ILE A 215 40.66 13.33 -16.65
CA ILE A 215 41.80 14.08 -17.14
C ILE A 215 41.36 15.53 -17.42
N ALA A 216 41.68 16.46 -16.52
CA ALA A 216 41.35 17.86 -16.68
C ALA A 216 42.41 18.58 -17.52
N ILE A 217 41.95 19.30 -18.53
CA ILE A 217 42.84 20.01 -19.44
C ILE A 217 42.31 21.43 -19.57
N ASP A 218 43.16 22.41 -19.23
CA ASP A 218 42.84 23.82 -19.32
C ASP A 218 44.13 24.61 -19.56
N ILE A 219 43.97 25.84 -20.07
CA ILE A 219 45.10 26.75 -20.23
C ILE A 219 45.42 27.52 -18.96
N ASN A 220 44.53 27.54 -17.98
CA ASN A 220 44.74 28.31 -16.74
C ASN A 220 44.92 27.37 -15.56
N GLN A 221 45.98 27.63 -14.77
CA GLN A 221 46.35 26.76 -13.65
C GLN A 221 45.32 26.75 -12.53
N GLU A 222 44.60 27.86 -12.33
CA GLU A 222 43.64 27.93 -11.23
C GLU A 222 42.44 27.06 -11.52
N ARG A 223 41.83 27.28 -12.70
CA ARG A 223 40.88 26.34 -13.30
C ARG A 223 41.24 24.89 -13.02
N LEU A 224 42.48 24.49 -13.32
CA LEU A 224 42.90 23.11 -13.06
C LEU A 224 42.93 22.76 -11.57
N ASP A 225 43.28 23.71 -10.71
CA ASP A 225 43.23 23.44 -9.27
C ASP A 225 41.79 23.22 -8.83
N MET A 226 40.89 24.07 -9.36
CA MET A 226 39.43 23.85 -9.33
C MET A 226 39.07 22.44 -9.82
N ALA A 227 39.61 21.97 -10.96
CA ALA A 227 39.26 20.63 -11.46
C ALA A 227 39.68 19.53 -10.49
N LEU A 228 40.82 19.72 -9.83
CA LEU A 228 41.26 18.78 -8.81
C LEU A 228 40.29 18.77 -7.65
N GLN A 229 39.86 19.96 -7.22
CA GLN A 229 38.93 20.03 -6.10
C GLN A 229 37.61 19.31 -6.41
N PHE A 230 37.12 19.41 -7.65
CA PHE A 230 35.79 18.92 -7.97
C PHE A 230 35.75 17.47 -8.42
N GLY A 231 36.91 16.81 -8.56
CA GLY A 231 36.96 15.36 -8.76
C GLY A 231 38.05 14.82 -9.67
N ALA A 232 38.76 15.71 -10.37
CA ALA A 232 39.69 15.28 -11.41
C ALA A 232 40.80 14.43 -10.81
N THR A 233 41.26 13.45 -11.58
CA THR A 233 42.36 12.59 -11.13
C THR A 233 43.69 12.98 -11.73
N HIS A 234 43.70 13.41 -12.97
CA HIS A 234 44.90 13.79 -13.70
C HIS A 234 44.74 15.20 -14.21
N THR A 235 45.84 15.92 -14.27
CA THR A 235 45.84 17.28 -14.74
C THR A 235 46.84 17.47 -15.84
N ILE A 236 46.39 18.18 -16.86
CA ILE A 236 47.17 18.56 -18.04
C ILE A 236 46.94 20.05 -18.22
N LEU A 237 48.03 20.79 -18.42
CA LEU A 237 47.99 22.24 -18.61
C LEU A 237 48.31 22.53 -20.06
N ALA A 238 47.28 22.90 -20.82
CA ALA A 238 47.42 23.13 -22.25
C ALA A 238 48.00 24.51 -22.54
N ASP A 239 48.78 24.59 -23.62
CA ASP A 239 49.28 25.85 -24.18
C ASP A 239 48.31 26.32 -25.25
N LYS A 240 47.82 27.55 -25.11
CA LYS A 240 46.76 28.00 -26.01
C LYS A 240 47.20 27.98 -27.46
N ASN A 241 48.50 28.17 -27.72
CA ASN A 241 49.00 28.20 -29.09
C ASN A 241 48.98 26.82 -29.75
N ASP A 242 48.79 25.75 -28.96
CA ASP A 242 48.69 24.38 -29.47
C ASP A 242 47.37 24.22 -30.24
N ILE A 243 47.45 24.04 -31.56
CA ILE A 243 46.25 24.03 -32.38
C ILE A 243 45.55 22.68 -32.23
N GLY A 244 44.25 22.71 -31.95
CA GLY A 244 43.46 21.50 -31.78
C GLY A 244 43.82 20.62 -30.60
N LEU A 245 44.68 21.12 -29.71
CA LEU A 245 45.12 20.38 -28.52
C LEU A 245 45.66 19.00 -28.89
N LEU A 246 46.21 18.88 -30.10
CA LEU A 246 46.80 17.63 -30.54
C LEU A 246 47.99 17.26 -29.66
N LYS A 247 48.75 18.25 -29.19
CA LYS A 247 49.86 17.95 -28.30
C LYS A 247 49.36 17.46 -26.96
N ALA A 248 48.23 18.00 -26.51
CA ALA A 248 47.58 17.44 -25.34
C ALA A 248 47.05 16.03 -25.61
N SER A 249 46.65 15.76 -26.86
CA SER A 249 46.11 14.45 -27.18
C SER A 249 47.16 13.37 -26.97
N GLU A 250 48.40 13.62 -27.40
CA GLU A 250 49.47 12.66 -27.14
C GLU A 250 49.66 12.44 -25.64
N ASP A 251 49.50 13.49 -24.83
CA ASP A 251 49.66 13.33 -23.39
C ASP A 251 48.51 12.52 -22.79
N VAL A 252 47.30 12.72 -23.29
CA VAL A 252 46.18 11.87 -22.88
C VAL A 252 46.45 10.42 -23.26
N LYS A 253 46.95 10.19 -24.49
CA LYS A 253 47.20 8.83 -24.96
C LYS A 253 48.23 8.13 -24.10
N LYS A 254 49.21 8.87 -23.56
CA LYS A 254 50.15 8.27 -22.62
C LYS A 254 49.47 7.86 -21.32
N LEU A 255 48.34 8.48 -20.98
CA LEU A 255 47.60 8.19 -19.75
C LEU A 255 46.56 7.09 -19.93
N THR A 256 46.38 6.60 -21.15
CA THR A 256 45.33 5.63 -21.48
C THR A 256 45.90 4.39 -22.17
N ASN A 257 47.21 4.17 -22.04
CA ASN A 257 47.91 2.99 -22.57
C ASN A 257 47.90 2.99 -24.11
N GLY A 258 48.13 4.16 -24.71
CA GLY A 258 48.30 4.33 -26.13
C GLY A 258 47.04 4.64 -26.93
N ARG A 259 45.87 4.21 -26.47
CA ARG A 259 44.70 4.17 -27.36
C ARG A 259 43.73 5.35 -27.16
N GLY A 260 43.70 6.00 -26.01
CA GLY A 260 42.83 7.14 -25.81
C GLY A 260 41.76 6.85 -24.78
N ALA A 261 41.15 7.93 -24.34
CA ALA A 261 40.11 7.84 -23.34
C ALA A 261 38.84 7.24 -23.94
N ASP A 262 37.99 6.72 -23.06
CA ASP A 262 36.68 6.24 -23.48
C ASP A 262 35.71 7.40 -23.76
N TYR A 263 35.78 8.48 -22.96
CA TYR A 263 34.89 9.64 -23.09
C TYR A 263 35.69 10.94 -23.07
N ALA A 264 35.22 11.94 -23.81
CA ALA A 264 35.88 13.24 -23.86
C ALA A 264 34.84 14.33 -24.07
N PHE A 265 34.96 15.41 -23.32
CA PHE A 265 33.97 16.47 -23.29
C PHE A 265 34.62 17.80 -23.65
N GLU A 266 34.05 18.46 -24.66
CA GLU A 266 34.42 19.81 -25.09
C GLU A 266 33.61 20.84 -24.32
N CYS A 267 34.30 21.89 -23.87
CA CYS A 267 33.71 23.02 -23.19
C CYS A 267 34.77 24.08 -22.97
N THR A 268 35.45 24.44 -24.06
CA THR A 268 36.51 25.44 -24.08
C THR A 268 36.02 26.83 -24.51
N ALA A 269 34.85 26.91 -25.15
CA ALA A 269 34.33 28.14 -25.78
C ALA A 269 35.20 28.59 -26.95
N ILE A 270 36.08 27.74 -27.45
CA ILE A 270 36.91 28.07 -28.59
C ILE A 270 36.35 27.32 -29.81
N PRO A 271 35.80 28.01 -30.80
CA PRO A 271 35.25 27.28 -31.95
C PRO A 271 36.26 26.38 -32.65
N ALA A 272 37.55 26.74 -32.63
CA ALA A 272 38.55 25.97 -33.34
C ALA A 272 38.74 24.59 -32.72
N LEU A 273 38.46 24.46 -31.44
CA LEU A 273 38.63 23.20 -30.75
C LEU A 273 37.39 22.29 -30.87
N GLY A 274 36.52 22.57 -31.85
CA GLY A 274 35.29 21.81 -31.98
C GLY A 274 35.53 20.32 -32.10
N ALA A 275 36.47 19.93 -32.98
CA ALA A 275 36.76 18.52 -33.20
C ALA A 275 37.71 17.91 -32.16
N ALA A 276 38.38 18.73 -31.33
CA ALA A 276 39.47 18.21 -30.50
C ALA A 276 39.09 17.09 -29.52
N PRO A 277 37.86 16.98 -28.98
CA PRO A 277 37.52 15.75 -28.24
C PRO A 277 37.72 14.48 -29.06
N LEU A 278 37.57 14.54 -30.39
CA LEU A 278 37.88 13.39 -31.23
C LEU A 278 39.34 13.00 -31.15
N ALA A 279 40.22 13.95 -30.90
CA ALA A 279 41.65 13.68 -30.81
C ALA A 279 42.02 12.96 -29.53
N MET A 280 41.22 13.12 -28.47
CA MET A 280 41.47 12.61 -27.14
C MET A 280 40.92 11.21 -26.94
N ILE A 281 40.09 10.71 -27.87
CA ILE A 281 39.20 9.58 -27.66
C ILE A 281 39.76 8.35 -28.36
N ARG A 282 39.48 7.19 -27.78
CA ARG A 282 39.72 5.92 -28.45
C ARG A 282 38.68 5.69 -29.56
N ASN A 283 39.09 4.92 -30.57
CA ASN A 283 38.13 4.46 -31.55
C ASN A 283 36.97 3.78 -30.82
N ALA A 284 35.75 4.04 -31.31
CA ALA A 284 34.49 3.65 -30.66
C ALA A 284 34.23 4.42 -29.37
N GLY A 285 35.09 5.39 -29.00
CA GLY A 285 34.80 6.26 -27.87
C GLY A 285 33.67 7.24 -28.17
N THR A 286 33.23 7.95 -27.14
CA THR A 286 32.20 8.96 -27.35
C THR A 286 32.76 10.36 -27.09
N ALA A 287 32.54 11.27 -28.03
CA ALA A 287 33.03 12.64 -27.95
C ALA A 287 31.84 13.58 -27.87
N VAL A 288 31.80 14.38 -26.81
CA VAL A 288 30.67 15.25 -26.52
C VAL A 288 31.18 16.69 -26.57
N GLN A 289 30.63 17.48 -27.47
CA GLN A 289 30.96 18.90 -27.54
C GLN A 289 29.82 19.66 -26.87
N VAL A 290 30.10 20.21 -25.68
CA VAL A 290 29.09 20.96 -24.93
C VAL A 290 29.02 22.44 -25.33
N SER A 291 30.06 22.99 -25.96
CA SER A 291 30.13 24.44 -26.09
C SER A 291 29.00 24.96 -26.97
N GLY A 292 28.82 24.37 -28.13
CA GLY A 292 27.96 24.97 -29.11
C GLY A 292 28.80 25.87 -29.99
N ILE A 293 28.98 25.50 -31.24
CA ILE A 293 29.72 26.33 -32.18
C ILE A 293 28.78 26.64 -33.33
N GLU A 294 28.70 27.92 -33.72
CA GLU A 294 27.86 28.33 -34.83
C GLU A 294 28.64 28.84 -36.03
N GLU A 295 29.97 28.72 -36.00
CA GLU A 295 30.86 29.20 -37.04
C GLU A 295 31.16 28.08 -38.04
N GLU A 296 31.96 28.41 -39.06
CA GLU A 296 32.48 27.47 -40.04
C GLU A 296 33.92 27.16 -39.66
N ILE A 297 34.20 25.93 -39.19
CA ILE A 297 35.56 25.56 -38.87
C ILE A 297 36.02 24.46 -39.80
N THR A 298 37.34 24.29 -39.85
CA THR A 298 37.96 23.22 -40.62
C THR A 298 38.25 22.04 -39.70
N ILE A 299 37.94 20.83 -40.17
CA ILE A 299 38.16 19.59 -39.42
C ILE A 299 38.88 18.59 -40.30
N ASP A 300 39.99 18.05 -39.80
CA ASP A 300 40.56 16.83 -40.37
C ASP A 300 39.61 15.67 -40.09
N MET A 301 38.94 15.17 -41.13
CA MET A 301 37.93 14.14 -40.96
C MET A 301 38.52 12.80 -40.54
N ARG A 302 39.86 12.66 -40.52
CA ARG A 302 40.51 11.49 -39.96
C ARG A 302 40.24 11.36 -38.47
N LEU A 303 39.99 12.49 -37.80
CA LEU A 303 39.72 12.47 -36.37
C LEU A 303 38.40 11.75 -36.07
N PHE A 304 37.43 11.85 -36.99
CA PHE A 304 36.15 11.16 -36.83
C PHE A 304 36.32 9.65 -36.96
N GLU A 305 37.34 9.23 -37.67
CA GLU A 305 37.36 7.86 -38.15
C GLU A 305 37.46 6.88 -37.00
N TRP A 306 36.39 6.05 -36.91
CA TRP A 306 36.43 4.68 -36.41
C TRP A 306 35.58 4.62 -35.14
N ASP A 307 34.27 4.63 -35.45
CA ASP A 307 33.12 4.35 -34.60
C ASP A 307 33.01 5.32 -33.42
N LYS A 308 33.59 6.53 -33.54
CA LYS A 308 33.51 7.49 -32.46
C LYS A 308 32.18 8.23 -32.48
N ILE A 309 31.38 8.08 -31.41
CA ILE A 309 30.16 8.86 -31.25
C ILE A 309 30.49 10.33 -30.99
N TYR A 310 29.97 11.22 -31.83
CA TYR A 310 30.09 12.66 -31.63
C TYR A 310 28.70 13.23 -31.46
N ILE A 311 28.52 14.07 -30.44
CA ILE A 311 27.25 14.75 -30.17
C ILE A 311 27.54 16.17 -29.65
N ASN A 312 26.78 17.13 -30.16
CA ASN A 312 26.67 18.47 -29.61
C ASN A 312 25.36 18.59 -28.86
N PRO A 313 25.30 18.20 -27.59
CA PRO A 313 24.03 18.25 -26.86
C PRO A 313 23.77 19.64 -26.28
N LEU A 314 22.49 19.87 -25.94
CA LEU A 314 22.01 21.14 -25.37
C LEU A 314 21.48 20.89 -23.97
N TYR A 315 22.01 21.62 -22.99
CA TYR A 315 21.42 21.71 -21.64
C TYR A 315 21.43 20.36 -20.93
N GLY A 316 22.45 19.55 -21.22
CA GLY A 316 22.57 18.26 -20.60
C GLY A 316 21.36 17.36 -20.77
N LYS A 317 20.60 17.54 -21.85
CA LYS A 317 19.39 16.75 -22.12
C LYS A 317 18.38 16.92 -20.99
N CYS A 318 18.10 18.19 -20.66
CA CYS A 318 17.48 18.54 -19.38
C CYS A 318 15.99 18.27 -19.38
N ARG A 319 15.54 17.46 -18.41
CA ARG A 319 14.12 17.36 -18.10
C ARG A 319 13.89 18.01 -16.73
N PRO A 320 13.57 19.31 -16.68
CA PRO A 320 13.77 20.08 -15.43
C PRO A 320 13.00 19.55 -14.24
N GLN A 321 11.75 19.12 -14.42
CA GLN A 321 11.04 18.58 -13.26
C GLN A 321 11.68 17.30 -12.75
N VAL A 322 12.42 16.58 -13.60
CA VAL A 322 13.01 15.30 -13.24
C VAL A 322 14.48 15.47 -12.85
N ASP A 323 15.26 16.16 -13.68
CA ASP A 323 16.70 16.26 -13.44
C ASP A 323 17.02 17.12 -12.23
N PHE A 324 16.46 18.31 -12.18
CA PHE A 324 16.78 19.22 -11.08
C PHE A 324 16.59 18.54 -9.73
N PRO A 325 15.50 17.81 -9.48
CA PRO A 325 15.40 17.18 -8.16
C PRO A 325 16.46 16.11 -7.95
N LYS A 326 16.92 15.42 -9.01
CA LYS A 326 18.01 14.47 -8.83
C LYS A 326 19.31 15.18 -8.44
N LEU A 327 19.63 16.29 -9.09
CA LEU A 327 20.81 17.05 -8.68
C LEU A 327 20.71 17.51 -7.24
N VAL A 328 19.51 17.87 -6.79
CA VAL A 328 19.34 18.34 -5.42
C VAL A 328 19.68 17.24 -4.44
N SER A 329 19.26 16.02 -4.75
CA SER A 329 19.57 14.89 -3.88
C SER A 329 21.07 14.70 -3.73
N LEU A 330 21.78 14.60 -4.86
CA LEU A 330 23.21 14.35 -4.80
C LEU A 330 23.94 15.43 -4.00
N TYR A 331 23.40 16.64 -3.99
CA TYR A 331 23.92 17.72 -3.14
C TYR A 331 23.76 17.37 -1.67
N GLU A 332 22.51 17.12 -1.26
CA GLU A 332 22.21 16.71 0.11
C GLU A 332 23.07 15.51 0.53
N LYS A 333 23.07 14.45 -0.30
CA LYS A 333 23.98 13.33 -0.10
C LYS A 333 25.42 13.79 0.05
N GLY A 334 25.82 14.83 -0.68
CA GLY A 334 27.19 15.31 -0.63
C GLY A 334 27.98 15.04 -1.88
N ASP A 335 27.39 14.38 -2.89
CA ASP A 335 28.15 14.02 -4.06
C ASP A 335 28.28 15.18 -5.04
N LEU A 336 27.26 16.06 -5.13
CA LEU A 336 27.44 17.37 -5.73
C LEU A 336 27.89 18.39 -4.76
N MET A 337 28.92 19.08 -5.16
CA MET A 337 29.48 20.14 -4.38
C MET A 337 29.14 21.38 -5.17
N LEU A 338 28.42 22.28 -4.58
CA LEU A 338 28.05 23.49 -5.32
C LEU A 338 28.09 24.74 -4.46
N ASP A 339 28.01 24.58 -3.14
CA ASP A 339 28.54 25.58 -2.21
C ASP A 339 29.96 25.97 -2.58
N GLU A 340 30.85 24.98 -2.76
CA GLU A 340 32.24 25.29 -3.06
C GLU A 340 32.42 25.84 -4.46
N MET A 341 31.49 25.56 -5.36
CA MET A 341 31.48 26.23 -6.67
C MET A 341 31.40 27.75 -6.53
N ILE A 342 30.69 28.24 -5.50
CA ILE A 342 30.44 29.67 -5.43
C ILE A 342 31.67 30.38 -4.88
N THR A 343 32.50 30.90 -5.79
CA THR A 343 33.73 31.55 -5.34
C THR A 343 33.46 32.95 -4.83
N ARG A 344 32.75 33.78 -5.62
CA ARG A 344 32.36 35.09 -5.10
C ARG A 344 30.91 35.40 -5.48
N THR A 345 30.23 36.16 -4.63
CA THR A 345 28.98 36.83 -4.97
C THR A 345 29.17 38.33 -5.20
N TYR A 346 28.34 38.89 -6.09
CA TYR A 346 28.48 40.28 -6.52
C TYR A 346 27.15 41.01 -6.47
N PRO A 347 27.15 42.29 -6.09
CA PRO A 347 25.96 43.12 -6.32
C PRO A 347 25.80 43.42 -7.80
N LEU A 348 24.53 43.52 -8.22
CA LEU A 348 24.22 43.62 -9.63
C LEU A 348 24.94 44.79 -10.29
N GLU A 349 25.21 45.84 -9.53
CA GLU A 349 25.98 46.97 -10.03
C GLU A 349 27.43 46.60 -10.29
N ASN A 350 27.89 45.43 -9.84
CA ASN A 350 29.26 44.98 -10.05
C ASN A 350 29.33 43.78 -11.01
N LEU A 351 28.35 43.67 -11.91
CA LEU A 351 28.35 42.61 -12.90
C LEU A 351 29.62 42.64 -13.74
N GLN A 352 30.12 43.85 -14.05
CA GLN A 352 31.31 43.97 -14.88
C GLN A 352 32.49 43.24 -14.25
N GLN A 353 32.68 43.41 -12.94
CA GLN A 353 33.75 42.70 -12.26
C GLN A 353 33.51 41.18 -12.28
N ALA A 354 32.24 40.75 -12.28
CA ALA A 354 31.90 39.33 -12.32
C ALA A 354 32.23 38.73 -13.67
N PHE A 355 31.85 39.42 -14.75
CA PHE A 355 32.27 38.99 -16.08
C PHE A 355 33.77 38.87 -16.15
N ASP A 356 34.48 39.88 -15.65
CA ASP A 356 35.93 39.89 -15.70
C ASP A 356 36.52 38.71 -14.93
N ASP A 357 35.90 38.32 -13.84
CA ASP A 357 36.46 37.22 -13.07
C ASP A 357 36.21 35.87 -13.72
N MET A 358 35.11 35.74 -14.47
CA MET A 358 34.85 34.48 -15.18
C MET A 358 35.84 34.26 -16.31
N LEU A 359 36.10 35.31 -17.09
CA LEU A 359 36.96 35.21 -18.26
C LEU A 359 38.44 35.23 -17.89
N THR A 360 38.81 35.91 -16.81
CA THR A 360 40.21 35.91 -16.39
C THR A 360 40.63 34.57 -15.80
N GLY A 361 39.75 33.87 -15.12
CA GLY A 361 40.10 32.51 -14.75
C GLY A 361 40.25 32.38 -13.26
N LYS A 362 39.43 33.11 -12.54
CA LYS A 362 39.69 33.31 -11.14
C LYS A 362 38.51 32.82 -10.34
N ASN A 363 37.40 32.46 -11.02
CA ASN A 363 36.16 32.00 -10.44
C ASN A 363 35.74 30.65 -11.01
N ALA A 364 35.31 29.74 -10.13
CA ALA A 364 34.64 28.52 -10.59
C ALA A 364 33.29 28.87 -11.22
N LYS A 365 32.54 29.74 -10.56
CA LYS A 365 31.34 30.35 -11.07
C LYS A 365 31.13 31.61 -10.25
N GLY A 366 30.46 32.58 -10.82
CA GLY A 366 30.12 33.80 -10.11
C GLY A 366 28.61 33.96 -10.03
N VAL A 367 28.12 34.31 -8.85
CA VAL A 367 26.70 34.49 -8.64
C VAL A 367 26.42 35.92 -8.20
N ILE A 368 25.58 36.60 -8.97
CA ILE A 368 25.04 37.89 -8.57
C ILE A 368 23.94 37.65 -7.56
N ILE A 369 23.99 38.33 -6.44
CA ILE A 369 22.98 38.01 -5.44
C ILE A 369 22.12 39.23 -5.19
N PHE A 370 20.84 38.99 -4.92
CA PHE A 370 19.86 40.03 -4.61
C PHE A 370 19.37 39.82 -3.18
N MET B 1 55.37 -26.23 -52.66
CA MET B 1 54.19 -26.24 -53.55
C MET B 1 53.95 -24.60 -53.70
N SER B 2 54.37 -24.06 -54.86
CA SER B 2 54.19 -22.64 -55.24
C SER B 2 53.27 -22.60 -56.45
N ILE B 3 52.10 -21.98 -56.27
CA ILE B 3 51.07 -21.86 -57.28
C ILE B 3 51.25 -20.53 -57.99
N ILE B 4 50.98 -20.50 -59.28
CA ILE B 4 50.95 -19.26 -60.03
C ILE B 4 49.50 -18.78 -60.05
N SER B 5 49.27 -17.48 -59.88
CA SER B 5 47.90 -16.98 -59.80
C SER B 5 47.80 -15.70 -60.62
N LYS B 6 46.90 -15.71 -61.59
CA LYS B 6 46.54 -14.49 -62.29
C LYS B 6 45.82 -13.55 -61.34
N CYS B 7 46.11 -12.26 -61.46
CA CYS B 7 45.60 -11.31 -60.47
C CYS B 7 45.65 -9.91 -61.04
N ALA B 8 44.96 -8.99 -60.34
CA ALA B 8 45.04 -7.56 -60.61
C ALA B 8 46.01 -6.92 -59.62
N ILE B 9 46.95 -6.12 -60.14
CA ILE B 9 47.99 -5.47 -59.33
C ILE B 9 47.93 -3.95 -59.55
N ALA B 10 47.69 -3.19 -58.48
CA ALA B 10 47.79 -1.75 -58.54
C ALA B 10 49.25 -1.36 -58.33
N LYS B 11 49.76 -0.48 -59.15
CA LYS B 11 51.07 0.05 -58.94
C LYS B 11 50.85 1.46 -58.35
N GLY B 12 51.79 1.91 -57.49
CA GLY B 12 51.60 3.17 -56.74
C GLY B 12 50.99 4.31 -57.53
N ASP B 13 51.35 4.44 -58.83
CA ASP B 13 51.06 5.51 -59.79
C ASP B 13 49.59 5.63 -60.19
N GLY B 14 48.65 4.91 -59.59
CA GLY B 14 47.27 4.89 -60.05
C GLY B 14 46.97 3.93 -61.15
N THR B 15 47.91 3.07 -61.53
CA THR B 15 47.75 2.24 -62.72
C THR B 15 47.60 0.77 -62.35
N PHE B 16 46.73 0.06 -63.07
CA PHE B 16 46.39 -1.31 -62.67
C PHE B 16 46.76 -2.20 -63.85
N SER B 17 47.42 -3.32 -63.56
CA SER B 17 47.66 -4.33 -64.58
C SER B 17 47.35 -5.69 -64.00
N ILE B 18 46.81 -6.55 -64.85
CA ILE B 18 46.74 -7.96 -64.55
C ILE B 18 48.14 -8.52 -64.63
N GLU B 19 48.55 -9.23 -63.59
CA GLU B 19 49.84 -9.92 -63.59
C GLU B 19 49.68 -11.36 -63.11
N THR B 20 50.79 -12.10 -62.92
CA THR B 20 50.74 -13.39 -62.27
C THR B 20 51.61 -13.33 -61.03
N VAL B 21 51.16 -13.94 -59.96
CA VAL B 21 51.93 -13.99 -58.72
C VAL B 21 52.15 -15.44 -58.35
N GLN B 22 53.29 -15.71 -57.74
CA GLN B 22 53.60 -17.02 -57.20
C GLN B 22 53.02 -17.08 -55.79
N VAL B 23 52.12 -18.04 -55.54
CA VAL B 23 51.36 -18.06 -54.29
C VAL B 23 51.79 -19.30 -53.51
N GLU B 24 52.36 -19.11 -52.32
CA GLU B 24 52.93 -20.20 -51.56
C GLU B 24 51.87 -20.96 -50.76
N SER B 25 52.22 -22.19 -50.39
CA SER B 25 51.33 -23.09 -49.67
C SER B 25 51.08 -22.59 -48.23
N PRO B 26 49.94 -22.95 -47.64
CA PRO B 26 49.53 -22.32 -46.38
C PRO B 26 50.33 -22.76 -45.16
N LYS B 27 50.68 -21.75 -44.35
CA LYS B 27 51.23 -21.96 -43.01
C LYS B 27 50.12 -22.38 -42.06
N ALA B 28 50.52 -22.70 -40.81
CA ALA B 28 49.63 -23.42 -39.92
C ALA B 28 48.35 -22.65 -39.62
N ASP B 29 48.42 -21.32 -39.58
CA ASP B 29 47.24 -20.49 -39.35
C ASP B 29 46.71 -19.89 -40.65
N GLU B 30 46.93 -20.56 -41.76
CA GLU B 30 46.60 -20.01 -43.06
C GLU B 30 45.75 -20.95 -43.90
N VAL B 31 45.12 -20.36 -44.91
CA VAL B 31 44.22 -21.00 -45.85
C VAL B 31 44.51 -20.46 -47.23
N LEU B 32 44.50 -21.33 -48.23
CA LEU B 32 44.67 -20.90 -49.59
C LEU B 32 43.30 -21.04 -50.23
N VAL B 33 42.78 -19.96 -50.82
CA VAL B 33 41.41 -19.96 -51.32
C VAL B 33 41.45 -19.85 -52.82
N LYS B 34 40.78 -20.79 -53.51
CA LYS B 34 40.46 -20.63 -54.92
C LYS B 34 39.26 -19.70 -55.00
N VAL B 35 39.54 -18.42 -55.27
CA VAL B 35 38.50 -17.42 -55.39
C VAL B 35 37.72 -17.68 -56.67
N LYS B 36 36.40 -17.70 -56.56
CA LYS B 36 35.54 -17.96 -57.69
C LYS B 36 34.77 -16.73 -58.15
N ALA B 37 34.58 -15.74 -57.29
CA ALA B 37 33.95 -14.49 -57.68
C ALA B 37 34.43 -13.42 -56.72
N ALA B 38 34.63 -12.21 -57.25
CA ALA B 38 35.22 -11.10 -56.53
C ALA B 38 34.52 -9.84 -57.01
N GLY B 39 33.81 -9.17 -56.09
CA GLY B 39 33.10 -7.95 -56.42
C GLY B 39 33.99 -6.73 -56.30
N LEU B 40 33.53 -5.63 -56.89
CA LEU B 40 34.26 -4.38 -56.91
C LEU B 40 33.55 -3.32 -56.06
N CYS B 41 34.31 -2.71 -55.15
CA CYS B 41 33.89 -1.65 -54.26
C CYS B 41 34.58 -0.36 -54.67
N HIS B 42 33.99 0.78 -54.27
CA HIS B 42 34.61 2.05 -54.64
C HIS B 42 36.03 2.13 -54.11
N THR B 43 36.31 1.50 -52.97
CA THR B 43 37.64 1.63 -52.38
C THR B 43 38.73 1.05 -53.29
N ASP B 44 38.39 0.11 -54.17
CA ASP B 44 39.42 -0.48 -55.01
C ASP B 44 39.96 0.52 -56.03
N HIS B 45 39.07 1.36 -56.58
CA HIS B 45 39.56 2.45 -57.42
C HIS B 45 40.53 3.34 -56.64
N ASP B 46 40.15 3.72 -55.42
CA ASP B 46 41.04 4.49 -54.56
C ASP B 46 42.32 3.73 -54.26
N SER B 47 42.22 2.39 -54.20
CA SER B 47 43.38 1.54 -53.99
C SER B 47 44.45 1.73 -55.06
N LEU B 48 44.08 2.25 -56.25
CA LEU B 48 45.07 2.51 -57.30
C LEU B 48 46.10 3.57 -56.90
N ASN B 49 45.68 4.63 -56.22
CA ASN B 49 46.54 5.80 -55.97
C ASN B 49 47.25 5.74 -54.63
N TRP B 50 47.03 4.69 -53.85
CA TRP B 50 47.99 4.33 -52.79
C TRP B 50 49.34 4.06 -53.46
N GLY B 51 50.43 4.41 -52.77
CA GLY B 51 51.74 4.47 -53.42
C GLY B 51 52.61 3.26 -53.11
N LYS B 52 52.07 2.13 -53.51
CA LYS B 52 52.57 0.83 -53.17
C LYS B 52 51.96 -0.20 -54.10
N PRO B 53 52.74 -1.13 -54.64
CA PRO B 53 52.12 -2.27 -55.39
C PRO B 53 51.26 -3.10 -54.43
N ILE B 54 50.12 -3.52 -54.93
CA ILE B 54 49.14 -4.25 -54.16
C ILE B 54 48.35 -5.18 -55.06
N VAL B 55 48.04 -6.37 -54.54
CA VAL B 55 47.08 -7.24 -55.17
C VAL B 55 45.69 -6.76 -54.77
N MET B 56 44.91 -6.39 -55.76
CA MET B 56 43.64 -5.73 -55.49
C MET B 56 42.59 -6.73 -55.05
N GLY B 57 41.54 -6.19 -54.44
CA GLY B 57 40.41 -7.00 -54.06
C GLY B 57 40.23 -7.12 -52.57
N HIS B 58 39.02 -6.80 -52.10
CA HIS B 58 38.66 -7.00 -50.71
C HIS B 58 37.20 -7.42 -50.58
N GLU B 59 36.52 -7.70 -51.68
CA GLU B 59 35.30 -8.51 -51.70
C GLU B 59 35.63 -9.81 -52.41
N GLY B 60 35.33 -10.95 -51.78
CA GLY B 60 35.65 -12.24 -52.38
C GLY B 60 35.03 -13.50 -51.78
N ALA B 61 34.76 -14.51 -52.63
CA ALA B 61 34.31 -15.79 -52.12
C ALA B 61 34.79 -16.91 -53.04
N GLY B 62 34.84 -18.12 -52.50
CA GLY B 62 35.45 -19.25 -53.21
C GLY B 62 35.31 -20.55 -52.43
N PHE B 63 36.14 -21.53 -52.79
CA PHE B 63 36.26 -22.80 -52.05
C PHE B 63 37.68 -22.92 -51.50
N VAL B 64 37.83 -23.60 -50.36
CA VAL B 64 39.15 -23.80 -49.76
C VAL B 64 39.93 -24.85 -50.54
N GLU B 65 41.16 -24.52 -50.94
CA GLU B 65 42.04 -25.46 -51.65
C GLU B 65 42.98 -26.20 -50.70
N GLN B 66 43.61 -25.49 -49.78
CA GLN B 66 44.58 -26.09 -48.87
C GLN B 66 44.49 -25.39 -47.52
N VAL B 67 44.60 -26.17 -46.46
CA VAL B 67 44.31 -25.71 -45.12
C VAL B 67 45.56 -25.93 -44.25
N GLY B 68 45.75 -25.02 -43.30
CA GLY B 68 46.92 -25.10 -42.45
C GLY B 68 46.73 -26.03 -41.27
N SER B 69 47.85 -26.56 -40.79
CA SER B 69 47.84 -27.65 -39.81
C SER B 69 47.18 -27.28 -38.49
N ALA B 70 47.13 -25.99 -38.14
CA ALA B 70 46.41 -25.56 -36.96
C ALA B 70 44.95 -25.23 -37.24
N VAL B 71 44.58 -24.99 -38.49
CA VAL B 71 43.19 -24.66 -38.78
C VAL B 71 42.36 -25.89 -38.49
N THR B 72 41.45 -25.80 -37.54
CA THR B 72 40.66 -26.95 -37.18
C THR B 72 39.21 -26.89 -37.62
N ASN B 73 38.65 -25.71 -37.90
CA ASN B 73 37.22 -25.69 -38.18
C ASN B 73 36.93 -25.46 -39.66
N LEU B 74 37.96 -25.58 -40.51
CA LEU B 74 37.84 -25.43 -41.96
C LEU B 74 38.52 -26.62 -42.62
N ASN B 75 37.92 -27.09 -43.72
CA ASN B 75 38.38 -28.27 -44.45
C ASN B 75 38.33 -27.96 -45.94
N VAL B 76 39.23 -28.61 -46.70
CA VAL B 76 39.31 -28.41 -48.14
C VAL B 76 37.91 -28.45 -48.74
N GLY B 77 37.68 -27.65 -49.77
CA GLY B 77 36.41 -27.65 -50.45
C GLY B 77 35.30 -26.86 -49.79
N ASP B 78 35.51 -26.33 -48.60
CA ASP B 78 34.46 -25.60 -47.90
C ASP B 78 34.14 -24.28 -48.61
N TYR B 79 32.88 -23.88 -48.54
CA TYR B 79 32.47 -22.62 -49.15
C TYR B 79 32.60 -21.47 -48.15
N VAL B 80 33.52 -20.57 -48.51
CA VAL B 80 34.04 -19.50 -47.66
C VAL B 80 33.67 -18.15 -48.25
N ILE B 81 33.08 -17.31 -47.44
CA ILE B 81 33.06 -15.88 -47.72
C ILE B 81 34.24 -15.24 -47.02
N LEU B 82 35.06 -14.51 -47.79
CA LEU B 82 36.19 -13.79 -47.24
C LEU B 82 35.72 -12.53 -46.54
N ASN B 83 36.48 -12.10 -45.52
CA ASN B 83 36.27 -10.82 -44.83
C ASN B 83 37.61 -10.16 -44.60
N TRP B 84 37.58 -8.83 -44.37
CA TRP B 84 38.81 -8.06 -44.14
C TRP B 84 38.95 -7.58 -42.70
N ALA B 85 38.18 -8.14 -41.77
CA ALA B 85 38.41 -7.85 -40.37
C ALA B 85 39.62 -8.61 -39.84
N THR B 86 39.70 -9.92 -40.14
CA THR B 86 40.79 -10.83 -39.71
C THR B 86 41.01 -10.83 -38.20
N PRO B 87 39.96 -10.88 -37.38
CA PRO B 87 40.10 -10.44 -35.98
C PRO B 87 40.97 -11.35 -35.14
N CYS B 88 41.76 -10.72 -34.26
CA CYS B 88 42.64 -11.46 -33.36
C CYS B 88 41.89 -12.02 -32.16
N MET B 89 40.71 -11.48 -31.85
CA MET B 89 39.78 -11.99 -30.83
C MET B 89 40.26 -11.83 -29.40
N THR B 90 41.34 -11.09 -29.15
CA THR B 90 41.78 -10.89 -27.75
C THR B 90 42.22 -9.46 -27.42
N CYS B 91 42.50 -8.59 -28.39
CA CYS B 91 42.87 -7.22 -28.08
C CYS B 91 41.69 -6.47 -27.44
N PHE B 92 41.95 -5.21 -27.07
CA PHE B 92 40.95 -4.41 -26.36
C PHE B 92 39.68 -4.24 -27.19
N GLN B 93 39.82 -3.95 -28.49
CA GLN B 93 38.63 -3.71 -29.30
C GLN B 93 37.83 -5.00 -29.54
N CYS B 94 38.54 -6.10 -29.80
CA CYS B 94 37.84 -7.38 -29.97
C CYS B 94 37.08 -7.75 -28.71
N GLN B 95 37.61 -7.43 -27.53
CA GLN B 95 36.94 -7.86 -26.31
C GLN B 95 35.77 -6.96 -25.92
N GLU B 96 35.65 -5.78 -26.53
CA GLU B 96 34.42 -5.02 -26.47
C GLU B 96 33.47 -5.39 -27.60
N GLY B 97 33.90 -6.31 -28.48
CA GLY B 97 33.09 -6.70 -29.62
C GLY B 97 33.41 -6.00 -30.92
N ASN B 98 34.42 -5.13 -30.94
CA ASN B 98 34.70 -4.34 -32.13
C ASN B 98 35.80 -4.99 -32.99
N GLN B 99 35.52 -6.23 -33.42
CA GLN B 99 36.46 -7.01 -34.24
C GLN B 99 36.88 -6.27 -35.51
N HIS B 100 36.02 -5.34 -35.99
CA HIS B 100 36.27 -4.55 -37.19
C HIS B 100 37.25 -3.40 -36.96
N ILE B 101 37.55 -3.07 -35.70
CA ILE B 101 38.61 -2.10 -35.45
C ILE B 101 39.66 -2.72 -34.54
N CYS B 102 40.03 -3.95 -34.89
CA CYS B 102 40.98 -4.75 -34.15
C CYS B 102 42.33 -4.06 -34.08
N GLU B 103 42.88 -3.97 -32.88
CA GLU B 103 44.09 -3.18 -32.70
C GLU B 103 45.31 -3.92 -33.24
N SER B 104 45.27 -5.26 -33.27
CA SER B 104 46.42 -6.05 -33.71
C SER B 104 46.41 -6.41 -35.18
N ASN B 105 45.23 -6.63 -35.78
CA ASN B 105 45.13 -7.33 -37.07
C ASN B 105 44.38 -6.58 -38.16
N SER B 106 43.72 -5.48 -37.85
CA SER B 106 42.92 -4.81 -38.88
C SER B 106 43.84 -4.23 -39.94
N PRO B 107 43.49 -4.33 -41.23
CA PRO B 107 44.26 -3.62 -42.25
C PRO B 107 44.09 -2.13 -42.14
N VAL B 108 43.01 -1.67 -41.53
CA VAL B 108 42.76 -0.24 -41.45
C VAL B 108 43.29 0.34 -40.15
N THR B 109 42.88 -0.22 -39.01
CA THR B 109 43.16 0.33 -37.71
C THR B 109 44.48 -0.14 -37.11
N ALA B 110 45.25 -0.96 -37.82
CA ALA B 110 46.59 -1.30 -37.33
C ALA B 110 47.65 -1.04 -38.39
N TYR B 115 51.31 -4.09 -43.61
CA TYR B 115 51.39 -5.48 -43.17
C TYR B 115 51.13 -5.63 -41.67
N THR B 116 50.45 -6.71 -41.32
CA THR B 116 49.89 -6.91 -39.99
C THR B 116 49.67 -8.40 -39.80
N PRO B 117 49.63 -8.87 -38.56
CA PRO B 117 49.00 -10.16 -38.33
C PRO B 117 47.58 -10.10 -38.88
N GLY B 118 47.07 -11.22 -39.35
CA GLY B 118 45.90 -11.16 -40.17
C GLY B 118 46.22 -11.04 -41.64
N HIS B 119 47.47 -10.78 -41.99
CA HIS B 119 47.97 -11.00 -43.33
C HIS B 119 48.76 -12.30 -43.34
N ALA B 120 48.65 -13.06 -44.43
CA ALA B 120 49.52 -14.22 -44.62
C ALA B 120 50.99 -13.77 -44.64
N HIS B 121 51.89 -14.76 -44.55
CA HIS B 121 53.32 -14.43 -44.56
C HIS B 121 53.70 -13.77 -45.89
N LEU B 122 54.66 -12.86 -45.83
CA LEU B 122 54.94 -11.99 -46.97
C LEU B 122 55.52 -12.78 -48.14
N GLU B 123 56.24 -13.86 -47.87
CA GLU B 123 56.72 -14.73 -48.94
C GLU B 123 55.59 -15.51 -49.60
N GLY B 124 54.40 -15.53 -49.00
CA GLY B 124 53.31 -16.31 -49.55
C GLY B 124 52.81 -15.80 -50.89
N THR B 125 52.73 -14.49 -51.06
CA THR B 125 52.40 -13.94 -52.37
C THR B 125 53.50 -12.99 -52.80
N THR B 126 54.08 -13.26 -53.97
CA THR B 126 55.19 -12.49 -54.51
C THR B 126 54.91 -12.16 -55.96
N TRP B 127 55.38 -10.99 -56.38
CA TRP B 127 55.34 -10.56 -57.77
C TRP B 127 56.76 -10.24 -58.22
N ASN B 128 57.25 -11.01 -59.21
CA ASN B 128 58.58 -10.79 -59.77
C ASN B 128 59.67 -10.96 -58.72
N ASP B 129 59.59 -12.05 -57.96
CA ASP B 129 60.54 -12.46 -56.92
C ASP B 129 60.47 -11.59 -55.66
N THR B 130 59.59 -10.57 -55.61
CA THR B 130 59.54 -9.60 -54.51
C THR B 130 58.20 -9.67 -53.78
N PRO B 131 58.18 -9.77 -52.45
CA PRO B 131 56.92 -9.96 -51.73
C PRO B 131 55.96 -8.81 -51.96
N ILE B 132 54.67 -9.11 -51.89
CA ILE B 132 53.65 -8.11 -52.15
C ILE B 132 52.45 -8.34 -51.24
N GLU B 133 51.82 -7.22 -50.89
CA GLU B 133 50.68 -7.19 -49.99
C GLU B 133 49.41 -7.51 -50.76
N ARG B 134 48.42 -8.00 -50.02
CA ARG B 134 47.09 -8.17 -50.55
C ARG B 134 46.18 -7.13 -49.92
N SER B 135 45.43 -6.41 -50.75
CA SER B 135 44.70 -5.27 -50.24
C SER B 135 43.68 -5.73 -49.22
N PHE B 136 43.61 -4.98 -48.11
CA PHE B 136 42.77 -5.27 -46.96
C PHE B 136 43.04 -6.66 -46.39
N ASN B 137 44.27 -7.15 -46.55
CA ASN B 137 44.79 -8.44 -46.11
C ASN B 137 44.28 -9.62 -46.92
N ILE B 138 43.53 -9.40 -48.00
CA ILE B 138 42.91 -10.55 -48.67
C ILE B 138 43.08 -10.53 -50.18
N GLY B 139 43.35 -9.38 -50.80
CA GLY B 139 43.59 -9.28 -52.25
C GLY B 139 42.75 -10.19 -53.13
N THR B 140 41.45 -9.95 -53.20
CA THR B 140 40.54 -10.96 -53.74
C THR B 140 40.55 -11.04 -55.26
N LEU B 141 41.13 -10.06 -55.96
CA LEU B 141 41.16 -10.10 -57.41
C LEU B 141 42.33 -10.96 -57.89
N SER B 142 42.26 -12.26 -57.57
CA SER B 142 43.32 -13.22 -57.83
C SER B 142 42.69 -14.61 -57.94
N GLU B 143 43.25 -15.47 -58.80
CA GLU B 143 42.71 -16.82 -58.94
C GLU B 143 42.77 -17.57 -57.62
N TYR B 144 43.89 -17.43 -56.93
CA TYR B 144 44.10 -18.01 -55.62
C TYR B 144 44.58 -16.89 -54.71
N THR B 145 44.12 -16.92 -53.46
CA THR B 145 44.61 -15.99 -52.46
C THR B 145 45.02 -16.79 -51.23
N LEU B 146 46.18 -16.44 -50.68
CA LEU B 146 46.64 -17.04 -49.44
C LEU B 146 46.18 -16.06 -48.35
N VAL B 147 45.41 -16.53 -47.37
CA VAL B 147 44.93 -15.67 -46.30
C VAL B 147 45.00 -16.42 -44.97
N LYS B 148 44.83 -15.66 -43.88
CA LYS B 148 44.71 -16.26 -42.56
C LYS B 148 43.33 -16.90 -42.41
N ALA B 149 43.27 -17.98 -41.62
CA ALA B 149 42.00 -18.66 -41.38
C ALA B 149 40.89 -17.71 -40.97
N SER B 150 41.24 -16.64 -40.24
CA SER B 150 40.29 -15.65 -39.77
C SER B 150 39.72 -14.79 -40.89
N ALA B 151 40.36 -14.76 -42.06
CA ALA B 151 39.70 -14.12 -43.18
C ALA B 151 38.50 -14.91 -43.68
N CYS B 152 38.30 -16.14 -43.24
CA CYS B 152 37.39 -17.07 -43.91
C CYS B 152 36.18 -17.35 -43.04
N VAL B 153 34.99 -17.17 -43.61
CA VAL B 153 33.74 -17.58 -42.99
C VAL B 153 33.15 -18.65 -43.90
N LYS B 154 32.99 -19.86 -43.35
CA LYS B 154 32.35 -20.95 -44.05
C LYS B 154 30.85 -20.74 -44.04
N ILE B 155 30.23 -20.85 -45.19
CA ILE B 155 28.78 -20.92 -45.30
C ILE B 155 28.37 -22.30 -45.79
N GLU B 156 27.39 -22.85 -45.09
CA GLU B 156 26.77 -24.11 -45.49
C GLU B 156 25.48 -23.77 -46.24
N THR B 157 25.67 -23.25 -47.44
CA THR B 157 24.55 -23.00 -48.36
C THR B 157 25.00 -23.23 -49.79
N ASN B 158 24.05 -23.09 -50.71
CA ASN B 158 24.44 -23.08 -52.11
C ASN B 158 23.97 -21.79 -52.77
N MET B 159 24.49 -20.69 -52.29
CA MET B 159 24.26 -19.37 -52.87
C MET B 159 25.09 -19.20 -54.12
N PRO B 160 24.62 -18.38 -55.06
CA PRO B 160 25.50 -17.94 -56.15
C PRO B 160 26.73 -17.24 -55.60
N MET B 161 27.89 -17.73 -56.01
CA MET B 161 29.15 -17.15 -55.55
C MET B 161 29.25 -15.65 -55.78
N PRO B 162 28.91 -15.10 -56.96
CA PRO B 162 28.88 -13.63 -57.07
C PRO B 162 28.03 -12.99 -56.00
N SER B 163 26.85 -13.59 -55.71
CA SER B 163 25.97 -13.03 -54.68
C SER B 163 26.60 -13.14 -53.30
N ALA B 164 27.36 -14.20 -53.04
CA ALA B 164 28.04 -14.27 -51.76
C ALA B 164 29.23 -13.32 -51.67
N SER B 165 29.83 -12.88 -52.79
CA SER B 165 31.11 -12.21 -52.68
C SER B 165 30.93 -10.77 -52.21
N ILE B 166 29.81 -10.14 -52.61
CA ILE B 166 29.53 -8.76 -52.23
C ILE B 166 29.14 -8.62 -50.78
N ILE B 167 29.06 -9.71 -50.03
CA ILE B 167 28.86 -9.58 -48.58
C ILE B 167 30.16 -9.10 -47.94
N SER B 168 31.30 -9.47 -48.55
CA SER B 168 32.62 -9.22 -47.98
C SER B 168 32.88 -7.76 -47.67
N CYS B 169 32.24 -6.83 -48.39
CA CYS B 169 32.29 -5.42 -48.03
C CYS B 169 30.95 -4.69 -48.22
N GLY B 170 30.48 -4.58 -49.47
CA GLY B 170 29.37 -3.68 -49.76
C GLY B 170 28.11 -3.95 -48.93
N VAL B 171 27.63 -5.18 -48.94
CA VAL B 171 26.43 -5.47 -48.17
C VAL B 171 26.70 -5.31 -46.69
N MET B 172 27.83 -5.84 -46.23
CA MET B 172 28.12 -5.82 -44.81
C MET B 172 28.22 -4.38 -44.28
N THR B 173 28.92 -3.48 -44.98
CA THR B 173 29.09 -2.16 -44.38
C THR B 173 27.78 -1.39 -44.39
N GLY B 174 27.04 -1.46 -45.52
CA GLY B 174 25.78 -0.73 -45.65
C GLY B 174 24.70 -1.22 -44.72
N TYR B 175 24.46 -2.54 -44.68
CA TYR B 175 23.49 -3.09 -43.75
C TYR B 175 23.95 -2.87 -42.31
N GLY B 176 25.23 -3.15 -42.04
CA GLY B 176 25.75 -3.02 -40.67
C GLY B 176 25.68 -1.60 -40.13
N SER B 177 25.96 -0.61 -40.98
CA SER B 177 25.85 0.79 -40.58
C SER B 177 24.47 1.10 -40.03
N VAL B 178 23.43 0.49 -40.64
CA VAL B 178 22.04 0.67 -40.21
C VAL B 178 21.74 -0.15 -38.97
N VAL B 179 22.06 -1.45 -39.00
CA VAL B 179 21.59 -2.36 -37.96
C VAL B 179 22.52 -2.32 -36.75
N ASN B 180 23.82 -2.47 -36.97
CA ASN B 180 24.80 -2.54 -35.87
C ASN B 180 25.27 -1.17 -35.42
N SER B 181 25.65 -0.34 -36.38
CA SER B 181 26.20 0.94 -35.99
C SER B 181 25.08 1.90 -35.58
N ALA B 182 24.03 2.02 -36.39
CA ALA B 182 22.96 2.96 -36.07
C ALA B 182 21.86 2.35 -35.21
N LYS B 183 21.69 1.02 -35.22
CA LYS B 183 20.66 0.37 -34.41
C LYS B 183 19.29 0.93 -34.79
N LEU B 184 19.11 1.18 -36.08
CA LEU B 184 17.88 1.74 -36.61
C LEU B 184 16.68 0.96 -36.13
N GLN B 185 15.65 1.69 -35.79
CA GLN B 185 14.48 1.20 -35.10
C GLN B 185 13.31 1.35 -36.06
N ALA B 186 12.35 0.44 -35.96
CA ALA B 186 11.28 0.35 -36.97
C ALA B 186 10.31 1.52 -36.83
N GLY B 187 9.61 1.85 -37.93
CA GLY B 187 8.73 3.01 -37.97
C GLY B 187 9.42 4.34 -38.22
N SER B 188 10.74 4.35 -38.31
CA SER B 188 11.50 5.57 -38.41
C SER B 188 11.56 6.06 -39.85
N SER B 189 12.06 7.27 -40.01
CA SER B 189 12.39 7.85 -41.28
C SER B 189 13.90 7.75 -41.48
N ALA B 190 14.32 7.56 -42.73
CA ALA B 190 15.70 7.20 -43.02
C ALA B 190 16.06 7.80 -44.36
N VAL B 191 17.17 8.53 -44.40
CA VAL B 191 17.66 9.14 -45.62
C VAL B 191 19.00 8.52 -45.98
N VAL B 192 19.18 8.19 -47.25
CA VAL B 192 20.39 7.54 -47.75
C VAL B 192 21.01 8.43 -48.83
N LEU B 193 22.23 8.91 -48.58
CA LEU B 193 22.93 9.81 -49.51
C LEU B 193 23.88 8.94 -50.32
N GLY B 194 23.41 8.50 -51.49
CA GLY B 194 24.23 7.69 -52.37
C GLY B 194 23.81 6.23 -52.37
N THR B 195 23.24 5.79 -53.49
CA THR B 195 22.63 4.48 -53.57
C THR B 195 23.45 3.61 -54.51
N GLY B 196 24.72 3.46 -54.17
CA GLY B 196 25.65 2.59 -54.85
C GLY B 196 25.87 1.30 -54.08
N GLY B 197 27.12 0.82 -54.14
CA GLY B 197 27.43 -0.48 -53.56
C GLY B 197 27.13 -0.53 -52.07
N VAL B 198 27.44 0.55 -51.36
CA VAL B 198 27.14 0.62 -49.95
C VAL B 198 25.73 1.13 -49.69
N GLY B 199 25.26 2.10 -50.48
CA GLY B 199 24.00 2.75 -50.18
C GLY B 199 22.76 1.91 -50.46
N LEU B 200 22.81 1.05 -51.49
CA LEU B 200 21.65 0.18 -51.73
C LEU B 200 21.51 -0.83 -50.59
N ASN B 201 22.62 -1.24 -49.98
CA ASN B 201 22.54 -2.15 -48.84
C ASN B 201 22.20 -1.41 -47.56
N VAL B 202 22.53 -0.12 -47.48
CA VAL B 202 21.93 0.76 -46.49
C VAL B 202 20.40 0.68 -46.57
N ILE B 203 19.86 0.71 -47.81
CA ILE B 203 18.40 0.73 -47.98
C ILE B 203 17.82 -0.62 -47.59
N GLN B 204 18.47 -1.69 -48.03
CA GLN B 204 18.06 -3.03 -47.62
C GLN B 204 18.02 -3.15 -46.10
N GLY B 205 19.07 -2.67 -45.43
CA GLY B 205 19.10 -2.73 -43.98
C GLY B 205 18.04 -1.86 -43.35
N ALA B 206 17.81 -0.68 -43.91
CA ALA B 206 16.70 0.16 -43.46
C ALA B 206 15.37 -0.54 -43.70
N ARG B 207 15.24 -1.25 -44.83
CA ARG B 207 14.01 -2.00 -45.09
C ARG B 207 13.89 -3.21 -44.18
N ILE B 208 14.98 -3.96 -43.97
CA ILE B 208 14.87 -5.11 -43.10
C ILE B 208 14.60 -4.65 -41.67
N SER B 209 15.13 -3.49 -41.30
CA SER B 209 14.91 -2.94 -39.96
C SER B 209 13.49 -2.38 -39.79
N GLY B 210 12.78 -2.12 -40.87
CA GLY B 210 11.41 -1.65 -40.79
C GLY B 210 11.20 -0.16 -40.83
N ALA B 211 12.10 0.61 -41.45
CA ALA B 211 11.87 2.03 -41.62
C ALA B 211 10.55 2.27 -42.34
N ALA B 212 9.84 3.32 -41.93
CA ALA B 212 8.59 3.67 -42.59
C ALA B 212 8.83 4.56 -43.80
N LYS B 213 9.89 5.36 -43.75
CA LYS B 213 10.29 6.17 -44.87
C LYS B 213 11.77 5.90 -45.13
N ILE B 214 12.08 5.58 -46.38
CA ILE B 214 13.45 5.42 -46.84
C ILE B 214 13.61 6.33 -48.03
N ILE B 215 14.28 7.47 -47.85
CA ILE B 215 14.38 8.45 -48.91
C ILE B 215 15.74 8.32 -49.57
N ALA B 216 15.73 8.12 -50.88
CA ALA B 216 16.95 7.84 -51.63
C ALA B 216 17.29 9.06 -52.46
N ILE B 217 18.55 9.49 -52.34
CA ILE B 217 19.09 10.64 -53.05
C ILE B 217 20.41 10.29 -53.72
N ASP B 218 20.54 10.75 -54.96
CA ASP B 218 21.73 10.47 -55.75
C ASP B 218 21.70 11.44 -56.93
N ILE B 219 22.82 11.54 -57.61
CA ILE B 219 22.87 12.37 -58.81
C ILE B 219 22.59 11.57 -60.08
N ASN B 220 22.45 10.24 -59.99
CA ASN B 220 22.29 9.37 -61.15
C ASN B 220 20.91 8.72 -61.11
N GLN B 221 20.11 8.97 -62.14
CA GLN B 221 18.73 8.47 -62.15
C GLN B 221 18.70 6.95 -62.19
N GLU B 222 19.65 6.32 -62.88
CA GLU B 222 19.64 4.87 -62.95
C GLU B 222 19.90 4.26 -61.56
N ARG B 223 20.89 4.80 -60.82
CA ARG B 223 21.10 4.29 -59.47
C ARG B 223 19.93 4.62 -58.56
N LEU B 224 19.25 5.76 -58.79
CA LEU B 224 18.01 6.01 -58.07
C LEU B 224 16.98 4.94 -58.40
N ASP B 225 16.96 4.49 -59.66
CA ASP B 225 16.08 3.41 -60.08
C ASP B 225 16.40 2.12 -59.33
N MET B 226 17.67 1.90 -59.01
CA MET B 226 18.05 0.69 -58.27
C MET B 226 17.56 0.74 -56.83
N ALA B 227 17.65 1.92 -56.21
CA ALA B 227 17.20 2.04 -54.84
C ALA B 227 15.76 1.56 -54.67
N LEU B 228 14.88 1.95 -55.61
CA LEU B 228 13.49 1.56 -55.54
C LEU B 228 13.36 0.06 -55.62
N GLN B 229 14.20 -0.56 -56.45
CA GLN B 229 14.19 -2.00 -56.58
C GLN B 229 14.57 -2.68 -55.27
N PHE B 230 15.51 -2.10 -54.50
CA PHE B 230 15.99 -2.71 -53.27
C PHE B 230 15.32 -2.18 -52.01
N GLY B 231 14.54 -1.11 -52.08
CA GLY B 231 13.67 -0.83 -50.95
C GLY B 231 13.28 0.60 -50.68
N ALA B 232 13.86 1.57 -51.38
CA ALA B 232 13.54 2.95 -51.06
C ALA B 232 12.07 3.20 -51.31
N THR B 233 11.52 4.17 -50.57
CA THR B 233 10.14 4.58 -50.74
C THR B 233 10.01 5.90 -51.49
N HIS B 234 10.89 6.86 -51.24
CA HIS B 234 10.88 8.11 -51.96
C HIS B 234 12.26 8.32 -52.58
N THR B 235 12.33 9.18 -53.62
CA THR B 235 13.60 9.42 -54.30
C THR B 235 13.74 10.88 -54.67
N ILE B 236 14.90 11.43 -54.35
CA ILE B 236 15.24 12.82 -54.63
C ILE B 236 16.47 12.79 -55.53
N LEU B 237 16.36 13.42 -56.70
CA LEU B 237 17.50 13.61 -57.58
C LEU B 237 18.19 14.93 -57.23
N ALA B 238 19.39 14.83 -56.70
CA ALA B 238 20.20 15.97 -56.35
C ALA B 238 21.05 16.40 -57.55
N ASP B 239 21.41 17.68 -57.57
CA ASP B 239 22.36 18.17 -58.53
C ASP B 239 23.77 18.07 -57.94
N LYS B 240 24.75 18.03 -58.83
CA LYS B 240 26.14 17.98 -58.39
C LYS B 240 26.70 19.34 -57.98
N ASN B 241 25.98 20.44 -58.25
CA ASN B 241 26.38 21.74 -57.71
C ASN B 241 25.64 22.10 -56.43
N ASP B 242 24.72 21.25 -55.98
CA ASP B 242 24.05 21.43 -54.70
C ASP B 242 25.06 21.25 -53.56
N ILE B 243 25.78 22.32 -53.19
CA ILE B 243 26.90 22.20 -52.25
C ILE B 243 26.35 21.79 -50.87
N GLY B 244 26.88 20.68 -50.35
CA GLY B 244 26.39 20.12 -49.10
C GLY B 244 25.03 19.50 -49.18
N LEU B 245 24.46 19.41 -50.39
CA LEU B 245 23.11 18.88 -50.62
C LEU B 245 22.08 19.55 -49.71
N LEU B 246 22.17 20.89 -49.61
CA LEU B 246 21.28 21.63 -48.72
C LEU B 246 19.85 21.72 -49.23
N LYS B 247 19.63 21.61 -50.53
CA LYS B 247 18.28 21.71 -51.06
C LYS B 247 17.61 20.37 -51.16
N ALA B 248 18.40 19.38 -51.54
CA ALA B 248 18.04 18.02 -51.22
C ALA B 248 17.57 17.99 -49.77
N SER B 249 18.32 18.67 -48.89
CA SER B 249 17.94 18.74 -47.49
C SER B 249 16.61 19.46 -47.28
N GLU B 250 16.22 20.39 -48.15
CA GLU B 250 14.92 21.01 -47.98
C GLU B 250 13.81 20.09 -48.42
N ASP B 251 14.02 19.34 -49.50
CA ASP B 251 13.03 18.35 -49.92
C ASP B 251 12.83 17.29 -48.84
N VAL B 252 13.92 16.82 -48.23
CA VAL B 252 13.79 15.83 -47.16
C VAL B 252 12.89 16.36 -46.05
N LYS B 253 13.17 17.57 -45.57
CA LYS B 253 12.35 18.17 -44.52
C LYS B 253 10.90 18.33 -44.96
N LYS B 254 10.65 18.56 -46.24
CA LYS B 254 9.28 18.56 -46.73
C LYS B 254 8.65 17.18 -46.60
N LEU B 255 9.44 16.13 -46.82
CA LEU B 255 8.95 14.77 -46.67
C LEU B 255 8.86 14.32 -45.22
N THR B 256 9.47 15.05 -44.26
CA THR B 256 9.51 14.63 -42.86
C THR B 256 8.89 15.64 -41.92
N ASN B 257 7.78 16.26 -42.35
CA ASN B 257 7.00 17.19 -41.54
C ASN B 257 7.79 18.42 -41.12
N GLY B 258 8.82 18.77 -41.88
CA GLY B 258 9.59 19.96 -41.60
C GLY B 258 10.65 19.81 -40.54
N ARG B 259 10.66 18.72 -39.77
CA ARG B 259 11.65 18.57 -38.71
C ARG B 259 12.90 17.83 -39.20
N GLY B 260 12.78 16.96 -40.18
CA GLY B 260 13.91 16.16 -40.62
C GLY B 260 13.72 14.69 -40.30
N ALA B 261 14.54 13.87 -40.94
CA ALA B 261 14.51 12.42 -40.74
C ALA B 261 15.12 12.01 -39.41
N ASP B 262 14.68 10.86 -38.91
CA ASP B 262 15.28 10.30 -37.72
C ASP B 262 16.71 9.84 -37.99
N TYR B 263 17.01 9.42 -39.20
CA TYR B 263 18.28 8.78 -39.52
C TYR B 263 18.72 9.23 -40.91
N ALA B 264 20.04 9.35 -41.12
CA ALA B 264 20.58 9.69 -42.44
C ALA B 264 21.99 9.13 -42.63
N PHE B 265 22.25 8.60 -43.81
CA PHE B 265 23.45 7.80 -44.05
C PHE B 265 24.17 8.36 -45.27
N GLU B 266 25.48 8.56 -45.16
CA GLU B 266 26.23 9.26 -46.17
C GLU B 266 27.21 8.30 -46.82
N CYS B 267 27.14 8.18 -48.13
CA CYS B 267 27.96 7.24 -48.89
C CYS B 267 28.01 7.64 -50.36
N THR B 268 28.50 8.86 -50.59
CA THR B 268 28.69 9.51 -51.89
C THR B 268 30.14 9.52 -52.36
N ALA B 269 31.10 9.10 -51.54
CA ALA B 269 32.53 9.20 -51.83
C ALA B 269 32.99 10.64 -52.05
N ILE B 270 32.15 11.62 -51.70
CA ILE B 270 32.47 13.03 -51.86
C ILE B 270 32.79 13.57 -50.47
N PRO B 271 34.04 13.95 -50.19
CA PRO B 271 34.37 14.50 -48.86
C PRO B 271 33.52 15.70 -48.43
N ALA B 272 33.33 16.69 -49.31
CA ALA B 272 32.58 17.88 -48.90
C ALA B 272 31.20 17.55 -48.34
N LEU B 273 30.65 16.40 -48.71
CA LEU B 273 29.34 15.93 -48.23
C LEU B 273 29.42 15.19 -46.91
N GLY B 274 30.57 15.22 -46.24
CA GLY B 274 30.72 14.48 -44.99
C GLY B 274 29.70 14.83 -43.94
N ALA B 275 29.37 16.13 -43.80
CA ALA B 275 28.39 16.62 -42.83
C ALA B 275 26.97 16.62 -43.37
N ALA B 276 26.78 16.26 -44.63
CA ALA B 276 25.45 16.31 -45.23
C ALA B 276 24.38 15.50 -44.50
N PRO B 277 24.67 14.34 -43.90
CA PRO B 277 23.59 13.65 -43.15
C PRO B 277 23.04 14.50 -42.01
N LEU B 278 23.88 15.30 -41.34
CA LEU B 278 23.38 16.19 -40.30
C LEU B 278 22.31 17.14 -40.84
N ALA B 279 22.43 17.56 -42.10
CA ALA B 279 21.44 18.44 -42.69
C ALA B 279 20.13 17.72 -43.00
N MET B 280 20.15 16.38 -43.11
CA MET B 280 18.98 15.55 -43.39
C MET B 280 18.21 15.18 -42.11
N ILE B 281 18.85 15.38 -40.96
CA ILE B 281 18.49 14.81 -39.66
C ILE B 281 17.64 15.75 -38.83
N ARG B 282 16.65 15.18 -38.13
CA ARG B 282 15.98 15.90 -37.06
C ARG B 282 16.91 16.04 -35.84
N ASN B 283 16.67 17.07 -35.04
CA ASN B 283 17.38 17.16 -33.78
C ASN B 283 17.13 15.86 -33.01
N ALA B 284 18.16 15.40 -32.30
CA ALA B 284 18.31 14.11 -31.62
C ALA B 284 18.35 12.92 -32.57
N GLY B 285 18.48 13.13 -33.89
CA GLY B 285 18.62 12.04 -34.82
C GLY B 285 20.03 11.49 -34.83
N THR B 286 20.23 10.44 -35.61
CA THR B 286 21.55 9.84 -35.77
C THR B 286 21.96 9.95 -37.23
N ALA B 287 23.16 10.49 -37.46
CA ALA B 287 23.70 10.69 -38.80
C ALA B 287 24.96 9.86 -38.96
N VAL B 288 25.05 9.12 -40.06
CA VAL B 288 26.12 8.14 -40.25
C VAL B 288 26.76 8.37 -41.61
N GLN B 289 28.05 8.68 -41.62
CA GLN B 289 28.78 8.83 -42.87
C GLN B 289 29.69 7.62 -42.99
N VAL B 290 29.34 6.75 -43.95
CA VAL B 290 30.03 5.49 -44.16
C VAL B 290 31.23 5.66 -45.07
N SER B 291 31.20 6.67 -45.94
CA SER B 291 32.25 6.90 -46.93
C SER B 291 33.61 6.74 -46.29
N GLY B 292 33.97 7.66 -45.39
CA GLY B 292 35.29 7.70 -44.80
C GLY B 292 36.12 8.75 -45.49
N ILE B 293 36.51 9.81 -44.77
CA ILE B 293 37.16 10.98 -45.36
C ILE B 293 38.51 11.21 -44.68
N GLU B 294 39.56 11.33 -45.50
CA GLU B 294 40.91 11.49 -45.00
C GLU B 294 41.41 12.92 -45.10
N GLU B 295 40.85 13.70 -46.01
CA GLU B 295 41.14 15.11 -46.14
C GLU B 295 40.45 15.92 -45.04
N GLU B 296 40.96 17.12 -44.81
CA GLU B 296 40.24 18.08 -43.99
C GLU B 296 39.15 18.75 -44.82
N ILE B 297 38.02 19.07 -44.18
CA ILE B 297 36.94 19.79 -44.84
C ILE B 297 36.40 20.92 -43.94
N THR B 298 35.67 21.84 -44.57
CA THR B 298 35.08 22.97 -43.86
C THR B 298 33.65 22.58 -43.50
N ILE B 299 33.23 22.86 -42.27
CA ILE B 299 31.88 22.49 -41.83
C ILE B 299 31.30 23.61 -40.96
N ASP B 300 30.10 24.05 -41.30
CA ASP B 300 29.31 24.89 -40.41
C ASP B 300 28.80 24.05 -39.24
N MET B 301 29.27 24.36 -38.03
CA MET B 301 28.97 23.54 -36.86
C MET B 301 27.57 23.73 -36.32
N ARG B 302 26.73 24.60 -36.91
CA ARG B 302 25.31 24.54 -36.54
C ARG B 302 24.61 23.34 -37.13
N LEU B 303 25.27 22.64 -38.07
CA LEU B 303 24.72 21.38 -38.59
C LEU B 303 24.79 20.27 -37.55
N PHE B 304 25.88 20.23 -36.76
CA PHE B 304 25.96 19.33 -35.62
C PHE B 304 25.00 19.71 -34.53
N GLU B 305 24.45 20.91 -34.59
CA GLU B 305 23.89 21.47 -33.39
C GLU B 305 22.60 20.74 -33.05
N TRP B 306 22.64 20.07 -31.89
CA TRP B 306 21.48 19.80 -31.06
C TRP B 306 21.16 18.31 -31.11
N ASP B 307 21.95 17.59 -30.31
CA ASP B 307 21.73 16.25 -29.86
C ASP B 307 22.00 15.23 -30.95
N LYS B 308 22.65 15.62 -32.04
CA LYS B 308 22.74 14.81 -33.25
C LYS B 308 23.90 13.84 -33.12
N ILE B 309 23.59 12.54 -33.04
CA ILE B 309 24.67 11.57 -33.06
C ILE B 309 25.31 11.56 -34.44
N TYR B 310 26.62 11.70 -34.47
CA TYR B 310 27.39 11.55 -35.69
C TYR B 310 28.42 10.45 -35.46
N ILE B 311 28.55 9.53 -36.41
CA ILE B 311 29.51 8.44 -36.28
C ILE B 311 30.00 8.02 -37.66
N ASN B 312 31.30 7.87 -37.77
CA ASN B 312 31.95 7.29 -38.93
C ASN B 312 32.29 5.82 -38.66
N PRO B 313 31.37 4.89 -38.90
CA PRO B 313 31.66 3.49 -38.56
C PRO B 313 32.49 2.83 -39.62
N LEU B 314 33.30 1.88 -39.21
CA LEU B 314 34.08 1.07 -40.14
C LEU B 314 33.39 -0.29 -40.33
N TYR B 315 33.12 -0.67 -41.59
CA TYR B 315 32.77 -2.04 -41.97
C TYR B 315 31.46 -2.49 -41.32
N GLY B 316 30.55 -1.57 -41.04
CA GLY B 316 29.32 -1.90 -40.37
C GLY B 316 29.45 -2.65 -39.06
N LYS B 317 30.54 -2.45 -38.31
CA LYS B 317 30.80 -3.18 -37.05
C LYS B 317 30.76 -4.68 -37.28
N CYS B 318 31.50 -5.11 -38.29
CA CYS B 318 31.41 -6.49 -38.72
C CYS B 318 32.12 -7.44 -37.74
N ARG B 319 31.34 -8.33 -37.12
CA ARG B 319 31.95 -9.53 -36.56
C ARG B 319 31.71 -10.66 -37.56
N PRO B 320 32.68 -10.97 -38.44
CA PRO B 320 32.36 -11.77 -39.65
C PRO B 320 31.74 -13.13 -39.36
N GLN B 321 32.17 -13.85 -38.32
CA GLN B 321 31.52 -15.10 -37.93
C GLN B 321 30.10 -14.90 -37.42
N VAL B 322 29.76 -13.74 -36.89
CA VAL B 322 28.43 -13.49 -36.38
C VAL B 322 27.55 -12.84 -37.43
N ASP B 323 28.08 -11.88 -38.19
CA ASP B 323 27.20 -11.13 -39.08
C ASP B 323 27.00 -11.82 -40.41
N PHE B 324 28.06 -12.31 -41.03
CA PHE B 324 27.91 -12.99 -42.32
C PHE B 324 26.84 -14.08 -42.32
N PRO B 325 26.75 -14.96 -41.31
CA PRO B 325 25.64 -15.94 -41.31
C PRO B 325 24.25 -15.32 -41.18
N LYS B 326 24.07 -14.19 -40.47
CA LYS B 326 22.76 -13.53 -40.46
C LYS B 326 22.39 -13.07 -41.86
N LEU B 327 23.36 -12.51 -42.58
CA LEU B 327 23.10 -12.05 -43.93
C LEU B 327 22.66 -13.21 -44.81
N VAL B 328 23.34 -14.36 -44.69
CA VAL B 328 22.99 -15.53 -45.49
C VAL B 328 21.60 -16.04 -45.11
N SER B 329 21.30 -16.09 -43.81
CA SER B 329 19.97 -16.42 -43.35
C SER B 329 18.91 -15.47 -43.91
N LEU B 330 19.20 -14.17 -43.99
CA LEU B 330 18.19 -13.26 -44.51
C LEU B 330 18.11 -13.31 -46.03
N TYR B 331 19.12 -13.89 -46.68
CA TYR B 331 18.98 -14.18 -48.10
C TYR B 331 18.06 -15.38 -48.32
N GLU B 332 18.19 -16.41 -47.47
CA GLU B 332 17.30 -17.56 -47.57
C GLU B 332 15.84 -17.15 -47.44
N LYS B 333 15.54 -16.25 -46.49
CA LYS B 333 14.19 -15.79 -46.25
C LYS B 333 13.64 -14.92 -47.39
N GLY B 334 14.52 -14.44 -48.28
CA GLY B 334 14.09 -13.56 -49.35
C GLY B 334 14.36 -12.08 -49.13
N ASP B 335 14.69 -11.65 -47.91
CA ASP B 335 14.66 -10.23 -47.58
C ASP B 335 15.96 -9.52 -47.91
N LEU B 336 17.08 -10.23 -47.98
CA LEU B 336 18.28 -9.68 -48.60
C LEU B 336 18.30 -10.01 -50.08
N MET B 337 18.21 -8.99 -50.90
CA MET B 337 18.31 -9.16 -52.34
C MET B 337 19.79 -9.07 -52.70
N LEU B 338 20.36 -10.12 -53.25
CA LEU B 338 21.75 -9.96 -53.63
C LEU B 338 22.10 -10.69 -54.93
N ASP B 339 21.31 -11.65 -55.39
CA ASP B 339 21.33 -12.03 -56.80
C ASP B 339 21.03 -10.83 -57.69
N GLU B 340 20.07 -10.02 -57.25
CA GLU B 340 19.70 -8.82 -57.99
C GLU B 340 20.83 -7.80 -58.02
N MET B 341 21.61 -7.69 -56.92
CA MET B 341 22.78 -6.82 -56.87
C MET B 341 23.72 -7.03 -58.03
N ILE B 342 23.93 -8.29 -58.41
CA ILE B 342 25.01 -8.61 -59.34
C ILE B 342 24.53 -8.26 -60.73
N THR B 343 24.60 -6.98 -61.05
CA THR B 343 24.13 -6.52 -62.35
C THR B 343 25.01 -7.03 -63.46
N ARG B 344 26.28 -7.29 -63.17
CA ARG B 344 27.19 -7.70 -64.22
C ARG B 344 28.32 -8.56 -63.69
N THR B 345 28.65 -9.64 -64.42
CA THR B 345 29.85 -10.42 -64.19
C THR B 345 30.87 -10.16 -65.28
N TYR B 346 32.14 -10.21 -64.92
CA TYR B 346 33.21 -9.85 -65.86
C TYR B 346 34.36 -10.84 -65.76
N PRO B 347 35.15 -10.97 -66.83
CA PRO B 347 36.47 -11.60 -66.71
C PRO B 347 37.46 -10.68 -66.03
N LEU B 348 38.57 -11.26 -65.56
CA LEU B 348 39.61 -10.45 -64.91
C LEU B 348 40.21 -9.43 -65.86
N GLU B 349 40.28 -9.78 -67.14
CA GLU B 349 40.90 -8.91 -68.13
C GLU B 349 40.09 -7.64 -68.35
N ASN B 350 38.76 -7.71 -68.18
CA ASN B 350 37.90 -6.54 -68.34
C ASN B 350 37.55 -5.91 -66.99
N LEU B 351 38.51 -5.90 -66.06
CA LEU B 351 38.35 -5.15 -64.81
C LEU B 351 38.07 -3.70 -65.09
N GLN B 352 38.79 -3.14 -66.07
CA GLN B 352 38.63 -1.72 -66.40
C GLN B 352 37.18 -1.39 -66.70
N GLN B 353 36.50 -2.26 -67.45
CA GLN B 353 35.11 -2.00 -67.73
C GLN B 353 34.26 -2.17 -66.48
N ALA B 354 34.63 -3.10 -65.60
CA ALA B 354 33.92 -3.22 -64.34
C ALA B 354 34.12 -1.97 -63.49
N PHE B 355 35.37 -1.51 -63.36
CA PHE B 355 35.62 -0.18 -62.85
C PHE B 355 34.72 0.82 -63.55
N ASP B 356 34.83 0.92 -64.87
CA ASP B 356 34.15 2.00 -65.58
C ASP B 356 32.65 2.00 -65.32
N ASP B 357 32.04 0.82 -65.13
CA ASP B 357 30.58 0.74 -64.97
C ASP B 357 30.16 1.05 -63.54
N MET B 358 30.95 0.64 -62.55
CA MET B 358 30.73 1.09 -61.19
C MET B 358 30.70 2.61 -61.14
N LEU B 359 31.73 3.24 -61.73
CA LEU B 359 31.90 4.68 -61.63
C LEU B 359 30.87 5.44 -62.46
N THR B 360 30.45 4.87 -63.60
CA THR B 360 29.42 5.54 -64.40
C THR B 360 28.02 5.39 -63.80
N GLY B 361 27.81 4.42 -62.92
CA GLY B 361 26.49 4.18 -62.38
C GLY B 361 25.63 3.19 -63.15
N LYS B 362 26.21 2.43 -64.09
CA LYS B 362 25.48 1.43 -64.85
C LYS B 362 25.34 0.10 -64.08
N ASN B 363 26.03 -0.05 -62.95
CA ASN B 363 25.96 -1.26 -62.16
C ASN B 363 25.45 -0.97 -60.76
N ALA B 364 24.75 -1.96 -60.19
CA ALA B 364 24.57 -2.04 -58.74
C ALA B 364 25.88 -2.49 -58.13
N LYS B 365 26.21 -3.76 -58.34
CA LYS B 365 27.52 -4.33 -58.07
C LYS B 365 27.97 -5.05 -59.34
N GLY B 366 29.29 -5.05 -59.55
CA GLY B 366 29.89 -5.85 -60.60
C GLY B 366 30.91 -6.82 -60.01
N VAL B 367 30.85 -8.08 -60.43
CA VAL B 367 31.70 -9.13 -59.85
C VAL B 367 32.61 -9.72 -60.92
N ILE B 368 33.90 -9.83 -60.61
CA ILE B 368 34.86 -10.49 -61.48
C ILE B 368 34.77 -11.98 -61.22
N ILE B 369 34.53 -12.75 -62.28
CA ILE B 369 34.34 -14.18 -62.16
C ILE B 369 35.63 -14.87 -62.59
N PHE B 370 36.14 -15.77 -61.75
CA PHE B 370 37.27 -16.61 -62.15
C PHE B 370 36.78 -18.02 -62.48
N ILE C 4 53.44 -31.07 -4.80
CA ILE C 4 52.79 -31.21 -3.49
C ILE C 4 52.26 -29.91 -2.87
N SER C 5 50.97 -29.95 -2.49
CA SER C 5 50.24 -28.77 -2.07
C SER C 5 49.19 -29.15 -1.04
N LYS C 6 49.04 -28.30 -0.01
CA LYS C 6 47.96 -28.42 0.96
C LYS C 6 46.69 -27.75 0.39
N CYS C 7 45.59 -28.50 0.36
CA CYS C 7 44.34 -28.08 -0.25
C CYS C 7 43.16 -28.67 0.50
N ALA C 8 42.02 -27.97 0.45
CA ALA C 8 40.80 -28.44 1.09
C ALA C 8 39.95 -29.19 0.07
N ILE C 9 39.74 -30.49 0.32
CA ILE C 9 38.96 -31.34 -0.57
C ILE C 9 37.55 -31.45 -0.02
N ALA C 10 36.57 -31.13 -0.85
CA ALA C 10 35.19 -31.44 -0.56
C ALA C 10 34.92 -32.90 -0.87
N LYS C 11 34.03 -33.51 -0.10
CA LYS C 11 33.64 -34.89 -0.27
C LYS C 11 32.14 -34.97 -0.50
N GLY C 12 31.71 -35.75 -1.49
CA GLY C 12 30.29 -35.78 -1.86
C GLY C 12 29.34 -36.17 -0.74
N ASP C 13 29.84 -36.87 0.29
CA ASP C 13 29.11 -37.03 1.55
C ASP C 13 28.74 -35.71 2.24
N GLY C 14 29.34 -34.59 1.86
CA GLY C 14 28.97 -33.30 2.42
C GLY C 14 29.92 -32.72 3.45
N THR C 15 31.18 -33.16 3.45
CA THR C 15 32.16 -32.76 4.46
C THR C 15 33.42 -32.29 3.73
N PHE C 16 34.25 -31.49 4.39
CA PHE C 16 35.54 -31.09 3.81
C PHE C 16 36.68 -31.49 4.74
N SER C 17 37.84 -31.79 4.14
CA SER C 17 39.00 -32.21 4.90
C SER C 17 40.28 -31.71 4.24
N ILE C 18 41.06 -30.91 4.98
CA ILE C 18 42.40 -30.53 4.55
C ILE C 18 43.21 -31.79 4.24
N GLU C 19 43.98 -31.73 3.17
CA GLU C 19 44.39 -32.97 2.56
C GLU C 19 45.47 -32.58 1.55
N THR C 20 46.26 -33.56 1.10
CA THR C 20 47.35 -33.18 0.20
C THR C 20 47.17 -33.73 -1.20
N VAL C 21 47.54 -32.88 -2.17
CA VAL C 21 47.44 -33.17 -3.59
C VAL C 21 48.78 -32.81 -4.24
N GLN C 22 49.11 -33.51 -5.31
CA GLN C 22 50.34 -33.27 -6.07
C GLN C 22 49.95 -32.54 -7.35
N VAL C 23 50.71 -31.49 -7.69
CA VAL C 23 50.38 -30.64 -8.81
C VAL C 23 51.49 -30.77 -9.86
N GLU C 24 51.09 -30.92 -11.12
CA GLU C 24 52.01 -31.15 -12.22
C GLU C 24 52.52 -29.83 -12.77
N SER C 25 53.62 -29.91 -13.53
CA SER C 25 54.11 -28.68 -14.13
C SER C 25 53.11 -28.19 -15.17
N PRO C 26 53.23 -26.94 -15.61
CA PRO C 26 52.23 -26.38 -16.52
C PRO C 26 52.34 -26.95 -17.92
N LYS C 27 51.20 -27.18 -18.53
CA LYS C 27 51.22 -27.53 -19.94
C LYS C 27 51.35 -26.22 -20.72
N ALA C 28 51.25 -26.29 -22.05
CA ALA C 28 51.68 -25.16 -22.88
C ALA C 28 50.81 -23.92 -22.66
N ASP C 29 49.50 -24.09 -22.48
CA ASP C 29 48.58 -22.97 -22.33
C ASP C 29 48.13 -22.79 -20.89
N GLU C 30 48.91 -23.30 -19.93
CA GLU C 30 48.54 -23.34 -18.52
C GLU C 30 49.58 -22.62 -17.68
N VAL C 31 49.15 -22.25 -16.48
CA VAL C 31 49.92 -21.45 -15.53
C VAL C 31 49.88 -22.15 -14.19
N LEU C 32 51.02 -22.21 -13.51
CA LEU C 32 51.08 -22.72 -12.15
C LEU C 32 51.08 -21.53 -11.21
N VAL C 33 50.05 -21.42 -10.39
CA VAL C 33 49.85 -20.24 -9.56
C VAL C 33 49.94 -20.66 -8.10
N LYS C 34 50.92 -20.11 -7.38
CA LYS C 34 50.99 -20.25 -5.94
C LYS C 34 49.97 -19.31 -5.32
N VAL C 35 49.00 -19.87 -4.64
CA VAL C 35 47.95 -19.03 -4.06
C VAL C 35 48.43 -18.46 -2.74
N LYS C 36 48.30 -17.13 -2.58
CA LYS C 36 48.49 -16.53 -1.27
C LYS C 36 47.19 -16.27 -0.52
N ALA C 37 46.05 -16.16 -1.22
CA ALA C 37 44.79 -15.82 -0.57
C ALA C 37 43.64 -16.45 -1.34
N ALA C 38 42.67 -16.99 -0.59
CA ALA C 38 41.54 -17.72 -1.16
C ALA C 38 40.27 -17.26 -0.45
N GLY C 39 39.59 -16.26 -1.03
CA GLY C 39 38.38 -15.73 -0.41
C GLY C 39 37.25 -16.75 -0.39
N LEU C 40 36.38 -16.61 0.60
CA LEU C 40 35.24 -17.51 0.73
C LEU C 40 34.02 -16.90 0.05
N CYS C 41 33.17 -17.78 -0.51
CA CYS C 41 31.91 -17.39 -1.11
C CYS C 41 30.85 -18.40 -0.68
N HIS C 42 29.58 -17.95 -0.70
CA HIS C 42 28.45 -18.80 -0.28
C HIS C 42 28.42 -20.13 -1.04
N THR C 43 28.69 -20.10 -2.34
CA THR C 43 28.60 -21.31 -3.17
C THR C 43 29.64 -22.35 -2.81
N ASP C 44 30.76 -21.96 -2.18
CA ASP C 44 31.68 -22.94 -1.65
C ASP C 44 31.01 -23.83 -0.61
N HIS C 45 30.14 -23.22 0.20
CA HIS C 45 29.36 -23.99 1.17
C HIS C 45 28.46 -24.99 0.45
N ASP C 46 27.70 -24.51 -0.53
CA ASP C 46 26.88 -25.38 -1.39
C ASP C 46 27.72 -26.28 -2.26
N SER C 47 29.04 -26.10 -2.28
CA SER C 47 29.85 -26.94 -3.14
C SER C 47 30.25 -28.23 -2.42
N LEU C 48 30.18 -28.21 -1.08
CA LEU C 48 30.15 -29.45 -0.31
C LEU C 48 28.92 -30.30 -0.63
N ASN C 49 27.80 -29.66 -0.94
CA ASN C 49 26.54 -30.40 -1.08
C ASN C 49 26.40 -30.98 -2.48
N TRP C 50 27.39 -30.74 -3.34
CA TRP C 50 27.49 -31.37 -4.63
C TRP C 50 27.93 -32.83 -4.48
N GLY C 51 27.89 -33.56 -5.58
CA GLY C 51 27.96 -34.99 -5.43
C GLY C 51 29.30 -35.67 -5.61
N LYS C 52 30.38 -34.95 -5.89
CA LYS C 52 31.67 -35.56 -6.18
C LYS C 52 32.76 -34.87 -5.39
N PRO C 53 33.97 -35.44 -5.35
CA PRO C 53 35.10 -34.72 -4.78
C PRO C 53 35.64 -33.63 -5.70
N ILE C 54 36.23 -32.60 -5.07
CA ILE C 54 36.90 -31.51 -5.77
C ILE C 54 37.99 -30.92 -4.89
N VAL C 55 38.72 -29.96 -5.45
CA VAL C 55 39.53 -28.98 -4.72
C VAL C 55 38.67 -27.73 -4.55
N MET C 56 38.40 -27.35 -3.31
CA MET C 56 37.46 -26.26 -3.04
C MET C 56 38.04 -24.90 -3.44
N GLY C 57 37.17 -23.92 -3.56
CA GLY C 57 37.63 -22.57 -3.79
C GLY C 57 37.45 -22.05 -5.19
N HIS C 58 36.87 -20.86 -5.30
CA HIS C 58 36.72 -20.21 -6.58
C HIS C 58 37.01 -18.72 -6.46
N GLU C 59 37.59 -18.29 -5.34
CA GLU C 59 38.15 -16.96 -5.18
C GLU C 59 39.60 -17.16 -4.78
N GLY C 60 40.52 -16.49 -5.47
CA GLY C 60 41.93 -16.67 -5.18
C GLY C 60 42.79 -15.60 -5.84
N ALA C 61 44.02 -15.49 -5.34
CA ALA C 61 45.03 -14.61 -5.93
C ALA C 61 46.41 -15.11 -5.52
N GLY C 62 47.41 -14.77 -6.32
CA GLY C 62 48.74 -15.24 -6.03
C GLY C 62 49.78 -14.71 -6.99
N PHE C 63 50.91 -15.42 -7.03
CA PHE C 63 52.02 -15.14 -7.92
C PHE C 63 52.24 -16.32 -8.85
N VAL C 64 52.69 -16.02 -10.07
CA VAL C 64 52.96 -17.04 -11.09
C VAL C 64 54.30 -17.70 -10.77
N GLU C 65 54.29 -18.93 -10.24
CA GLU C 65 55.57 -19.61 -10.07
C GLU C 65 56.05 -20.27 -11.36
N GLN C 66 55.15 -20.66 -12.25
CA GLN C 66 55.61 -21.33 -13.45
C GLN C 66 54.60 -21.12 -14.59
N VAL C 67 55.15 -20.87 -15.78
CA VAL C 67 54.42 -20.39 -16.96
C VAL C 67 54.57 -21.37 -18.13
N GLY C 68 53.49 -21.46 -18.93
CA GLY C 68 53.47 -22.39 -20.05
C GLY C 68 54.09 -21.83 -21.32
N SER C 69 54.52 -22.77 -22.19
CA SER C 69 55.41 -22.41 -23.30
C SER C 69 54.76 -21.43 -24.24
N ALA C 70 53.49 -21.66 -24.58
CA ALA C 70 52.78 -20.76 -25.47
C ALA C 70 52.16 -19.56 -24.76
N VAL C 71 52.31 -19.44 -23.44
CA VAL C 71 51.71 -18.33 -22.73
C VAL C 71 52.58 -17.10 -22.95
N THR C 72 52.02 -16.07 -23.56
CA THR C 72 52.85 -14.94 -23.98
C THR C 72 52.78 -13.79 -23.01
N ASN C 73 51.59 -13.51 -22.48
CA ASN C 73 51.34 -12.26 -21.78
C ASN C 73 51.71 -12.29 -20.31
N LEU C 74 52.26 -13.39 -19.80
CA LEU C 74 52.60 -13.48 -18.39
C LEU C 74 53.88 -14.29 -18.20
N ASN C 75 54.43 -14.16 -16.99
CA ASN C 75 55.83 -14.43 -16.73
C ASN C 75 55.96 -14.87 -15.29
N VAL C 76 57.09 -15.50 -14.97
CA VAL C 76 57.31 -15.90 -13.59
C VAL C 76 57.35 -14.68 -12.70
N GLY C 77 56.66 -14.76 -11.56
CA GLY C 77 56.69 -13.71 -10.56
C GLY C 77 55.68 -12.61 -10.77
N ASP C 78 54.82 -12.70 -11.78
CA ASP C 78 53.75 -11.73 -11.97
C ASP C 78 52.68 -11.94 -10.90
N TYR C 79 51.89 -10.90 -10.67
CA TYR C 79 50.79 -10.97 -9.72
C TYR C 79 49.45 -11.03 -10.43
N VAL C 80 48.64 -12.00 -10.00
CA VAL C 80 47.51 -12.51 -10.73
C VAL C 80 46.32 -12.61 -9.79
N ILE C 81 45.15 -12.25 -10.31
CA ILE C 81 43.86 -12.53 -9.69
C ILE C 81 43.19 -13.61 -10.52
N LEU C 82 42.71 -14.66 -9.85
CA LEU C 82 42.10 -15.76 -10.59
C LEU C 82 40.66 -15.42 -10.95
N ASN C 83 40.22 -15.94 -12.07
CA ASN C 83 38.85 -15.75 -12.53
C ASN C 83 38.32 -17.10 -12.97
N TRP C 84 37.03 -17.34 -12.73
CA TRP C 84 36.45 -18.64 -13.04
C TRP C 84 35.68 -18.63 -14.36
N ALA C 85 35.77 -17.55 -15.15
CA ALA C 85 35.13 -17.56 -16.46
C ALA C 85 35.93 -18.39 -17.45
N THR C 86 37.25 -18.32 -17.38
CA THR C 86 38.17 -19.06 -18.26
C THR C 86 37.79 -19.01 -19.73
N PRO C 87 37.42 -17.83 -20.25
CA PRO C 87 36.68 -17.78 -21.54
C PRO C 87 37.48 -18.38 -22.68
N CYS C 88 36.75 -18.96 -23.65
CA CYS C 88 37.37 -19.47 -24.87
C CYS C 88 37.58 -18.39 -25.94
N MET C 89 36.78 -17.32 -25.94
CA MET C 89 36.87 -16.15 -26.85
C MET C 89 36.37 -16.41 -28.27
N THR C 90 35.86 -17.62 -28.60
CA THR C 90 35.48 -17.99 -29.96
C THR C 90 34.03 -18.48 -30.12
N CYS C 91 33.35 -18.84 -29.02
CA CYS C 91 31.98 -19.32 -29.17
C CYS C 91 30.99 -18.17 -29.36
N PHE C 92 29.73 -18.56 -29.43
CA PHE C 92 28.66 -17.62 -29.71
C PHE C 92 28.61 -16.56 -28.63
N GLN C 93 28.45 -17.00 -27.37
CA GLN C 93 28.36 -16.05 -26.26
C GLN C 93 29.60 -15.15 -26.16
N CYS C 94 30.79 -15.71 -26.41
CA CYS C 94 32.01 -14.92 -26.28
C CYS C 94 32.07 -13.83 -27.36
N GLN C 95 31.60 -14.14 -28.56
CA GLN C 95 31.60 -13.13 -29.62
C GLN C 95 30.49 -12.11 -29.43
N GLU C 96 29.44 -12.48 -28.70
CA GLU C 96 28.51 -11.49 -28.20
C GLU C 96 29.13 -10.65 -27.09
N GLY C 97 30.26 -11.08 -26.51
CA GLY C 97 30.82 -10.41 -25.35
C GLY C 97 30.41 -11.01 -24.02
N ASN C 98 29.62 -12.06 -24.01
CA ASN C 98 29.20 -12.68 -22.76
C ASN C 98 30.18 -13.77 -22.33
N GLN C 99 31.43 -13.36 -22.11
CA GLN C 99 32.47 -14.29 -21.67
C GLN C 99 32.13 -15.01 -20.37
N HIS C 100 31.13 -14.55 -19.64
CA HIS C 100 30.77 -15.18 -18.38
C HIS C 100 29.95 -16.45 -18.59
N ILE C 101 29.14 -16.49 -19.65
CA ILE C 101 28.38 -17.69 -20.01
C ILE C 101 29.02 -18.37 -21.21
N CYS C 102 30.35 -18.50 -21.20
CA CYS C 102 31.06 -19.22 -22.24
C CYS C 102 30.48 -20.61 -22.44
N GLU C 103 30.08 -20.92 -23.68
CA GLU C 103 29.40 -22.17 -23.98
C GLU C 103 30.35 -23.36 -23.98
N SER C 104 31.66 -23.14 -24.03
CA SER C 104 32.61 -24.25 -24.04
C SER C 104 33.45 -24.36 -22.78
N ASN C 105 33.81 -23.25 -22.14
CA ASN C 105 34.78 -23.30 -21.04
C ASN C 105 34.19 -22.98 -19.68
N SER C 106 32.98 -22.44 -19.61
CA SER C 106 32.43 -21.99 -18.33
C SER C 106 32.15 -23.17 -17.42
N PRO C 107 32.52 -23.09 -16.14
CA PRO C 107 32.16 -24.18 -15.20
C PRO C 107 30.68 -24.30 -14.97
N VAL C 108 29.91 -23.27 -15.30
CA VAL C 108 28.49 -23.23 -15.01
C VAL C 108 27.67 -23.61 -16.24
N THR C 109 28.02 -23.07 -17.41
CA THR C 109 27.19 -23.26 -18.59
C THR C 109 27.70 -24.35 -19.54
N ALA C 110 28.95 -24.79 -19.42
CA ALA C 110 29.42 -26.00 -20.10
C ALA C 110 29.84 -27.10 -19.14
N GLY C 111 29.47 -26.99 -17.86
CA GLY C 111 29.76 -28.03 -16.89
C GLY C 111 28.53 -28.80 -16.42
N THR C 116 35.69 -30.56 -19.53
CA THR C 116 35.56 -29.20 -20.04
C THR C 116 36.87 -28.46 -20.36
N PRO C 117 36.98 -27.97 -21.58
CA PRO C 117 38.15 -27.18 -21.95
C PRO C 117 38.09 -25.90 -21.14
N GLY C 118 39.24 -25.28 -20.91
CA GLY C 118 39.32 -24.22 -19.94
C GLY C 118 39.59 -24.67 -18.52
N HIS C 119 39.36 -25.96 -18.20
CA HIS C 119 39.91 -26.61 -17.01
C HIS C 119 41.27 -27.22 -17.37
N ALA C 120 42.26 -27.01 -16.50
CA ALA C 120 43.59 -27.55 -16.75
C ALA C 120 43.54 -29.07 -16.86
N HIS C 121 44.60 -29.64 -17.48
CA HIS C 121 44.63 -31.08 -17.71
C HIS C 121 44.40 -31.85 -16.42
N LEU C 122 43.64 -32.93 -16.53
CA LEU C 122 43.15 -33.60 -15.34
C LEU C 122 44.28 -34.23 -14.54
N GLU C 123 45.28 -34.76 -15.23
CA GLU C 123 46.44 -35.30 -14.52
C GLU C 123 47.07 -34.25 -13.60
N GLY C 124 46.81 -32.95 -13.86
CA GLY C 124 47.57 -31.89 -13.23
C GLY C 124 47.49 -31.89 -11.71
N THR C 125 46.31 -32.15 -11.16
CA THR C 125 46.15 -32.29 -9.72
C THR C 125 45.63 -33.68 -9.42
N THR C 126 46.39 -34.44 -8.64
CA THR C 126 46.05 -35.79 -8.26
C THR C 126 45.98 -35.89 -6.75
N TRP C 127 44.91 -36.49 -6.27
CA TRP C 127 44.73 -36.82 -4.87
C TRP C 127 44.81 -38.33 -4.76
N ASN C 128 45.55 -38.85 -3.77
CA ASN C 128 45.83 -40.27 -3.78
C ASN C 128 46.53 -40.53 -5.11
N ASP C 129 45.83 -41.13 -6.06
CA ASP C 129 46.27 -41.11 -7.44
C ASP C 129 45.10 -40.89 -8.39
N THR C 130 43.92 -40.60 -7.85
CA THR C 130 42.80 -40.17 -8.68
C THR C 130 42.98 -38.69 -9.03
N PRO C 131 43.07 -38.34 -10.31
CA PRO C 131 42.85 -36.94 -10.70
C PRO C 131 41.53 -36.44 -10.14
N ILE C 132 41.58 -35.25 -9.53
CA ILE C 132 40.41 -34.57 -8.99
C ILE C 132 40.26 -33.24 -9.71
N GLU C 133 39.04 -32.71 -9.73
CA GLU C 133 38.73 -31.48 -10.43
C GLU C 133 39.03 -30.27 -9.53
N ARG C 134 39.36 -29.13 -10.15
CA ARG C 134 39.40 -27.85 -9.45
C ARG C 134 38.03 -27.19 -9.53
N SER C 135 37.54 -26.71 -8.38
CA SER C 135 36.20 -26.13 -8.34
C SER C 135 36.16 -24.82 -9.12
N PHE C 136 35.13 -24.68 -9.95
CA PHE C 136 35.04 -23.60 -10.92
C PHE C 136 36.33 -23.48 -11.74
N ASN C 137 36.97 -24.62 -12.01
CA ASN C 137 38.13 -24.78 -12.88
C ASN C 137 39.45 -24.26 -12.29
N ILE C 138 39.47 -23.74 -11.06
CA ILE C 138 40.67 -23.07 -10.58
C ILE C 138 41.12 -23.63 -9.23
N GLY C 139 40.17 -24.05 -8.38
CA GLY C 139 40.49 -24.69 -7.11
C GLY C 139 41.39 -23.86 -6.23
N THR C 140 40.89 -22.71 -5.81
CA THR C 140 41.70 -21.69 -5.17
C THR C 140 42.03 -22.01 -3.72
N LEU C 141 41.24 -22.84 -3.05
CA LEU C 141 41.56 -23.26 -1.68
C LEU C 141 42.66 -24.33 -1.70
N SER C 142 43.77 -23.94 -2.32
CA SER C 142 44.94 -24.77 -2.49
C SER C 142 46.18 -23.90 -2.27
N GLU C 143 47.27 -24.53 -1.88
CA GLU C 143 48.51 -23.81 -1.69
C GLU C 143 49.13 -23.45 -3.03
N TYR C 144 49.11 -24.39 -3.98
CA TYR C 144 49.47 -24.16 -5.37
C TYR C 144 48.33 -24.68 -6.25
N THR C 145 48.01 -23.92 -7.30
CA THR C 145 47.01 -24.34 -8.28
C THR C 145 47.61 -24.33 -9.68
N LEU C 146 47.23 -25.30 -10.49
CA LEU C 146 47.48 -25.29 -11.92
C LEU C 146 46.16 -24.98 -12.60
N VAL C 147 46.19 -24.05 -13.56
CA VAL C 147 44.98 -23.54 -14.19
C VAL C 147 45.27 -23.20 -15.66
N LYS C 148 44.20 -23.06 -16.44
CA LYS C 148 44.30 -22.52 -17.79
C LYS C 148 44.59 -21.02 -17.72
N ALA C 149 45.35 -20.54 -18.70
CA ALA C 149 45.77 -19.13 -18.68
C ALA C 149 44.57 -18.18 -18.69
N SER C 150 43.49 -18.53 -19.37
CA SER C 150 42.32 -17.67 -19.42
C SER C 150 41.74 -17.41 -18.04
N ALA C 151 42.14 -18.19 -17.03
CA ALA C 151 41.69 -17.95 -15.67
C ALA C 151 42.61 -17.05 -14.86
N CYS C 152 43.59 -16.38 -15.49
CA CYS C 152 44.55 -15.53 -14.79
C CYS C 152 44.44 -14.09 -15.31
N VAL C 153 44.36 -13.12 -14.40
CA VAL C 153 44.34 -11.70 -14.75
C VAL C 153 45.49 -10.98 -14.04
N LYS C 154 46.43 -10.47 -14.82
CA LYS C 154 47.63 -9.90 -14.27
C LYS C 154 47.36 -8.49 -13.74
N ILE C 155 48.08 -8.11 -12.71
CA ILE C 155 48.05 -6.74 -12.22
C ILE C 155 49.50 -6.25 -12.10
N GLU C 156 49.71 -5.01 -12.50
CA GLU C 156 51.00 -4.34 -12.39
C GLU C 156 51.10 -3.47 -11.16
N THR C 157 50.01 -3.22 -10.45
CA THR C 157 50.13 -2.52 -9.18
C THR C 157 50.46 -3.57 -8.11
N ASN C 158 50.78 -3.12 -6.90
CA ASN C 158 51.01 -4.07 -5.81
C ASN C 158 50.00 -3.80 -4.71
N MET C 159 49.04 -4.70 -4.56
CA MET C 159 47.97 -4.53 -3.61
C MET C 159 47.95 -5.69 -2.63
N PRO C 160 47.25 -5.54 -1.50
CA PRO C 160 47.13 -6.65 -0.54
C PRO C 160 46.51 -7.89 -1.18
N MET C 161 47.18 -9.03 -0.98
CA MET C 161 46.66 -10.27 -1.54
C MET C 161 45.25 -10.62 -1.08
N PRO C 162 44.84 -10.37 0.17
CA PRO C 162 43.43 -10.62 0.50
C PRO C 162 42.48 -9.70 -0.25
N SER C 163 42.93 -8.49 -0.58
CA SER C 163 42.08 -7.57 -1.31
C SER C 163 41.89 -8.04 -2.75
N ALA C 164 42.94 -8.59 -3.36
CA ALA C 164 42.86 -8.99 -4.75
C ALA C 164 42.04 -10.27 -4.93
N SER C 165 42.02 -11.13 -3.91
CA SER C 165 41.34 -12.41 -4.05
C SER C 165 39.83 -12.25 -4.12
N ILE C 166 39.27 -11.36 -3.30
CA ILE C 166 37.82 -11.23 -3.26
C ILE C 166 37.27 -10.63 -4.55
N ILE C 167 38.14 -10.02 -5.38
CA ILE C 167 37.75 -9.59 -6.71
C ILE C 167 37.28 -10.76 -7.56
N SER C 168 37.73 -11.98 -7.22
CA SER C 168 37.52 -13.15 -8.07
C SER C 168 36.07 -13.59 -8.16
N CYS C 169 35.22 -13.20 -7.21
CA CYS C 169 33.80 -13.60 -7.26
C CYS C 169 32.85 -12.56 -6.69
N GLY C 170 32.84 -12.40 -5.36
CA GLY C 170 31.90 -11.49 -4.72
C GLY C 170 31.94 -10.09 -5.29
N VAL C 171 33.13 -9.49 -5.34
CA VAL C 171 33.24 -8.12 -5.85
C VAL C 171 32.76 -8.04 -7.29
N MET C 172 33.19 -8.98 -8.13
CA MET C 172 32.83 -8.93 -9.54
C MET C 172 31.34 -9.16 -9.74
N THR C 173 30.74 -10.10 -9.02
CA THR C 173 29.34 -10.34 -9.27
C THR C 173 28.52 -9.14 -8.83
N GLY C 174 28.84 -8.58 -7.66
CA GLY C 174 28.04 -7.51 -7.12
C GLY C 174 28.21 -6.20 -7.86
N TYR C 175 29.46 -5.81 -8.11
CA TYR C 175 29.68 -4.57 -8.87
C TYR C 175 29.12 -4.72 -10.28
N GLY C 176 29.42 -5.84 -10.95
CA GLY C 176 29.04 -5.98 -12.34
C GLY C 176 27.54 -6.05 -12.54
N SER C 177 26.82 -6.64 -11.60
CA SER C 177 25.36 -6.67 -11.72
C SER C 177 24.82 -5.25 -11.69
N VAL C 178 25.42 -4.38 -10.89
CA VAL C 178 25.05 -2.98 -10.91
C VAL C 178 25.46 -2.35 -12.25
N VAL C 179 26.77 -2.42 -12.54
CA VAL C 179 27.30 -1.70 -13.69
C VAL C 179 26.98 -2.42 -15.00
N ASN C 180 27.50 -3.63 -15.16
CA ASN C 180 27.44 -4.32 -16.45
C ASN C 180 26.05 -4.86 -16.80
N SER C 181 25.25 -5.24 -15.82
CA SER C 181 23.99 -5.92 -16.10
C SER C 181 22.83 -4.96 -15.98
N ALA C 182 22.60 -4.44 -14.78
CA ALA C 182 21.58 -3.41 -14.61
C ALA C 182 21.93 -2.12 -15.35
N LYS C 183 23.23 -1.79 -15.50
CA LYS C 183 23.61 -0.53 -16.12
C LYS C 183 22.99 0.65 -15.34
N LEU C 184 23.18 0.60 -14.02
CA LEU C 184 22.55 1.55 -13.11
C LEU C 184 22.98 2.99 -13.43
N GLN C 185 22.01 3.87 -13.54
CA GLN C 185 22.21 5.26 -13.93
C GLN C 185 22.31 6.15 -12.70
N ALA C 186 23.13 7.19 -12.81
CA ALA C 186 23.30 8.11 -11.68
C ALA C 186 21.98 8.79 -11.33
N GLY C 187 21.80 9.08 -10.04
CA GLY C 187 20.62 9.75 -9.54
C GLY C 187 19.50 8.82 -9.14
N SER C 188 19.70 7.54 -9.28
CA SER C 188 18.66 6.54 -9.15
C SER C 188 18.60 6.03 -7.72
N SER C 189 17.49 5.36 -7.43
CA SER C 189 17.30 4.74 -6.13
C SER C 189 17.57 3.25 -6.25
N ALA C 190 18.25 2.72 -5.23
CA ALA C 190 18.71 1.35 -5.22
C ALA C 190 18.22 0.63 -3.96
N VAL C 191 17.77 -0.62 -4.13
CA VAL C 191 17.43 -1.51 -3.01
C VAL C 191 18.26 -2.78 -3.15
N VAL C 192 19.02 -3.12 -2.11
CA VAL C 192 19.82 -4.33 -2.06
C VAL C 192 19.19 -5.26 -1.02
N LEU C 193 18.71 -6.43 -1.48
CA LEU C 193 18.22 -7.46 -0.57
C LEU C 193 19.38 -8.40 -0.22
N GLY C 194 19.80 -8.34 1.04
CA GLY C 194 20.92 -9.14 1.50
C GLY C 194 22.23 -8.43 1.26
N THR C 195 22.79 -7.80 2.29
CA THR C 195 24.03 -7.04 2.14
C THR C 195 25.22 -7.83 2.69
N GLY C 196 25.55 -8.90 1.96
CA GLY C 196 26.72 -9.68 2.28
C GLY C 196 27.85 -9.50 1.28
N GLY C 197 28.66 -10.54 1.09
CA GLY C 197 29.80 -10.42 0.19
C GLY C 197 29.43 -9.93 -1.20
N VAL C 198 28.39 -10.51 -1.78
CA VAL C 198 27.84 -9.94 -3.00
C VAL C 198 27.16 -8.62 -2.68
N GLY C 199 26.38 -8.60 -1.60
CA GLY C 199 25.44 -7.50 -1.38
C GLY C 199 26.13 -6.18 -1.12
N LEU C 200 27.22 -6.21 -0.36
CA LEU C 200 27.99 -4.99 -0.09
C LEU C 200 28.67 -4.47 -1.34
N ASN C 201 29.00 -5.34 -2.30
CA ASN C 201 29.61 -4.82 -3.50
C ASN C 201 28.58 -4.34 -4.51
N VAL C 202 27.37 -4.89 -4.46
CA VAL C 202 26.25 -4.23 -5.10
C VAL C 202 26.19 -2.78 -4.63
N ILE C 203 26.23 -2.60 -3.30
CA ILE C 203 26.14 -1.26 -2.73
C ILE C 203 27.26 -0.37 -3.27
N GLN C 204 28.51 -0.86 -3.19
CA GLN C 204 29.64 -0.16 -3.78
C GLN C 204 29.37 0.13 -5.26
N GLY C 205 28.90 -0.88 -6.01
CA GLY C 205 28.51 -0.64 -7.38
C GLY C 205 27.50 0.48 -7.52
N ALA C 206 26.52 0.50 -6.62
CA ALA C 206 25.53 1.56 -6.63
C ALA C 206 26.16 2.92 -6.37
N ARG C 207 27.01 3.03 -5.34
CA ARG C 207 27.62 4.32 -4.99
C ARG C 207 28.61 4.78 -6.04
N ILE C 208 29.37 3.86 -6.63
CA ILE C 208 30.30 4.21 -7.71
C ILE C 208 29.52 4.72 -8.92
N SER C 209 28.39 4.08 -9.23
CA SER C 209 27.58 4.46 -10.39
C SER C 209 26.83 5.76 -10.15
N GLY C 210 26.69 6.18 -8.91
CA GLY C 210 26.16 7.47 -8.59
C GLY C 210 24.77 7.51 -8.02
N ALA C 211 24.24 6.37 -7.59
CA ALA C 211 22.87 6.33 -7.07
C ALA C 211 22.67 7.33 -5.92
N ALA C 212 21.52 8.02 -5.94
CA ALA C 212 21.22 9.03 -4.93
C ALA C 212 20.58 8.45 -3.69
N LYS C 213 20.00 7.26 -3.78
CA LYS C 213 19.42 6.60 -2.62
C LYS C 213 19.79 5.14 -2.70
N ILE C 214 20.34 4.59 -1.62
CA ILE C 214 20.72 3.19 -1.59
C ILE C 214 20.15 2.56 -0.33
N ILE C 215 19.11 1.75 -0.50
CA ILE C 215 18.35 1.16 0.59
C ILE C 215 18.89 -0.24 0.82
N ALA C 216 19.38 -0.50 2.03
CA ALA C 216 19.92 -1.80 2.37
C ALA C 216 18.94 -2.52 3.28
N ILE C 217 18.47 -3.68 2.80
CA ILE C 217 17.60 -4.57 3.54
C ILE C 217 18.29 -5.90 3.81
N ASP C 218 18.21 -6.33 5.07
CA ASP C 218 19.03 -7.40 5.61
C ASP C 218 18.39 -7.83 6.93
N ILE C 219 18.53 -9.13 7.24
CA ILE C 219 17.97 -9.69 8.46
C ILE C 219 18.93 -9.65 9.64
N ASN C 220 20.20 -9.32 9.41
CA ASN C 220 21.24 -9.22 10.44
C ASN C 220 21.72 -7.78 10.52
N GLN C 221 21.73 -7.21 11.73
CA GLN C 221 22.13 -5.81 11.85
C GLN C 221 23.62 -5.59 11.59
N GLU C 222 24.46 -6.62 11.80
CA GLU C 222 25.89 -6.38 11.61
C GLU C 222 26.26 -6.24 10.13
N ARG C 223 25.57 -6.94 9.23
CA ARG C 223 25.72 -6.62 7.83
C ARG C 223 25.18 -5.22 7.54
N LEU C 224 23.96 -4.94 8.02
CA LEU C 224 23.38 -3.62 7.81
C LEU C 224 24.35 -2.53 8.24
N ASP C 225 25.04 -2.76 9.36
CA ASP C 225 26.12 -1.87 9.76
C ASP C 225 27.25 -1.88 8.74
N MET C 226 27.59 -3.05 8.21
CA MET C 226 28.56 -3.11 7.14
C MET C 226 28.05 -2.39 5.90
N ALA C 227 26.75 -2.52 5.61
CA ALA C 227 26.20 -1.91 4.41
C ALA C 227 26.39 -0.40 4.42
N LEU C 228 26.22 0.23 5.59
CA LEU C 228 26.41 1.69 5.71
C LEU C 228 27.87 2.06 5.59
N GLN C 229 28.76 1.22 6.10
CA GLN C 229 30.19 1.41 5.88
C GLN C 229 30.50 1.53 4.39
N PHE C 230 29.80 0.75 3.57
CA PHE C 230 30.18 0.59 2.16
C PHE C 230 29.31 1.41 1.22
N GLY C 231 28.40 2.24 1.73
CA GLY C 231 27.72 3.23 0.90
C GLY C 231 26.21 3.34 1.00
N ALA C 232 25.56 2.53 1.83
CA ALA C 232 24.11 2.60 1.92
C ALA C 232 23.66 3.94 2.50
N THR C 233 22.47 4.40 2.07
CA THR C 233 21.88 5.60 2.64
C THR C 233 20.74 5.32 3.61
N HIS C 234 20.15 4.12 3.55
CA HIS C 234 19.03 3.76 4.40
C HIS C 234 19.15 2.28 4.69
N THR C 235 18.73 1.87 5.89
CA THR C 235 18.82 0.48 6.33
C THR C 235 17.46 -0.03 6.77
N ILE C 236 17.14 -1.26 6.37
CA ILE C 236 15.90 -1.92 6.74
C ILE C 236 16.27 -3.28 7.34
N LEU C 237 15.90 -3.50 8.60
CA LEU C 237 16.05 -4.79 9.25
C LEU C 237 14.83 -5.64 8.96
N ALA C 238 14.96 -6.59 8.04
CA ALA C 238 13.84 -7.48 7.78
C ALA C 238 13.73 -8.53 8.88
N ASP C 239 12.59 -9.18 8.92
CA ASP C 239 12.36 -10.28 9.83
C ASP C 239 12.26 -11.55 9.02
N LYS C 240 12.59 -12.68 9.64
CA LYS C 240 12.61 -13.95 8.89
C LYS C 240 11.25 -14.28 8.30
N ASN C 241 10.19 -14.07 9.06
CA ASN C 241 8.87 -14.53 8.70
C ASN C 241 8.11 -13.54 7.84
N ASP C 242 8.78 -12.53 7.26
CA ASP C 242 8.11 -11.59 6.36
C ASP C 242 8.13 -12.20 4.96
N ILE C 243 7.07 -12.94 4.64
CA ILE C 243 7.06 -13.82 3.49
C ILE C 243 7.14 -12.96 2.24
N GLY C 244 8.13 -13.22 1.39
CA GLY C 244 8.34 -12.37 0.23
C GLY C 244 8.70 -10.94 0.58
N LEU C 245 9.03 -10.67 1.85
CA LEU C 245 9.51 -9.36 2.28
C LEU C 245 8.53 -8.28 1.90
N LEU C 246 7.24 -8.57 2.12
CA LEU C 246 6.19 -7.68 1.68
C LEU C 246 6.22 -6.39 2.48
N LYS C 247 6.30 -6.55 3.81
CA LYS C 247 6.26 -5.39 4.70
C LYS C 247 7.47 -4.52 4.50
N ALA C 248 8.61 -5.12 4.17
CA ALA C 248 9.77 -4.35 3.83
C ALA C 248 9.58 -3.62 2.51
N SER C 249 8.86 -4.25 1.57
CA SER C 249 8.46 -3.55 0.35
C SER C 249 7.74 -2.25 0.68
N GLU C 250 6.80 -2.30 1.62
CA GLU C 250 5.97 -1.13 1.90
C GLU C 250 6.78 0.01 2.49
N ASP C 251 7.78 -0.29 3.30
CA ASP C 251 8.62 0.80 3.78
C ASP C 251 9.53 1.32 2.68
N VAL C 252 9.93 0.45 1.75
CA VAL C 252 10.70 0.89 0.60
C VAL C 252 9.92 1.91 -0.21
N LYS C 253 8.65 1.60 -0.49
CA LYS C 253 7.86 2.52 -1.30
C LYS C 253 7.59 3.81 -0.54
N LYS C 254 7.57 3.75 0.78
CA LYS C 254 7.44 4.95 1.57
C LYS C 254 8.69 5.82 1.42
N LEU C 255 9.84 5.21 1.22
CA LEU C 255 11.08 5.93 0.99
C LEU C 255 11.26 6.36 -0.46
N THR C 256 10.35 6.00 -1.36
CA THR C 256 10.48 6.33 -2.77
C THR C 256 9.25 7.05 -3.29
N ASN C 257 8.58 7.82 -2.42
CA ASN C 257 7.49 8.71 -2.80
C ASN C 257 6.27 7.94 -3.34
N GLY C 258 6.03 6.73 -2.84
CA GLY C 258 5.23 5.79 -3.62
C GLY C 258 6.12 5.11 -4.65
N ARG C 259 5.54 4.79 -5.81
CA ARG C 259 6.27 4.14 -6.90
C ARG C 259 7.02 2.92 -6.40
N GLY C 260 8.28 3.13 -6.10
CA GLY C 260 9.23 2.08 -5.80
C GLY C 260 10.60 2.59 -6.17
N ALA C 261 11.58 1.72 -5.97
CA ALA C 261 12.92 2.07 -6.41
C ALA C 261 13.02 1.93 -7.94
N ASP C 262 14.03 2.58 -8.50
CA ASP C 262 14.35 2.34 -9.91
C ASP C 262 15.08 1.00 -10.10
N TYR C 263 15.88 0.56 -9.11
CA TYR C 263 16.62 -0.70 -9.21
C TYR C 263 16.54 -1.45 -7.89
N ALA C 264 16.48 -2.78 -7.96
CA ALA C 264 16.53 -3.62 -6.78
C ALA C 264 17.32 -4.89 -7.09
N PHE C 265 17.96 -5.44 -6.06
CA PHE C 265 18.99 -6.45 -6.24
C PHE C 265 18.82 -7.52 -5.17
N GLU C 266 18.62 -8.76 -5.58
CA GLU C 266 18.41 -9.88 -4.67
C GLU C 266 19.68 -10.70 -4.54
N CYS C 267 20.09 -10.98 -3.31
CA CYS C 267 21.29 -11.74 -3.02
C CYS C 267 21.28 -12.17 -1.55
N THR C 268 20.14 -12.73 -1.14
CA THR C 268 19.91 -13.23 0.21
C THR C 268 20.19 -14.73 0.34
N ALA C 269 20.38 -15.43 -0.78
CA ALA C 269 20.53 -16.88 -0.91
C ALA C 269 19.28 -17.67 -0.49
N ILE C 270 18.15 -17.02 -0.28
CA ILE C 270 16.90 -17.72 0.05
C ILE C 270 16.12 -17.92 -1.24
N PRO C 271 15.88 -19.18 -1.66
CA PRO C 271 15.12 -19.41 -2.91
C PRO C 271 13.76 -18.73 -2.93
N ALA C 272 13.13 -18.55 -1.77
CA ALA C 272 11.76 -18.08 -1.69
C ALA C 272 11.62 -16.56 -1.85
N LEU C 273 12.73 -15.82 -1.98
CA LEU C 273 12.69 -14.37 -2.17
C LEU C 273 13.10 -13.96 -3.59
N GLY C 274 13.00 -14.88 -4.56
CA GLY C 274 13.54 -14.62 -5.88
C GLY C 274 12.79 -13.56 -6.65
N ALA C 275 11.51 -13.40 -6.38
CA ALA C 275 10.74 -12.33 -6.98
C ALA C 275 10.70 -11.09 -6.09
N ALA C 276 11.31 -11.17 -4.90
CA ALA C 276 11.26 -10.01 -4.01
C ALA C 276 11.82 -8.72 -4.62
N PRO C 277 12.78 -8.71 -5.56
CA PRO C 277 13.15 -7.44 -6.18
C PRO C 277 11.97 -6.72 -6.82
N LEU C 278 11.06 -7.49 -7.41
CA LEU C 278 9.94 -6.87 -8.12
C LEU C 278 8.99 -6.15 -7.17
N ALA C 279 8.90 -6.62 -5.92
CA ALA C 279 8.11 -5.92 -4.92
C ALA C 279 8.78 -4.63 -4.44
N MET C 280 10.11 -4.53 -4.52
CA MET C 280 10.80 -3.35 -4.01
C MET C 280 10.90 -2.22 -5.02
N ILE C 281 10.27 -2.31 -6.18
CA ILE C 281 10.73 -1.52 -7.30
C ILE C 281 9.51 -0.96 -8.03
N ARG C 282 9.71 0.14 -8.76
CA ARG C 282 8.60 0.77 -9.45
C ARG C 282 8.33 0.10 -10.79
N ASN C 283 7.18 0.40 -11.38
CA ASN C 283 6.93 -0.05 -12.75
C ASN C 283 8.00 0.55 -13.66
N ALA C 284 8.43 -0.24 -14.66
CA ALA C 284 9.52 0.11 -15.58
C ALA C 284 10.88 0.19 -14.89
N GLY C 285 10.99 -0.24 -13.62
CA GLY C 285 12.28 -0.41 -13.00
C GLY C 285 12.92 -1.74 -13.37
N THR C 286 14.15 -1.96 -12.93
CA THR C 286 14.88 -3.15 -13.32
C THR C 286 15.23 -3.96 -12.06
N ALA C 287 14.73 -5.19 -11.97
CA ALA C 287 14.96 -6.05 -10.81
C ALA C 287 15.98 -7.14 -11.16
N VAL C 288 17.04 -7.22 -10.37
CA VAL C 288 18.18 -8.05 -10.68
C VAL C 288 18.38 -9.02 -9.51
N GLN C 289 18.23 -10.33 -9.80
CA GLN C 289 18.00 -11.35 -8.81
C GLN C 289 19.47 -11.78 -8.90
N VAL C 290 20.29 -11.78 -7.84
CA VAL C 290 21.65 -12.27 -8.14
C VAL C 290 21.97 -13.64 -7.57
N SER C 291 21.27 -14.09 -6.54
CA SER C 291 21.70 -15.26 -5.78
C SER C 291 21.76 -16.55 -6.61
N GLY C 292 20.93 -16.67 -7.65
CA GLY C 292 20.92 -17.87 -8.48
C GLY C 292 20.14 -19.02 -7.87
N ILE C 293 18.91 -19.22 -8.34
CA ILE C 293 17.98 -20.17 -7.74
C ILE C 293 17.75 -21.32 -8.72
N GLU C 294 18.11 -22.53 -8.30
CA GLU C 294 17.88 -23.74 -9.09
C GLU C 294 16.76 -24.59 -8.50
N GLU C 295 15.91 -23.96 -7.70
CA GLU C 295 14.81 -24.59 -7.00
C GLU C 295 13.51 -24.20 -7.70
N GLU C 296 12.41 -24.81 -7.31
CA GLU C 296 11.09 -24.51 -7.87
C GLU C 296 10.34 -23.66 -6.84
N ILE C 297 9.98 -22.44 -7.21
CA ILE C 297 9.32 -21.54 -6.27
C ILE C 297 7.99 -21.09 -6.85
N THR C 298 7.17 -20.53 -5.97
CA THR C 298 5.87 -19.99 -6.32
C THR C 298 5.99 -18.46 -6.38
N ILE C 299 5.47 -17.87 -7.45
CA ILE C 299 5.59 -16.43 -7.65
C ILE C 299 4.22 -15.86 -8.02
N ASP C 300 3.83 -14.79 -7.31
CA ASP C 300 2.68 -13.99 -7.73
C ASP C 300 3.08 -13.09 -8.89
N MET C 301 2.47 -13.32 -10.04
CA MET C 301 2.85 -12.60 -11.24
C MET C 301 2.24 -11.21 -11.29
N ARG C 302 1.63 -10.72 -10.21
CA ARG C 302 1.33 -9.29 -10.14
C ARG C 302 2.56 -8.48 -9.80
N LEU C 303 3.61 -9.13 -9.31
CA LEU C 303 4.86 -8.41 -9.02
C LEU C 303 5.65 -8.08 -10.29
N PHE C 304 5.62 -8.95 -11.31
CA PHE C 304 6.30 -8.67 -12.57
C PHE C 304 5.67 -7.49 -13.31
N GLU C 305 4.43 -7.16 -12.98
CA GLU C 305 3.59 -6.45 -13.93
C GLU C 305 4.00 -5.00 -14.08
N TRP C 306 4.18 -4.60 -15.36
CA TRP C 306 4.10 -3.22 -15.80
C TRP C 306 5.55 -2.80 -15.97
N ASP C 307 6.17 -3.44 -16.97
CA ASP C 307 7.36 -2.98 -17.67
C ASP C 307 8.61 -3.23 -16.85
N LYS C 308 8.51 -4.08 -15.84
CA LYS C 308 9.61 -4.38 -14.94
C LYS C 308 10.63 -5.28 -15.61
N ILE C 309 11.90 -4.90 -15.56
CA ILE C 309 12.93 -5.71 -16.20
C ILE C 309 13.53 -6.65 -15.17
N TYR C 310 13.27 -7.94 -15.32
CA TYR C 310 13.84 -8.99 -14.48
C TYR C 310 15.05 -9.62 -15.20
N ILE C 311 16.02 -10.08 -14.42
CA ILE C 311 17.18 -10.77 -14.95
C ILE C 311 17.86 -11.54 -13.83
N ASN C 312 18.41 -12.68 -14.16
CA ASN C 312 19.32 -13.39 -13.25
C ASN C 312 20.67 -13.66 -13.89
N PRO C 313 21.52 -12.63 -13.81
CA PRO C 313 22.86 -12.62 -14.37
C PRO C 313 23.81 -13.50 -13.60
N LEU C 314 24.93 -13.84 -14.26
CA LEU C 314 25.95 -14.70 -13.67
C LEU C 314 27.28 -13.95 -13.71
N TYR C 315 27.96 -13.92 -12.56
CA TYR C 315 29.32 -13.39 -12.45
C TYR C 315 29.41 -11.91 -12.85
N GLY C 316 28.32 -11.17 -12.68
CA GLY C 316 28.31 -9.75 -13.06
C GLY C 316 28.70 -9.50 -14.50
N LYS C 317 28.32 -10.40 -15.41
CA LYS C 317 28.62 -10.32 -16.85
C LYS C 317 30.12 -10.27 -17.12
N CYS C 318 30.90 -10.93 -16.25
CA CYS C 318 32.36 -10.77 -16.19
C CYS C 318 33.06 -11.04 -17.52
N ARG C 319 33.75 -10.02 -18.04
CA ARG C 319 34.83 -10.20 -19.02
C ARG C 319 36.15 -10.02 -18.27
N PRO C 320 36.79 -11.09 -17.81
CA PRO C 320 37.85 -10.94 -16.77
C PRO C 320 38.99 -10.00 -17.11
N GLN C 321 39.47 -9.95 -18.34
CA GLN C 321 40.61 -9.08 -18.62
C GLN C 321 40.23 -7.62 -18.80
N VAL C 322 38.95 -7.28 -18.77
CA VAL C 322 38.49 -5.91 -18.89
C VAL C 322 38.02 -5.38 -17.55
N ASP C 323 37.11 -6.10 -16.90
CA ASP C 323 36.53 -5.61 -15.67
C ASP C 323 37.54 -5.64 -14.54
N PHE C 324 38.39 -6.67 -14.49
CA PHE C 324 39.35 -6.75 -13.39
C PHE C 324 40.31 -5.58 -13.35
N PRO C 325 40.95 -5.17 -14.45
CA PRO C 325 41.75 -3.94 -14.40
C PRO C 325 40.92 -2.73 -14.01
N LYS C 326 39.64 -2.67 -14.39
CA LYS C 326 38.82 -1.53 -13.99
C LYS C 326 38.65 -1.50 -12.48
N LEU C 327 38.32 -2.65 -11.89
CA LEU C 327 38.11 -2.70 -10.45
C LEU C 327 39.36 -2.34 -9.66
N VAL C 328 40.56 -2.63 -10.16
CA VAL C 328 41.73 -2.24 -9.38
C VAL C 328 41.99 -0.74 -9.55
N SER C 329 41.49 -0.13 -10.61
CA SER C 329 41.69 1.29 -10.78
C SER C 329 40.85 2.09 -9.79
N LEU C 330 39.63 1.64 -9.52
CA LEU C 330 38.72 2.29 -8.59
C LEU C 330 39.05 1.93 -7.15
N TYR C 331 39.77 0.83 -6.94
CA TYR C 331 40.36 0.59 -5.63
C TYR C 331 41.55 1.53 -5.41
N GLU C 332 42.31 1.81 -6.46
CA GLU C 332 43.45 2.73 -6.35
C GLU C 332 42.99 4.18 -6.26
N LYS C 333 41.91 4.53 -6.97
CA LYS C 333 41.29 5.84 -6.79
C LYS C 333 40.75 6.00 -5.38
N GLY C 334 40.26 4.92 -4.79
CA GLY C 334 39.67 4.99 -3.47
C GLY C 334 38.19 4.74 -3.42
N ASP C 335 37.52 4.58 -4.57
CA ASP C 335 36.07 4.37 -4.55
C ASP C 335 35.70 2.93 -4.17
N LEU C 336 36.49 1.93 -4.55
CA LEU C 336 36.25 0.56 -4.12
C LEU C 336 36.95 0.27 -2.81
N MET C 337 36.17 -0.16 -1.83
CA MET C 337 36.71 -0.54 -0.53
C MET C 337 36.81 -2.06 -0.50
N LEU C 338 38.04 -2.56 -0.45
CA LEU C 338 38.27 -3.99 -0.33
C LEU C 338 39.10 -4.36 0.90
N ASP C 339 40.04 -3.51 1.32
CA ASP C 339 40.77 -3.78 2.55
C ASP C 339 39.83 -3.81 3.75
N GLU C 340 38.88 -2.87 3.80
CA GLU C 340 37.89 -2.84 4.88
C GLU C 340 36.96 -4.07 4.87
N MET C 341 36.81 -4.75 3.72
CA MET C 341 35.91 -5.88 3.57
C MET C 341 36.51 -7.17 4.10
N ILE C 342 37.83 -7.24 4.19
CA ILE C 342 38.54 -8.33 4.84
C ILE C 342 38.44 -8.11 6.34
N THR C 343 37.34 -8.58 6.94
CA THR C 343 37.17 -8.49 8.40
C THR C 343 38.15 -9.39 9.15
N ARG C 344 38.54 -10.51 8.57
CA ARG C 344 39.38 -11.45 9.28
C ARG C 344 40.15 -12.31 8.29
N THR C 345 41.41 -12.65 8.62
CA THR C 345 42.17 -13.64 7.87
C THR C 345 42.32 -14.92 8.70
N TYR C 346 42.32 -16.05 7.99
CA TYR C 346 42.32 -17.41 8.51
C TYR C 346 43.34 -18.26 7.76
N PRO C 347 43.97 -19.22 8.44
CA PRO C 347 44.76 -20.23 7.73
C PRO C 347 43.84 -21.32 7.20
N LEU C 348 44.40 -22.19 6.35
CA LEU C 348 43.56 -23.12 5.64
C LEU C 348 42.81 -24.01 6.63
N GLU C 349 43.50 -24.47 7.67
CA GLU C 349 42.90 -25.42 8.61
C GLU C 349 41.72 -24.81 9.36
N ASN C 350 41.76 -23.51 9.66
CA ASN C 350 40.65 -22.88 10.36
C ASN C 350 39.54 -22.47 9.42
N LEU C 351 39.25 -23.30 8.42
CA LEU C 351 38.32 -22.89 7.39
C LEU C 351 36.89 -22.91 7.93
N GLN C 352 36.57 -23.91 8.76
CA GLN C 352 35.22 -24.03 9.33
C GLN C 352 34.83 -22.79 10.12
N GLN C 353 35.76 -22.26 10.93
CA GLN C 353 35.47 -21.02 11.66
C GLN C 353 35.20 -19.87 10.69
N ALA C 354 35.75 -19.95 9.48
CA ALA C 354 35.49 -18.94 8.47
C ALA C 354 34.11 -19.09 7.88
N PHE C 355 33.67 -20.32 7.57
CA PHE C 355 32.26 -20.41 7.17
C PHE C 355 31.34 -19.90 8.27
N ASP C 356 31.62 -20.23 9.54
CA ASP C 356 30.71 -19.85 10.61
C ASP C 356 30.62 -18.32 10.74
N ASP C 357 31.79 -17.65 10.68
CA ASP C 357 31.84 -16.18 10.72
C ASP C 357 31.11 -15.53 9.55
N MET C 358 31.28 -16.05 8.34
CA MET C 358 30.44 -15.57 7.24
C MET C 358 28.94 -15.86 7.37
N LEU C 359 28.55 -17.11 7.66
CA LEU C 359 27.15 -17.53 7.66
C LEU C 359 26.35 -16.98 8.83
N THR C 360 27.03 -16.56 9.89
CA THR C 360 26.40 -16.01 11.07
C THR C 360 26.55 -14.49 11.17
N GLY C 361 27.02 -13.82 10.10
CA GLY C 361 27.03 -12.37 10.02
C GLY C 361 28.29 -11.69 10.54
N LYS C 362 29.23 -12.45 11.08
CA LYS C 362 30.38 -11.84 11.73
C LYS C 362 31.45 -11.37 10.73
N ASN C 363 31.41 -11.83 9.48
CA ASN C 363 32.32 -11.38 8.43
C ASN C 363 31.55 -10.70 7.31
N ALA C 364 32.08 -9.57 6.84
CA ALA C 364 31.74 -9.11 5.50
C ALA C 364 32.33 -10.04 4.46
N LYS C 365 33.65 -10.27 4.52
CA LYS C 365 34.30 -11.31 3.75
C LYS C 365 35.48 -11.87 4.54
N GLY C 366 35.66 -13.19 4.45
CA GLY C 366 36.79 -13.87 5.09
C GLY C 366 37.70 -14.47 4.04
N VAL C 367 39.01 -14.34 4.26
CA VAL C 367 40.01 -14.78 3.30
C VAL C 367 40.95 -15.76 3.96
N ILE C 368 41.37 -16.77 3.20
CA ILE C 368 42.24 -17.82 3.70
C ILE C 368 43.62 -17.51 3.18
N ILE C 369 44.58 -17.27 4.07
CA ILE C 369 45.88 -16.79 3.65
C ILE C 369 46.89 -17.92 3.79
N PHE C 370 47.89 -17.88 2.91
CA PHE C 370 48.95 -18.88 2.85
C PHE C 370 50.31 -18.29 3.18
N ILE D 3 -27.04 14.23 -26.60
CA ILE D 3 -27.09 13.34 -27.77
C ILE D 3 -27.30 11.89 -27.35
N ILE D 4 -28.25 11.19 -27.99
CA ILE D 4 -28.52 9.80 -27.63
C ILE D 4 -27.46 8.92 -28.27
N SER D 5 -27.03 7.91 -27.51
CA SER D 5 -26.11 6.90 -28.02
C SER D 5 -26.65 5.56 -27.61
N LYS D 6 -26.85 4.69 -28.60
CA LYS D 6 -27.11 3.29 -28.32
C LYS D 6 -25.77 2.65 -27.97
N CYS D 7 -25.66 2.12 -26.76
CA CYS D 7 -24.40 1.60 -26.26
C CYS D 7 -24.57 0.22 -25.63
N ALA D 8 -23.53 -0.58 -25.72
CA ALA D 8 -23.48 -1.81 -24.95
C ALA D 8 -23.14 -1.45 -23.51
N ILE D 9 -24.01 -1.82 -22.58
CA ILE D 9 -23.77 -1.58 -21.16
C ILE D 9 -23.59 -2.92 -20.45
N ALA D 10 -22.44 -3.09 -19.84
CA ALA D 10 -22.17 -4.29 -19.06
C ALA D 10 -22.78 -4.17 -17.67
N LYS D 11 -23.11 -5.32 -17.08
CA LYS D 11 -23.62 -5.40 -15.73
C LYS D 11 -22.54 -6.02 -14.83
N GLY D 12 -22.73 -5.90 -13.52
CA GLY D 12 -21.84 -6.61 -12.62
C GLY D 12 -22.05 -8.10 -12.59
N ASP D 13 -23.26 -8.56 -12.94
CA ASP D 13 -23.63 -9.97 -12.86
C ASP D 13 -22.82 -10.85 -13.79
N GLY D 14 -22.47 -10.32 -14.97
CA GLY D 14 -21.81 -11.11 -16.00
C GLY D 14 -22.61 -11.16 -17.28
N THR D 15 -23.55 -10.23 -17.45
CA THR D 15 -24.37 -10.17 -18.65
C THR D 15 -24.31 -8.74 -19.17
N PHE D 16 -24.82 -8.54 -20.38
CA PHE D 16 -24.86 -7.20 -20.97
C PHE D 16 -26.20 -7.01 -21.67
N SER D 17 -26.49 -5.76 -21.99
CA SER D 17 -27.64 -5.45 -22.82
C SER D 17 -27.32 -4.24 -23.67
N ILE D 18 -27.90 -4.18 -24.85
CA ILE D 18 -27.84 -2.94 -25.63
C ILE D 18 -28.78 -1.95 -24.97
N GLU D 19 -28.34 -0.71 -24.87
CA GLU D 19 -29.12 0.30 -24.18
C GLU D 19 -28.96 1.62 -24.91
N THR D 20 -29.53 2.67 -24.33
CA THR D 20 -29.40 4.02 -24.87
C THR D 20 -29.03 4.96 -23.74
N VAL D 21 -28.13 5.89 -24.06
CA VAL D 21 -27.49 6.76 -23.10
C VAL D 21 -27.45 8.15 -23.70
N GLN D 22 -27.36 9.16 -22.83
CA GLN D 22 -27.13 10.52 -23.28
C GLN D 22 -25.66 10.82 -23.12
N VAL D 23 -25.06 11.43 -24.14
CA VAL D 23 -23.66 11.76 -24.15
C VAL D 23 -23.60 13.27 -24.30
N GLU D 24 -23.07 13.96 -23.30
CA GLU D 24 -23.18 15.42 -23.25
C GLU D 24 -22.10 16.06 -24.11
N SER D 25 -22.21 17.37 -24.31
CA SER D 25 -21.26 18.08 -25.16
C SER D 25 -19.89 18.10 -24.49
N PRO D 26 -18.82 18.35 -25.25
CA PRO D 26 -17.48 18.20 -24.70
C PRO D 26 -17.06 19.38 -23.84
N LYS D 27 -16.33 19.07 -22.78
CA LYS D 27 -15.70 20.12 -22.00
C LYS D 27 -14.43 20.57 -22.72
N ALA D 28 -13.63 21.40 -22.04
CA ALA D 28 -12.54 22.11 -22.71
C ALA D 28 -11.42 21.18 -23.16
N ASP D 29 -11.14 20.11 -22.41
CA ASP D 29 -10.03 19.21 -22.71
C ASP D 29 -10.49 17.87 -23.27
N GLU D 30 -11.73 17.79 -23.75
CA GLU D 30 -12.25 16.48 -24.12
C GLU D 30 -12.99 16.61 -25.44
N VAL D 31 -13.36 15.44 -25.99
CA VAL D 31 -13.77 15.31 -27.40
C VAL D 31 -14.88 14.27 -27.53
N LEU D 32 -15.87 14.58 -28.38
CA LEU D 32 -17.00 13.71 -28.68
C LEU D 32 -16.75 13.02 -30.02
N VAL D 33 -16.68 11.69 -30.01
CA VAL D 33 -16.33 10.90 -31.19
C VAL D 33 -17.52 10.06 -31.62
N LYS D 34 -17.91 10.21 -32.88
CA LYS D 34 -18.83 9.29 -33.53
C LYS D 34 -18.08 8.03 -33.91
N VAL D 35 -18.36 6.95 -33.18
CA VAL D 35 -17.66 5.68 -33.41
C VAL D 35 -18.15 5.05 -34.70
N LYS D 36 -17.23 4.76 -35.61
CA LYS D 36 -17.56 3.94 -36.76
C LYS D 36 -17.15 2.48 -36.58
N ALA D 37 -16.12 2.20 -35.79
CA ALA D 37 -15.69 0.81 -35.65
C ALA D 37 -15.15 0.56 -34.25
N ALA D 38 -15.53 -0.58 -33.69
CA ALA D 38 -15.09 -1.00 -32.37
C ALA D 38 -14.65 -2.45 -32.42
N GLY D 39 -13.34 -2.70 -32.26
CA GLY D 39 -12.84 -4.06 -32.15
C GLY D 39 -13.11 -4.65 -30.77
N LEU D 40 -12.97 -5.97 -30.66
CA LEU D 40 -13.35 -6.71 -29.47
C LEU D 40 -12.21 -7.63 -29.04
N CYS D 41 -12.25 -8.02 -27.76
CA CYS D 41 -11.21 -8.86 -27.16
C CYS D 41 -11.80 -9.58 -25.96
N HIS D 42 -11.01 -10.47 -25.38
CA HIS D 42 -11.47 -11.17 -24.18
C HIS D 42 -11.52 -10.27 -22.95
N THR D 43 -10.82 -9.14 -22.96
CA THR D 43 -10.93 -8.18 -21.86
C THR D 43 -12.32 -7.57 -21.78
N ASP D 44 -12.99 -7.39 -22.93
CA ASP D 44 -14.37 -6.94 -22.93
C ASP D 44 -15.30 -7.98 -22.31
N HIS D 45 -15.03 -9.27 -22.55
CA HIS D 45 -15.78 -10.31 -21.85
C HIS D 45 -15.50 -10.26 -20.34
N ASP D 46 -14.24 -10.05 -19.97
CA ASP D 46 -13.94 -9.88 -18.55
C ASP D 46 -14.73 -8.74 -17.93
N SER D 47 -14.97 -7.67 -18.70
CA SER D 47 -15.67 -6.50 -18.15
C SER D 47 -17.05 -6.87 -17.63
N LEU D 48 -17.65 -7.93 -18.17
CA LEU D 48 -18.92 -8.41 -17.62
C LEU D 48 -18.70 -8.99 -16.23
N ASN D 49 -17.56 -9.66 -16.02
CA ASN D 49 -17.25 -10.26 -14.72
C ASN D 49 -17.06 -9.17 -13.67
N TRP D 50 -16.44 -8.06 -14.05
CA TRP D 50 -16.14 -6.99 -13.11
C TRP D 50 -17.43 -6.39 -12.57
N GLY D 51 -17.37 -5.90 -11.34
CA GLY D 51 -18.59 -5.60 -10.62
C GLY D 51 -18.99 -4.17 -10.70
N LYS D 52 -19.31 -3.70 -11.91
CA LYS D 52 -19.54 -2.28 -12.13
C LYS D 52 -20.35 -2.15 -13.40
N PRO D 53 -21.32 -1.23 -13.45
CA PRO D 53 -21.97 -0.95 -14.73
C PRO D 53 -20.99 -0.19 -15.60
N ILE D 54 -20.87 -0.56 -16.88
CA ILE D 54 -19.84 0.05 -17.69
C ILE D 54 -20.31 0.04 -19.14
N VAL D 55 -20.06 1.13 -19.84
CA VAL D 55 -20.19 1.14 -21.30
C VAL D 55 -18.94 0.49 -21.86
N MET D 56 -19.10 -0.67 -22.49
CA MET D 56 -17.93 -1.48 -22.78
C MET D 56 -17.19 -0.98 -24.01
N GLY D 57 -16.05 -1.60 -24.28
CA GLY D 57 -15.28 -1.29 -25.47
C GLY D 57 -14.01 -0.54 -25.14
N HIS D 58 -12.86 -1.08 -25.56
CA HIS D 58 -11.58 -0.41 -25.38
C HIS D 58 -10.83 -0.24 -26.69
N GLU D 59 -11.44 -0.60 -27.81
CA GLU D 59 -10.85 -0.48 -29.14
C GLU D 59 -11.78 0.35 -30.00
N GLY D 60 -11.26 1.41 -30.62
CA GLY D 60 -12.13 2.31 -31.34
C GLY D 60 -11.43 3.20 -32.35
N ALA D 61 -12.16 3.52 -33.39
CA ALA D 61 -11.76 4.52 -34.38
C ALA D 61 -13.04 5.23 -34.80
N GLY D 62 -12.90 6.47 -35.26
CA GLY D 62 -14.10 7.23 -35.56
C GLY D 62 -13.76 8.55 -36.19
N PHE D 63 -14.79 9.38 -36.32
CA PHE D 63 -14.70 10.79 -36.70
C PHE D 63 -15.05 11.67 -35.50
N VAL D 64 -14.42 12.84 -35.41
CA VAL D 64 -14.69 13.83 -34.35
C VAL D 64 -16.03 14.50 -34.62
N GLU D 65 -16.97 14.47 -33.66
CA GLU D 65 -18.16 15.21 -34.05
C GLU D 65 -18.21 16.55 -33.32
N GLN D 66 -17.60 16.61 -32.12
CA GLN D 66 -17.57 17.80 -31.27
C GLN D 66 -16.21 17.89 -30.58
N VAL D 67 -15.68 19.10 -30.53
CA VAL D 67 -14.36 19.35 -29.96
C VAL D 67 -14.47 20.51 -28.96
N GLY D 68 -13.87 20.34 -27.77
CA GLY D 68 -14.00 21.29 -26.69
C GLY D 68 -13.19 22.59 -26.88
N SER D 69 -13.46 23.56 -25.99
CA SER D 69 -12.86 24.89 -26.11
C SER D 69 -11.34 24.86 -26.19
N ALA D 70 -10.71 24.01 -25.39
CA ALA D 70 -9.25 23.99 -25.30
C ALA D 70 -8.63 22.93 -26.17
N VAL D 71 -9.42 22.15 -26.88
CA VAL D 71 -8.83 21.15 -27.78
C VAL D 71 -8.76 21.76 -29.18
N THR D 72 -7.71 22.55 -29.43
CA THR D 72 -7.50 23.17 -30.73
C THR D 72 -6.51 22.39 -31.60
N ASN D 73 -6.07 21.21 -31.16
CA ASN D 73 -5.10 20.43 -31.90
C ASN D 73 -5.75 19.43 -32.83
N LEU D 74 -7.07 19.32 -32.80
CA LEU D 74 -7.82 18.54 -33.75
C LEU D 74 -9.13 19.27 -34.00
N ASN D 75 -9.80 18.93 -35.10
CA ASN D 75 -10.99 19.65 -35.52
C ASN D 75 -12.11 18.67 -35.86
N VAL D 76 -13.32 19.22 -36.04
CA VAL D 76 -14.49 18.37 -36.30
C VAL D 76 -14.35 17.72 -37.67
N GLY D 77 -14.73 16.44 -37.74
CA GLY D 77 -14.54 15.64 -38.93
C GLY D 77 -13.20 14.95 -39.03
N ASP D 78 -12.25 15.30 -38.18
CA ASP D 78 -10.96 14.63 -38.22
C ASP D 78 -11.12 13.15 -37.89
N TYR D 79 -10.10 12.38 -38.25
CA TYR D 79 -10.13 10.92 -38.17
C TYR D 79 -9.26 10.51 -37.00
N VAL D 80 -9.82 9.67 -36.12
CA VAL D 80 -9.36 9.50 -34.75
C VAL D 80 -9.31 8.03 -34.37
N ILE D 81 -8.12 7.57 -34.03
CA ILE D 81 -7.96 6.26 -33.41
C ILE D 81 -7.89 6.47 -31.91
N LEU D 82 -8.70 5.72 -31.18
CA LEU D 82 -8.75 5.86 -29.73
C LEU D 82 -7.66 5.05 -29.06
N ASN D 83 -7.22 5.51 -27.89
CA ASN D 83 -6.26 4.78 -27.08
C ASN D 83 -6.76 4.71 -25.64
N TRP D 84 -6.32 3.68 -24.91
CA TRP D 84 -6.76 3.51 -23.53
C TRP D 84 -5.64 3.84 -22.54
N ALA D 85 -4.52 4.39 -23.00
CA ALA D 85 -3.55 4.92 -22.05
C ALA D 85 -4.04 6.24 -21.45
N THR D 86 -4.65 7.09 -22.27
CA THR D 86 -5.12 8.41 -21.83
C THR D 86 -4.05 9.14 -21.01
N PRO D 87 -2.88 9.41 -21.59
CA PRO D 87 -1.74 9.90 -20.78
C PRO D 87 -1.90 11.34 -20.28
N CYS D 88 -1.53 11.55 -19.02
CA CYS D 88 -1.55 12.91 -18.46
C CYS D 88 -0.35 13.73 -18.91
N MET D 89 0.73 13.10 -19.35
CA MET D 89 1.84 13.72 -20.07
C MET D 89 2.85 14.40 -19.13
N THR D 90 2.56 14.49 -17.81
CA THR D 90 3.41 15.26 -16.93
C THR D 90 3.87 14.49 -15.70
N CYS D 91 3.34 13.30 -15.43
CA CYS D 91 3.71 12.53 -14.26
C CYS D 91 5.04 11.80 -14.49
N PHE D 92 5.55 11.21 -13.40
CA PHE D 92 6.88 10.60 -13.41
C PHE D 92 7.05 9.66 -14.60
N GLN D 93 6.08 8.75 -14.81
CA GLN D 93 6.22 7.78 -15.89
C GLN D 93 6.06 8.45 -17.25
N CYS D 94 5.11 9.38 -17.38
CA CYS D 94 5.00 10.13 -18.61
C CYS D 94 6.28 10.89 -18.94
N GLN D 95 6.92 11.51 -17.94
CA GLN D 95 8.16 12.23 -18.22
C GLN D 95 9.36 11.30 -18.40
N GLU D 96 9.25 10.03 -17.99
CA GLU D 96 10.21 9.01 -18.36
C GLU D 96 9.98 8.48 -19.77
N GLY D 97 8.88 8.90 -20.42
CA GLY D 97 8.46 8.30 -21.68
C GLY D 97 7.46 7.16 -21.57
N ASN D 98 7.04 6.80 -20.35
CA ASN D 98 6.17 5.67 -20.12
C ASN D 98 4.71 6.15 -19.99
N GLN D 99 4.19 6.63 -21.12
CA GLN D 99 2.79 7.07 -21.15
C GLN D 99 1.81 5.93 -20.94
N HIS D 100 2.22 4.69 -21.20
CA HIS D 100 1.31 3.57 -21.01
C HIS D 100 1.11 3.22 -19.54
N ILE D 101 1.88 3.81 -18.63
CA ILE D 101 1.76 3.41 -17.23
C ILE D 101 1.65 4.68 -16.41
N CYS D 102 0.94 5.66 -16.98
CA CYS D 102 0.67 6.92 -16.31
C CYS D 102 0.11 6.66 -14.92
N GLU D 103 0.65 7.34 -13.93
CA GLU D 103 0.23 7.07 -12.56
C GLU D 103 -0.99 7.87 -12.15
N SER D 104 -1.44 8.78 -13.01
CA SER D 104 -2.58 9.63 -12.70
C SER D 104 -3.80 9.36 -13.57
N ASN D 105 -3.63 8.77 -14.73
CA ASN D 105 -4.74 8.66 -15.69
C ASN D 105 -4.96 7.27 -16.27
N SER D 106 -4.13 6.29 -15.94
CA SER D 106 -4.27 5.01 -16.61
C SER D 106 -5.49 4.25 -16.05
N PRO D 107 -6.28 3.62 -16.92
CA PRO D 107 -7.32 2.69 -16.45
C PRO D 107 -6.76 1.45 -15.80
N VAL D 108 -5.45 1.22 -15.94
CA VAL D 108 -4.78 0.07 -15.36
C VAL D 108 -4.00 0.53 -14.14
N THR D 109 -3.01 1.40 -14.35
CA THR D 109 -2.06 1.68 -13.28
C THR D 109 -2.58 2.71 -12.30
N ALA D 110 -3.51 3.57 -12.71
CA ALA D 110 -4.16 4.47 -11.77
C ALA D 110 -5.42 3.89 -11.18
N GLY D 111 -6.09 2.98 -11.89
CA GLY D 111 -7.32 2.36 -11.44
C GLY D 111 -7.14 0.88 -11.21
N THR D 116 -10.72 9.46 -11.60
CA THR D 116 -9.57 9.55 -12.49
C THR D 116 -9.72 10.48 -13.69
N PRO D 117 -8.85 11.50 -13.74
CA PRO D 117 -8.64 12.21 -15.01
C PRO D 117 -8.29 11.17 -16.07
N GLY D 118 -8.38 11.54 -17.34
CA GLY D 118 -8.33 10.56 -18.40
C GLY D 118 -9.66 9.89 -18.69
N HIS D 119 -10.63 10.03 -17.79
CA HIS D 119 -12.03 9.80 -18.05
C HIS D 119 -12.72 11.16 -18.17
N ALA D 120 -13.54 11.34 -19.21
CA ALA D 120 -14.26 12.60 -19.36
C ALA D 120 -15.20 12.79 -18.15
N HIS D 121 -15.77 13.99 -18.02
CA HIS D 121 -16.55 14.32 -16.83
C HIS D 121 -17.76 13.40 -16.75
N LEU D 122 -18.10 12.99 -15.53
CA LEU D 122 -18.86 11.75 -15.30
C LEU D 122 -20.30 11.77 -15.82
N GLU D 123 -21.02 12.85 -15.62
CA GLU D 123 -22.34 13.12 -16.19
C GLU D 123 -22.36 13.45 -17.71
N GLY D 124 -21.21 13.54 -18.39
CA GLY D 124 -21.21 13.51 -19.85
C GLY D 124 -22.01 12.36 -20.43
N THR D 125 -21.79 11.13 -19.94
CA THR D 125 -22.51 9.93 -20.37
C THR D 125 -23.34 9.40 -19.20
N THR D 126 -24.67 9.48 -19.31
CA THR D 126 -25.55 9.16 -18.19
C THR D 126 -26.63 8.17 -18.62
N TRP D 127 -26.76 7.06 -17.89
CA TRP D 127 -27.77 6.04 -18.14
C TRP D 127 -28.93 6.23 -17.18
N ASN D 128 -30.14 6.33 -17.73
CA ASN D 128 -31.19 7.00 -16.98
C ASN D 128 -30.55 8.25 -16.40
N ASP D 129 -30.37 8.32 -15.09
CA ASP D 129 -29.76 9.52 -14.52
C ASP D 129 -28.57 9.19 -13.62
N THR D 130 -28.14 7.88 -13.58
CA THR D 130 -26.92 7.42 -12.93
C THR D 130 -25.73 7.51 -13.89
N PRO D 131 -24.63 8.15 -13.52
CA PRO D 131 -23.51 8.25 -14.46
C PRO D 131 -22.80 6.91 -14.56
N ILE D 132 -22.45 6.55 -15.78
CA ILE D 132 -21.82 5.27 -16.10
C ILE D 132 -20.46 5.48 -16.74
N GLU D 133 -19.50 4.67 -16.29
CA GLU D 133 -18.14 4.73 -16.80
C GLU D 133 -18.02 4.03 -18.15
N ARG D 134 -17.11 4.55 -18.95
CA ARG D 134 -16.72 3.93 -20.20
C ARG D 134 -15.52 3.04 -19.93
N SER D 135 -15.55 1.82 -20.47
CA SER D 135 -14.51 0.85 -20.14
C SER D 135 -13.17 1.38 -20.59
N PHE D 136 -12.18 1.27 -19.69
CA PHE D 136 -10.82 1.77 -19.93
C PHE D 136 -10.86 3.24 -20.33
N ASN D 137 -11.77 3.98 -19.71
CA ASN D 137 -11.92 5.43 -19.90
C ASN D 137 -12.34 5.81 -21.31
N ILE D 138 -12.75 4.86 -22.16
CA ILE D 138 -13.08 5.20 -23.54
C ILE D 138 -14.43 4.64 -23.98
N GLY D 139 -14.74 3.40 -23.60
CA GLY D 139 -16.05 2.81 -23.82
C GLY D 139 -16.58 2.89 -25.24
N THR D 140 -15.91 2.20 -26.17
CA THR D 140 -16.06 2.46 -27.60
C THR D 140 -17.27 1.79 -28.23
N LEU D 141 -17.89 0.82 -27.56
CA LEU D 141 -19.04 0.11 -28.15
C LEU D 141 -20.31 0.96 -28.08
N SER D 142 -20.25 2.17 -28.61
CA SER D 142 -21.29 3.16 -28.47
C SER D 142 -21.27 4.03 -29.73
N GLU D 143 -22.44 4.44 -30.22
CA GLU D 143 -22.46 5.30 -31.40
C GLU D 143 -21.66 6.57 -31.16
N TYR D 144 -21.74 7.11 -29.96
CA TYR D 144 -21.03 8.32 -29.63
C TYR D 144 -20.38 8.13 -28.26
N THR D 145 -19.11 8.52 -28.15
CA THR D 145 -18.39 8.46 -26.88
C THR D 145 -17.80 9.83 -26.57
N LEU D 146 -17.75 10.12 -25.27
CA LEU D 146 -17.12 11.32 -24.73
C LEU D 146 -15.85 10.90 -23.98
N VAL D 147 -14.68 11.31 -24.50
CA VAL D 147 -13.38 10.92 -23.99
C VAL D 147 -12.52 12.16 -23.89
N LYS D 148 -11.49 12.10 -23.03
CA LYS D 148 -10.49 13.15 -23.03
C LYS D 148 -9.77 13.18 -24.38
N ALA D 149 -9.15 14.31 -24.69
CA ALA D 149 -8.46 14.42 -25.96
C ALA D 149 -7.29 13.47 -26.01
N SER D 150 -6.72 13.15 -24.85
CA SER D 150 -5.64 12.16 -24.76
C SER D 150 -6.07 10.80 -25.30
N ALA D 151 -7.36 10.49 -25.28
CA ALA D 151 -7.78 9.20 -25.82
C ALA D 151 -7.80 9.21 -27.33
N CYS D 152 -7.63 10.38 -27.95
CA CYS D 152 -7.79 10.54 -29.39
C CYS D 152 -6.45 10.84 -30.04
N VAL D 153 -6.15 10.13 -31.11
CA VAL D 153 -4.98 10.39 -31.94
C VAL D 153 -5.49 10.64 -33.34
N LYS D 154 -5.34 11.88 -33.79
CA LYS D 154 -5.66 12.25 -35.17
C LYS D 154 -4.81 11.43 -36.13
N ILE D 155 -5.41 11.01 -37.22
CA ILE D 155 -4.67 10.36 -38.28
C ILE D 155 -5.22 10.91 -39.56
N GLU D 156 -4.42 10.75 -40.60
CA GLU D 156 -4.63 11.60 -41.75
C GLU D 156 -4.21 10.73 -42.92
N THR D 157 -5.04 9.71 -43.07
CA THR D 157 -5.05 8.72 -44.12
C THR D 157 -6.51 8.33 -44.29
N ASN D 158 -6.88 7.93 -45.50
CA ASN D 158 -8.20 7.39 -45.76
C ASN D 158 -8.04 5.87 -45.82
N MET D 159 -8.11 5.25 -44.64
CA MET D 159 -8.00 3.81 -44.43
C MET D 159 -9.29 3.32 -43.79
N PRO D 160 -9.56 2.01 -43.85
CA PRO D 160 -10.83 1.48 -43.32
C PRO D 160 -10.86 1.52 -41.80
N MET D 161 -11.86 2.21 -41.27
CA MET D 161 -12.06 2.33 -39.83
C MET D 161 -11.89 1.02 -39.05
N PRO D 162 -12.45 -0.12 -39.47
CA PRO D 162 -12.26 -1.34 -38.68
C PRO D 162 -10.79 -1.65 -38.44
N SER D 163 -9.99 -1.65 -39.50
CA SER D 163 -8.57 -1.95 -39.34
C SER D 163 -7.88 -0.90 -38.50
N ALA D 164 -8.42 0.31 -38.46
CA ALA D 164 -7.91 1.29 -37.52
C ALA D 164 -8.27 0.93 -36.09
N SER D 165 -9.34 0.15 -35.89
CA SER D 165 -9.79 -0.09 -34.52
C SER D 165 -8.92 -1.12 -33.83
N ILE D 166 -8.28 -2.03 -34.58
CA ILE D 166 -7.46 -3.05 -33.93
C ILE D 166 -6.08 -2.54 -33.54
N ILE D 167 -5.68 -1.37 -34.05
CA ILE D 167 -4.49 -0.69 -33.55
C ILE D 167 -4.67 -0.32 -32.09
N SER D 168 -5.90 -0.05 -31.67
CA SER D 168 -6.19 0.40 -30.32
C SER D 168 -5.78 -0.60 -29.25
N CYS D 169 -5.47 -1.84 -29.61
CA CYS D 169 -5.19 -2.85 -28.61
C CYS D 169 -4.26 -3.93 -29.13
N GLY D 170 -4.81 -4.92 -29.84
CA GLY D 170 -4.02 -6.07 -30.24
C GLY D 170 -2.78 -5.70 -31.03
N VAL D 171 -2.86 -4.69 -31.89
CA VAL D 171 -1.73 -4.38 -32.74
C VAL D 171 -0.66 -3.60 -31.96
N MET D 172 -1.08 -2.61 -31.16
CA MET D 172 -0.14 -1.83 -30.37
C MET D 172 0.59 -2.68 -29.35
N THR D 173 -0.13 -3.57 -28.65
CA THR D 173 0.54 -4.36 -27.63
C THR D 173 1.45 -5.42 -28.26
N GLY D 174 1.05 -5.99 -29.39
CA GLY D 174 1.84 -7.02 -30.05
C GLY D 174 3.05 -6.45 -30.79
N TYR D 175 2.82 -5.49 -31.68
CA TYR D 175 3.92 -4.83 -32.36
C TYR D 175 4.84 -4.15 -31.34
N GLY D 176 4.25 -3.46 -30.35
CA GLY D 176 5.06 -2.72 -29.38
C GLY D 176 5.84 -3.61 -28.44
N SER D 177 5.30 -4.78 -28.09
CA SER D 177 6.08 -5.73 -27.31
C SER D 177 7.34 -6.15 -28.04
N VAL D 178 7.30 -6.17 -29.38
CA VAL D 178 8.50 -6.47 -30.15
C VAL D 178 9.38 -5.22 -30.26
N VAL D 179 8.81 -4.10 -30.64
CA VAL D 179 9.62 -2.99 -31.16
C VAL D 179 10.12 -2.05 -30.06
N ASN D 180 9.29 -1.74 -29.07
CA ASN D 180 9.67 -0.81 -28.01
C ASN D 180 10.14 -1.51 -26.75
N SER D 181 9.43 -2.58 -26.39
CA SER D 181 9.67 -3.32 -25.17
C SER D 181 10.84 -4.28 -25.35
N ALA D 182 10.87 -5.04 -26.44
CA ALA D 182 12.01 -5.91 -26.72
C ALA D 182 13.11 -5.25 -27.55
N LYS D 183 12.82 -4.19 -28.30
CA LYS D 183 13.81 -3.57 -29.19
C LYS D 183 14.49 -4.64 -30.05
N LEU D 184 13.67 -5.41 -30.75
CA LEU D 184 14.16 -6.60 -31.41
C LEU D 184 15.13 -6.20 -32.53
N GLN D 185 16.26 -6.89 -32.57
CA GLN D 185 17.34 -6.53 -33.47
C GLN D 185 17.29 -7.40 -34.70
N ALA D 186 17.40 -6.74 -35.86
CA ALA D 186 17.28 -7.44 -37.14
C ALA D 186 18.23 -8.62 -37.18
N GLY D 187 17.83 -9.64 -37.93
CA GLY D 187 18.63 -10.85 -38.06
C GLY D 187 18.49 -11.85 -36.94
N SER D 188 17.60 -11.64 -35.98
CA SER D 188 17.50 -12.50 -34.80
C SER D 188 16.50 -13.63 -35.04
N SER D 189 16.43 -14.54 -34.07
CA SER D 189 15.40 -15.58 -34.05
C SER D 189 14.33 -15.21 -33.04
N ALA D 190 13.07 -15.35 -33.45
CA ALA D 190 11.93 -15.07 -32.59
C ALA D 190 11.03 -16.30 -32.46
N VAL D 191 10.49 -16.52 -31.26
CA VAL D 191 9.49 -17.53 -31.00
C VAL D 191 8.23 -16.85 -30.47
N VAL D 192 7.06 -17.17 -31.05
CA VAL D 192 5.79 -16.59 -30.62
C VAL D 192 4.88 -17.70 -30.10
N LEU D 193 4.55 -17.64 -28.81
CA LEU D 193 3.65 -18.59 -28.15
C LEU D 193 2.28 -17.94 -28.02
N GLY D 194 1.33 -18.44 -28.81
CA GLY D 194 0.02 -17.83 -28.88
C GLY D 194 0.00 -16.89 -30.05
N THR D 195 -0.47 -17.39 -31.18
CA THR D 195 -0.51 -16.59 -32.41
C THR D 195 -1.96 -16.17 -32.65
N GLY D 196 -2.44 -15.33 -31.73
CA GLY D 196 -3.81 -14.83 -31.77
C GLY D 196 -3.90 -13.35 -31.95
N GLY D 197 -4.95 -12.73 -31.39
CA GLY D 197 -5.12 -11.28 -31.51
C GLY D 197 -3.87 -10.50 -31.13
N VAL D 198 -3.24 -10.90 -30.02
CA VAL D 198 -1.95 -10.31 -29.64
C VAL D 198 -0.85 -10.90 -30.51
N GLY D 199 -0.66 -12.22 -30.46
CA GLY D 199 0.50 -12.85 -31.05
C GLY D 199 0.66 -12.70 -32.56
N LEU D 200 -0.42 -12.40 -33.29
CA LEU D 200 -0.26 -12.23 -34.73
C LEU D 200 0.42 -10.91 -35.05
N ASN D 201 0.21 -9.88 -34.22
CA ASN D 201 0.92 -8.62 -34.38
C ASN D 201 2.30 -8.65 -33.72
N VAL D 202 2.57 -9.61 -32.82
CA VAL D 202 3.95 -9.92 -32.47
C VAL D 202 4.70 -10.50 -33.67
N ILE D 203 4.05 -11.41 -34.40
CA ILE D 203 4.67 -11.96 -35.61
C ILE D 203 4.87 -10.87 -36.63
N GLN D 204 3.85 -10.04 -36.82
CA GLN D 204 3.97 -8.90 -37.71
C GLN D 204 5.12 -7.97 -37.28
N GLY D 205 5.31 -7.80 -35.97
CA GLY D 205 6.36 -6.91 -35.48
C GLY D 205 7.76 -7.45 -35.69
N ALA D 206 7.92 -8.77 -35.60
CA ALA D 206 9.21 -9.41 -35.87
C ALA D 206 9.58 -9.30 -37.36
N ARG D 207 8.56 -9.42 -38.23
CA ARG D 207 8.67 -9.38 -39.69
C ARG D 207 9.12 -8.00 -40.13
N ILE D 208 8.57 -6.93 -39.54
CA ILE D 208 8.99 -5.54 -39.86
C ILE D 208 10.38 -5.19 -39.30
N SER D 209 10.72 -5.71 -38.13
CA SER D 209 11.99 -5.37 -37.52
C SER D 209 13.16 -6.14 -38.11
N GLY D 210 12.91 -7.15 -38.92
CA GLY D 210 13.97 -7.88 -39.58
C GLY D 210 14.38 -9.17 -38.93
N ALA D 211 13.58 -9.74 -38.04
CA ALA D 211 13.91 -11.05 -37.51
C ALA D 211 14.11 -12.04 -38.66
N ALA D 212 15.15 -12.85 -38.57
CA ALA D 212 15.47 -13.76 -39.66
C ALA D 212 14.69 -15.06 -39.61
N LYS D 213 14.20 -15.44 -38.43
CA LYS D 213 13.53 -16.72 -38.20
C LYS D 213 12.45 -16.52 -37.16
N ILE D 214 11.19 -16.79 -37.51
CA ILE D 214 10.06 -16.49 -36.62
C ILE D 214 9.23 -17.77 -36.47
N ILE D 215 9.39 -18.46 -35.33
CA ILE D 215 8.80 -19.77 -35.06
C ILE D 215 7.49 -19.60 -34.32
N ALA D 216 6.38 -19.92 -34.98
CA ALA D 216 5.04 -19.82 -34.39
C ALA D 216 4.62 -21.12 -33.70
N ILE D 217 4.12 -21.01 -32.47
CA ILE D 217 3.66 -22.16 -31.69
C ILE D 217 2.26 -21.86 -31.19
N ASP D 218 1.32 -22.76 -31.47
CA ASP D 218 -0.07 -22.55 -31.11
C ASP D 218 -0.77 -23.90 -31.13
N ILE D 219 -1.88 -24.00 -30.38
CA ILE D 219 -2.58 -25.28 -30.32
C ILE D 219 -3.50 -25.44 -31.52
N ASN D 220 -4.05 -24.36 -32.05
CA ASN D 220 -5.00 -24.42 -33.16
C ASN D 220 -4.27 -24.39 -34.49
N GLN D 221 -4.60 -25.36 -35.37
CA GLN D 221 -3.97 -25.40 -36.69
C GLN D 221 -4.37 -24.18 -37.53
N GLU D 222 -5.62 -23.72 -37.38
CA GLU D 222 -6.05 -22.52 -38.10
C GLU D 222 -5.19 -21.32 -37.72
N ARG D 223 -4.87 -21.20 -36.42
CA ARG D 223 -4.05 -20.08 -35.99
C ARG D 223 -2.65 -20.17 -36.60
N LEU D 224 -2.05 -21.36 -36.64
CA LEU D 224 -0.72 -21.50 -37.22
C LEU D 224 -0.69 -21.09 -38.70
N ASP D 225 -1.66 -21.58 -39.48
CA ASP D 225 -1.75 -21.20 -40.89
C ASP D 225 -1.84 -19.68 -41.04
N MET D 226 -2.68 -19.05 -40.23
CA MET D 226 -2.81 -17.61 -40.31
C MET D 226 -1.56 -16.91 -39.79
N ALA D 227 -0.74 -17.61 -38.98
CA ALA D 227 0.58 -17.11 -38.56
C ALA D 227 1.60 -17.08 -39.71
N LEU D 228 1.67 -18.17 -40.50
CA LEU D 228 2.48 -18.13 -41.72
C LEU D 228 2.06 -16.95 -42.60
N GLN D 229 0.77 -16.79 -42.84
CA GLN D 229 0.28 -15.70 -43.67
C GLN D 229 0.73 -14.33 -43.16
N PHE D 230 0.81 -14.17 -41.83
CA PHE D 230 1.15 -12.87 -41.26
C PHE D 230 2.64 -12.67 -41.02
N GLY D 231 3.49 -13.63 -41.39
CA GLY D 231 4.92 -13.34 -41.46
C GLY D 231 5.85 -14.44 -40.98
N ALA D 232 5.28 -15.49 -40.39
CA ALA D 232 6.10 -16.52 -39.76
C ALA D 232 6.90 -17.27 -40.82
N THR D 233 8.02 -17.85 -40.38
CA THR D 233 8.79 -18.72 -41.24
C THR D 233 8.70 -20.18 -40.85
N HIS D 234 8.52 -20.48 -39.56
CA HIS D 234 8.44 -21.85 -39.06
C HIS D 234 7.20 -22.00 -38.20
N THR D 235 6.70 -23.23 -38.11
CA THR D 235 5.58 -23.53 -37.22
C THR D 235 5.82 -24.85 -36.50
N ILE D 236 5.29 -24.93 -35.28
CA ILE D 236 5.25 -26.15 -34.50
C ILE D 236 3.86 -26.24 -33.90
N LEU D 237 3.25 -27.42 -33.97
CA LEU D 237 1.95 -27.66 -33.36
C LEU D 237 2.13 -28.09 -31.91
N ALA D 238 1.33 -27.54 -31.02
CA ALA D 238 1.56 -27.67 -29.58
C ALA D 238 0.45 -28.50 -28.93
N ASP D 239 0.81 -29.17 -27.84
CA ASP D 239 -0.16 -29.97 -27.09
C ASP D 239 -0.42 -29.35 -25.72
N LYS D 240 -1.71 -29.15 -25.41
CA LYS D 240 -2.13 -28.66 -24.10
C LYS D 240 -1.60 -29.52 -22.97
N ASN D 241 -1.38 -30.81 -23.22
CA ASN D 241 -0.82 -31.67 -22.17
C ASN D 241 0.65 -31.37 -21.93
N ASP D 242 1.30 -30.70 -22.87
CA ASP D 242 2.66 -30.23 -22.64
C ASP D 242 2.62 -29.13 -21.59
N ILE D 243 3.36 -29.31 -20.50
CA ILE D 243 3.42 -28.32 -19.42
C ILE D 243 4.64 -27.45 -19.63
N GLY D 244 4.44 -26.14 -19.58
CA GLY D 244 5.52 -25.23 -19.89
C GLY D 244 6.01 -25.32 -21.31
N LEU D 245 5.32 -26.07 -22.18
CA LEU D 245 5.72 -26.22 -23.59
C LEU D 245 7.17 -26.69 -23.66
N LEU D 246 7.51 -27.64 -22.79
CA LEU D 246 8.91 -28.04 -22.69
C LEU D 246 9.32 -28.93 -23.85
N LYS D 247 8.37 -29.66 -24.44
CA LYS D 247 8.69 -30.39 -25.66
C LYS D 247 8.75 -29.46 -26.86
N ALA D 248 7.83 -28.51 -26.95
CA ALA D 248 7.95 -27.46 -27.95
C ALA D 248 9.23 -26.65 -27.76
N SER D 249 9.72 -26.50 -26.52
CA SER D 249 10.99 -25.83 -26.34
C SER D 249 12.12 -26.64 -26.94
N GLU D 250 12.05 -27.97 -26.86
CA GLU D 250 13.20 -28.71 -27.35
C GLU D 250 13.14 -28.80 -28.87
N ASP D 251 11.94 -28.74 -29.45
CA ASP D 251 11.85 -28.52 -30.90
C ASP D 251 12.44 -27.17 -31.28
N VAL D 252 12.16 -26.13 -30.47
CA VAL D 252 12.74 -24.81 -30.72
C VAL D 252 14.26 -24.87 -30.72
N LYS D 253 14.84 -25.67 -29.82
CA LYS D 253 16.30 -25.77 -29.76
C LYS D 253 16.85 -26.44 -31.00
N LYS D 254 16.10 -27.37 -31.59
CA LYS D 254 16.57 -28.00 -32.83
C LYS D 254 16.62 -26.98 -33.96
N LEU D 255 15.62 -26.10 -34.05
CA LEU D 255 15.60 -25.09 -35.10
C LEU D 255 16.50 -23.89 -34.81
N THR D 256 17.14 -23.82 -33.62
CA THR D 256 17.96 -22.67 -33.26
C THR D 256 19.37 -23.08 -32.79
N ASN D 257 19.90 -24.17 -33.34
CA ASN D 257 21.32 -24.55 -33.26
C ASN D 257 21.72 -25.13 -31.90
N GLY D 258 20.79 -25.77 -31.20
CA GLY D 258 20.93 -25.93 -29.77
C GLY D 258 20.48 -24.63 -29.12
N ARG D 259 21.12 -24.26 -28.02
CA ARG D 259 20.91 -22.91 -27.52
C ARG D 259 19.42 -22.65 -27.32
N GLY D 260 18.91 -21.62 -27.99
CA GLY D 260 17.49 -21.36 -28.02
C GLY D 260 17.23 -20.23 -29.00
N ALA D 261 16.09 -19.59 -28.87
CA ALA D 261 15.85 -18.39 -29.67
C ALA D 261 16.40 -17.13 -28.97
N ASP D 262 16.84 -16.17 -29.78
CA ASP D 262 17.33 -14.90 -29.22
C ASP D 262 16.21 -14.10 -28.56
N TYR D 263 14.96 -14.33 -28.94
CA TYR D 263 13.81 -13.63 -28.38
C TYR D 263 12.64 -14.59 -28.32
N ALA D 264 11.76 -14.39 -27.35
CA ALA D 264 10.54 -15.19 -27.28
C ALA D 264 9.45 -14.36 -26.62
N PHE D 265 8.20 -14.78 -26.86
CA PHE D 265 7.06 -13.93 -26.56
C PHE D 265 5.88 -14.75 -26.08
N GLU D 266 5.37 -14.40 -24.92
CA GLU D 266 4.20 -15.02 -24.32
C GLU D 266 2.95 -14.21 -24.62
N CYS D 267 1.94 -14.88 -25.17
CA CYS D 267 0.67 -14.30 -25.57
C CYS D 267 -0.34 -15.41 -25.89
N THR D 268 -0.42 -16.36 -24.96
CA THR D 268 -1.33 -17.50 -25.00
C THR D 268 -2.59 -17.35 -24.15
N ALA D 269 -2.59 -16.42 -23.18
CA ALA D 269 -3.64 -16.21 -22.17
C ALA D 269 -3.66 -17.26 -21.06
N ILE D 270 -2.62 -18.08 -20.96
CA ILE D 270 -2.63 -19.19 -20.00
C ILE D 270 -1.66 -18.86 -18.87
N PRO D 271 -2.12 -18.76 -17.63
CA PRO D 271 -1.21 -18.40 -16.53
C PRO D 271 -0.17 -19.45 -16.24
N ALA D 272 -0.50 -20.74 -16.41
CA ALA D 272 0.48 -21.77 -16.19
C ALA D 272 1.62 -21.72 -17.20
N LEU D 273 1.47 -20.94 -18.28
CA LEU D 273 2.49 -20.80 -19.31
C LEU D 273 3.32 -19.52 -19.18
N GLY D 274 3.32 -18.90 -17.98
CA GLY D 274 3.95 -17.59 -17.84
C GLY D 274 5.45 -17.58 -18.04
N ALA D 275 6.14 -18.69 -17.74
CA ALA D 275 7.59 -18.75 -17.80
C ALA D 275 8.09 -19.42 -19.06
N ALA D 276 7.22 -19.73 -19.99
CA ALA D 276 7.58 -20.53 -21.15
C ALA D 276 8.55 -19.84 -22.11
N PRO D 277 8.41 -18.55 -22.39
CA PRO D 277 9.40 -17.91 -23.27
C PRO D 277 10.81 -18.15 -22.81
N LEU D 278 11.02 -18.20 -21.49
CA LEU D 278 12.37 -18.47 -20.97
C LEU D 278 12.87 -19.85 -21.38
N ALA D 279 11.97 -20.83 -21.48
CA ALA D 279 12.38 -22.12 -22.00
C ALA D 279 12.74 -22.04 -23.48
N MET D 280 12.22 -21.04 -24.20
CA MET D 280 12.41 -20.92 -25.64
C MET D 280 13.72 -20.22 -26.03
N ILE D 281 14.49 -19.76 -25.05
CA ILE D 281 15.49 -18.73 -25.25
C ILE D 281 16.88 -19.17 -24.84
N ARG D 282 17.86 -18.77 -25.63
CA ARG D 282 19.26 -18.95 -25.28
C ARG D 282 19.60 -18.12 -24.05
N ASN D 283 20.66 -18.50 -23.36
CA ASN D 283 21.19 -17.65 -22.30
C ASN D 283 21.52 -16.30 -22.87
N ALA D 284 21.06 -15.24 -22.19
CA ALA D 284 21.20 -13.84 -22.58
C ALA D 284 20.28 -13.46 -23.75
N GLY D 285 19.15 -14.17 -23.90
CA GLY D 285 18.08 -13.73 -24.76
C GLY D 285 17.04 -12.99 -23.92
N THR D 286 16.00 -12.50 -24.58
CA THR D 286 15.04 -11.66 -23.88
C THR D 286 13.66 -12.29 -24.02
N ALA D 287 12.97 -12.46 -22.89
CA ALA D 287 11.67 -13.13 -22.81
C ALA D 287 10.60 -12.10 -22.48
N VAL D 288 9.57 -12.00 -23.31
CA VAL D 288 8.55 -10.97 -23.17
C VAL D 288 7.20 -11.63 -22.98
N GLN D 289 6.61 -11.37 -21.84
CA GLN D 289 5.34 -11.97 -21.42
C GLN D 289 4.28 -10.90 -21.66
N VAL D 290 3.56 -11.01 -22.78
CA VAL D 290 2.64 -9.92 -23.13
C VAL D 290 1.30 -10.07 -22.44
N SER D 291 0.99 -11.25 -21.88
CA SER D 291 -0.37 -11.58 -21.50
C SER D 291 -0.83 -10.82 -20.27
N GLY D 292 0.02 -10.76 -19.24
CA GLY D 292 -0.39 -10.28 -17.92
C GLY D 292 -1.13 -11.37 -17.14
N ILE D 293 -0.55 -11.83 -16.02
CA ILE D 293 -1.08 -12.90 -15.19
C ILE D 293 -1.34 -12.38 -13.79
N GLU D 294 -2.59 -12.42 -13.34
CA GLU D 294 -2.90 -11.95 -11.99
C GLU D 294 -3.11 -13.12 -11.03
N GLU D 295 -2.34 -14.18 -11.23
CA GLU D 295 -2.41 -15.37 -10.41
C GLU D 295 -0.99 -15.72 -9.97
N GLU D 296 -0.92 -16.62 -9.01
CA GLU D 296 0.34 -17.14 -8.52
C GLU D 296 0.59 -18.47 -9.21
N ILE D 297 1.78 -18.64 -9.81
CA ILE D 297 2.12 -19.90 -10.46
C ILE D 297 3.43 -20.40 -9.86
N THR D 298 3.77 -21.63 -10.20
CA THR D 298 5.09 -22.15 -9.87
C THR D 298 6.00 -21.98 -11.07
N ILE D 299 7.22 -21.55 -10.83
CA ILE D 299 8.21 -21.39 -11.88
C ILE D 299 9.45 -22.16 -11.49
N ASP D 300 9.93 -23.00 -12.38
CA ASP D 300 11.25 -23.58 -12.20
C ASP D 300 12.28 -22.47 -12.41
N MET D 301 13.05 -22.16 -11.38
CA MET D 301 13.88 -20.96 -11.41
C MET D 301 15.16 -21.14 -12.22
N ARG D 302 15.59 -22.39 -12.47
CA ARG D 302 16.66 -22.58 -13.45
C ARG D 302 16.32 -21.95 -14.79
N LEU D 303 15.03 -21.77 -15.08
CA LEU D 303 14.65 -21.26 -16.39
C LEU D 303 14.96 -19.77 -16.53
N PHE D 304 14.95 -19.04 -15.42
CA PHE D 304 15.46 -17.67 -15.47
C PHE D 304 16.95 -17.63 -15.62
N GLU D 305 17.63 -18.71 -15.27
CA GLU D 305 19.07 -18.66 -15.07
C GLU D 305 19.75 -18.23 -16.35
N TRP D 306 20.53 -17.12 -16.22
CA TRP D 306 21.69 -16.90 -17.05
C TRP D 306 21.32 -15.88 -18.13
N ASP D 307 21.06 -14.66 -17.65
CA ASP D 307 21.14 -13.41 -18.39
C ASP D 307 19.92 -13.19 -19.27
N LYS D 308 18.85 -13.92 -18.99
CA LYS D 308 17.61 -13.82 -19.75
C LYS D 308 16.80 -12.67 -19.18
N ILE D 309 16.45 -11.74 -20.05
CA ILE D 309 15.65 -10.58 -19.68
C ILE D 309 14.19 -11.02 -19.70
N TYR D 310 13.50 -10.87 -18.58
CA TYR D 310 12.12 -11.28 -18.49
C TYR D 310 11.30 -10.05 -18.14
N ILE D 311 10.32 -9.73 -18.99
CA ILE D 311 9.59 -8.49 -18.88
C ILE D 311 8.16 -8.70 -19.34
N ASN D 312 7.21 -8.20 -18.55
CA ASN D 312 5.80 -8.18 -18.93
C ASN D 312 5.36 -6.73 -19.10
N PRO D 313 5.23 -6.25 -20.33
CA PRO D 313 5.02 -4.83 -20.57
C PRO D 313 3.56 -4.51 -20.86
N LEU D 314 3.15 -3.26 -20.71
CA LEU D 314 1.74 -2.94 -20.90
C LEU D 314 1.60 -2.24 -22.23
N TYR D 315 0.71 -2.76 -23.08
CA TYR D 315 0.23 -2.03 -24.26
C TYR D 315 1.37 -1.69 -25.22
N GLY D 316 2.45 -2.47 -25.16
CA GLY D 316 3.62 -2.28 -26.00
C GLY D 316 4.41 -1.00 -25.81
N LYS D 317 4.47 -0.44 -24.60
CA LYS D 317 5.14 0.85 -24.33
C LYS D 317 4.47 2.00 -25.10
N CYS D 318 3.14 2.05 -25.07
CA CYS D 318 2.42 2.93 -26.00
C CYS D 318 2.67 4.39 -25.69
N ARG D 319 3.13 5.14 -26.70
CA ARG D 319 3.04 6.60 -26.69
C ARG D 319 2.14 6.94 -27.86
N PRO D 320 0.83 6.97 -27.64
CA PRO D 320 -0.13 6.91 -28.77
C PRO D 320 0.10 7.94 -29.86
N GLN D 321 0.26 9.23 -29.51
CA GLN D 321 0.52 10.25 -30.51
C GLN D 321 1.78 9.98 -31.32
N VAL D 322 2.69 9.17 -30.80
CA VAL D 322 3.91 8.83 -31.50
C VAL D 322 3.76 7.51 -32.24
N ASP D 323 3.37 6.45 -31.52
CA ASP D 323 3.34 5.11 -32.08
C ASP D 323 2.24 4.95 -33.14
N PHE D 324 1.02 5.43 -32.86
CA PHE D 324 -0.07 5.19 -33.80
C PHE D 324 0.25 5.73 -35.20
N PRO D 325 0.73 6.98 -35.37
CA PRO D 325 1.10 7.44 -36.72
C PRO D 325 2.12 6.56 -37.41
N LYS D 326 3.07 6.03 -36.64
CA LYS D 326 4.04 5.14 -37.26
C LYS D 326 3.37 3.87 -37.76
N LEU D 327 2.42 3.32 -36.98
CA LEU D 327 1.73 2.12 -37.42
C LEU D 327 0.93 2.39 -38.70
N VAL D 328 0.25 3.54 -38.75
CA VAL D 328 -0.46 3.91 -39.98
C VAL D 328 0.49 3.99 -41.16
N SER D 329 1.75 4.36 -40.91
CA SER D 329 2.68 4.55 -42.01
C SER D 329 3.14 3.20 -42.58
N LEU D 330 3.36 2.20 -41.71
CA LEU D 330 3.75 0.85 -42.16
C LEU D 330 2.63 0.16 -42.93
N TYR D 331 1.38 0.37 -42.52
CA TYR D 331 0.22 -0.09 -43.28
C TYR D 331 0.20 0.55 -44.65
N GLU D 332 0.39 1.86 -44.71
CA GLU D 332 0.43 2.52 -46.00
C GLU D 332 1.54 1.97 -46.87
N LYS D 333 2.61 1.49 -46.24
CA LYS D 333 3.73 0.92 -46.95
C LYS D 333 3.49 -0.52 -47.39
N GLY D 334 2.43 -1.16 -46.88
CA GLY D 334 2.16 -2.55 -47.16
C GLY D 334 2.76 -3.51 -46.17
N ASP D 335 3.74 -3.11 -45.37
CA ASP D 335 4.40 -4.07 -44.50
C ASP D 335 3.50 -4.51 -43.35
N LEU D 336 2.67 -3.62 -42.86
CA LEU D 336 1.78 -3.92 -41.74
C LEU D 336 0.40 -4.27 -42.29
N MET D 337 -0.15 -5.38 -41.83
CA MET D 337 -1.38 -5.93 -42.36
C MET D 337 -2.46 -5.78 -41.30
N LEU D 338 -3.41 -4.89 -41.53
CA LEU D 338 -4.54 -4.79 -40.62
C LEU D 338 -5.82 -5.36 -41.20
N ASP D 339 -6.03 -5.25 -42.51
CA ASP D 339 -7.29 -5.67 -43.11
C ASP D 339 -7.54 -7.17 -42.90
N GLU D 340 -6.53 -8.00 -43.21
CA GLU D 340 -6.67 -9.46 -43.18
C GLU D 340 -6.84 -10.00 -41.78
N MET D 341 -6.66 -9.16 -40.77
CA MET D 341 -6.74 -9.51 -39.37
C MET D 341 -8.18 -9.49 -38.84
N ILE D 342 -9.12 -8.89 -39.59
CA ILE D 342 -10.50 -8.73 -39.17
C ILE D 342 -11.29 -9.92 -39.70
N THR D 343 -11.59 -10.89 -38.83
CA THR D 343 -12.31 -12.05 -39.33
C THR D 343 -13.71 -11.67 -39.77
N ARG D 344 -14.47 -10.97 -38.92
CA ARG D 344 -15.80 -10.66 -39.40
C ARG D 344 -16.36 -9.48 -38.61
N THR D 345 -17.19 -8.69 -39.30
CA THR D 345 -17.89 -7.51 -38.79
C THR D 345 -19.28 -7.89 -38.32
N TYR D 346 -19.75 -7.22 -37.26
CA TYR D 346 -21.00 -7.58 -36.64
C TYR D 346 -21.76 -6.32 -36.23
N PRO D 347 -23.09 -6.35 -36.30
CA PRO D 347 -23.88 -5.24 -35.74
C PRO D 347 -23.81 -5.24 -34.22
N LEU D 348 -23.89 -4.03 -33.64
CA LEU D 348 -23.89 -3.91 -32.19
C LEU D 348 -24.99 -4.76 -31.58
N GLU D 349 -26.14 -4.83 -32.25
CA GLU D 349 -27.24 -5.63 -31.75
C GLU D 349 -26.95 -7.12 -31.82
N ASN D 350 -26.04 -7.54 -32.71
CA ASN D 350 -25.53 -8.91 -32.73
C ASN D 350 -24.19 -9.03 -32.03
N LEU D 351 -24.05 -8.40 -30.85
CA LEU D 351 -22.77 -8.46 -30.13
C LEU D 351 -22.55 -9.82 -29.52
N GLN D 352 -23.63 -10.50 -29.08
CA GLN D 352 -23.48 -11.81 -28.46
C GLN D 352 -22.90 -12.79 -29.46
N GLN D 353 -23.34 -12.75 -30.73
CA GLN D 353 -22.69 -13.42 -31.85
C GLN D 353 -21.19 -13.38 -31.63
N ALA D 354 -20.69 -12.15 -31.54
CA ALA D 354 -19.25 -11.89 -31.52
C ALA D 354 -18.56 -12.61 -30.37
N PHE D 355 -19.10 -12.48 -29.16
CA PHE D 355 -18.54 -13.17 -28.00
C PHE D 355 -18.48 -14.69 -28.31
N ASP D 356 -19.59 -15.41 -28.09
CA ASP D 356 -19.97 -16.62 -28.86
C ASP D 356 -18.94 -17.08 -29.88
N ASP D 357 -18.67 -16.33 -30.96
CA ASP D 357 -17.65 -16.69 -31.97
C ASP D 357 -16.20 -16.47 -31.50
N MET D 358 -16.02 -15.57 -30.54
CA MET D 358 -14.72 -15.42 -29.89
C MET D 358 -14.51 -16.55 -28.90
N LEU D 359 -15.56 -16.87 -28.11
CA LEU D 359 -15.51 -18.00 -27.19
C LEU D 359 -15.17 -19.29 -27.94
N THR D 360 -15.79 -19.51 -29.11
CA THR D 360 -15.55 -20.73 -29.88
C THR D 360 -14.12 -20.79 -30.43
N GLY D 361 -13.52 -19.65 -30.76
CA GLY D 361 -12.27 -19.66 -31.46
C GLY D 361 -12.43 -19.60 -32.97
N LYS D 362 -13.63 -19.27 -33.45
CA LYS D 362 -13.83 -19.06 -34.88
C LYS D 362 -13.13 -17.78 -35.35
N ASN D 363 -13.21 -16.73 -34.56
CA ASN D 363 -12.90 -15.37 -34.97
C ASN D 363 -11.65 -14.97 -34.19
N ALA D 364 -10.60 -14.56 -34.91
CA ALA D 364 -9.42 -14.03 -34.23
C ALA D 364 -9.70 -12.66 -33.64
N LYS D 365 -10.40 -11.81 -34.39
CA LYS D 365 -10.78 -10.48 -33.95
C LYS D 365 -12.19 -10.17 -34.48
N GLY D 366 -12.96 -9.44 -33.69
CA GLY D 366 -14.27 -8.98 -34.10
C GLY D 366 -14.39 -7.47 -33.97
N VAL D 367 -14.96 -6.84 -35.01
CA VAL D 367 -15.20 -5.41 -35.01
C VAL D 367 -16.68 -5.12 -35.17
N ILE D 368 -17.22 -4.27 -34.30
CA ILE D 368 -18.57 -3.77 -34.36
C ILE D 368 -18.53 -2.42 -35.06
N ILE D 369 -19.32 -2.26 -36.12
CA ILE D 369 -19.29 -1.08 -36.97
C ILE D 369 -20.62 -0.37 -36.86
N PHE D 370 -20.58 0.95 -36.72
CA PHE D 370 -21.78 1.77 -36.72
C PHE D 370 -21.80 2.63 -37.97
N ILE E 3 -38.03 -48.21 28.53
CA ILE E 3 -38.15 -48.12 27.08
C ILE E 3 -36.78 -48.33 26.46
N ILE E 4 -36.77 -48.94 25.28
CA ILE E 4 -35.54 -49.20 24.56
C ILE E 4 -35.43 -48.18 23.43
N SER E 5 -34.23 -47.66 23.23
CA SER E 5 -33.96 -46.80 22.08
C SER E 5 -32.73 -47.31 21.36
N LYS E 6 -32.83 -47.41 20.03
CA LYS E 6 -31.66 -47.51 19.19
C LYS E 6 -30.93 -46.16 19.16
N CYS E 7 -29.61 -46.21 19.22
CA CYS E 7 -28.85 -45.00 19.45
C CYS E 7 -27.44 -45.23 18.96
N ALA E 8 -26.74 -44.12 18.71
CA ALA E 8 -25.30 -44.14 18.44
C ALA E 8 -24.54 -43.98 19.74
N ILE E 9 -23.60 -44.89 19.99
CA ILE E 9 -22.84 -44.97 21.22
C ILE E 9 -21.36 -44.90 20.84
N ALA E 10 -20.66 -43.90 21.34
CA ALA E 10 -19.24 -43.78 21.07
C ALA E 10 -18.46 -44.58 22.09
N LYS E 11 -17.29 -45.02 21.65
CA LYS E 11 -16.36 -45.77 22.48
C LYS E 11 -15.00 -45.11 22.44
N GLY E 12 -14.21 -45.42 23.49
CA GLY E 12 -12.85 -44.87 23.62
C GLY E 12 -11.95 -45.08 22.41
N ASP E 13 -11.87 -46.31 21.88
CA ASP E 13 -11.19 -46.50 20.59
C ASP E 13 -11.18 -45.34 19.59
N GLY E 14 -12.18 -44.47 19.60
CA GLY E 14 -12.43 -43.66 18.44
C GLY E 14 -13.37 -44.31 17.45
N THR E 15 -14.25 -45.19 17.92
CA THR E 15 -15.10 -45.94 17.01
C THR E 15 -16.51 -45.91 17.60
N PHE E 16 -17.52 -46.07 16.75
CA PHE E 16 -18.88 -46.00 17.22
C PHE E 16 -19.65 -47.23 16.74
N SER E 17 -20.79 -47.47 17.39
CA SER E 17 -21.66 -48.61 17.09
C SER E 17 -23.10 -48.19 17.31
N ILE E 18 -23.97 -48.59 16.39
CA ILE E 18 -25.41 -48.53 16.61
C ILE E 18 -25.79 -49.61 17.62
N GLU E 19 -26.35 -49.20 18.76
CA GLU E 19 -26.72 -50.11 19.82
C GLU E 19 -28.07 -49.69 20.40
N THR E 20 -28.57 -50.47 21.35
CA THR E 20 -29.81 -50.14 22.02
C THR E 20 -29.54 -49.93 23.49
N VAL E 21 -30.39 -49.10 24.08
CA VAL E 21 -30.22 -48.54 25.41
C VAL E 21 -31.55 -48.52 26.12
N GLN E 22 -31.51 -48.86 27.40
CA GLN E 22 -32.69 -48.77 28.26
C GLN E 22 -32.81 -47.35 28.79
N VAL E 23 -33.99 -46.76 28.61
CA VAL E 23 -34.23 -45.36 28.91
C VAL E 23 -35.36 -45.28 29.92
N GLU E 24 -35.03 -44.87 31.14
CA GLU E 24 -36.01 -44.87 32.21
C GLU E 24 -36.99 -43.72 32.06
N SER E 25 -38.07 -43.78 32.86
CA SER E 25 -39.09 -42.74 32.87
C SER E 25 -38.53 -41.45 33.46
N PRO E 26 -39.18 -40.31 33.21
CA PRO E 26 -38.71 -39.04 33.80
C PRO E 26 -38.90 -39.02 35.31
N LYS E 27 -37.92 -38.49 36.05
CA LYS E 27 -38.23 -38.06 37.41
C LYS E 27 -38.81 -36.64 37.37
N ALA E 28 -38.82 -35.93 38.50
CA ALA E 28 -39.66 -34.75 38.63
C ALA E 28 -39.18 -33.60 37.77
N ASP E 29 -37.88 -33.51 37.50
CA ASP E 29 -37.34 -32.38 36.76
C ASP E 29 -36.93 -32.78 35.35
N GLU E 30 -37.54 -33.81 34.80
CA GLU E 30 -37.01 -34.39 33.58
C GLU E 30 -38.09 -34.46 32.52
N VAL E 31 -37.64 -34.60 31.28
CA VAL E 31 -38.51 -34.71 30.13
C VAL E 31 -38.00 -35.88 29.31
N LEU E 32 -38.89 -36.75 28.88
CA LEU E 32 -38.56 -37.80 27.93
C LEU E 32 -38.98 -37.31 26.56
N VAL E 33 -38.07 -37.42 25.60
CA VAL E 33 -38.22 -36.78 24.31
C VAL E 33 -38.04 -37.83 23.24
N LYS E 34 -39.04 -37.97 22.37
CA LYS E 34 -38.89 -38.71 21.14
C LYS E 34 -38.13 -37.83 20.17
N VAL E 35 -36.99 -38.31 19.68
CA VAL E 35 -36.12 -37.53 18.80
C VAL E 35 -36.61 -37.69 17.37
N LYS E 36 -37.06 -36.59 16.74
CA LYS E 36 -37.46 -36.70 15.35
C LYS E 36 -36.31 -36.42 14.39
N ALA E 37 -35.29 -35.70 14.84
CA ALA E 37 -34.13 -35.43 13.99
C ALA E 37 -32.98 -35.05 14.90
N ALA E 38 -31.77 -35.40 14.48
CA ALA E 38 -30.55 -35.04 15.17
C ALA E 38 -29.54 -34.59 14.14
N GLY E 39 -28.96 -33.39 14.35
CA GLY E 39 -27.90 -32.92 13.50
C GLY E 39 -26.55 -33.44 13.93
N LEU E 40 -25.60 -33.39 13.00
CA LEU E 40 -24.21 -33.80 13.24
C LEU E 40 -23.31 -32.57 13.18
N CYS E 41 -22.43 -32.45 14.17
CA CYS E 41 -21.51 -31.32 14.34
C CYS E 41 -20.09 -31.86 14.37
N HIS E 42 -19.11 -31.05 13.93
CA HIS E 42 -17.74 -31.57 13.88
C HIS E 42 -17.26 -32.05 15.25
N THR E 43 -17.77 -31.46 16.33
CA THR E 43 -17.41 -31.88 17.68
C THR E 43 -17.86 -33.33 17.95
N ASP E 44 -18.94 -33.78 17.29
CA ASP E 44 -19.38 -35.16 17.41
C ASP E 44 -18.31 -36.14 16.96
N HIS E 45 -17.67 -35.84 15.84
CA HIS E 45 -16.47 -36.58 15.44
C HIS E 45 -15.39 -36.50 16.52
N ASP E 46 -15.18 -35.32 17.11
CA ASP E 46 -14.19 -35.22 18.17
C ASP E 46 -14.58 -36.09 19.37
N SER E 47 -15.87 -36.23 19.65
CA SER E 47 -16.31 -37.04 20.77
C SER E 47 -15.96 -38.51 20.60
N LEU E 48 -15.70 -38.94 19.37
CA LEU E 48 -15.23 -40.32 19.14
C LEU E 48 -13.94 -40.59 19.91
N ASN E 49 -13.07 -39.58 20.02
CA ASN E 49 -11.74 -39.77 20.58
C ASN E 49 -11.64 -39.32 22.03
N TRP E 50 -12.77 -39.24 22.75
CA TRP E 50 -12.69 -39.11 24.19
C TRP E 50 -12.55 -40.51 24.81
N GLY E 51 -12.24 -40.54 26.11
CA GLY E 51 -11.90 -41.77 26.77
C GLY E 51 -13.05 -42.47 27.49
N LYS E 52 -14.27 -41.93 27.39
CA LYS E 52 -15.44 -42.44 28.07
C LYS E 52 -16.47 -42.95 27.05
N PRO E 53 -17.30 -43.94 27.41
CA PRO E 53 -18.40 -44.31 26.52
C PRO E 53 -19.58 -43.36 26.70
N ILE E 54 -20.16 -42.96 25.56
CA ILE E 54 -21.09 -41.83 25.49
C ILE E 54 -22.20 -42.13 24.48
N VAL E 55 -23.42 -41.65 24.78
CA VAL E 55 -24.47 -41.64 23.78
C VAL E 55 -24.34 -40.35 23.00
N MET E 56 -24.02 -40.49 21.72
CA MET E 56 -23.59 -39.37 20.89
C MET E 56 -24.73 -38.39 20.59
N GLY E 57 -24.35 -37.18 20.21
CA GLY E 57 -25.36 -36.25 19.70
C GLY E 57 -25.59 -35.04 20.59
N HIS E 58 -25.56 -33.86 19.97
CA HIS E 58 -25.89 -32.64 20.70
C HIS E 58 -26.72 -31.67 19.88
N GLU E 59 -27.14 -32.04 18.68
CA GLU E 59 -28.18 -31.33 17.94
C GLU E 59 -29.39 -32.26 17.86
N GLY E 60 -30.55 -31.78 18.28
CA GLY E 60 -31.72 -32.63 18.29
C GLY E 60 -33.01 -31.83 18.41
N ALA E 61 -34.09 -32.40 17.85
CA ALA E 61 -35.41 -31.80 17.88
C ALA E 61 -36.45 -32.90 17.88
N GLY E 62 -37.48 -32.74 18.70
CA GLY E 62 -38.49 -33.77 18.80
C GLY E 62 -39.73 -33.26 19.49
N PHE E 63 -40.48 -34.22 20.02
CA PHE E 63 -41.73 -33.95 20.74
C PHE E 63 -41.61 -34.52 22.14
N VAL E 64 -42.23 -33.85 23.11
CA VAL E 64 -42.28 -34.39 24.45
C VAL E 64 -43.12 -35.67 24.45
N GLU E 65 -42.60 -36.72 25.06
CA GLU E 65 -43.41 -37.92 25.23
C GLU E 65 -43.85 -38.13 26.68
N GLN E 66 -42.95 -38.00 27.65
CA GLN E 66 -43.33 -37.83 29.05
C GLN E 66 -42.59 -36.63 29.65
N VAL E 67 -43.09 -36.21 30.81
CA VAL E 67 -42.62 -35.03 31.50
C VAL E 67 -42.77 -35.31 32.99
N GLY E 68 -41.82 -34.80 33.79
CA GLY E 68 -41.79 -35.13 35.21
C GLY E 68 -42.97 -34.54 35.94
N SER E 69 -42.99 -34.79 37.26
CA SER E 69 -44.07 -34.23 38.08
C SER E 69 -43.89 -32.74 38.31
N ALA E 70 -42.65 -32.26 38.32
CA ALA E 70 -42.34 -30.88 38.66
C ALA E 70 -42.15 -29.97 37.45
N VAL E 71 -42.38 -30.47 36.24
CA VAL E 71 -42.25 -29.67 35.01
C VAL E 71 -43.63 -29.20 34.59
N THR E 72 -43.84 -27.89 34.56
CA THR E 72 -45.18 -27.36 34.30
C THR E 72 -45.32 -26.53 33.05
N ASN E 73 -44.25 -26.00 32.50
CA ASN E 73 -44.42 -25.10 31.38
C ASN E 73 -44.50 -25.83 30.05
N LEU E 74 -44.51 -27.15 30.08
CA LEU E 74 -44.37 -27.87 28.81
C LEU E 74 -44.98 -29.26 28.90
N ASN E 75 -46.01 -29.51 28.07
CA ASN E 75 -46.86 -30.69 28.10
C ASN E 75 -46.45 -31.74 27.07
N VAL E 76 -47.07 -32.91 27.21
CA VAL E 76 -46.81 -34.04 26.31
C VAL E 76 -47.21 -33.66 24.88
N GLY E 77 -46.39 -34.10 23.91
CA GLY E 77 -46.62 -33.80 22.52
C GLY E 77 -46.16 -32.43 22.08
N ASP E 78 -45.52 -31.68 22.95
CA ASP E 78 -45.14 -30.34 22.54
C ASP E 78 -43.79 -30.35 21.86
N TYR E 79 -43.60 -29.36 20.98
CA TYR E 79 -42.46 -29.35 20.11
C TYR E 79 -41.30 -28.58 20.71
N VAL E 80 -40.21 -29.32 20.91
CA VAL E 80 -39.08 -28.97 21.75
C VAL E 80 -37.81 -29.06 20.93
N ILE E 81 -37.05 -27.98 20.92
CA ILE E 81 -35.66 -28.06 20.49
C ILE E 81 -34.81 -28.29 21.73
N LEU E 82 -33.80 -29.15 21.58
CA LEU E 82 -32.87 -29.46 22.66
C LEU E 82 -31.68 -28.48 22.65
N ASN E 83 -31.14 -28.23 23.85
CA ASN E 83 -30.00 -27.34 24.03
C ASN E 83 -29.06 -27.93 25.07
N TRP E 84 -27.75 -27.70 24.90
CA TRP E 84 -26.76 -28.28 25.80
C TRP E 84 -26.24 -27.30 26.84
N ALA E 85 -26.88 -26.14 27.02
CA ALA E 85 -26.43 -25.24 28.09
C ALA E 85 -26.97 -25.67 29.43
N THR E 86 -28.16 -26.29 29.46
CA THR E 86 -28.84 -26.81 30.64
C THR E 86 -28.62 -25.88 31.83
N PRO E 87 -28.94 -24.59 31.71
CA PRO E 87 -28.52 -23.63 32.73
C PRO E 87 -29.29 -23.79 34.04
N CYS E 88 -28.57 -23.55 35.15
CA CYS E 88 -29.13 -23.64 36.48
C CYS E 88 -29.90 -22.37 36.87
N MET E 89 -29.65 -21.26 36.17
CA MET E 89 -30.32 -19.94 36.27
C MET E 89 -30.07 -19.22 37.58
N THR E 90 -29.21 -19.75 38.45
CA THR E 90 -28.99 -19.11 39.74
C THR E 90 -27.52 -18.87 40.08
N CYS E 91 -26.58 -19.44 39.34
CA CYS E 91 -25.18 -19.35 39.72
C CYS E 91 -24.57 -18.00 39.26
N PHE E 92 -23.31 -17.81 39.63
CA PHE E 92 -22.58 -16.61 39.28
C PHE E 92 -22.67 -16.34 37.80
N GLN E 93 -22.43 -17.36 36.99
CA GLN E 93 -22.37 -17.12 35.56
C GLN E 93 -23.75 -16.89 34.99
N CYS E 94 -24.72 -17.67 35.46
CA CYS E 94 -26.10 -17.48 35.05
C CYS E 94 -26.61 -16.10 35.47
N GLN E 95 -26.24 -15.65 36.66
CA GLN E 95 -26.74 -14.32 37.06
C GLN E 95 -26.05 -13.18 36.30
N GLU E 96 -25.03 -13.48 35.50
CA GLU E 96 -24.45 -12.51 34.58
C GLU E 96 -25.03 -12.63 33.18
N GLY E 97 -26.06 -13.48 33.00
CA GLY E 97 -26.56 -13.81 31.69
C GLY E 97 -25.73 -14.84 30.94
N ASN E 98 -24.65 -15.36 31.56
CA ASN E 98 -23.82 -16.36 30.90
C ASN E 98 -24.34 -17.75 31.24
N GLN E 99 -25.53 -18.05 30.70
CA GLN E 99 -26.11 -19.38 30.85
C GLN E 99 -25.28 -20.44 30.12
N HIS E 100 -24.63 -20.06 29.02
CA HIS E 100 -23.81 -20.93 28.20
C HIS E 100 -22.52 -21.34 28.88
N ILE E 101 -22.24 -20.84 30.08
CA ILE E 101 -21.07 -21.28 30.82
C ILE E 101 -21.46 -21.43 32.29
N CYS E 102 -22.64 -22.02 32.50
CA CYS E 102 -23.14 -22.29 33.84
C CYS E 102 -22.14 -23.12 34.65
N GLU E 103 -21.71 -22.61 35.80
CA GLU E 103 -20.68 -23.32 36.57
C GLU E 103 -21.22 -24.53 37.32
N SER E 104 -22.50 -24.81 37.22
CA SER E 104 -23.11 -25.89 37.95
C SER E 104 -23.64 -27.00 37.07
N ASN E 105 -24.15 -26.68 35.88
CA ASN E 105 -24.93 -27.63 35.10
C ASN E 105 -24.36 -27.85 33.70
N SER E 106 -23.33 -27.15 33.34
CA SER E 106 -22.83 -27.16 31.99
C SER E 106 -22.05 -28.45 31.73
N PRO E 107 -22.21 -29.06 30.54
CA PRO E 107 -21.36 -30.21 30.21
C PRO E 107 -19.90 -29.83 29.95
N VAL E 108 -19.61 -28.57 29.69
CA VAL E 108 -18.26 -28.08 29.44
C VAL E 108 -17.65 -27.46 30.70
N THR E 109 -18.39 -26.59 31.38
CA THR E 109 -17.83 -25.72 32.42
C THR E 109 -17.90 -26.32 33.81
N ALA E 110 -18.70 -27.36 34.04
CA ALA E 110 -18.95 -27.85 35.40
C ALA E 110 -18.07 -29.04 35.76
N GLY E 111 -18.14 -30.13 34.98
CA GLY E 111 -17.24 -31.27 35.13
C GLY E 111 -17.67 -32.35 36.12
N THR E 116 -23.53 -35.25 36.40
CA THR E 116 -23.65 -33.79 36.56
C THR E 116 -25.09 -33.30 36.48
N PRO E 117 -25.48 -32.35 37.34
CA PRO E 117 -26.78 -31.70 37.15
C PRO E 117 -26.80 -31.07 35.77
N GLY E 118 -27.99 -30.91 35.23
CA GLY E 118 -28.14 -30.65 33.82
C GLY E 118 -28.14 -31.90 32.97
N HIS E 119 -27.60 -32.99 33.49
CA HIS E 119 -27.78 -34.32 32.95
C HIS E 119 -28.85 -35.02 33.78
N ALA E 120 -29.73 -35.77 33.13
CA ALA E 120 -30.74 -36.52 33.85
C ALA E 120 -30.06 -37.55 34.74
N HIS E 121 -30.82 -38.12 35.68
CA HIS E 121 -30.28 -39.10 36.62
C HIS E 121 -29.63 -40.26 35.86
N LEU E 122 -28.40 -40.62 36.28
CA LEU E 122 -27.55 -41.48 35.45
C LEU E 122 -28.18 -42.85 35.16
N GLU E 123 -28.90 -43.42 36.12
CA GLU E 123 -29.68 -44.63 35.88
C GLU E 123 -30.72 -44.50 34.78
N GLY E 124 -31.01 -43.30 34.27
CA GLY E 124 -32.02 -43.16 33.24
C GLY E 124 -31.65 -43.71 31.88
N THR E 125 -30.37 -44.00 31.67
CA THR E 125 -29.92 -44.53 30.39
C THR E 125 -28.79 -45.53 30.62
N THR E 126 -29.01 -46.79 30.21
CA THR E 126 -28.04 -47.84 30.46
C THR E 126 -27.68 -48.54 29.16
N TRP E 127 -26.38 -48.63 28.88
CA TRP E 127 -25.86 -49.52 27.85
C TRP E 127 -25.44 -50.82 28.49
N ASN E 128 -25.89 -51.93 27.94
CA ASN E 128 -25.90 -53.18 28.70
C ASN E 128 -26.64 -52.82 29.99
N ASP E 129 -26.14 -53.18 31.16
CA ASP E 129 -26.78 -52.68 32.37
C ASP E 129 -25.93 -51.68 33.09
N THR E 130 -24.89 -51.14 32.45
CA THR E 130 -24.10 -50.06 33.02
C THR E 130 -24.55 -48.73 32.47
N PRO E 131 -25.07 -47.85 33.30
CA PRO E 131 -25.49 -46.51 32.82
C PRO E 131 -24.33 -45.78 32.13
N ILE E 132 -24.65 -45.03 31.07
CA ILE E 132 -23.64 -44.22 30.39
C ILE E 132 -24.18 -42.81 30.13
N GLU E 133 -23.26 -41.95 29.73
CA GLU E 133 -23.46 -40.51 29.70
C GLU E 133 -24.08 -40.03 28.39
N ARG E 134 -24.91 -39.00 28.49
CA ARG E 134 -25.44 -38.25 27.34
C ARG E 134 -24.49 -37.10 26.97
N SER E 135 -23.89 -37.19 25.79
CA SER E 135 -23.02 -36.12 25.29
C SER E 135 -23.71 -34.77 25.41
N PHE E 136 -23.00 -33.80 25.98
CA PHE E 136 -23.50 -32.45 26.19
C PHE E 136 -24.85 -32.49 26.90
N ASN E 137 -25.01 -33.52 27.74
CA ASN E 137 -26.18 -33.79 28.58
C ASN E 137 -27.44 -34.18 27.81
N ILE E 138 -27.36 -34.46 26.50
CA ILE E 138 -28.60 -34.58 25.75
C ILE E 138 -28.64 -35.79 24.80
N GLY E 139 -27.47 -36.32 24.40
CA GLY E 139 -27.35 -37.50 23.55
C GLY E 139 -28.47 -37.68 22.54
N THR E 140 -28.45 -36.91 21.47
CA THR E 140 -29.64 -36.82 20.62
C THR E 140 -29.67 -37.88 19.52
N LEU E 141 -28.54 -38.54 19.24
CA LEU E 141 -28.51 -39.55 18.19
C LEU E 141 -29.09 -40.85 18.74
N SER E 142 -30.39 -40.81 18.99
CA SER E 142 -31.05 -41.81 19.83
C SER E 142 -32.53 -41.64 19.64
N GLU E 143 -33.27 -42.76 19.57
CA GLU E 143 -34.70 -42.67 19.33
C GLU E 143 -35.39 -41.87 20.43
N TYR E 144 -35.02 -42.10 21.67
CA TYR E 144 -35.58 -41.39 22.81
C TYR E 144 -34.42 -40.89 23.63
N THR E 145 -34.61 -39.72 24.26
CA THR E 145 -33.62 -39.23 25.19
C THR E 145 -34.33 -38.72 26.45
N LEU E 146 -33.69 -38.96 27.60
CA LEU E 146 -34.10 -38.46 28.89
C LEU E 146 -33.13 -37.35 29.33
N VAL E 147 -33.62 -36.12 29.39
CA VAL E 147 -32.81 -34.97 29.75
C VAL E 147 -33.56 -34.19 30.82
N LYS E 148 -32.87 -33.20 31.40
CA LYS E 148 -33.51 -32.27 32.31
C LYS E 148 -34.37 -31.30 31.51
N ALA E 149 -35.24 -30.59 32.23
CA ALA E 149 -36.11 -29.63 31.56
C ALA E 149 -35.31 -28.54 30.90
N SER E 150 -34.15 -28.21 31.46
CA SER E 150 -33.32 -27.13 30.93
C SER E 150 -32.81 -27.45 29.52
N ALA E 151 -32.67 -28.74 29.18
CA ALA E 151 -32.26 -29.12 27.84
C ALA E 151 -33.33 -28.86 26.78
N CYS E 152 -34.54 -28.47 27.17
CA CYS E 152 -35.69 -28.39 26.28
C CYS E 152 -36.13 -26.96 26.08
N VAL E 153 -36.55 -26.63 24.86
CA VAL E 153 -37.14 -25.33 24.53
C VAL E 153 -38.38 -25.58 23.68
N LYS E 154 -39.53 -25.17 24.18
CA LYS E 154 -40.77 -25.36 23.45
C LYS E 154 -40.91 -24.38 22.30
N ILE E 155 -41.10 -24.91 21.09
CA ILE E 155 -41.39 -24.10 19.91
C ILE E 155 -42.82 -24.40 19.49
N GLU E 156 -43.64 -23.37 19.35
CA GLU E 156 -45.02 -23.52 18.90
C GLU E 156 -45.00 -23.20 17.41
N THR E 157 -44.82 -24.23 16.59
CA THR E 157 -44.45 -23.90 15.22
C THR E 157 -44.84 -25.06 14.32
N ASN E 158 -44.95 -24.74 13.03
CA ASN E 158 -45.09 -25.72 11.97
C ASN E 158 -43.86 -25.50 11.08
N MET E 159 -42.75 -26.12 11.47
CA MET E 159 -41.50 -26.05 10.73
C MET E 159 -40.91 -27.45 10.62
N PRO E 160 -39.99 -27.66 9.67
CA PRO E 160 -39.41 -28.99 9.51
C PRO E 160 -38.47 -29.33 10.67
N MET E 161 -38.72 -30.47 11.29
CA MET E 161 -37.86 -30.95 12.37
C MET E 161 -36.37 -30.92 12.06
N PRO E 162 -35.90 -31.28 10.86
CA PRO E 162 -34.44 -31.19 10.65
C PRO E 162 -33.91 -29.79 10.79
N SER E 163 -34.68 -28.79 10.33
CA SER E 163 -34.27 -27.38 10.39
C SER E 163 -34.19 -26.87 11.82
N ALA E 164 -35.07 -27.35 12.71
CA ALA E 164 -35.00 -26.99 14.12
C ALA E 164 -33.78 -27.60 14.81
N SER E 165 -33.36 -28.82 14.40
CA SER E 165 -32.31 -29.53 15.12
C SER E 165 -30.93 -28.88 14.94
N ILE E 166 -30.72 -28.07 13.89
CA ILE E 166 -29.43 -27.42 13.70
C ILE E 166 -29.33 -26.09 14.46
N ILE E 167 -30.45 -25.59 14.99
CA ILE E 167 -30.40 -24.49 15.95
C ILE E 167 -29.75 -24.92 17.26
N SER E 168 -29.79 -26.23 17.59
CA SER E 168 -29.24 -26.72 18.86
C SER E 168 -27.73 -26.51 18.95
N CYS E 169 -27.04 -26.42 17.82
CA CYS E 169 -25.63 -26.09 17.95
C CYS E 169 -25.12 -25.21 16.82
N GLY E 170 -25.10 -25.75 15.59
CA GLY E 170 -24.45 -25.05 14.48
C GLY E 170 -24.96 -23.64 14.29
N VAL E 171 -26.30 -23.47 14.23
CA VAL E 171 -26.87 -22.15 14.02
C VAL E 171 -26.63 -21.29 15.25
N MET E 172 -26.93 -21.81 16.44
CA MET E 172 -26.74 -21.03 17.66
C MET E 172 -25.31 -20.45 17.74
N THR E 173 -24.28 -21.30 17.73
CA THR E 173 -22.94 -20.77 17.92
C THR E 173 -22.58 -19.77 16.80
N GLY E 174 -22.81 -20.15 15.54
CA GLY E 174 -22.48 -19.29 14.43
C GLY E 174 -23.17 -17.94 14.51
N TYR E 175 -24.48 -17.96 14.73
CA TYR E 175 -25.22 -16.70 14.79
C TYR E 175 -24.88 -15.93 16.07
N GLY E 176 -24.87 -16.62 17.23
CA GLY E 176 -24.58 -15.94 18.48
C GLY E 176 -23.20 -15.32 18.54
N SER E 177 -22.20 -15.99 17.93
CA SER E 177 -20.85 -15.46 17.92
C SER E 177 -20.77 -14.15 17.18
N VAL E 178 -21.58 -13.98 16.13
CA VAL E 178 -21.65 -12.68 15.46
C VAL E 178 -22.48 -11.71 16.29
N VAL E 179 -23.77 -12.04 16.52
CA VAL E 179 -24.73 -11.09 17.06
C VAL E 179 -24.56 -10.87 18.55
N ASN E 180 -24.21 -11.92 19.29
CA ASN E 180 -24.11 -11.77 20.74
C ASN E 180 -22.68 -11.63 21.23
N SER E 181 -21.75 -12.34 20.62
CA SER E 181 -20.42 -12.30 21.21
C SER E 181 -19.61 -11.14 20.63
N ALA E 182 -19.65 -10.96 19.30
CA ALA E 182 -18.99 -9.83 18.68
C ALA E 182 -19.86 -8.59 18.62
N LYS E 183 -21.19 -8.75 18.69
CA LYS E 183 -22.15 -7.65 18.60
C LYS E 183 -21.94 -6.83 17.33
N LEU E 184 -21.61 -7.53 16.25
CA LEU E 184 -21.28 -6.94 14.96
C LEU E 184 -22.22 -5.81 14.58
N GLN E 185 -21.63 -4.68 14.18
CA GLN E 185 -22.37 -3.49 13.78
C GLN E 185 -22.79 -3.60 12.32
N ALA E 186 -24.02 -3.16 12.03
CA ALA E 186 -24.42 -3.06 10.65
C ALA E 186 -23.47 -2.12 9.93
N GLY E 187 -23.16 -2.44 8.67
CA GLY E 187 -22.28 -1.65 7.85
C GLY E 187 -20.83 -2.07 7.85
N SER E 188 -20.46 -3.08 8.61
CA SER E 188 -19.04 -3.40 8.79
C SER E 188 -18.62 -4.52 7.84
N SER E 189 -17.33 -4.85 7.88
CA SER E 189 -16.78 -5.93 7.08
C SER E 189 -16.48 -7.12 7.99
N ALA E 190 -16.80 -8.33 7.53
CA ALA E 190 -16.62 -9.53 8.34
C ALA E 190 -15.95 -10.60 7.51
N VAL E 191 -14.97 -11.28 8.10
CA VAL E 191 -14.22 -12.34 7.44
C VAL E 191 -14.54 -13.65 8.15
N VAL E 192 -14.92 -14.67 7.39
CA VAL E 192 -15.23 -15.98 7.95
C VAL E 192 -14.20 -17.00 7.45
N LEU E 193 -13.50 -17.62 8.40
CA LEU E 193 -12.48 -18.64 8.11
C LEU E 193 -13.11 -20.01 8.44
N GLY E 194 -13.56 -20.72 7.40
CA GLY E 194 -14.33 -21.92 7.57
C GLY E 194 -15.82 -21.72 7.37
N THR E 195 -16.38 -22.27 6.29
CA THR E 195 -17.78 -22.03 5.96
C THR E 195 -18.58 -23.33 5.99
N GLY E 196 -18.55 -24.00 7.14
CA GLY E 196 -19.28 -25.24 7.30
C GLY E 196 -20.39 -25.15 8.31
N GLY E 197 -20.51 -26.20 9.14
CA GLY E 197 -21.60 -26.28 10.10
C GLY E 197 -21.75 -25.02 10.93
N VAL E 198 -20.63 -24.42 11.34
CA VAL E 198 -20.65 -23.12 12.03
C VAL E 198 -20.53 -21.96 11.05
N GLY E 199 -19.54 -22.00 10.15
CA GLY E 199 -19.22 -20.84 9.34
C GLY E 199 -20.37 -20.32 8.48
N LEU E 200 -21.27 -21.20 8.02
CA LEU E 200 -22.35 -20.69 7.20
C LEU E 200 -23.32 -19.84 8.01
N ASN E 201 -23.47 -20.15 9.30
CA ASN E 201 -24.39 -19.41 10.14
C ASN E 201 -23.76 -18.13 10.69
N VAL E 202 -22.42 -18.09 10.80
CA VAL E 202 -21.75 -16.83 11.06
C VAL E 202 -22.03 -15.88 9.90
N ILE E 203 -22.17 -16.42 8.69
CA ILE E 203 -22.48 -15.63 7.50
C ILE E 203 -23.88 -15.04 7.61
N GLN E 204 -24.88 -15.90 7.81
CA GLN E 204 -26.24 -15.44 8.07
C GLN E 204 -26.26 -14.40 9.18
N GLY E 205 -25.62 -14.72 10.32
CA GLY E 205 -25.49 -13.76 11.39
C GLY E 205 -25.03 -12.40 10.88
N ALA E 206 -23.96 -12.38 10.09
CA ALA E 206 -23.42 -11.10 9.65
C ALA E 206 -24.38 -10.43 8.65
N ARG E 207 -24.99 -11.22 7.76
CA ARG E 207 -25.99 -10.68 6.83
C ARG E 207 -27.15 -10.03 7.56
N ILE E 208 -27.81 -10.80 8.42
CA ILE E 208 -28.94 -10.29 9.19
C ILE E 208 -28.51 -9.08 10.01
N SER E 209 -27.31 -9.14 10.60
CA SER E 209 -26.79 -8.02 11.36
C SER E 209 -26.60 -6.78 10.48
N GLY E 210 -26.47 -6.95 9.17
CA GLY E 210 -26.32 -5.84 8.26
C GLY E 210 -24.92 -5.54 7.79
N ALA E 211 -23.99 -6.48 7.94
CA ALA E 211 -22.65 -6.30 7.39
C ALA E 211 -22.73 -5.85 5.93
N ALA E 212 -21.87 -4.91 5.56
CA ALA E 212 -21.85 -4.48 4.17
C ALA E 212 -20.95 -5.36 3.31
N LYS E 213 -19.93 -5.96 3.91
CA LYS E 213 -19.00 -6.81 3.17
C LYS E 213 -18.72 -8.06 4.00
N ILE E 214 -19.04 -9.23 3.44
CA ILE E 214 -18.82 -10.51 4.10
C ILE E 214 -17.86 -11.31 3.25
N ILE E 215 -16.75 -11.75 3.85
CA ILE E 215 -15.70 -12.43 3.10
C ILE E 215 -15.55 -13.85 3.62
N ALA E 216 -15.93 -14.82 2.79
CA ALA E 216 -15.92 -16.23 3.14
C ALA E 216 -14.67 -16.88 2.58
N ILE E 217 -13.90 -17.60 3.41
CA ILE E 217 -12.68 -18.27 2.97
C ILE E 217 -12.72 -19.74 3.38
N ASP E 218 -12.48 -20.63 2.42
CA ASP E 218 -12.49 -22.05 2.72
C ASP E 218 -11.54 -22.82 1.83
N ILE E 219 -11.09 -23.98 2.33
CA ILE E 219 -10.31 -24.93 1.55
C ILE E 219 -11.03 -25.36 0.28
N ASN E 220 -12.35 -25.53 0.33
CA ASN E 220 -13.03 -26.11 -0.82
C ASN E 220 -14.21 -25.24 -1.27
N GLN E 221 -14.41 -25.17 -2.59
CA GLN E 221 -15.36 -24.22 -3.16
C GLN E 221 -16.80 -24.68 -3.10
N GLU E 222 -17.07 -25.98 -2.86
CA GLU E 222 -18.44 -26.37 -2.58
C GLU E 222 -18.91 -25.73 -1.28
N ARG E 223 -18.05 -25.72 -0.23
CA ARG E 223 -18.46 -25.02 0.97
C ARG E 223 -18.55 -23.52 0.69
N LEU E 224 -17.66 -22.99 -0.15
CA LEU E 224 -17.73 -21.58 -0.50
C LEU E 224 -18.96 -21.26 -1.33
N ASP E 225 -19.33 -22.16 -2.25
CA ASP E 225 -20.57 -21.96 -2.98
C ASP E 225 -21.72 -21.87 -2.00
N MET E 226 -21.71 -22.75 -1.00
CA MET E 226 -22.73 -22.70 0.05
C MET E 226 -22.70 -21.36 0.77
N ALA E 227 -21.49 -20.85 1.01
CA ALA E 227 -21.33 -19.58 1.68
C ALA E 227 -22.00 -18.46 0.90
N LEU E 228 -21.79 -18.44 -0.42
CA LEU E 228 -22.43 -17.41 -1.23
C LEU E 228 -23.94 -17.57 -1.18
N GLN E 229 -24.41 -18.81 -1.13
CA GLN E 229 -25.84 -19.05 -1.07
C GLN E 229 -26.43 -18.51 0.23
N PHE E 230 -25.64 -18.48 1.30
CA PHE E 230 -26.14 -18.06 2.60
C PHE E 230 -25.81 -16.60 2.96
N GLY E 231 -25.20 -15.83 2.05
CA GLY E 231 -25.06 -14.41 2.25
C GLY E 231 -23.71 -13.76 2.04
N ALA E 232 -22.68 -14.53 1.68
CA ALA E 232 -21.35 -13.95 1.52
C ALA E 232 -21.25 -13.05 0.29
N THR E 233 -20.56 -11.93 0.44
CA THR E 233 -20.34 -10.98 -0.64
C THR E 233 -19.07 -11.28 -1.44
N HIS E 234 -18.07 -11.91 -0.83
CA HIS E 234 -16.84 -12.25 -1.53
C HIS E 234 -16.35 -13.63 -1.07
N THR E 235 -15.58 -14.29 -1.94
CA THR E 235 -15.02 -15.59 -1.62
C THR E 235 -13.55 -15.67 -1.98
N ILE E 236 -12.77 -16.19 -1.05
CA ILE E 236 -11.38 -16.55 -1.27
C ILE E 236 -11.22 -18.03 -0.97
N LEU E 237 -10.57 -18.76 -1.90
CA LEU E 237 -10.24 -20.18 -1.76
C LEU E 237 -8.88 -20.32 -1.09
N ALA E 238 -8.85 -20.87 0.11
CA ALA E 238 -7.59 -21.12 0.80
C ALA E 238 -6.91 -22.37 0.22
N ASP E 239 -5.59 -22.27 0.05
CA ASP E 239 -4.73 -23.46 0.00
C ASP E 239 -4.29 -23.91 1.36
N LYS E 240 -4.52 -25.17 1.65
CA LYS E 240 -4.21 -25.72 2.95
C LYS E 240 -2.73 -25.66 3.26
N ASN E 241 -1.86 -25.41 2.25
CA ASN E 241 -0.45 -25.26 2.55
C ASN E 241 -0.18 -23.92 3.22
N ASP E 242 -0.97 -22.92 2.88
CA ASP E 242 -0.84 -21.59 3.45
C ASP E 242 -1.02 -21.66 4.96
N ILE E 243 -0.09 -21.10 5.72
CA ILE E 243 -0.13 -21.27 7.16
C ILE E 243 -0.74 -20.02 7.75
N GLY E 244 -1.56 -20.18 8.79
CA GLY E 244 -2.16 -19.02 9.41
C GLY E 244 -2.98 -18.16 8.49
N LEU E 245 -3.19 -18.61 7.24
CA LEU E 245 -3.95 -17.83 6.24
C LEU E 245 -3.39 -16.42 6.08
N LEU E 246 -2.06 -16.31 6.23
CA LEU E 246 -1.38 -15.05 5.99
C LEU E 246 -1.58 -14.56 4.56
N LYS E 247 -1.48 -15.46 3.58
CA LYS E 247 -1.69 -15.05 2.19
C LYS E 247 -3.14 -14.66 1.96
N ALA E 248 -4.07 -15.45 2.49
CA ALA E 248 -5.47 -15.06 2.46
C ALA E 248 -5.67 -13.69 3.11
N SER E 249 -4.95 -13.44 4.21
CA SER E 249 -5.08 -12.15 4.88
C SER E 249 -4.70 -11.00 3.95
N GLU E 250 -3.63 -11.16 3.17
CA GLU E 250 -3.21 -10.11 2.23
C GLU E 250 -4.28 -9.83 1.19
N ASP E 251 -4.92 -10.88 0.70
CA ASP E 251 -6.07 -10.71 -0.18
C ASP E 251 -7.20 -10.00 0.54
N VAL E 252 -7.54 -10.47 1.75
CA VAL E 252 -8.53 -9.78 2.57
C VAL E 252 -8.21 -8.29 2.63
N LYS E 253 -6.95 -7.96 2.96
CA LYS E 253 -6.57 -6.57 3.10
C LYS E 253 -6.74 -5.80 1.80
N LYS E 254 -6.53 -6.43 0.65
CA LYS E 254 -6.80 -5.74 -0.61
C LYS E 254 -8.30 -5.49 -0.78
N LEU E 255 -9.14 -6.41 -0.27
CA LEU E 255 -10.58 -6.26 -0.37
C LEU E 255 -11.11 -5.19 0.56
N THR E 256 -10.38 -4.89 1.62
CA THR E 256 -10.72 -3.69 2.35
C THR E 256 -9.94 -2.51 1.76
N ASN E 257 -9.60 -1.50 2.55
CA ASN E 257 -8.85 -0.37 2.02
C ASN E 257 -7.42 -0.41 2.55
N GLY E 258 -6.90 -1.62 2.62
CA GLY E 258 -5.56 -1.86 3.12
C GLY E 258 -5.46 -2.09 4.61
N ARG E 259 -6.51 -1.78 5.36
CA ARG E 259 -6.43 -1.77 6.82
C ARG E 259 -6.70 -3.13 7.45
N GLY E 260 -7.60 -3.92 6.87
CA GLY E 260 -8.09 -5.13 7.48
C GLY E 260 -9.59 -5.05 7.73
N ALA E 261 -10.20 -6.20 8.00
CA ALA E 261 -11.62 -6.22 8.27
C ALA E 261 -11.91 -5.70 9.68
N ASP E 262 -13.12 -5.16 9.87
CA ASP E 262 -13.56 -4.81 11.22
C ASP E 262 -13.77 -6.06 12.06
N TYR E 263 -14.14 -7.17 11.43
CA TYR E 263 -14.47 -8.42 12.12
C TYR E 263 -13.94 -9.62 11.33
N ALA E 264 -13.42 -10.61 12.04
CA ALA E 264 -13.09 -11.89 11.43
C ALA E 264 -13.45 -13.02 12.38
N PHE E 265 -13.77 -14.18 11.84
CA PHE E 265 -14.26 -15.29 12.67
C PHE E 265 -13.59 -16.60 12.26
N GLU E 266 -12.93 -17.23 13.23
CA GLU E 266 -12.23 -18.51 13.03
C GLU E 266 -13.18 -19.68 13.26
N CYS E 267 -13.23 -20.60 12.31
CA CYS E 267 -14.07 -21.77 12.47
C CYS E 267 -13.74 -22.82 11.41
N THR E 268 -12.49 -23.28 11.46
CA THR E 268 -11.92 -24.24 10.54
C THR E 268 -11.73 -25.62 11.15
N ALA E 269 -11.81 -25.74 12.47
CA ALA E 269 -11.43 -26.91 13.25
C ALA E 269 -9.93 -27.16 13.25
N ILE E 270 -9.12 -26.22 12.76
CA ILE E 270 -7.68 -26.39 12.62
C ILE E 270 -6.99 -25.71 13.81
N PRO E 271 -6.39 -26.46 14.72
CA PRO E 271 -5.74 -25.81 15.87
C PRO E 271 -4.66 -24.83 15.47
N ALA E 272 -3.91 -25.13 14.41
CA ALA E 272 -2.84 -24.21 14.06
C ALA E 272 -3.36 -22.88 13.54
N LEU E 273 -4.64 -22.77 13.22
CA LEU E 273 -5.22 -21.55 12.68
C LEU E 273 -5.90 -20.70 13.76
N GLY E 274 -5.49 -20.81 15.01
CA GLY E 274 -6.19 -20.13 16.09
C GLY E 274 -5.97 -18.63 16.13
N ALA E 275 -4.78 -18.16 15.73
CA ALA E 275 -4.51 -16.75 15.75
C ALA E 275 -4.84 -16.06 14.44
N ALA E 276 -5.29 -16.81 13.43
CA ALA E 276 -5.52 -16.23 12.12
C ALA E 276 -6.58 -15.13 12.07
N PRO E 277 -7.59 -15.06 12.94
CA PRO E 277 -8.54 -13.95 12.81
C PRO E 277 -7.84 -12.62 12.94
N LEU E 278 -6.83 -12.58 13.82
CA LEU E 278 -6.09 -11.34 14.05
C LEU E 278 -5.39 -10.90 12.78
N ALA E 279 -4.96 -11.85 11.96
CA ALA E 279 -4.33 -11.52 10.70
C ALA E 279 -5.30 -10.91 9.70
N MET E 280 -6.60 -11.02 9.94
CA MET E 280 -7.60 -10.57 8.98
C MET E 280 -8.15 -9.20 9.29
N ILE E 281 -7.87 -8.65 10.48
CA ILE E 281 -8.59 -7.49 11.00
C ILE E 281 -7.63 -6.31 11.15
N ARG E 282 -8.15 -5.13 10.84
CA ARG E 282 -7.49 -3.90 11.21
C ARG E 282 -7.29 -3.84 12.73
N ASN E 283 -6.47 -2.88 13.13
CA ASN E 283 -6.35 -2.57 14.54
C ASN E 283 -7.72 -2.17 15.09
N ALA E 284 -7.99 -2.55 16.34
CA ALA E 284 -9.28 -2.29 17.01
C ALA E 284 -10.45 -2.99 16.30
N GLY E 285 -10.17 -4.05 15.53
CA GLY E 285 -11.22 -4.96 15.14
C GLY E 285 -11.45 -5.99 16.21
N THR E 286 -12.56 -6.69 16.13
CA THR E 286 -12.75 -7.79 17.03
C THR E 286 -12.58 -9.08 16.21
N ALA E 287 -11.91 -10.06 16.82
CA ALA E 287 -11.59 -11.34 16.21
C ALA E 287 -12.09 -12.46 17.11
N VAL E 288 -12.99 -13.28 16.58
CA VAL E 288 -13.71 -14.31 17.34
C VAL E 288 -13.33 -15.67 16.79
N GLN E 289 -12.60 -16.48 17.55
CA GLN E 289 -12.41 -17.87 17.17
C GLN E 289 -13.52 -18.70 17.79
N VAL E 290 -14.36 -19.28 16.94
CA VAL E 290 -15.47 -20.10 17.38
C VAL E 290 -15.04 -21.54 17.64
N SER E 291 -13.89 -21.94 17.08
CA SER E 291 -13.51 -23.34 17.04
C SER E 291 -13.34 -23.92 18.44
N GLY E 292 -12.49 -23.30 19.25
CA GLY E 292 -12.09 -23.85 20.52
C GLY E 292 -10.92 -24.80 20.33
N ILE E 293 -9.76 -24.46 20.89
CA ILE E 293 -8.56 -25.27 20.77
C ILE E 293 -8.08 -25.62 22.18
N GLU E 294 -7.73 -26.88 22.41
CA GLU E 294 -7.30 -27.31 23.74
C GLU E 294 -5.81 -27.62 23.83
N GLU E 295 -5.09 -27.59 22.72
CA GLU E 295 -3.66 -27.86 22.72
C GLU E 295 -2.83 -26.56 22.74
N GLU E 296 -1.54 -26.72 22.49
CA GLU E 296 -0.57 -25.65 22.53
C GLU E 296 -0.15 -25.32 21.09
N ILE E 297 -0.31 -24.05 20.70
CA ILE E 297 0.11 -23.57 19.38
C ILE E 297 1.07 -22.41 19.57
N THR E 298 1.83 -22.12 18.52
CA THR E 298 2.71 -20.96 18.50
C THR E 298 2.00 -19.80 17.81
N ILE E 299 2.13 -18.60 18.37
CA ILE E 299 1.50 -17.39 17.87
C ILE E 299 2.53 -16.28 17.79
N ASP E 300 2.67 -15.69 16.62
CA ASP E 300 3.32 -14.39 16.52
C ASP E 300 2.52 -13.33 17.26
N MET E 301 2.99 -12.91 18.44
CA MET E 301 2.21 -12.00 19.28
C MET E 301 2.01 -10.63 18.65
N ARG E 302 2.63 -10.36 17.51
CA ARG E 302 2.35 -9.13 16.77
C ARG E 302 1.03 -9.20 16.04
N LEU E 303 0.34 -10.33 16.10
CA LEU E 303 -1.00 -10.40 15.52
C LEU E 303 -2.02 -9.78 16.46
N PHE E 304 -1.81 -9.92 17.79
CA PHE E 304 -2.65 -9.27 18.78
C PHE E 304 -2.47 -7.76 18.78
N GLU E 305 -1.32 -7.27 18.33
CA GLU E 305 -0.91 -5.92 18.68
C GLU E 305 -1.90 -4.91 18.14
N TRP E 306 -2.42 -4.08 19.06
CA TRP E 306 -2.90 -2.75 18.72
C TRP E 306 -4.40 -2.90 18.68
N ASP E 307 -4.95 -3.16 19.86
CA ASP E 307 -6.32 -2.82 20.26
C ASP E 307 -7.31 -3.88 19.80
N LYS E 308 -6.82 -5.06 19.40
CA LYS E 308 -7.63 -6.11 18.82
C LYS E 308 -8.31 -6.91 19.92
N ILE E 309 -9.64 -6.91 19.92
CA ILE E 309 -10.42 -7.72 20.85
C ILE E 309 -10.44 -9.15 20.31
N TYR E 310 -9.83 -10.08 21.04
CA TYR E 310 -9.77 -11.49 20.67
C TYR E 310 -10.52 -12.29 21.71
N ILE E 311 -11.50 -13.07 21.29
CA ILE E 311 -12.26 -13.79 22.28
C ILE E 311 -12.61 -15.14 21.69
N ASN E 312 -12.57 -16.14 22.54
CA ASN E 312 -13.09 -17.45 22.18
C ASN E 312 -14.35 -17.85 22.94
N PRO E 313 -15.49 -17.69 22.29
CA PRO E 313 -16.76 -17.79 22.97
C PRO E 313 -17.34 -19.20 22.87
N LEU E 314 -18.24 -19.49 23.80
CA LEU E 314 -18.88 -20.79 23.88
C LEU E 314 -20.33 -20.63 23.44
N TYR E 315 -20.70 -21.34 22.37
CA TYR E 315 -22.10 -21.61 22.04
C TYR E 315 -22.85 -20.34 21.67
N GLY E 316 -22.14 -19.37 21.11
CA GLY E 316 -22.75 -18.13 20.68
C GLY E 316 -23.31 -17.34 21.83
N LYS E 317 -22.75 -17.53 23.04
CA LYS E 317 -23.22 -16.90 24.28
C LYS E 317 -24.69 -17.22 24.50
N CYS E 318 -25.02 -18.47 24.20
CA CYS E 318 -26.40 -18.93 24.11
C CYS E 318 -27.07 -18.90 25.46
N ARG E 319 -28.33 -18.51 25.44
CA ARG E 319 -29.17 -18.65 26.62
C ARG E 319 -30.50 -19.04 25.99
N PRO E 320 -30.88 -20.32 26.08
CA PRO E 320 -31.76 -20.90 25.06
C PRO E 320 -33.17 -20.34 25.04
N GLN E 321 -33.82 -20.15 26.18
CA GLN E 321 -35.17 -19.64 26.16
C GLN E 321 -35.27 -18.30 25.44
N VAL E 322 -34.19 -17.54 25.35
CA VAL E 322 -34.22 -16.20 24.75
C VAL E 322 -33.72 -16.22 23.32
N ASP E 323 -32.68 -16.97 23.05
CA ASP E 323 -32.10 -16.95 21.71
C ASP E 323 -32.93 -17.79 20.75
N PHE E 324 -33.21 -19.03 21.13
CA PHE E 324 -33.90 -19.94 20.21
C PHE E 324 -35.20 -19.35 19.68
N PRO E 325 -36.11 -18.81 20.49
CA PRO E 325 -37.28 -18.14 19.90
C PRO E 325 -36.94 -16.98 18.97
N LYS E 326 -35.81 -16.30 19.19
CA LYS E 326 -35.42 -15.25 18.24
C LYS E 326 -35.00 -15.84 16.91
N LEU E 327 -34.20 -16.90 16.92
CA LEU E 327 -33.84 -17.54 15.66
C LEU E 327 -35.06 -18.07 14.93
N VAL E 328 -36.08 -18.53 15.67
CA VAL E 328 -37.27 -19.09 15.04
C VAL E 328 -38.01 -18.03 14.22
N SER E 329 -38.23 -16.86 14.83
CA SER E 329 -38.85 -15.71 14.16
C SER E 329 -38.13 -15.34 12.87
N LEU E 330 -36.80 -15.29 12.89
CA LEU E 330 -36.08 -14.88 11.69
C LEU E 330 -36.23 -15.91 10.57
N TYR E 331 -36.41 -17.18 10.92
CA TYR E 331 -36.77 -18.17 9.91
C TYR E 331 -38.16 -17.90 9.34
N GLU E 332 -39.12 -17.58 10.20
CA GLU E 332 -40.46 -17.25 9.74
C GLU E 332 -40.46 -15.98 8.90
N LYS E 333 -39.70 -14.97 9.31
CA LYS E 333 -39.45 -13.82 8.45
C LYS E 333 -38.88 -14.25 7.11
N GLY E 334 -37.96 -15.22 7.12
CA GLY E 334 -37.23 -15.66 5.94
C GLY E 334 -35.75 -15.31 5.99
N ASP E 335 -35.32 -14.43 6.90
CA ASP E 335 -33.91 -14.11 7.01
C ASP E 335 -33.08 -15.32 7.49
N LEU E 336 -33.63 -16.20 8.30
CA LEU E 336 -32.88 -17.37 8.78
C LEU E 336 -33.16 -18.58 7.89
N MET E 337 -32.17 -18.95 7.06
CA MET E 337 -32.28 -20.03 6.07
C MET E 337 -31.78 -21.32 6.68
N LEU E 338 -32.68 -22.28 6.88
CA LEU E 338 -32.21 -23.51 7.52
C LEU E 338 -32.86 -24.77 6.98
N ASP E 339 -34.04 -24.68 6.36
CA ASP E 339 -34.45 -25.71 5.39
C ASP E 339 -33.35 -25.94 4.37
N GLU E 340 -32.80 -24.85 3.82
CA GLU E 340 -31.77 -24.96 2.79
C GLU E 340 -30.48 -25.56 3.34
N MET E 341 -30.25 -25.46 4.65
CA MET E 341 -29.01 -26.00 5.21
C MET E 341 -28.98 -27.51 5.10
N ILE E 342 -30.16 -28.13 5.07
CA ILE E 342 -30.27 -29.59 5.09
C ILE E 342 -30.01 -30.17 3.69
N THR E 343 -28.75 -30.54 3.45
CA THR E 343 -28.35 -31.09 2.15
C THR E 343 -28.79 -32.54 2.01
N ARG E 344 -28.65 -33.31 3.08
CA ARG E 344 -29.02 -34.71 3.09
C ARG E 344 -29.52 -35.08 4.47
N THR E 345 -30.51 -35.96 4.53
CA THR E 345 -30.85 -36.64 5.78
C THR E 345 -30.36 -38.08 5.72
N TYR E 346 -30.36 -38.74 6.87
CA TYR E 346 -29.69 -40.03 6.96
C TYR E 346 -30.38 -40.95 7.97
N PRO E 347 -30.46 -42.25 7.69
CA PRO E 347 -30.87 -43.20 8.72
C PRO E 347 -29.77 -43.35 9.76
N LEU E 348 -30.19 -43.58 11.02
CA LEU E 348 -29.22 -43.69 12.10
C LEU E 348 -28.15 -44.72 11.79
N GLU E 349 -28.57 -45.86 11.23
CA GLU E 349 -27.60 -46.87 10.83
C GLU E 349 -26.51 -46.31 9.90
N ASN E 350 -26.78 -45.22 9.17
CA ASN E 350 -25.82 -44.71 8.20
C ASN E 350 -25.05 -43.50 8.71
N LEU E 351 -24.85 -43.40 10.03
CA LEU E 351 -24.13 -42.26 10.61
C LEU E 351 -22.74 -42.10 10.00
N GLN E 352 -22.01 -43.21 9.86
CA GLN E 352 -20.71 -43.19 9.20
C GLN E 352 -20.76 -42.44 7.87
N GLN E 353 -21.81 -42.68 7.07
CA GLN E 353 -21.92 -41.94 5.82
C GLN E 353 -22.12 -40.45 6.07
N ALA E 354 -22.78 -40.08 7.16
CA ALA E 354 -22.95 -38.65 7.48
C ALA E 354 -21.63 -38.01 7.89
N PHE E 355 -20.87 -38.66 8.81
CA PHE E 355 -19.53 -38.20 9.12
C PHE E 355 -18.74 -37.99 7.84
N ASP E 356 -18.75 -38.99 6.97
CA ASP E 356 -18.00 -38.94 5.72
C ASP E 356 -18.29 -37.66 4.96
N ASP E 357 -19.58 -37.35 4.79
CA ASP E 357 -19.97 -36.28 3.91
C ASP E 357 -19.78 -34.88 4.50
N MET E 358 -19.55 -34.79 5.79
CA MET E 358 -19.23 -33.47 6.26
C MET E 358 -17.72 -33.27 6.23
N LEU E 359 -17.00 -34.30 6.67
CA LEU E 359 -15.55 -34.24 6.71
C LEU E 359 -14.96 -33.98 5.33
N THR E 360 -15.70 -34.29 4.28
CA THR E 360 -15.22 -34.09 2.92
C THR E 360 -15.92 -32.94 2.22
N GLY E 361 -16.81 -32.24 2.90
CA GLY E 361 -17.37 -31.01 2.39
C GLY E 361 -18.60 -31.13 1.55
N LYS E 362 -19.39 -32.20 1.71
CA LYS E 362 -20.54 -32.42 0.84
C LYS E 362 -21.79 -31.73 1.34
N ASN E 363 -21.89 -31.52 2.65
CA ASN E 363 -23.09 -30.93 3.25
C ASN E 363 -22.70 -29.69 4.02
N ALA E 364 -23.43 -28.61 3.77
CA ALA E 364 -23.59 -27.59 4.79
C ALA E 364 -23.87 -28.26 6.14
N LYS E 365 -25.05 -28.88 6.25
CA LYS E 365 -25.45 -29.63 7.43
C LYS E 365 -26.10 -30.94 7.02
N GLY E 366 -25.93 -31.96 7.86
CA GLY E 366 -26.58 -33.26 7.66
C GLY E 366 -27.24 -33.78 8.92
N VAL E 367 -28.48 -34.26 8.77
CA VAL E 367 -29.34 -34.58 9.90
C VAL E 367 -29.76 -36.05 9.83
N ILE E 368 -29.72 -36.72 10.97
CA ILE E 368 -30.14 -38.11 11.07
C ILE E 368 -31.61 -38.14 11.44
N ILE E 369 -32.44 -38.60 10.53
CA ILE E 369 -33.88 -38.48 10.71
C ILE E 369 -34.39 -39.80 11.29
N PHE E 370 -35.30 -39.71 12.26
CA PHE E 370 -35.88 -40.90 12.87
C PHE E 370 -37.33 -41.06 12.42
N ILE F 4 -21.39 32.30 -11.08
CA ILE F 4 -22.81 32.64 -10.90
C ILE F 4 -23.70 31.48 -11.28
N SER F 5 -24.77 31.33 -10.48
CA SER F 5 -25.63 30.15 -10.42
C SER F 5 -27.04 30.60 -10.09
N LYS F 6 -28.02 29.88 -10.62
CA LYS F 6 -29.39 30.07 -10.19
C LYS F 6 -29.56 29.38 -8.83
N CYS F 7 -30.60 29.76 -8.11
CA CYS F 7 -30.76 29.25 -6.75
C CYS F 7 -32.17 29.51 -6.25
N ALA F 8 -32.45 29.00 -5.06
CA ALA F 8 -33.65 29.32 -4.31
C ALA F 8 -33.25 30.07 -3.06
N ILE F 9 -33.89 31.22 -2.83
CA ILE F 9 -33.68 32.00 -1.62
C ILE F 9 -34.99 32.04 -0.85
N ALA F 10 -35.04 31.32 0.27
CA ALA F 10 -36.11 31.59 1.20
C ALA F 10 -35.83 32.92 1.87
N LYS F 11 -36.86 33.51 2.43
CA LYS F 11 -36.57 34.74 3.13
C LYS F 11 -37.53 34.78 4.30
N GLY F 12 -37.24 35.61 5.29
CA GLY F 12 -38.04 35.64 6.53
C GLY F 12 -39.45 36.10 6.34
N ASP F 13 -39.74 36.72 5.20
CA ASP F 13 -41.10 37.16 4.94
C ASP F 13 -42.09 36.00 4.86
N GLY F 14 -41.61 34.76 4.91
CA GLY F 14 -42.47 33.60 4.80
C GLY F 14 -42.67 33.09 3.39
N THR F 15 -41.94 33.65 2.42
CA THR F 15 -42.07 33.27 1.03
C THR F 15 -40.75 32.74 0.51
N PHE F 16 -40.74 31.48 0.08
CA PHE F 16 -39.84 31.04 -0.97
C PHE F 16 -39.82 31.93 -2.20
N SER F 17 -38.62 32.38 -2.58
CA SER F 17 -38.45 33.20 -3.77
C SER F 17 -37.16 32.85 -4.51
N ILE F 18 -37.28 32.59 -5.80
CA ILE F 18 -36.15 32.23 -6.65
C ILE F 18 -35.41 33.49 -7.08
N GLU F 19 -34.08 33.38 -7.21
CA GLU F 19 -33.20 34.50 -7.47
C GLU F 19 -31.89 33.95 -7.99
N THR F 20 -31.00 34.86 -8.43
CA THR F 20 -29.69 34.52 -8.97
C THR F 20 -28.59 34.96 -8.01
N VAL F 21 -27.62 34.08 -7.80
CA VAL F 21 -26.54 34.28 -6.85
C VAL F 21 -25.19 34.04 -7.53
N GLN F 22 -24.19 34.81 -7.12
CA GLN F 22 -22.84 34.76 -7.67
C GLN F 22 -21.87 34.13 -6.67
N VAL F 23 -20.89 33.38 -7.17
CA VAL F 23 -20.10 32.45 -6.35
C VAL F 23 -18.59 32.66 -6.54
N GLU F 24 -17.89 32.98 -5.44
CA GLU F 24 -16.46 33.18 -5.47
C GLU F 24 -15.72 31.84 -5.59
N SER F 25 -14.46 31.92 -6.02
CA SER F 25 -13.61 30.75 -6.15
C SER F 25 -13.33 30.16 -4.77
N PRO F 26 -12.99 28.87 -4.68
CA PRO F 26 -12.67 28.28 -3.38
C PRO F 26 -11.42 28.90 -2.75
N LYS F 27 -11.37 28.89 -1.42
CA LYS F 27 -10.18 29.18 -0.65
C LYS F 27 -9.50 27.85 -0.26
N ALA F 28 -8.38 27.97 0.46
CA ALA F 28 -7.46 26.85 0.61
C ALA F 28 -8.12 25.63 1.25
N ASP F 29 -9.19 25.84 2.03
CA ASP F 29 -9.82 24.77 2.79
C ASP F 29 -11.27 24.54 2.38
N GLU F 30 -11.67 24.98 1.18
CA GLU F 30 -13.06 24.92 0.80
C GLU F 30 -13.16 24.50 -0.66
N VAL F 31 -14.39 24.23 -1.12
CA VAL F 31 -14.65 23.52 -2.38
C VAL F 31 -15.84 24.15 -3.10
N LEU F 32 -15.74 24.26 -4.42
CA LEU F 32 -16.89 24.58 -5.26
C LEU F 32 -17.50 23.28 -5.78
N VAL F 33 -18.82 23.20 -5.72
CA VAL F 33 -19.54 21.98 -6.03
C VAL F 33 -20.65 22.30 -7.03
N LYS F 34 -20.67 21.53 -8.12
CA LYS F 34 -21.84 21.49 -9.00
C LYS F 34 -22.87 20.56 -8.37
N VAL F 35 -24.07 21.08 -8.15
CA VAL F 35 -25.16 20.33 -7.56
C VAL F 35 -26.08 19.87 -8.68
N LYS F 36 -26.22 18.55 -8.84
CA LYS F 36 -27.07 17.96 -9.87
C LYS F 36 -28.39 17.41 -9.33
N ALA F 37 -28.46 17.10 -8.03
CA ALA F 37 -29.72 16.75 -7.41
C ALA F 37 -29.69 17.18 -5.96
N ALA F 38 -30.82 17.69 -5.47
CA ALA F 38 -30.93 18.19 -4.10
C ALA F 38 -32.29 17.82 -3.54
N GLY F 39 -32.31 17.10 -2.42
CA GLY F 39 -33.57 16.71 -1.82
C GLY F 39 -34.18 17.80 -0.94
N LEU F 40 -35.47 17.63 -0.64
CA LEU F 40 -36.18 18.51 0.29
C LEU F 40 -36.69 17.72 1.47
N CYS F 41 -37.12 18.45 2.50
CA CYS F 41 -37.35 17.87 3.80
C CYS F 41 -38.28 18.75 4.62
N HIS F 42 -38.78 18.17 5.71
CA HIS F 42 -39.68 18.87 6.61
C HIS F 42 -38.98 20.04 7.32
N THR F 43 -37.66 19.91 7.59
CA THR F 43 -36.93 20.97 8.27
C THR F 43 -36.68 22.16 7.34
N ASP F 44 -36.25 21.89 6.11
CA ASP F 44 -36.13 22.95 5.11
C ASP F 44 -37.46 23.68 4.92
N HIS F 45 -38.58 23.01 5.22
CA HIS F 45 -39.90 23.64 5.26
C HIS F 45 -40.01 24.59 6.44
N ASP F 46 -39.30 24.32 7.52
CA ASP F 46 -39.26 25.23 8.66
C ASP F 46 -38.33 26.40 8.44
N SER F 47 -37.41 26.30 7.48
CA SER F 47 -36.60 27.45 7.08
C SER F 47 -37.46 28.63 6.67
N LEU F 48 -38.65 28.35 6.14
CA LEU F 48 -39.51 29.43 5.67
C LEU F 48 -40.00 30.25 6.85
N ASN F 49 -40.16 29.59 8.00
CA ASN F 49 -40.66 30.13 9.25
C ASN F 49 -39.58 30.79 10.10
N TRP F 50 -38.32 30.71 9.68
CA TRP F 50 -37.22 31.40 10.34
C TRP F 50 -37.10 32.83 9.83
N GLY F 51 -36.19 33.58 10.45
CA GLY F 51 -36.12 35.02 10.37
C GLY F 51 -35.22 35.65 9.32
N LYS F 52 -34.42 34.87 8.60
CA LYS F 52 -33.33 35.35 7.76
C LYS F 52 -33.50 35.00 6.28
N PRO F 53 -32.84 35.73 5.38
CA PRO F 53 -32.76 35.35 3.95
C PRO F 53 -31.74 34.24 3.74
N ILE F 54 -32.18 33.15 3.10
CA ILE F 54 -31.42 31.90 3.07
C ILE F 54 -31.39 31.33 1.66
N VAL F 55 -30.21 30.92 1.20
CA VAL F 55 -30.09 29.99 0.08
C VAL F 55 -30.36 28.59 0.63
N MET F 56 -31.55 28.10 0.31
CA MET F 56 -32.17 26.90 0.82
C MET F 56 -31.31 25.68 0.49
N GLY F 57 -31.56 24.59 1.17
CA GLY F 57 -30.85 23.39 0.78
C GLY F 57 -29.98 22.85 1.89
N HIS F 58 -30.47 21.85 2.59
CA HIS F 58 -29.63 21.06 3.47
C HIS F 58 -29.43 19.64 2.96
N GLU F 59 -29.97 19.31 1.79
CA GLU F 59 -29.72 18.02 1.13
C GLU F 59 -29.25 18.29 -0.29
N GLY F 60 -28.12 17.70 -0.67
CA GLY F 60 -27.68 17.79 -2.05
C GLY F 60 -26.59 16.78 -2.34
N ALA F 61 -26.31 16.61 -3.64
CA ALA F 61 -25.17 15.83 -4.13
C ALA F 61 -24.71 16.44 -5.46
N GLY F 62 -23.47 16.16 -5.84
CA GLY F 62 -22.98 16.67 -7.12
C GLY F 62 -21.55 16.23 -7.43
N PHE F 63 -20.83 17.02 -8.24
CA PHE F 63 -19.43 16.72 -8.46
C PHE F 63 -18.65 18.01 -8.25
N VAL F 64 -17.33 17.88 -8.16
CA VAL F 64 -16.45 18.99 -7.77
C VAL F 64 -16.07 19.82 -8.99
N GLU F 65 -16.32 21.13 -8.92
CA GLU F 65 -15.88 22.05 -9.97
C GLU F 65 -14.47 22.60 -9.71
N GLN F 66 -14.14 22.91 -8.46
CA GLN F 66 -12.84 23.51 -8.11
C GLN F 66 -12.48 23.15 -6.67
N VAL F 67 -11.18 23.03 -6.41
CA VAL F 67 -10.67 22.63 -5.10
C VAL F 67 -9.67 23.68 -4.66
N GLY F 68 -9.49 23.80 -3.33
CA GLY F 68 -8.53 24.72 -2.78
C GLY F 68 -7.17 24.09 -2.63
N SER F 69 -6.24 24.89 -2.10
CA SER F 69 -4.83 24.46 -2.05
C SER F 69 -4.62 23.35 -1.03
N ALA F 70 -5.29 23.41 0.12
CA ALA F 70 -5.08 22.43 1.16
C ALA F 70 -5.98 21.20 1.02
N VAL F 71 -6.84 21.19 0.01
CA VAL F 71 -7.78 20.10 -0.17
C VAL F 71 -7.04 18.95 -0.88
N THR F 72 -6.41 18.11 -0.06
CA THR F 72 -5.72 16.92 -0.54
C THR F 72 -6.71 15.81 -0.91
N ASN F 73 -7.87 15.79 -0.26
CA ASN F 73 -8.68 14.59 -0.21
C ASN F 73 -9.38 14.33 -1.55
N LEU F 74 -9.87 15.38 -2.19
CA LEU F 74 -10.73 15.24 -3.34
C LEU F 74 -10.14 15.96 -4.54
N ASN F 75 -10.64 15.62 -5.72
CA ASN F 75 -10.13 16.18 -6.97
C ASN F 75 -11.31 16.66 -7.80
N VAL F 76 -11.01 17.48 -8.82
CA VAL F 76 -12.07 17.96 -9.70
C VAL F 76 -12.70 16.76 -10.40
N GLY F 77 -13.99 16.87 -10.68
CA GLY F 77 -14.68 15.76 -11.25
C GLY F 77 -15.19 14.77 -10.23
N ASP F 78 -14.74 14.87 -8.99
CA ASP F 78 -15.07 13.83 -8.03
C ASP F 78 -16.53 13.94 -7.60
N TYR F 79 -17.13 12.80 -7.35
CA TYR F 79 -18.52 12.73 -6.96
C TYR F 79 -18.62 12.73 -5.46
N VAL F 80 -19.41 13.68 -4.96
CA VAL F 80 -19.46 14.04 -3.54
C VAL F 80 -20.91 14.16 -3.10
N ILE F 81 -21.19 13.64 -1.90
CA ILE F 81 -22.47 13.82 -1.24
C ILE F 81 -22.28 14.80 -0.10
N LEU F 82 -23.17 15.77 0.01
CA LEU F 82 -22.96 16.87 0.92
C LEU F 82 -23.59 16.57 2.27
N ASN F 83 -22.98 17.12 3.32
CA ASN F 83 -23.46 17.00 4.70
C ASN F 83 -23.50 18.37 5.36
N TRP F 84 -24.38 18.51 6.37
CA TRP F 84 -24.47 19.75 7.12
C TRP F 84 -23.74 19.72 8.45
N ALA F 85 -22.89 18.72 8.69
CA ALA F 85 -22.22 18.64 9.99
C ALA F 85 -21.01 19.53 10.03
N THR F 86 -20.32 19.66 8.90
CA THR F 86 -19.14 20.50 8.73
C THR F 86 -18.20 20.36 9.95
N PRO F 87 -17.72 19.15 10.23
CA PRO F 87 -17.02 18.90 11.49
C PRO F 87 -15.70 19.62 11.55
N CYS F 88 -15.40 20.17 12.71
CA CYS F 88 -14.10 20.82 12.89
C CYS F 88 -13.00 19.79 13.16
N MET F 89 -13.36 18.69 13.81
CA MET F 89 -12.51 17.55 14.19
C MET F 89 -11.60 17.80 15.41
N THR F 90 -11.58 18.99 16.03
CA THR F 90 -10.72 19.23 17.18
C THR F 90 -11.45 19.58 18.47
N CYS F 91 -12.73 19.94 18.42
CA CYS F 91 -13.49 20.15 19.63
C CYS F 91 -13.81 18.82 20.31
N PHE F 92 -14.03 18.87 21.62
CA PHE F 92 -14.39 17.63 22.32
C PHE F 92 -15.67 16.96 21.85
N GLN F 93 -16.65 17.64 21.30
CA GLN F 93 -17.69 16.81 20.70
C GLN F 93 -17.11 15.98 19.56
N CYS F 94 -16.22 16.58 18.76
CA CYS F 94 -15.53 15.84 17.72
C CYS F 94 -14.58 14.80 18.30
N GLN F 95 -13.79 15.18 19.31
CA GLN F 95 -12.84 14.24 19.88
C GLN F 95 -13.53 13.16 20.71
N GLU F 96 -14.82 13.29 20.99
CA GLU F 96 -15.57 12.15 21.48
C GLU F 96 -16.22 11.35 20.36
N GLY F 97 -16.01 11.72 19.10
CA GLY F 97 -16.66 11.07 17.99
C GLY F 97 -17.98 11.69 17.58
N ASN F 98 -18.56 12.57 18.40
CA ASN F 98 -19.85 13.17 18.08
C ASN F 98 -19.64 14.37 17.15
N GLN F 99 -19.18 14.07 15.94
CA GLN F 99 -19.03 15.11 14.93
C GLN F 99 -20.34 15.87 14.73
N HIS F 100 -21.47 15.14 14.64
CA HIS F 100 -22.79 15.70 14.41
C HIS F 100 -23.22 16.76 15.42
N ILE F 101 -22.48 16.97 16.52
CA ILE F 101 -22.87 18.00 17.47
C ILE F 101 -21.68 18.89 17.79
N CYS F 102 -20.85 19.12 16.77
CA CYS F 102 -19.63 19.93 16.86
C CYS F 102 -19.87 21.27 17.54
N GLU F 103 -19.04 21.58 18.52
CA GLU F 103 -19.26 22.76 19.34
C GLU F 103 -18.90 24.05 18.62
N SER F 104 -18.12 24.00 17.54
CA SER F 104 -17.85 25.24 16.83
C SER F 104 -18.51 25.33 15.46
N ASN F 105 -18.62 24.24 14.70
CA ASN F 105 -18.94 24.35 13.27
C ASN F 105 -20.29 23.78 12.87
N SER F 106 -21.02 23.16 13.77
CA SER F 106 -22.35 22.67 13.43
C SER F 106 -23.36 23.83 13.35
N PRO F 107 -24.22 23.85 12.33
CA PRO F 107 -25.18 24.96 12.22
C PRO F 107 -26.22 24.98 13.33
N VAL F 108 -26.49 23.82 13.92
CA VAL F 108 -27.50 23.73 14.97
C VAL F 108 -26.88 23.99 16.33
N THR F 109 -25.80 23.29 16.66
CA THR F 109 -25.17 23.42 17.96
C THR F 109 -24.12 24.54 18.01
N ALA F 110 -24.07 25.41 17.00
CA ALA F 110 -23.15 26.56 17.06
C ALA F 110 -23.69 27.76 16.27
N THR F 116 -20.53 31.62 11.48
CA THR F 116 -20.33 30.23 11.84
C THR F 116 -19.22 29.57 10.99
N PRO F 117 -18.23 28.96 11.63
CA PRO F 117 -17.27 28.14 10.88
C PRO F 117 -17.92 26.81 10.52
N GLY F 118 -17.21 26.05 9.70
CA GLY F 118 -17.87 25.05 8.89
C GLY F 118 -18.65 25.65 7.74
N HIS F 119 -18.74 26.96 7.68
CA HIS F 119 -19.37 27.71 6.60
C HIS F 119 -18.25 28.39 5.83
N ALA F 120 -18.39 28.49 4.51
CA ALA F 120 -17.42 29.27 3.75
C ALA F 120 -17.61 30.75 4.05
N HIS F 121 -16.63 31.56 3.64
CA HIS F 121 -16.75 32.99 3.82
C HIS F 121 -17.96 33.51 3.06
N LEU F 122 -18.89 34.12 3.83
CA LEU F 122 -20.22 34.51 3.34
C LEU F 122 -20.19 35.33 2.09
N GLU F 123 -19.16 36.06 1.93
CA GLU F 123 -18.75 36.98 0.89
C GLU F 123 -18.26 36.28 -0.38
N GLY F 124 -18.37 34.92 -0.35
CA GLY F 124 -18.31 34.08 -1.56
C GLY F 124 -19.65 33.71 -2.19
N THR F 125 -20.79 33.93 -1.51
CA THR F 125 -22.11 33.74 -2.14
C THR F 125 -22.98 34.96 -1.87
N THR F 126 -23.31 35.71 -2.94
CA THR F 126 -23.92 37.03 -2.83
C THR F 126 -25.22 37.07 -3.62
N TRP F 127 -26.31 37.39 -2.93
CA TRP F 127 -27.62 37.54 -3.55
C TRP F 127 -27.70 38.92 -4.16
N ASN F 128 -27.70 38.97 -5.49
CA ASN F 128 -27.36 40.21 -6.15
C ASN F 128 -26.03 40.59 -5.54
N ASP F 129 -25.99 41.30 -4.42
CA ASP F 129 -24.73 41.97 -4.19
C ASP F 129 -24.52 42.42 -2.79
N THR F 130 -25.51 42.11 -1.87
CA THR F 130 -25.43 41.85 -0.42
C THR F 130 -25.30 40.34 -0.12
N PRO F 131 -24.46 39.88 0.82
CA PRO F 131 -24.28 38.42 1.00
C PRO F 131 -25.35 37.77 1.88
N ILE F 132 -25.48 36.44 1.72
CA ILE F 132 -26.43 35.64 2.49
C ILE F 132 -25.85 34.29 2.86
N GLU F 133 -26.45 33.67 3.89
CA GLU F 133 -25.99 32.39 4.41
C GLU F 133 -26.58 31.22 3.62
N ARG F 134 -25.70 30.33 3.13
CA ARG F 134 -26.03 28.94 2.78
C ARG F 134 -26.64 28.19 3.97
N SER F 135 -27.84 27.63 3.75
CA SER F 135 -28.54 26.95 4.84
C SER F 135 -27.73 25.75 5.30
N PHE F 136 -27.62 25.59 6.62
CA PHE F 136 -26.93 24.44 7.22
C PHE F 136 -25.51 24.29 6.66
N ASN F 137 -24.92 25.43 6.29
CA ASN F 137 -23.57 25.58 5.81
C ASN F 137 -23.38 25.05 4.40
N ILE F 138 -24.47 24.76 3.67
CA ILE F 138 -24.34 24.10 2.38
C ILE F 138 -25.22 24.70 1.29
N GLY F 139 -26.48 24.99 1.58
CA GLY F 139 -27.35 25.62 0.60
C GLY F 139 -27.32 24.95 -0.76
N THR F 140 -27.73 23.69 -0.78
CA THR F 140 -27.62 22.78 -1.90
C THR F 140 -28.67 23.01 -2.98
N LEU F 141 -29.61 23.91 -2.76
CA LEU F 141 -30.56 24.37 -3.76
C LEU F 141 -29.95 25.40 -4.70
N SER F 142 -28.64 25.52 -4.75
CA SER F 142 -27.96 26.30 -5.77
C SER F 142 -27.47 25.38 -6.88
N GLU F 143 -27.33 25.94 -8.08
CA GLU F 143 -26.73 25.16 -9.15
C GLU F 143 -25.27 24.87 -8.84
N TYR F 144 -24.56 25.85 -8.29
CA TYR F 144 -23.20 25.65 -7.79
C TYR F 144 -23.17 26.12 -6.35
N THR F 145 -22.41 25.41 -5.51
CA THR F 145 -22.26 25.76 -4.09
C THR F 145 -20.80 25.90 -3.75
N LEU F 146 -20.51 26.86 -2.88
CA LEU F 146 -19.18 27.04 -2.31
C LEU F 146 -19.23 26.63 -0.85
N VAL F 147 -18.49 25.57 -0.49
CA VAL F 147 -18.59 24.98 0.84
C VAL F 147 -17.19 24.73 1.37
N LYS F 148 -17.11 24.59 2.69
CA LYS F 148 -15.93 24.05 3.36
C LYS F 148 -15.75 22.57 3.04
N ALA F 149 -14.50 22.09 3.09
CA ALA F 149 -14.24 20.71 2.69
C ALA F 149 -15.01 19.73 3.56
N SER F 150 -15.15 20.01 4.86
CA SER F 150 -15.80 19.10 5.80
C SER F 150 -17.23 18.74 5.39
N ALA F 151 -17.83 19.50 4.49
CA ALA F 151 -19.19 19.24 4.02
C ALA F 151 -19.21 18.48 2.72
N CYS F 152 -18.15 17.71 2.44
CA CYS F 152 -17.98 17.01 1.18
C CYS F 152 -17.52 15.59 1.46
N VAL F 153 -18.24 14.61 0.93
CA VAL F 153 -17.85 13.21 1.03
C VAL F 153 -17.63 12.68 -0.39
N LYS F 154 -16.40 12.28 -0.69
CA LYS F 154 -16.06 11.67 -1.97
C LYS F 154 -16.56 10.23 -2.01
N ILE F 155 -17.19 9.87 -3.13
CA ILE F 155 -17.78 8.56 -3.30
C ILE F 155 -17.20 7.94 -4.57
N GLU F 156 -16.80 6.67 -4.47
CA GLU F 156 -16.15 5.95 -5.56
C GLU F 156 -17.14 5.03 -6.30
N THR F 157 -18.39 4.95 -5.87
CA THR F 157 -19.42 4.25 -6.61
C THR F 157 -20.20 5.25 -7.44
N ASN F 158 -20.60 4.82 -8.64
CA ASN F 158 -21.38 5.65 -9.54
C ASN F 158 -22.85 5.25 -9.42
N MET F 159 -23.63 6.10 -8.76
CA MET F 159 -25.05 5.91 -8.50
C MET F 159 -25.85 7.16 -8.84
N PRO F 160 -27.18 7.03 -8.97
CA PRO F 160 -28.03 8.18 -9.29
C PRO F 160 -27.83 9.31 -8.30
N MET F 161 -27.75 10.52 -8.85
CA MET F 161 -27.66 11.72 -8.02
C MET F 161 -28.85 11.92 -7.09
N PRO F 162 -30.10 11.59 -7.46
CA PRO F 162 -31.19 11.73 -6.47
C PRO F 162 -31.04 10.77 -5.30
N SER F 163 -30.69 9.51 -5.59
CA SER F 163 -30.41 8.52 -4.56
C SER F 163 -29.35 9.01 -3.59
N ALA F 164 -28.19 9.42 -4.11
CA ALA F 164 -27.15 9.93 -3.24
C ALA F 164 -27.59 11.21 -2.51
N SER F 165 -28.45 12.00 -3.13
CA SER F 165 -28.77 13.33 -2.58
C SER F 165 -29.50 13.22 -1.26
N ILE F 166 -30.51 12.33 -1.18
CA ILE F 166 -31.26 12.15 0.06
C ILE F 166 -30.45 11.54 1.19
N ILE F 167 -29.24 11.04 0.92
CA ILE F 167 -28.39 10.58 2.02
C ILE F 167 -28.02 11.75 2.92
N SER F 168 -28.03 12.97 2.37
CA SER F 168 -27.60 14.15 3.13
C SER F 168 -28.35 14.31 4.43
N CYS F 169 -29.66 14.04 4.43
CA CYS F 169 -30.45 14.20 5.64
C CYS F 169 -31.29 12.96 5.97
N GLY F 170 -32.38 12.74 5.22
CA GLY F 170 -33.38 11.76 5.63
C GLY F 170 -32.83 10.36 5.83
N VAL F 171 -31.98 9.90 4.92
CA VAL F 171 -31.47 8.53 5.02
C VAL F 171 -30.50 8.41 6.19
N MET F 172 -29.58 9.37 6.34
CA MET F 172 -28.57 9.30 7.39
C MET F 172 -29.19 9.33 8.78
N THR F 173 -30.21 10.17 9.00
CA THR F 173 -30.75 10.26 10.36
C THR F 173 -31.57 9.03 10.67
N GLY F 174 -32.34 8.58 9.69
CA GLY F 174 -33.14 7.38 9.86
C GLY F 174 -32.28 6.21 10.20
N TYR F 175 -31.29 5.91 9.34
CA TYR F 175 -30.44 4.75 9.59
C TYR F 175 -29.60 4.95 10.85
N GLY F 176 -29.07 6.16 11.05
CA GLY F 176 -28.17 6.42 12.16
C GLY F 176 -28.84 6.46 13.51
N SER F 177 -30.07 6.95 13.57
CA SER F 177 -30.86 6.81 14.80
C SER F 177 -30.94 5.36 15.25
N VAL F 178 -31.01 4.42 14.30
CA VAL F 178 -31.14 3.01 14.66
C VAL F 178 -29.78 2.42 14.97
N VAL F 179 -28.82 2.57 14.05
CA VAL F 179 -27.58 1.81 14.10
C VAL F 179 -26.53 2.45 15.01
N ASN F 180 -26.46 3.79 15.07
CA ASN F 180 -25.45 4.51 15.82
C ASN F 180 -25.92 5.07 17.14
N SER F 181 -27.21 5.39 17.27
CA SER F 181 -27.80 5.93 18.47
C SER F 181 -28.46 4.83 19.31
N ALA F 182 -29.54 4.25 18.81
CA ALA F 182 -30.12 3.12 19.53
C ALA F 182 -29.21 1.90 19.51
N LYS F 183 -28.39 1.73 18.46
CA LYS F 183 -27.52 0.57 18.41
C LYS F 183 -28.35 -0.70 18.53
N LEU F 184 -29.34 -0.78 17.62
CA LEU F 184 -30.37 -1.81 17.62
C LEU F 184 -29.77 -3.18 17.36
N GLN F 185 -30.24 -4.17 18.12
CA GLN F 185 -29.67 -5.50 18.11
C GLN F 185 -30.50 -6.50 17.31
N ALA F 186 -29.82 -7.34 16.53
CA ALA F 186 -30.48 -8.39 15.76
C ALA F 186 -31.39 -9.22 16.66
N GLY F 187 -32.56 -9.57 16.13
CA GLY F 187 -33.53 -10.43 16.79
C GLY F 187 -34.57 -9.74 17.65
N SER F 188 -34.69 -8.42 17.56
CA SER F 188 -35.48 -7.64 18.50
C SER F 188 -36.69 -7.01 17.81
N SER F 189 -37.57 -6.44 18.60
CA SER F 189 -38.75 -5.79 18.04
C SER F 189 -38.58 -4.25 18.04
N ALA F 190 -39.23 -3.62 17.06
CA ALA F 190 -39.05 -2.22 16.75
C ALA F 190 -40.36 -1.63 16.26
N VAL F 191 -40.66 -0.41 16.70
CA VAL F 191 -41.83 0.35 16.29
C VAL F 191 -41.34 1.68 15.73
N VAL F 192 -41.83 2.06 14.56
CA VAL F 192 -41.49 3.33 13.93
C VAL F 192 -42.76 4.16 13.81
N LEU F 193 -42.89 5.19 14.63
CA LEU F 193 -44.05 6.10 14.63
C LEU F 193 -43.82 7.23 13.66
N GLY F 194 -44.55 7.23 12.56
CA GLY F 194 -44.25 8.17 11.50
C GLY F 194 -43.31 7.56 10.49
N THR F 195 -43.85 7.24 9.31
CA THR F 195 -43.15 6.49 8.28
C THR F 195 -42.87 7.36 7.05
N GLY F 196 -42.25 8.53 7.28
CA GLY F 196 -41.92 9.42 6.19
C GLY F 196 -40.45 9.48 5.86
N GLY F 197 -39.97 10.70 5.58
CA GLY F 197 -38.62 10.88 5.07
C GLY F 197 -37.56 10.32 6.00
N VAL F 198 -37.67 10.62 7.30
CA VAL F 198 -36.81 9.99 8.29
C VAL F 198 -37.27 8.58 8.63
N GLY F 199 -38.60 8.35 8.64
CA GLY F 199 -39.14 7.14 9.24
C GLY F 199 -38.94 5.88 8.42
N LEU F 200 -38.99 6.00 7.09
CA LEU F 200 -38.75 4.82 6.26
C LEU F 200 -37.30 4.39 6.34
N ASN F 201 -36.39 5.34 6.51
CA ASN F 201 -34.99 4.98 6.68
C ASN F 201 -34.71 4.44 8.08
N VAL F 202 -35.53 4.81 9.07
CA VAL F 202 -35.48 4.13 10.36
C VAL F 202 -35.86 2.67 10.18
N ILE F 203 -36.93 2.45 9.41
CA ILE F 203 -37.35 1.10 9.09
C ILE F 203 -36.23 0.35 8.40
N GLN F 204 -35.59 0.98 7.42
CA GLN F 204 -34.49 0.35 6.72
C GLN F 204 -33.33 0.06 7.66
N GLY F 205 -33.10 0.93 8.62
CA GLY F 205 -32.02 0.70 9.57
C GLY F 205 -32.33 -0.44 10.51
N ALA F 206 -33.61 -0.64 10.84
CA ALA F 206 -33.97 -1.83 11.60
C ALA F 206 -33.76 -3.07 10.77
N ARG F 207 -34.16 -3.01 9.51
CA ARG F 207 -34.21 -4.20 8.67
C ARG F 207 -32.80 -4.68 8.34
N ILE F 208 -31.90 -3.75 7.99
CA ILE F 208 -30.50 -4.07 7.79
C ILE F 208 -29.90 -4.57 9.08
N SER F 209 -30.37 -4.05 10.21
CA SER F 209 -29.80 -4.43 11.50
C SER F 209 -30.20 -5.83 11.93
N GLY F 210 -31.24 -6.40 11.33
CA GLY F 210 -31.72 -7.71 11.69
C GLY F 210 -32.82 -7.74 12.71
N ALA F 211 -33.63 -6.69 12.81
CA ALA F 211 -34.80 -6.75 13.66
C ALA F 211 -35.81 -7.76 13.13
N ALA F 212 -36.44 -8.50 14.03
CA ALA F 212 -37.35 -9.58 13.63
C ALA F 212 -38.76 -9.07 13.35
N LYS F 213 -39.17 -7.98 13.99
CA LYS F 213 -40.48 -7.39 13.83
C LYS F 213 -40.31 -5.89 13.68
N ILE F 214 -40.91 -5.30 12.64
CA ILE F 214 -40.83 -3.86 12.40
C ILE F 214 -42.24 -3.34 12.16
N ILE F 215 -42.85 -2.82 13.22
CA ILE F 215 -44.21 -2.30 13.20
C ILE F 215 -44.16 -0.85 12.73
N ALA F 216 -44.93 -0.52 11.68
CA ALA F 216 -45.00 0.83 11.12
C ALA F 216 -46.35 1.45 11.42
N ILE F 217 -46.34 2.59 12.09
CA ILE F 217 -47.53 3.30 12.55
C ILE F 217 -47.58 4.66 11.88
N ASP F 218 -48.72 4.99 11.27
CA ASP F 218 -48.87 6.27 10.59
C ASP F 218 -50.35 6.54 10.40
N ILE F 219 -50.69 7.79 10.11
CA ILE F 219 -52.07 8.15 9.79
C ILE F 219 -52.31 8.20 8.29
N ASN F 220 -51.32 7.88 7.46
CA ASN F 220 -51.52 7.79 6.02
C ASN F 220 -51.26 6.37 5.52
N GLN F 221 -52.25 5.80 4.81
CA GLN F 221 -52.10 4.43 4.34
C GLN F 221 -51.03 4.32 3.25
N GLU F 222 -50.82 5.36 2.47
CA GLU F 222 -49.82 5.30 1.41
C GLU F 222 -48.41 5.40 2.00
N ARG F 223 -48.30 6.03 3.16
CA ARG F 223 -47.04 6.02 3.90
C ARG F 223 -46.83 4.68 4.60
N LEU F 224 -47.91 4.05 5.06
CA LEU F 224 -47.84 2.70 5.60
C LEU F 224 -47.46 1.68 4.52
N ASP F 225 -48.04 1.81 3.32
CA ASP F 225 -47.76 0.88 2.24
C ASP F 225 -46.33 1.01 1.72
N MET F 226 -45.78 2.23 1.72
CA MET F 226 -44.36 2.37 1.42
C MET F 226 -43.49 1.75 2.52
N ALA F 227 -43.95 1.83 3.76
CA ALA F 227 -43.18 1.23 4.85
C ALA F 227 -42.98 -0.25 4.60
N LEU F 228 -44.02 -0.91 4.08
CA LEU F 228 -43.94 -2.34 3.81
C LEU F 228 -42.90 -2.64 2.75
N GLN F 229 -42.84 -1.83 1.69
CA GLN F 229 -41.86 -2.15 0.66
C GLN F 229 -40.43 -1.93 1.17
N PHE F 230 -40.23 -1.05 2.16
CA PHE F 230 -38.89 -0.76 2.66
C PHE F 230 -38.47 -1.62 3.85
N GLY F 231 -39.39 -2.38 4.45
CA GLY F 231 -38.99 -3.35 5.47
C GLY F 231 -40.06 -3.79 6.45
N ALA F 232 -41.16 -3.06 6.52
CA ALA F 232 -42.11 -3.30 7.60
C ALA F 232 -42.66 -4.72 7.56
N THR F 233 -42.96 -5.24 8.74
CA THR F 233 -43.60 -6.54 8.91
C THR F 233 -45.03 -6.43 9.42
N HIS F 234 -45.38 -5.34 10.08
CA HIS F 234 -46.73 -5.06 10.54
C HIS F 234 -46.99 -3.57 10.35
N THR F 235 -48.26 -3.20 10.12
CA THR F 235 -48.67 -1.81 9.89
C THR F 235 -49.94 -1.48 10.68
N ILE F 236 -49.86 -0.50 11.55
CA ILE F 236 -51.01 0.00 12.31
C ILE F 236 -51.33 1.40 11.82
N LEU F 237 -52.55 1.62 11.37
CA LEU F 237 -52.95 2.96 11.00
C LEU F 237 -53.59 3.67 12.18
N ALA F 238 -52.96 4.78 12.55
CA ALA F 238 -53.26 5.56 13.73
C ALA F 238 -54.20 6.69 13.36
N ASP F 239 -54.94 7.15 14.35
CA ASP F 239 -55.83 8.29 14.17
C ASP F 239 -55.31 9.50 14.93
N LYS F 240 -55.32 10.63 14.24
CA LYS F 240 -54.85 11.89 14.80
C LYS F 240 -55.60 12.25 16.08
N ASN F 241 -56.90 11.94 16.15
CA ASN F 241 -57.63 12.13 17.40
C ASN F 241 -57.12 11.24 18.52
N ASP F 242 -56.44 10.14 18.20
CA ASP F 242 -55.79 9.35 19.25
C ASP F 242 -54.68 10.19 19.85
N ILE F 243 -54.69 10.36 21.17
CA ILE F 243 -53.77 11.28 21.82
C ILE F 243 -52.72 10.46 22.54
N GLY F 244 -51.47 10.90 22.42
CA GLY F 244 -50.34 10.15 22.89
C GLY F 244 -50.11 8.84 22.16
N LEU F 245 -50.84 8.58 21.07
CA LEU F 245 -50.79 7.30 20.38
C LEU F 245 -51.04 6.14 21.34
N LEU F 246 -51.84 6.39 22.37
CA LEU F 246 -52.12 5.35 23.36
C LEU F 246 -52.87 4.15 22.75
N LYS F 247 -53.74 4.38 21.75
CA LYS F 247 -54.42 3.24 21.12
C LYS F 247 -53.43 2.31 20.45
N ALA F 248 -52.53 2.86 19.64
CA ALA F 248 -51.54 2.02 18.97
C ALA F 248 -50.67 1.30 19.98
N SER F 249 -50.45 1.91 21.15
CA SER F 249 -49.76 1.23 22.23
C SER F 249 -50.45 -0.12 22.49
N GLU F 250 -51.79 -0.13 22.51
CA GLU F 250 -52.54 -1.31 22.91
C GLU F 250 -52.26 -2.40 21.89
N ASP F 251 -52.23 -1.93 20.64
CA ASP F 251 -52.01 -2.78 19.46
C ASP F 251 -50.58 -3.30 19.43
N VAL F 252 -49.65 -2.42 19.79
CA VAL F 252 -48.25 -2.80 19.88
C VAL F 252 -48.06 -3.87 20.94
N LYS F 253 -48.52 -3.61 22.17
CA LYS F 253 -48.34 -4.57 23.25
C LYS F 253 -48.82 -5.95 22.83
N LYS F 254 -49.97 -6.00 22.14
CA LYS F 254 -50.48 -7.29 21.69
C LYS F 254 -49.54 -7.94 20.68
N LEU F 255 -48.85 -7.14 19.89
CA LEU F 255 -47.88 -7.69 18.94
C LEU F 255 -46.59 -8.12 19.61
N THR F 256 -46.35 -7.71 20.84
CA THR F 256 -45.04 -7.82 21.46
C THR F 256 -45.11 -8.59 22.76
N ASN F 257 -46.11 -9.45 22.87
CA ASN F 257 -46.29 -10.34 24.01
C ASN F 257 -46.71 -9.58 25.26
N GLY F 258 -47.49 -8.53 25.07
CA GLY F 258 -48.02 -7.79 26.20
C GLY F 258 -47.02 -6.99 27.01
N ARG F 259 -45.75 -6.93 26.62
CA ARG F 259 -44.77 -6.11 27.33
C ARG F 259 -44.36 -4.85 26.57
N GLY F 260 -44.31 -4.90 25.25
CA GLY F 260 -43.83 -3.79 24.45
C GLY F 260 -42.65 -4.18 23.58
N ALA F 261 -42.35 -3.35 22.58
CA ALA F 261 -41.20 -3.57 21.71
C ALA F 261 -39.91 -3.31 22.47
N ASP F 262 -38.81 -3.87 21.97
CA ASP F 262 -37.52 -3.56 22.58
C ASP F 262 -37.03 -2.16 22.21
N TYR F 263 -37.45 -1.65 21.06
CA TYR F 263 -37.02 -0.36 20.53
C TYR F 263 -38.23 0.34 19.90
N ALA F 264 -38.21 1.66 19.92
CA ALA F 264 -39.25 2.45 19.27
C ALA F 264 -38.70 3.84 18.92
N PHE F 265 -39.29 4.44 17.88
CA PHE F 265 -38.73 5.60 17.22
C PHE F 265 -39.84 6.58 16.90
N GLU F 266 -39.56 7.87 17.12
CA GLU F 266 -40.51 8.95 16.93
C GLU F 266 -40.07 9.82 15.76
N CYS F 267 -40.93 9.92 14.74
CA CYS F 267 -40.59 10.60 13.49
C CYS F 267 -41.80 11.36 12.94
N THR F 268 -42.81 11.63 13.76
CA THR F 268 -44.09 12.13 13.28
C THR F 268 -44.08 13.62 13.00
N ALA F 269 -43.13 14.36 13.55
CA ALA F 269 -43.03 15.82 13.52
C ALA F 269 -44.08 16.52 14.40
N ILE F 270 -44.84 15.78 15.20
CA ILE F 270 -45.86 16.35 16.07
C ILE F 270 -45.22 16.59 17.45
N PRO F 271 -45.21 17.82 17.97
CA PRO F 271 -44.62 18.04 19.30
C PRO F 271 -45.26 17.22 20.42
N ALA F 272 -46.58 17.05 20.37
CA ALA F 272 -47.31 16.37 21.43
C ALA F 272 -47.03 14.89 21.50
N LEU F 273 -46.40 14.32 20.47
CA LEU F 273 -46.13 12.89 20.42
C LEU F 273 -44.69 12.52 20.80
N GLY F 274 -43.98 13.43 21.49
CA GLY F 274 -42.55 13.23 21.69
C GLY F 274 -42.24 12.10 22.64
N ALA F 275 -43.07 11.90 23.66
CA ALA F 275 -42.91 10.79 24.59
C ALA F 275 -43.70 9.55 24.18
N ALA F 276 -44.39 9.58 23.05
CA ALA F 276 -45.11 8.40 22.56
C ALA F 276 -44.25 7.13 22.45
N PRO F 277 -42.97 7.18 22.04
CA PRO F 277 -42.17 5.95 22.02
C PRO F 277 -42.17 5.21 23.35
N LEU F 278 -42.39 5.92 24.46
CA LEU F 278 -42.30 5.28 25.77
C LEU F 278 -43.46 4.35 26.04
N ALA F 279 -44.61 4.58 25.39
CA ALA F 279 -45.75 3.66 25.52
C ALA F 279 -45.59 2.42 24.67
N MET F 280 -44.84 2.49 23.57
CA MET F 280 -44.73 1.38 22.64
C MET F 280 -43.72 0.34 23.08
N ILE F 281 -43.10 0.50 24.24
CA ILE F 281 -41.82 -0.15 24.42
C ILE F 281 -41.83 -0.83 25.78
N ARG F 282 -41.06 -1.90 25.92
CA ARG F 282 -41.00 -2.60 27.18
C ARG F 282 -40.20 -1.79 28.19
N ASN F 283 -40.44 -2.06 29.47
CA ASN F 283 -39.46 -1.62 30.47
C ASN F 283 -38.09 -2.10 30.04
N ALA F 284 -37.09 -1.23 30.24
CA ALA F 284 -35.71 -1.43 29.80
C ALA F 284 -35.58 -1.47 28.28
N GLY F 285 -36.61 -1.01 27.51
CA GLY F 285 -36.43 -0.74 26.10
C GLY F 285 -35.70 0.57 25.88
N THR F 286 -35.35 0.88 24.62
CA THR F 286 -34.69 2.14 24.33
C THR F 286 -35.52 2.91 23.30
N ALA F 287 -35.99 4.10 23.68
CA ALA F 287 -36.80 4.93 22.80
C ALA F 287 -35.94 6.02 22.18
N VAL F 288 -36.20 6.33 20.91
CA VAL F 288 -35.47 7.33 20.17
C VAL F 288 -36.45 8.32 19.55
N GLN F 289 -36.48 9.55 20.05
CA GLN F 289 -37.24 10.57 19.34
C GLN F 289 -36.32 11.27 18.35
N VAL F 290 -36.70 11.19 17.07
CA VAL F 290 -35.89 11.72 16.00
C VAL F 290 -36.34 13.10 15.57
N SER F 291 -37.52 13.53 16.01
CA SER F 291 -38.12 14.75 15.47
C SER F 291 -37.47 16.02 15.99
N GLY F 292 -37.20 16.10 17.29
CA GLY F 292 -36.75 17.35 17.87
C GLY F 292 -37.91 18.28 18.14
N ILE F 293 -38.28 18.43 19.40
CA ILE F 293 -39.37 19.31 19.80
C ILE F 293 -38.74 20.52 20.47
N GLU F 294 -38.99 21.71 19.91
CA GLU F 294 -38.45 22.94 20.50
C GLU F 294 -39.51 23.72 21.27
N GLU F 295 -40.48 23.02 21.83
CA GLU F 295 -41.58 23.61 22.58
C GLU F 295 -41.72 22.83 23.88
N GLU F 296 -42.42 23.43 24.85
CA GLU F 296 -42.81 22.70 26.05
C GLU F 296 -43.95 21.75 25.71
N ILE F 297 -43.85 20.49 26.15
CA ILE F 297 -44.94 19.54 26.06
C ILE F 297 -45.19 18.97 27.45
N THR F 298 -46.34 18.33 27.62
CA THR F 298 -46.70 17.69 28.86
C THR F 298 -46.40 16.21 28.73
N ILE F 299 -45.73 15.64 29.72
CA ILE F 299 -45.38 14.23 29.72
C ILE F 299 -45.86 13.60 31.01
N ASP F 300 -46.55 12.47 30.89
CA ASP F 300 -46.82 11.58 32.02
C ASP F 300 -45.52 10.84 32.34
N MET F 301 -44.86 11.23 33.42
CA MET F 301 -43.58 10.64 33.82
C MET F 301 -43.66 9.17 34.17
N ARG F 302 -44.86 8.59 34.25
CA ARG F 302 -44.97 7.15 34.43
C ARG F 302 -44.53 6.40 33.16
N LEU F 303 -44.78 6.99 31.99
CA LEU F 303 -44.31 6.40 30.73
C LEU F 303 -42.82 6.13 30.78
N PHE F 304 -42.06 7.04 31.39
CA PHE F 304 -40.62 6.85 31.56
C PHE F 304 -40.30 5.71 32.52
N GLU F 305 -41.21 5.39 33.42
CA GLU F 305 -40.86 4.57 34.57
C GLU F 305 -40.40 3.19 34.12
N TRP F 306 -39.14 2.86 34.50
CA TRP F 306 -38.65 1.50 34.68
C TRP F 306 -37.69 1.20 33.54
N ASP F 307 -36.52 1.80 33.70
CA ASP F 307 -35.25 1.80 32.98
C ASP F 307 -35.36 2.06 31.47
N LYS F 308 -36.41 2.71 30.99
CA LYS F 308 -36.50 2.96 29.57
C LYS F 308 -35.49 4.05 29.16
N ILE F 309 -34.83 3.87 28.02
CA ILE F 309 -33.76 4.77 27.58
C ILE F 309 -34.32 5.72 26.54
N TYR F 310 -34.45 6.99 26.91
CA TYR F 310 -34.91 8.05 26.02
C TYR F 310 -33.74 8.87 25.53
N ILE F 311 -33.70 9.16 24.23
CA ILE F 311 -32.65 9.96 23.64
C ILE F 311 -33.24 10.73 22.47
N ASN F 312 -32.71 11.94 22.24
CA ASN F 312 -33.13 12.86 21.19
C ASN F 312 -31.92 13.10 20.30
N PRO F 313 -31.60 12.16 19.42
CA PRO F 313 -30.36 12.28 18.64
C PRO F 313 -30.45 13.31 17.53
N LEU F 314 -29.29 13.82 17.15
CA LEU F 314 -29.16 14.67 15.97
C LEU F 314 -28.41 13.95 14.85
N TYR F 315 -28.88 14.13 13.62
CA TYR F 315 -28.26 13.67 12.39
C TYR F 315 -28.06 12.16 12.41
N GLY F 316 -28.65 11.44 13.36
CA GLY F 316 -28.27 10.06 13.62
C GLY F 316 -26.78 9.81 13.89
N LYS F 317 -26.19 10.55 14.84
CA LYS F 317 -24.78 10.45 15.22
C LYS F 317 -23.87 10.43 14.03
N CYS F 318 -24.21 11.20 13.00
CA CYS F 318 -23.48 11.19 11.74
C CYS F 318 -22.03 11.62 11.91
N ARG F 319 -21.12 10.81 11.35
CA ARG F 319 -19.76 11.23 11.04
C ARG F 319 -19.65 11.03 9.54
N PRO F 320 -19.76 12.11 8.75
CA PRO F 320 -20.05 11.96 7.31
C PRO F 320 -19.01 11.16 6.54
N GLN F 321 -17.73 11.30 6.90
CA GLN F 321 -16.70 10.56 6.19
C GLN F 321 -16.78 9.06 6.40
N VAL F 322 -17.37 8.61 7.50
CA VAL F 322 -17.44 7.19 7.81
C VAL F 322 -18.83 6.62 7.48
N ASP F 323 -19.88 7.34 7.89
CA ASP F 323 -21.24 6.81 7.74
C ASP F 323 -21.68 6.81 6.29
N PHE F 324 -21.68 7.99 5.65
CA PHE F 324 -22.09 8.09 4.24
C PHE F 324 -21.48 7.00 3.36
N PRO F 325 -20.16 6.79 3.32
CA PRO F 325 -19.68 5.70 2.48
C PRO F 325 -20.28 4.36 2.87
N LYS F 326 -20.48 4.10 4.16
CA LYS F 326 -21.14 2.86 4.56
C LYS F 326 -22.51 2.76 3.91
N LEU F 327 -23.33 3.80 4.05
CA LEU F 327 -24.66 3.80 3.43
C LEU F 327 -24.56 3.52 1.93
N VAL F 328 -23.63 4.16 1.24
CA VAL F 328 -23.43 3.90 -0.18
C VAL F 328 -23.21 2.41 -0.39
N SER F 329 -22.30 1.85 0.39
CA SER F 329 -21.91 0.45 0.20
C SER F 329 -23.11 -0.47 0.37
N LEU F 330 -24.00 -0.14 1.30
CA LEU F 330 -25.19 -0.93 1.57
C LEU F 330 -26.23 -0.74 0.47
N TYR F 331 -26.18 0.40 -0.23
CA TYR F 331 -26.99 0.57 -1.43
C TYR F 331 -26.48 -0.32 -2.55
N GLU F 332 -25.16 -0.41 -2.70
CA GLU F 332 -24.59 -1.22 -3.78
C GLU F 332 -24.81 -2.71 -3.54
N LYS F 333 -24.85 -3.13 -2.29
CA LYS F 333 -25.12 -4.55 -2.03
C LYS F 333 -26.57 -4.89 -2.30
N GLY F 334 -27.47 -3.92 -2.18
CA GLY F 334 -28.88 -4.15 -2.36
C GLY F 334 -29.71 -3.95 -1.11
N ASP F 335 -29.08 -3.79 0.07
CA ASP F 335 -29.88 -3.73 1.29
C ASP F 335 -30.55 -2.38 1.45
N LEU F 336 -29.85 -1.32 1.02
CA LEU F 336 -30.32 0.06 1.15
C LEU F 336 -30.94 0.50 -0.17
N MET F 337 -32.19 0.90 -0.10
CA MET F 337 -32.97 1.07 -1.30
C MET F 337 -33.21 2.57 -1.22
N LEU F 338 -33.06 3.34 -2.30
CA LEU F 338 -33.23 4.79 -2.11
C LEU F 338 -33.53 5.45 -3.46
N ASP F 339 -33.43 4.65 -4.51
CA ASP F 339 -34.08 5.00 -5.77
C ASP F 339 -35.60 4.94 -5.63
N GLU F 340 -36.10 3.87 -5.01
CA GLU F 340 -37.53 3.75 -4.72
C GLU F 340 -38.01 4.78 -3.71
N MET F 341 -37.09 5.45 -3.00
CA MET F 341 -37.46 6.55 -2.10
C MET F 341 -38.05 7.71 -2.89
N ILE F 342 -37.50 7.98 -4.07
CA ILE F 342 -37.83 9.19 -4.80
C ILE F 342 -39.06 8.91 -5.65
N THR F 343 -40.22 9.29 -5.12
CA THR F 343 -41.44 9.31 -5.91
C THR F 343 -41.33 10.28 -7.09
N ARG F 344 -40.85 11.52 -6.87
CA ARG F 344 -40.82 12.42 -8.02
C ARG F 344 -39.72 13.46 -7.89
N THR F 345 -39.10 13.80 -9.03
CA THR F 345 -37.93 14.66 -9.11
C THR F 345 -38.29 15.96 -9.81
N TYR F 346 -37.99 17.12 -9.18
CA TYR F 346 -38.67 18.21 -9.88
C TYR F 346 -37.59 19.22 -10.29
N PRO F 347 -37.89 20.24 -11.11
CA PRO F 347 -36.96 21.37 -11.30
C PRO F 347 -37.13 22.42 -10.20
N LEU F 348 -36.24 23.42 -10.14
CA LEU F 348 -36.45 24.44 -9.11
C LEU F 348 -37.73 25.22 -9.31
N GLU F 349 -38.09 25.46 -10.57
CA GLU F 349 -39.37 26.08 -10.84
C GLU F 349 -40.48 25.34 -10.11
N ASN F 350 -40.39 24.01 -10.06
CA ASN F 350 -41.39 23.14 -9.47
C ASN F 350 -41.15 22.88 -7.97
N LEU F 351 -40.40 23.77 -7.29
CA LEU F 351 -40.19 23.59 -5.85
C LEU F 351 -41.50 23.66 -5.07
N GLN F 352 -42.47 24.42 -5.58
CA GLN F 352 -43.75 24.54 -4.90
C GLN F 352 -44.50 23.21 -4.83
N GLN F 353 -44.46 22.43 -5.90
CA GLN F 353 -45.19 21.16 -5.92
C GLN F 353 -44.56 20.17 -4.94
N ALA F 354 -43.23 20.17 -4.83
CA ALA F 354 -42.57 19.22 -3.94
C ALA F 354 -42.93 19.50 -2.48
N PHE F 355 -42.89 20.76 -2.06
CA PHE F 355 -43.40 21.10 -0.74
C PHE F 355 -44.82 20.61 -0.58
N ASP F 356 -45.70 21.00 -1.50
CA ASP F 356 -47.09 20.60 -1.42
C ASP F 356 -47.22 19.09 -1.49
N ASP F 357 -46.46 18.44 -2.37
CA ASP F 357 -46.53 16.99 -2.44
C ASP F 357 -46.08 16.36 -1.12
N MET F 358 -44.96 16.83 -0.57
CA MET F 358 -44.45 16.26 0.67
C MET F 358 -45.40 16.50 1.84
N LEU F 359 -46.08 17.65 1.83
CA LEU F 359 -47.07 17.90 2.88
C LEU F 359 -48.33 17.08 2.64
N THR F 360 -48.58 16.69 1.38
CA THR F 360 -49.68 15.79 1.09
C THR F 360 -49.52 14.47 1.82
N GLY F 361 -48.35 13.84 1.67
CA GLY F 361 -48.15 12.45 2.02
C GLY F 361 -47.95 11.54 0.82
N LYS F 362 -48.36 11.99 -0.38
CA LYS F 362 -47.94 11.34 -1.62
C LYS F 362 -46.42 11.20 -1.72
N ASN F 363 -45.68 12.29 -1.50
CA ASN F 363 -44.23 12.16 -1.64
C ASN F 363 -43.63 11.32 -0.50
N ALA F 364 -43.03 10.17 -0.86
CA ALA F 364 -42.01 9.59 0.02
C ALA F 364 -40.86 10.57 0.20
N LYS F 365 -40.29 11.06 -0.91
CA LYS F 365 -39.29 12.11 -0.88
C LYS F 365 -39.27 12.82 -2.24
N GLY F 366 -39.06 14.12 -2.21
CA GLY F 366 -38.90 14.92 -3.42
C GLY F 366 -37.46 15.39 -3.57
N VAL F 367 -36.95 15.32 -4.80
CA VAL F 367 -35.61 15.76 -5.11
C VAL F 367 -35.68 16.73 -6.27
N ILE F 368 -34.88 17.79 -6.21
CA ILE F 368 -34.84 18.80 -7.24
C ILE F 368 -33.69 18.45 -8.16
N ILE F 369 -34.00 18.31 -9.43
CA ILE F 369 -33.02 17.94 -10.43
C ILE F 369 -32.38 19.21 -10.98
N PHE F 370 -31.05 19.19 -11.17
CA PHE F 370 -30.35 20.25 -11.91
C PHE F 370 -29.68 19.66 -13.15
N SER G 2 19.50 27.90 15.22
CA SER G 2 20.06 26.58 15.53
C SER G 2 20.56 26.45 16.95
N ILE G 3 19.97 25.60 17.75
CA ILE G 3 20.32 25.56 19.17
C ILE G 3 21.04 24.24 19.47
N ILE G 4 22.00 24.34 20.39
CA ILE G 4 22.62 23.19 21.04
C ILE G 4 21.74 22.67 22.16
N SER G 5 21.44 21.38 22.09
CA SER G 5 20.88 20.67 23.23
C SER G 5 21.71 19.42 23.45
N LYS G 6 22.12 19.21 24.69
CA LYS G 6 22.69 17.94 25.07
C LYS G 6 21.54 16.93 25.23
N CYS G 7 21.75 15.75 24.69
CA CYS G 7 20.70 14.76 24.62
C CYS G 7 21.31 13.41 24.97
N ALA G 8 20.48 12.39 24.98
CA ALA G 8 20.95 11.01 25.05
C ALA G 8 20.75 10.39 23.69
N ILE G 9 21.79 9.76 23.16
CA ILE G 9 21.70 9.10 21.86
C ILE G 9 21.86 7.59 22.07
N ALA G 10 20.85 6.85 21.63
CA ALA G 10 20.99 5.42 21.41
C ALA G 10 21.63 5.16 20.06
N LYS G 11 22.33 4.04 19.95
CA LYS G 11 22.99 3.64 18.73
C LYS G 11 22.31 2.37 18.22
N GLY G 12 23.04 1.57 17.45
CA GLY G 12 22.50 0.29 17.03
C GLY G 12 22.89 -0.86 17.93
N ASP G 13 23.91 -0.65 18.76
CA ASP G 13 24.53 -1.69 19.56
C ASP G 13 23.91 -1.85 20.93
N GLY G 14 22.82 -1.13 21.20
CA GLY G 14 22.26 -1.10 22.54
C GLY G 14 23.04 -0.28 23.55
N THR G 15 23.88 0.64 23.10
CA THR G 15 24.64 1.46 24.03
C THR G 15 24.19 2.90 23.83
N PHE G 16 24.09 3.65 24.93
CA PHE G 16 23.73 5.06 24.81
C PHE G 16 24.88 5.93 25.28
N SER G 17 25.01 7.07 24.63
CA SER G 17 25.97 8.10 25.01
C SER G 17 25.24 9.42 25.14
N ILE G 18 25.82 10.32 25.92
CA ILE G 18 25.34 11.69 26.00
C ILE G 18 26.12 12.51 24.97
N GLU G 19 25.41 13.34 24.20
CA GLU G 19 25.97 14.08 23.07
C GLU G 19 25.25 15.42 22.94
N THR G 20 25.78 16.32 22.10
CA THR G 20 25.14 17.59 21.82
C THR G 20 24.41 17.44 20.50
N VAL G 21 23.33 18.19 20.33
CA VAL G 21 22.58 18.03 19.10
C VAL G 21 22.07 19.40 18.71
N GLN G 22 21.94 19.62 17.41
CA GLN G 22 21.69 20.94 16.86
C GLN G 22 20.25 21.00 16.42
N VAL G 23 19.42 21.70 17.19
CA VAL G 23 17.99 21.75 16.96
C VAL G 23 17.66 23.05 16.25
N GLU G 24 16.99 22.93 15.10
CA GLU G 24 16.57 24.06 14.28
C GLU G 24 15.28 24.66 14.81
N SER G 25 14.92 25.80 14.23
CA SER G 25 13.71 26.49 14.63
C SER G 25 12.47 25.81 14.03
N PRO G 26 11.33 25.89 14.71
CA PRO G 26 10.12 25.20 14.23
C PRO G 26 9.53 25.82 12.98
N LYS G 27 8.98 24.97 12.11
CA LYS G 27 8.14 25.43 11.02
C LYS G 27 6.73 25.74 11.55
N ALA G 28 5.78 25.96 10.64
CA ALA G 28 4.49 26.51 11.03
C ALA G 28 3.71 25.56 11.92
N ASP G 29 3.84 24.26 11.68
CA ASP G 29 3.07 23.24 12.39
C ASP G 29 3.83 22.59 13.52
N GLU G 30 4.95 23.16 13.96
CA GLU G 30 5.78 22.49 14.97
C GLU G 30 6.24 23.48 16.01
N VAL G 31 6.77 22.94 17.11
CA VAL G 31 6.98 23.68 18.34
C VAL G 31 8.30 23.25 18.96
N LEU G 32 9.12 24.21 19.36
CA LEU G 32 10.33 23.89 20.12
C LEU G 32 9.99 23.95 21.60
N VAL G 33 10.43 22.96 22.37
CA VAL G 33 10.11 22.87 23.78
C VAL G 33 11.43 22.73 24.55
N LYS G 34 11.66 23.63 25.50
CA LYS G 34 12.67 23.38 26.51
C LYS G 34 12.11 22.44 27.57
N VAL G 35 12.71 21.25 27.63
CA VAL G 35 12.32 20.16 28.50
C VAL G 35 12.91 20.40 29.88
N LYS G 36 12.06 20.43 30.89
CA LYS G 36 12.49 20.55 32.27
C LYS G 36 12.44 19.21 33.03
N ALA G 37 11.78 18.20 32.48
CA ALA G 37 11.76 16.90 33.14
C ALA G 37 11.41 15.84 32.11
N ALA G 38 12.08 14.69 32.19
CA ALA G 38 11.89 13.60 31.25
C ALA G 38 11.86 12.29 32.02
N GLY G 39 10.72 11.60 31.99
CA GLY G 39 10.58 10.34 32.69
C GLY G 39 11.04 9.12 31.87
N LEU G 40 11.28 8.01 32.58
CA LEU G 40 11.90 6.84 31.98
C LEU G 40 10.97 5.63 32.07
N CYS G 41 10.98 4.80 31.02
CA CYS G 41 10.05 3.70 30.80
C CYS G 41 10.84 2.51 30.27
N HIS G 42 10.35 1.30 30.57
CA HIS G 42 11.02 0.07 30.11
C HIS G 42 11.27 0.12 28.63
N THR G 43 10.33 0.70 27.86
CA THR G 43 10.48 0.75 26.40
C THR G 43 11.76 1.47 25.98
N ASP G 44 12.16 2.54 26.69
CA ASP G 44 13.40 3.25 26.35
C ASP G 44 14.63 2.34 26.42
N HIS G 45 14.66 1.39 27.38
CA HIS G 45 15.75 0.41 27.37
C HIS G 45 15.65 -0.52 26.16
N ASP G 46 14.44 -1.01 25.86
CA ASP G 46 14.20 -1.71 24.60
C ASP G 46 14.69 -0.87 23.43
N SER G 47 14.55 0.45 23.52
CA SER G 47 14.95 1.34 22.44
C SER G 47 16.41 1.15 22.07
N LEU G 48 17.23 0.68 23.01
CA LEU G 48 18.66 0.57 22.75
C LEU G 48 18.97 -0.40 21.61
N ASN G 49 18.31 -1.56 21.57
CA ASN G 49 18.66 -2.59 20.62
C ASN G 49 17.87 -2.53 19.32
N TRP G 50 17.17 -1.44 19.07
CA TRP G 50 16.80 -1.16 17.70
C TRP G 50 18.07 -0.80 16.94
N GLY G 51 18.07 -1.04 15.63
CA GLY G 51 19.31 -0.89 14.89
C GLY G 51 19.62 0.52 14.40
N LYS G 52 18.89 1.52 14.89
CA LYS G 52 18.96 2.84 14.31
C LYS G 52 19.23 3.90 15.37
N PRO G 53 20.12 4.86 15.12
CA PRO G 53 20.45 5.84 16.16
C PRO G 53 19.30 6.82 16.30
N ILE G 54 18.82 6.99 17.52
CA ILE G 54 17.71 7.89 17.83
C ILE G 54 18.02 8.71 19.08
N VAL G 55 17.43 9.91 19.12
CA VAL G 55 17.39 10.64 20.36
C VAL G 55 16.45 9.92 21.31
N MET G 56 16.92 9.66 22.52
CA MET G 56 16.18 8.85 23.46
C MET G 56 15.11 9.66 24.19
N GLY G 57 14.10 8.94 24.67
CA GLY G 57 13.13 9.53 25.56
C GLY G 57 11.78 9.70 24.92
N HIS G 58 10.72 9.28 25.61
CA HIS G 58 9.36 9.53 25.16
C HIS G 58 8.45 9.95 26.30
N GLU G 59 8.99 10.17 27.50
CA GLU G 59 8.27 10.84 28.57
C GLU G 59 8.90 12.21 28.83
N GLY G 60 8.08 13.26 28.86
CA GLY G 60 8.66 14.57 29.07
C GLY G 60 7.69 15.71 29.25
N ALA G 61 8.02 16.66 30.13
CA ALA G 61 7.29 17.92 30.20
C ALA G 61 8.30 19.07 30.22
N GLY G 62 7.80 20.25 29.90
CA GLY G 62 8.65 21.41 29.69
C GLY G 62 7.83 22.62 29.35
N PHE G 63 8.51 23.64 28.82
CA PHE G 63 7.90 24.92 28.52
C PHE G 63 8.04 25.22 27.04
N VAL G 64 7.12 26.01 26.52
CA VAL G 64 7.16 26.34 25.10
C VAL G 64 8.19 27.45 24.90
N GLU G 65 9.18 27.18 24.04
CA GLU G 65 10.18 28.18 23.72
C GLU G 65 9.82 28.92 22.44
N GLN G 66 9.35 28.21 21.42
CA GLN G 66 9.01 28.81 20.14
C GLN G 66 7.80 28.08 19.57
N VAL G 67 6.88 28.85 18.95
CA VAL G 67 5.68 28.31 18.32
C VAL G 67 5.72 28.61 16.83
N GLY G 68 5.22 27.67 16.03
CA GLY G 68 5.14 27.88 14.61
C GLY G 68 4.12 28.94 14.22
N SER G 69 4.27 29.44 12.99
CA SER G 69 3.42 30.53 12.53
C SER G 69 1.96 30.10 12.41
N ALA G 70 1.72 28.80 12.27
CA ALA G 70 0.36 28.29 12.11
C ALA G 70 -0.25 27.83 13.42
N VAL G 71 0.56 27.62 14.47
CA VAL G 71 0.02 27.10 15.72
C VAL G 71 -0.74 28.23 16.40
N THR G 72 -1.97 27.96 16.83
CA THR G 72 -2.81 29.00 17.40
C THR G 72 -3.41 28.64 18.76
N ASN G 73 -2.94 27.56 19.39
CA ASN G 73 -3.49 27.18 20.68
C ASN G 73 -2.47 27.13 21.80
N LEU G 74 -1.17 27.08 21.49
CA LEU G 74 -0.08 27.04 22.47
C LEU G 74 0.94 28.14 22.22
N ASN G 75 1.28 28.90 23.27
CA ASN G 75 2.13 30.09 23.22
C ASN G 75 3.40 29.91 24.04
N VAL G 76 4.36 30.82 23.81
CA VAL G 76 5.63 30.77 24.50
C VAL G 76 5.42 30.90 26.01
N GLY G 77 6.21 30.15 26.77
CA GLY G 77 6.05 30.07 28.21
C GLY G 77 5.01 29.08 28.67
N ASP G 78 4.19 28.54 27.77
CA ASP G 78 3.12 27.66 28.20
C ASP G 78 3.67 26.37 28.76
N TYR G 79 2.90 25.76 29.63
CA TYR G 79 3.29 24.52 30.26
C TYR G 79 2.58 23.35 29.60
N VAL G 80 3.41 22.42 29.09
CA VAL G 80 3.00 21.41 28.13
C VAL G 80 3.51 20.06 28.60
N ILE G 81 2.64 19.05 28.60
CA ILE G 81 3.05 17.65 28.72
C ILE G 81 3.09 17.05 27.32
N LEU G 82 4.13 16.30 27.03
CA LEU G 82 4.30 15.78 25.69
C LEU G 82 3.63 14.41 25.53
N ASN G 83 3.14 14.13 24.32
CA ASN G 83 2.57 12.84 23.97
C ASN G 83 3.19 12.34 22.68
N TRP G 84 3.08 11.02 22.45
CA TRP G 84 3.72 10.40 21.30
C TRP G 84 2.73 9.80 20.30
N ALA G 85 1.42 10.00 20.50
CA ALA G 85 0.43 9.62 19.49
C ALA G 85 0.45 10.57 18.30
N THR G 86 0.65 11.86 18.54
CA THR G 86 0.65 12.89 17.50
C THR G 86 -0.49 12.74 16.49
N PRO G 87 -1.74 12.73 16.94
CA PRO G 87 -2.84 12.27 16.08
C PRO G 87 -3.09 13.20 14.90
N CYS G 88 -3.35 12.62 13.72
CA CYS G 88 -3.63 13.48 12.56
C CYS G 88 -5.05 14.02 12.60
N MET G 89 -5.93 13.35 13.33
CA MET G 89 -7.30 13.77 13.60
C MET G 89 -8.21 13.60 12.41
N THR G 90 -7.74 13.08 11.27
CA THR G 90 -8.61 12.87 10.11
C THR G 90 -8.64 11.45 9.61
N CYS G 91 -7.68 10.60 9.99
CA CYS G 91 -7.67 9.25 9.47
C CYS G 91 -8.75 8.38 10.14
N PHE G 92 -8.95 7.17 9.59
CA PHE G 92 -10.11 6.37 9.97
C PHE G 92 -10.04 5.94 11.42
N GLN G 93 -8.84 5.61 11.93
CA GLN G 93 -8.77 5.26 13.35
C GLN G 93 -9.02 6.49 14.21
N CYS G 94 -8.40 7.63 13.85
CA CYS G 94 -8.69 8.88 14.53
C CYS G 94 -10.18 9.20 14.54
N GLN G 95 -10.87 8.94 13.43
CA GLN G 95 -12.28 9.25 13.39
C GLN G 95 -13.11 8.21 14.14
N GLU G 96 -12.57 7.02 14.38
CA GLU G 96 -13.20 6.10 15.32
C GLU G 96 -12.86 6.46 16.75
N GLY G 97 -12.01 7.44 16.96
CA GLY G 97 -11.58 7.81 18.30
C GLY G 97 -10.28 7.17 18.74
N ASN G 98 -9.58 6.47 17.85
CA ASN G 98 -8.36 5.74 18.19
C ASN G 98 -7.12 6.48 17.69
N GLN G 99 -6.93 7.68 18.25
CA GLN G 99 -5.80 8.54 17.92
C GLN G 99 -4.48 7.91 18.32
N HIS G 100 -4.50 7.07 19.37
CA HIS G 100 -3.33 6.31 19.75
C HIS G 100 -2.88 5.34 18.67
N ILE G 101 -3.78 4.92 17.77
CA ILE G 101 -3.35 4.08 16.66
C ILE G 101 -3.65 4.79 15.33
N CYS G 102 -3.31 6.07 15.26
CA CYS G 102 -3.45 6.84 14.03
C CYS G 102 -2.76 6.13 12.87
N GLU G 103 -3.36 6.19 11.68
CA GLU G 103 -2.71 5.54 10.54
C GLU G 103 -1.79 6.48 9.77
N SER G 104 -1.62 7.71 10.21
CA SER G 104 -0.80 8.67 9.50
C SER G 104 0.49 9.01 10.25
N ASN G 105 0.38 9.37 11.53
CA ASN G 105 1.46 10.03 12.25
C ASN G 105 2.08 9.22 13.37
N SER G 106 1.49 8.09 13.73
CA SER G 106 1.94 7.37 14.91
C SER G 106 3.37 6.87 14.73
N PRO G 107 4.18 6.86 15.78
CA PRO G 107 5.50 6.22 15.69
C PRO G 107 5.38 4.72 15.53
N VAL G 108 4.31 4.14 16.05
CA VAL G 108 4.23 2.69 16.06
C VAL G 108 3.41 2.19 14.88
N THR G 109 2.16 2.65 14.76
CA THR G 109 1.28 2.07 13.75
C THR G 109 1.49 2.68 12.38
N ALA G 110 2.02 3.90 12.31
CA ALA G 110 2.32 4.54 11.05
C ALA G 110 3.80 4.46 10.67
N GLY G 111 4.69 4.48 11.66
CA GLY G 111 6.12 4.43 11.42
C GLY G 111 6.81 3.20 11.97
N THR G 116 8.34 9.35 9.76
CA THR G 116 6.91 9.67 9.86
C THR G 116 6.50 11.13 10.05
N PRO G 117 5.37 11.52 9.46
CA PRO G 117 4.74 12.79 9.83
C PRO G 117 4.38 12.76 11.31
N GLY G 118 3.96 13.91 11.83
CA GLY G 118 3.85 14.03 13.27
C GLY G 118 5.16 13.87 13.99
N HIS G 119 6.25 13.67 13.26
CA HIS G 119 7.62 13.89 13.67
C HIS G 119 8.06 15.18 13.02
N ALA G 120 8.83 16.00 13.74
CA ALA G 120 9.25 17.28 13.17
C ALA G 120 10.13 17.04 11.95
N HIS G 121 10.31 18.09 11.14
CA HIS G 121 11.09 17.94 9.90
C HIS G 121 12.49 17.41 10.22
N LEU G 122 12.96 16.44 9.41
CA LEU G 122 14.10 15.63 9.81
C LEU G 122 15.40 16.44 9.94
N GLU G 123 15.49 17.58 9.25
CA GLU G 123 16.63 18.47 9.45
C GLU G 123 16.58 19.20 10.79
N GLY G 124 15.45 19.12 11.52
CA GLY G 124 15.31 19.84 12.76
C GLY G 124 16.24 19.39 13.86
N THR G 125 16.77 18.17 13.78
CA THR G 125 17.68 17.66 14.78
C THR G 125 18.76 16.82 14.11
N THR G 126 20.01 17.25 14.23
CA THR G 126 21.13 16.65 13.53
C THR G 126 22.19 16.22 14.53
N TRP G 127 22.67 14.98 14.39
CA TRP G 127 23.81 14.50 15.15
C TRP G 127 25.02 14.34 14.21
N ASN G 128 26.09 15.10 14.49
CA ASN G 128 27.27 15.16 13.63
C ASN G 128 26.89 15.62 12.22
N ASP G 129 25.96 16.57 12.18
CA ASP G 129 25.40 17.20 10.97
C ASP G 129 24.56 16.23 10.12
N THR G 130 24.25 15.03 10.63
CA THR G 130 23.34 14.09 9.96
C THR G 130 22.00 13.98 10.69
N PRO G 131 20.88 14.03 9.97
CA PRO G 131 19.56 14.03 10.64
C PRO G 131 19.35 12.70 11.34
N ILE G 132 18.72 12.76 12.52
CA ILE G 132 18.28 11.55 13.22
C ILE G 132 16.90 11.78 13.83
N GLU G 133 16.24 10.66 14.16
CA GLU G 133 14.84 10.65 14.57
C GLU G 133 14.68 10.87 16.08
N ARG G 134 13.52 11.44 16.46
CA ARG G 134 13.16 11.65 17.86
C ARG G 134 12.40 10.41 18.36
N SER G 135 12.88 9.81 19.45
CA SER G 135 12.24 8.62 19.99
C SER G 135 10.74 8.83 20.10
N PHE G 136 9.96 7.96 19.45
CA PHE G 136 8.51 8.08 19.43
C PHE G 136 8.10 9.48 18.98
N ASN G 137 8.77 9.99 17.95
CA ASN G 137 8.50 11.30 17.36
C ASN G 137 8.72 12.44 18.33
N ILE G 138 9.33 12.22 19.49
CA ILE G 138 9.44 13.31 20.45
C ILE G 138 10.86 13.41 20.99
N GLY G 139 11.46 12.29 21.38
CA GLY G 139 12.84 12.29 21.84
C GLY G 139 13.11 13.18 23.05
N THR G 140 12.54 12.84 24.20
CA THR G 140 12.42 13.79 25.31
C THR G 140 13.70 13.95 26.13
N LEU G 141 14.65 13.03 26.03
CA LEU G 141 15.88 13.14 26.82
C LEU G 141 16.86 14.10 26.14
N SER G 142 16.40 15.34 26.01
CA SER G 142 17.13 16.38 25.30
C SER G 142 16.75 17.69 25.96
N GLU G 143 17.74 18.59 26.08
CA GLU G 143 17.43 19.87 26.70
C GLU G 143 16.38 20.60 25.90
N TYR G 144 16.45 20.53 24.59
CA TYR G 144 15.46 21.12 23.70
C TYR G 144 14.92 20.03 22.80
N THR G 145 13.61 19.99 22.61
CA THR G 145 13.07 19.09 21.62
C THR G 145 12.28 19.89 20.60
N LEU G 146 12.40 19.54 19.33
CA LEU G 146 11.60 20.13 18.27
C LEU G 146 10.55 19.12 17.85
N VAL G 147 9.29 19.39 18.20
CA VAL G 147 8.16 18.49 17.92
C VAL G 147 7.06 19.23 17.14
N LYS G 148 6.12 18.46 16.61
CA LYS G 148 4.94 19.06 16.02
C LYS G 148 3.92 19.41 17.11
N ALA G 149 2.91 20.17 16.72
CA ALA G 149 1.99 20.71 17.71
C ALA G 149 1.17 19.63 18.37
N SER G 150 0.89 18.55 17.63
CA SER G 150 0.06 17.45 18.11
C SER G 150 0.76 16.61 19.16
N ALA G 151 2.01 16.88 19.46
CA ALA G 151 2.68 16.23 20.58
C ALA G 151 2.63 17.05 21.86
N CYS G 152 1.96 18.22 21.89
CA CYS G 152 1.98 19.09 23.06
C CYS G 152 0.57 19.28 23.62
N VAL G 153 0.44 19.12 24.93
CA VAL G 153 -0.79 19.36 25.67
C VAL G 153 -0.53 20.51 26.64
N LYS G 154 -1.16 21.64 26.39
CA LYS G 154 -1.11 22.71 27.37
C LYS G 154 -1.81 22.34 28.66
N ILE G 155 -1.28 22.84 29.78
CA ILE G 155 -1.86 22.60 31.10
C ILE G 155 -1.74 23.87 31.93
N GLU G 156 -2.85 24.33 32.49
CA GLU G 156 -2.86 25.56 33.27
C GLU G 156 -2.81 25.29 34.77
N THR G 157 -2.52 24.06 35.16
CA THR G 157 -2.23 23.71 36.54
C THR G 157 -0.75 23.81 36.83
N ASN G 158 -0.44 24.33 38.01
CA ASN G 158 0.92 24.32 38.50
C ASN G 158 1.11 23.01 39.26
N MET G 159 1.97 22.15 38.74
CA MET G 159 2.33 20.89 39.37
C MET G 159 3.82 20.68 39.17
N PRO G 160 4.45 19.87 40.02
CA PRO G 160 5.87 19.57 39.83
C PRO G 160 6.13 19.01 38.42
N MET G 161 7.09 19.63 37.74
CA MET G 161 7.41 19.23 36.37
C MET G 161 7.77 17.75 36.22
N PRO G 162 8.45 17.10 37.18
CA PRO G 162 8.58 15.63 37.07
C PRO G 162 7.25 14.90 37.13
N SER G 163 6.30 15.41 37.92
CA SER G 163 5.01 14.73 38.05
C SER G 163 4.22 14.75 36.75
N ALA G 164 4.39 15.79 35.95
CA ALA G 164 3.70 15.89 34.66
C ALA G 164 4.37 15.02 33.60
N SER G 165 5.67 14.77 33.73
CA SER G 165 6.40 14.09 32.67
C SER G 165 5.95 12.63 32.53
N ILE G 166 5.75 11.94 33.65
CA ILE G 166 5.37 10.53 33.62
C ILE G 166 3.95 10.33 33.10
N ILE G 167 3.15 11.39 32.98
CA ILE G 167 1.87 11.29 32.29
C ILE G 167 2.09 10.97 30.81
N SER G 168 3.27 11.26 30.28
CA SER G 168 3.51 11.05 28.86
C SER G 168 3.36 9.60 28.43
N CYS G 169 3.66 8.62 29.31
CA CYS G 169 3.48 7.21 28.95
C CYS G 169 3.03 6.31 30.12
N GLY G 170 3.87 6.16 31.14
CA GLY G 170 3.57 5.22 32.23
C GLY G 170 2.16 5.39 32.80
N VAL G 171 1.79 6.62 33.15
CA VAL G 171 0.50 6.85 33.77
C VAL G 171 -0.62 6.68 32.76
N MET G 172 -0.42 7.19 31.54
CA MET G 172 -1.48 7.12 30.55
C MET G 172 -1.82 5.68 30.20
N THR G 173 -0.80 4.87 29.85
CA THR G 173 -1.08 3.52 29.37
C THR G 173 -1.67 2.65 30.48
N GLY G 174 -1.10 2.69 31.68
CA GLY G 174 -1.64 1.89 32.78
C GLY G 174 -3.07 2.30 33.15
N TYR G 175 -3.31 3.60 33.27
CA TYR G 175 -4.63 4.05 33.69
C TYR G 175 -5.64 3.81 32.57
N GLY G 176 -5.31 4.26 31.35
CA GLY G 176 -6.20 4.07 30.21
C GLY G 176 -6.52 2.62 29.90
N SER G 177 -5.56 1.70 30.12
CA SER G 177 -5.86 0.28 29.95
C SER G 177 -6.97 -0.16 30.91
N VAL G 178 -7.02 0.43 32.10
CA VAL G 178 -8.10 0.14 33.07
C VAL G 178 -9.39 0.82 32.66
N VAL G 179 -9.33 2.09 32.30
CA VAL G 179 -10.53 2.91 32.13
C VAL G 179 -11.04 2.89 30.69
N ASN G 180 -10.14 3.07 29.73
CA ASN G 180 -10.53 3.19 28.33
C ASN G 180 -10.53 1.85 27.60
N SER G 181 -9.59 0.97 27.91
CA SER G 181 -9.45 -0.25 27.14
C SER G 181 -10.24 -1.41 27.77
N ALA G 182 -9.99 -1.72 29.03
CA ALA G 182 -10.77 -2.71 29.76
C ALA G 182 -12.13 -2.16 30.23
N LYS G 183 -12.26 -0.84 30.36
CA LYS G 183 -13.50 -0.21 30.82
C LYS G 183 -13.96 -0.85 32.12
N LEU G 184 -13.03 -0.88 33.08
CA LEU G 184 -13.26 -1.58 34.33
C LEU G 184 -14.41 -0.94 35.12
N GLN G 185 -15.23 -1.83 35.65
CA GLN G 185 -16.43 -1.64 36.43
C GLN G 185 -16.17 -1.63 37.94
N ALA G 186 -16.76 -0.64 38.59
CA ALA G 186 -16.65 -0.57 40.04
C ALA G 186 -17.20 -1.84 40.68
N GLY G 187 -16.60 -2.23 41.80
CA GLY G 187 -17.01 -3.41 42.53
C GLY G 187 -16.35 -4.69 42.09
N SER G 188 -15.45 -4.65 41.11
CA SER G 188 -14.97 -5.87 40.48
C SER G 188 -13.67 -6.33 41.14
N SER G 189 -13.03 -7.32 40.54
CA SER G 189 -11.74 -7.81 40.99
C SER G 189 -10.75 -7.61 39.85
N ALA G 190 -9.55 -7.15 40.21
CA ALA G 190 -8.49 -6.91 39.23
C ALA G 190 -7.18 -7.49 39.72
N VAL G 191 -6.40 -7.99 38.76
CA VAL G 191 -5.09 -8.61 38.98
C VAL G 191 -4.09 -7.90 38.06
N VAL G 192 -2.93 -7.57 38.61
CA VAL G 192 -1.93 -6.83 37.87
C VAL G 192 -0.64 -7.62 37.90
N LEU G 193 -0.23 -8.12 36.75
CA LEU G 193 1.04 -8.82 36.59
C LEU G 193 2.10 -7.77 36.25
N GLY G 194 2.97 -7.45 37.22
CA GLY G 194 4.01 -6.45 37.04
C GLY G 194 3.59 -5.10 37.56
N THR G 195 4.20 -4.64 38.64
CA THR G 195 3.72 -3.45 39.31
C THR G 195 4.74 -2.33 39.22
N GLY G 196 5.13 -2.00 37.98
CA GLY G 196 6.12 -0.98 37.79
C GLY G 196 5.56 0.31 37.25
N GLY G 197 6.33 0.96 36.37
CA GLY G 197 5.89 2.24 35.82
C GLY G 197 4.50 2.16 35.22
N VAL G 198 4.21 1.09 34.50
CA VAL G 198 2.87 0.90 33.98
C VAL G 198 1.98 0.26 35.03
N GLY G 199 2.53 -0.73 35.75
CA GLY G 199 1.72 -1.57 36.62
C GLY G 199 1.09 -0.83 37.79
N LEU G 200 1.85 0.06 38.45
CA LEU G 200 1.28 0.85 39.55
C LEU G 200 0.19 1.79 39.07
N ASN G 201 0.27 2.19 37.79
CA ASN G 201 -0.74 3.09 37.26
C ASN G 201 -1.97 2.35 36.78
N VAL G 202 -1.84 1.07 36.46
CA VAL G 202 -3.02 0.20 36.36
C VAL G 202 -3.74 0.15 37.70
N ILE G 203 -2.97 0.05 38.79
CA ILE G 203 -3.54 -0.04 40.13
C ILE G 203 -4.26 1.27 40.47
N GLN G 204 -3.60 2.41 40.23
CA GLN G 204 -4.28 3.69 40.44
C GLN G 204 -5.61 3.71 39.69
N GLY G 205 -5.55 3.43 38.37
CA GLY G 205 -6.76 3.47 37.55
C GLY G 205 -7.87 2.61 38.13
N ALA G 206 -7.50 1.43 38.66
CA ALA G 206 -8.46 0.52 39.21
C ALA G 206 -9.02 1.04 40.54
N ARG G 207 -8.17 1.66 41.36
CA ARG G 207 -8.69 2.24 42.60
C ARG G 207 -9.65 3.38 42.30
N ILE G 208 -9.23 4.28 41.40
CA ILE G 208 -10.13 5.34 40.98
C ILE G 208 -11.40 4.75 40.38
N SER G 209 -11.26 3.71 39.54
CA SER G 209 -12.46 3.15 38.92
C SER G 209 -13.34 2.39 39.92
N GLY G 210 -12.79 1.96 41.04
CA GLY G 210 -13.56 1.41 42.14
C GLY G 210 -13.54 -0.09 42.29
N ALA G 211 -12.50 -0.77 41.82
CA ALA G 211 -12.40 -2.20 42.06
C ALA G 211 -12.37 -2.46 43.56
N ALA G 212 -13.24 -3.36 44.03
CA ALA G 212 -13.27 -3.67 45.45
C ALA G 212 -12.06 -4.50 45.86
N LYS G 213 -11.37 -5.11 44.90
CA LYS G 213 -10.23 -5.96 45.21
C LYS G 213 -9.20 -5.83 44.10
N ILE G 214 -7.98 -5.39 44.47
CA ILE G 214 -6.90 -5.19 43.53
C ILE G 214 -5.73 -6.05 43.98
N ILE G 215 -5.35 -7.03 43.15
CA ILE G 215 -4.34 -8.02 43.47
C ILE G 215 -3.06 -7.68 42.72
N ALA G 216 -2.01 -7.34 43.45
CA ALA G 216 -0.75 -6.96 42.84
C ALA G 216 0.20 -8.13 42.90
N ILE G 217 0.85 -8.44 41.78
CA ILE G 217 1.75 -9.59 41.70
C ILE G 217 3.03 -9.17 41.01
N ASP G 218 4.16 -9.38 41.70
CA ASP G 218 5.48 -9.04 41.20
C ASP G 218 6.51 -9.99 41.81
N ILE G 219 7.64 -10.13 41.11
CA ILE G 219 8.75 -10.93 41.64
C ILE G 219 9.42 -10.20 42.78
N ASN G 220 9.44 -8.88 42.71
CA ASN G 220 10.07 -8.04 43.72
C ASN G 220 9.11 -7.51 44.77
N GLN G 221 9.64 -7.51 46.01
CA GLN G 221 8.92 -7.10 47.20
C GLN G 221 8.88 -5.57 47.33
N GLU G 222 9.93 -4.89 46.84
CA GLU G 222 9.87 -3.43 46.75
C GLU G 222 8.70 -3.02 45.87
N ARG G 223 8.59 -3.60 44.67
CA ARG G 223 7.49 -3.21 43.80
C ARG G 223 6.15 -3.51 44.43
N LEU G 224 6.06 -4.58 45.21
CA LEU G 224 4.79 -4.96 45.81
C LEU G 224 4.42 -3.97 46.89
N ASP G 225 5.42 -3.51 47.63
CA ASP G 225 5.23 -2.46 48.62
C ASP G 225 4.74 -1.15 47.99
N MET G 226 5.25 -0.83 46.79
CA MET G 226 4.74 0.33 46.07
C MET G 226 3.30 0.10 45.63
N ALA G 227 2.98 -1.12 45.22
CA ALA G 227 1.65 -1.38 44.69
C ALA G 227 0.58 -1.23 45.76
N LEU G 228 0.87 -1.66 46.99
CA LEU G 228 -0.02 -1.36 48.11
C LEU G 228 -0.12 0.13 48.33
N GLN G 229 1.02 0.83 48.24
CA GLN G 229 1.02 2.27 48.40
C GLN G 229 0.02 2.90 47.43
N PHE G 230 0.07 2.51 46.15
CA PHE G 230 -0.72 3.21 45.15
C PHE G 230 -2.13 2.68 45.01
N GLY G 231 -2.52 1.71 45.84
CA GLY G 231 -3.90 1.33 45.91
C GLY G 231 -4.19 -0.16 45.91
N ALA G 232 -3.19 -1.02 46.03
CA ALA G 232 -3.47 -2.44 46.03
C ALA G 232 -4.15 -2.83 47.34
N THR G 233 -5.01 -3.84 47.25
CA THR G 233 -5.62 -4.51 48.40
C THR G 233 -4.86 -5.76 48.80
N HIS G 234 -4.29 -6.45 47.84
CA HIS G 234 -3.65 -7.72 48.09
C HIS G 234 -2.34 -7.72 47.32
N THR G 235 -1.32 -8.34 47.89
CA THR G 235 -0.04 -8.49 47.22
C THR G 235 0.37 -9.96 47.25
N ILE G 236 0.90 -10.43 46.13
CA ILE G 236 1.37 -11.81 46.03
C ILE G 236 2.78 -11.80 45.49
N LEU G 237 3.68 -12.47 46.19
CA LEU G 237 5.07 -12.56 45.75
C LEU G 237 5.23 -13.72 44.80
N ALA G 238 5.85 -13.45 43.67
CA ALA G 238 5.99 -14.40 42.59
C ALA G 238 7.43 -14.86 42.40
N ASP G 239 7.56 -16.17 42.14
CA ASP G 239 8.76 -16.84 41.69
C ASP G 239 8.99 -16.77 40.20
N LYS G 240 10.14 -16.18 39.83
CA LYS G 240 10.50 -16.07 38.42
C LYS G 240 10.50 -17.43 37.76
N ASN G 241 10.77 -18.47 38.53
CA ASN G 241 10.74 -19.81 37.99
C ASN G 241 9.32 -20.37 37.91
N ASP G 242 8.32 -19.66 38.41
CA ASP G 242 6.94 -20.05 38.12
C ASP G 242 6.64 -19.74 36.67
N ILE G 243 6.16 -20.73 35.94
CA ILE G 243 6.08 -20.64 34.49
C ILE G 243 4.67 -20.19 34.14
N GLY G 244 4.57 -19.11 33.38
CA GLY G 244 3.28 -18.48 33.14
C GLY G 244 2.57 -17.99 34.38
N LEU G 245 3.25 -17.92 35.53
CA LEU G 245 2.62 -17.62 36.80
C LEU G 245 1.41 -18.51 37.04
N LEU G 246 1.56 -19.80 36.72
CA LEU G 246 0.47 -20.73 36.96
C LEU G 246 0.25 -20.97 38.45
N LYS G 247 1.32 -21.01 39.24
CA LYS G 247 1.11 -21.09 40.68
C LYS G 247 0.44 -19.82 41.17
N ALA G 248 0.88 -18.66 40.67
CA ALA G 248 0.22 -17.39 40.98
C ALA G 248 -1.29 -17.47 40.78
N SER G 249 -1.73 -18.03 39.65
CA SER G 249 -3.15 -18.06 39.34
C SER G 249 -3.95 -18.82 40.41
N GLU G 250 -3.40 -19.88 41.00
CA GLU G 250 -4.12 -20.57 42.06
C GLU G 250 -4.29 -19.67 43.29
N ASP G 251 -3.27 -18.88 43.63
CA ASP G 251 -3.41 -17.93 44.74
C ASP G 251 -4.47 -16.89 44.40
N VAL G 252 -4.53 -16.48 43.14
CA VAL G 252 -5.59 -15.59 42.69
C VAL G 252 -6.95 -16.24 42.89
N LYS G 253 -7.09 -17.51 42.47
CA LYS G 253 -8.38 -18.20 42.56
C LYS G 253 -8.81 -18.41 44.00
N LYS G 254 -7.87 -18.69 44.90
CA LYS G 254 -8.25 -18.70 46.30
C LYS G 254 -8.74 -17.32 46.74
N LEU G 255 -8.19 -16.26 46.15
CA LEU G 255 -8.60 -14.94 46.60
C LEU G 255 -9.90 -14.46 45.97
N THR G 256 -10.44 -15.16 44.96
CA THR G 256 -11.64 -14.72 44.26
C THR G 256 -12.65 -15.88 44.27
N ASN G 257 -13.11 -16.22 45.48
CA ASN G 257 -13.87 -17.43 45.72
C ASN G 257 -13.07 -18.58 45.14
N GLY G 258 -13.48 -19.08 43.98
CA GLY G 258 -12.62 -20.03 43.29
C GLY G 258 -12.62 -19.83 41.79
N ARG G 259 -13.05 -18.64 41.32
CA ARG G 259 -13.38 -18.44 39.92
C ARG G 259 -12.30 -17.75 39.10
N GLY G 260 -11.45 -16.97 39.73
CA GLY G 260 -10.61 -16.07 38.98
C GLY G 260 -11.06 -14.62 39.09
N ALA G 261 -10.23 -13.75 38.55
CA ALA G 261 -10.53 -12.33 38.62
C ALA G 261 -11.52 -11.93 37.53
N ASP G 262 -12.20 -10.81 37.77
CA ASP G 262 -13.01 -10.21 36.71
C ASP G 262 -12.12 -9.57 35.65
N TYR G 263 -11.03 -8.94 36.06
CA TYR G 263 -10.13 -8.28 35.13
C TYR G 263 -8.69 -8.63 35.47
N ALA G 264 -7.82 -8.56 34.46
CA ALA G 264 -6.41 -8.82 34.71
C ALA G 264 -5.56 -8.04 33.71
N PHE G 265 -4.41 -7.59 34.18
CA PHE G 265 -3.55 -6.72 33.39
C PHE G 265 -2.12 -7.22 33.50
N GLU G 266 -1.50 -7.50 32.34
CA GLU G 266 -0.16 -8.06 32.26
C GLU G 266 0.84 -6.94 31.94
N CYS G 267 1.84 -6.75 32.80
CA CYS G 267 2.75 -5.62 32.62
C CYS G 267 4.19 -6.01 32.92
N THR G 268 4.53 -7.28 32.80
CA THR G 268 5.80 -7.78 33.29
C THR G 268 6.96 -7.54 32.33
N ALA G 269 6.69 -7.13 31.09
CA ALA G 269 7.70 -7.05 30.03
C ALA G 269 8.38 -8.38 29.74
N ILE G 270 7.80 -9.50 30.17
CA ILE G 270 8.28 -10.83 29.79
C ILE G 270 7.38 -11.34 28.68
N PRO G 271 7.90 -11.58 27.47
CA PRO G 271 7.07 -12.11 26.39
C PRO G 271 6.36 -13.40 26.78
N ALA G 272 7.02 -14.32 27.49
CA ALA G 272 6.43 -15.62 27.76
C ALA G 272 5.14 -15.54 28.56
N LEU G 273 4.87 -14.40 29.18
CA LEU G 273 3.75 -14.23 30.09
C LEU G 273 2.52 -13.63 29.41
N GLY G 274 2.55 -13.50 28.07
CA GLY G 274 1.46 -12.85 27.35
C GLY G 274 0.09 -13.47 27.61
N ALA G 275 0.05 -14.81 27.78
CA ALA G 275 -1.17 -15.55 28.07
C ALA G 275 -1.57 -15.49 29.54
N ALA G 276 -0.67 -15.08 30.42
CA ALA G 276 -0.90 -15.27 31.85
C ALA G 276 -2.11 -14.54 32.42
N PRO G 277 -2.49 -13.33 31.99
CA PRO G 277 -3.74 -12.75 32.52
C PRO G 277 -4.94 -13.65 32.28
N LEU G 278 -4.92 -14.52 31.24
CA LEU G 278 -6.05 -15.42 31.03
C LEU G 278 -6.16 -16.43 32.16
N ALA G 279 -5.04 -16.99 32.61
CA ALA G 279 -5.03 -17.84 33.79
C ALA G 279 -5.45 -17.10 35.07
N MET G 280 -5.40 -15.77 35.08
CA MET G 280 -5.80 -15.07 36.29
C MET G 280 -7.29 -14.84 36.33
N ILE G 281 -8.00 -15.20 35.28
CA ILE G 281 -9.25 -14.55 35.00
C ILE G 281 -10.33 -15.63 34.99
N ARG G 282 -11.53 -15.28 35.46
CA ARG G 282 -12.65 -16.19 35.30
C ARG G 282 -13.05 -16.26 33.83
N ASN G 283 -14.06 -17.07 33.55
CA ASN G 283 -14.69 -17.05 32.24
C ASN G 283 -15.57 -15.81 32.15
N ALA G 284 -15.72 -15.31 30.92
CA ALA G 284 -16.28 -14.00 30.63
C ALA G 284 -15.48 -12.86 31.30
N GLY G 285 -14.34 -13.13 31.90
CA GLY G 285 -13.51 -12.08 32.40
C GLY G 285 -12.79 -11.39 31.28
N THR G 286 -12.16 -10.27 31.60
CA THR G 286 -11.41 -9.47 30.64
C THR G 286 -9.93 -9.50 31.00
N ALA G 287 -9.08 -9.89 30.06
CA ALA G 287 -7.64 -9.93 30.27
C ALA G 287 -6.96 -8.99 29.29
N VAL G 288 -6.08 -8.15 29.82
CA VAL G 288 -5.47 -7.04 29.10
C VAL G 288 -3.97 -7.20 29.24
N GLN G 289 -3.28 -7.46 28.14
CA GLN G 289 -1.84 -7.55 28.24
C GLN G 289 -1.27 -6.25 27.64
N VAL G 290 -0.59 -5.48 28.49
CA VAL G 290 -0.20 -4.12 28.14
C VAL G 290 1.24 -4.07 27.67
N SER G 291 2.01 -5.12 27.90
CA SER G 291 3.44 -5.09 27.65
C SER G 291 3.79 -4.92 26.17
N GLY G 292 3.03 -5.55 25.28
CA GLY G 292 3.42 -5.56 23.88
C GLY G 292 4.58 -6.48 23.61
N ILE G 293 4.33 -7.58 22.89
CA ILE G 293 5.31 -8.62 22.67
C ILE G 293 5.49 -8.81 21.17
N GLU G 294 6.73 -8.69 20.70
CA GLU G 294 7.01 -8.81 19.28
C GLU G 294 7.73 -10.13 18.98
N GLU G 295 7.21 -11.22 19.53
CA GLU G 295 7.82 -12.55 19.44
C GLU G 295 6.73 -13.59 19.19
N GLU G 296 7.17 -14.80 18.88
CA GLU G 296 6.31 -15.97 18.86
C GLU G 296 6.43 -16.72 20.18
N ILE G 297 5.30 -16.99 20.82
CA ILE G 297 5.27 -17.75 22.06
C ILE G 297 4.30 -18.92 21.93
N THR G 298 4.47 -19.88 22.83
CA THR G 298 3.63 -21.07 22.90
C THR G 298 2.54 -20.77 23.92
N ILE G 299 1.30 -20.82 23.48
CA ILE G 299 0.17 -20.47 24.32
C ILE G 299 -0.71 -21.70 24.48
N ASP G 300 -1.05 -22.05 25.72
CA ASP G 300 -2.05 -23.09 25.94
C ASP G 300 -3.43 -22.52 25.59
N MET G 301 -3.97 -22.88 24.43
CA MET G 301 -5.23 -22.30 23.98
C MET G 301 -6.42 -22.69 24.86
N ARG G 302 -6.22 -23.58 25.83
CA ARG G 302 -7.20 -23.76 26.89
C ARG G 302 -7.39 -22.46 27.69
N LEU G 303 -6.34 -21.64 27.81
CA LEU G 303 -6.44 -20.43 28.63
C LEU G 303 -7.42 -19.44 28.04
N PHE G 304 -7.48 -19.36 26.70
CA PHE G 304 -8.43 -18.48 26.02
C PHE G 304 -9.85 -18.97 26.19
N GLU G 305 -10.02 -20.25 26.43
CA GLU G 305 -11.35 -20.82 26.38
C GLU G 305 -12.27 -20.13 27.37
N TRP G 306 -13.32 -19.50 26.80
CA TRP G 306 -14.65 -19.40 27.40
C TRP G 306 -14.95 -17.96 27.77
N ASP G 307 -15.18 -17.20 26.70
CA ASP G 307 -15.71 -15.85 26.66
C ASP G 307 -14.77 -14.80 27.27
N LYS G 308 -13.48 -15.10 27.41
CA LYS G 308 -12.55 -14.14 27.98
C LYS G 308 -12.16 -13.11 26.92
N ILE G 309 -12.54 -11.86 27.14
CA ILE G 309 -12.01 -10.77 26.31
C ILE G 309 -10.50 -10.68 26.51
N TYR G 310 -9.76 -10.47 25.42
CA TYR G 310 -8.31 -10.34 25.42
C TYR G 310 -7.95 -9.22 24.46
N ILE G 311 -6.98 -8.39 24.86
CA ILE G 311 -6.64 -7.20 24.08
C ILE G 311 -5.21 -6.79 24.39
N ASN G 312 -4.55 -6.20 23.38
CA ASN G 312 -3.20 -5.63 23.50
C ASN G 312 -3.32 -4.15 23.16
N PRO G 313 -3.71 -3.32 24.11
CA PRO G 313 -4.00 -1.91 23.81
C PRO G 313 -2.74 -1.06 23.78
N LEU G 314 -2.67 -0.18 22.80
CA LEU G 314 -1.58 0.76 22.68
C LEU G 314 -1.88 2.06 23.41
N TYR G 315 -1.00 2.46 24.33
CA TYR G 315 -0.98 3.80 24.90
C TYR G 315 -2.25 4.14 25.67
N GLY G 316 -2.88 3.12 26.27
CA GLY G 316 -4.11 3.34 27.01
C GLY G 316 -5.24 3.98 26.21
N LYS G 317 -5.21 3.85 24.88
CA LYS G 317 -6.21 4.49 24.00
C LYS G 317 -6.22 6.00 24.20
N CYS G 318 -5.02 6.54 24.33
CA CYS G 318 -4.75 7.96 24.54
C CYS G 318 -5.34 8.85 23.46
N ARG G 319 -6.42 9.57 23.76
CA ARG G 319 -6.70 10.82 23.07
C ARG G 319 -6.07 11.91 23.95
N PRO G 320 -4.97 12.54 23.51
CA PRO G 320 -4.11 13.24 24.49
C PRO G 320 -4.69 14.55 24.98
N GLN G 321 -5.36 15.32 24.13
CA GLN G 321 -6.06 16.53 24.60
C GLN G 321 -7.25 16.18 25.47
N VAL G 322 -7.71 14.95 25.44
CA VAL G 322 -8.86 14.52 26.21
C VAL G 322 -8.44 13.87 27.52
N ASP G 323 -7.48 12.94 27.47
CA ASP G 323 -7.14 12.17 28.65
C ASP G 323 -6.20 12.93 29.60
N PHE G 324 -5.15 13.56 29.05
CA PHE G 324 -4.22 14.32 29.89
C PHE G 324 -4.90 15.36 30.77
N PRO G 325 -5.82 16.18 30.29
CA PRO G 325 -6.63 17.01 31.21
C PRO G 325 -7.33 16.23 32.32
N LYS G 326 -7.83 15.01 32.06
CA LYS G 326 -8.52 14.27 33.11
C LYS G 326 -7.54 13.75 34.16
N LEU G 327 -6.38 13.27 33.73
CA LEU G 327 -5.38 12.89 34.71
C LEU G 327 -5.01 14.10 35.59
N VAL G 328 -4.70 15.25 34.97
CA VAL G 328 -4.36 16.42 35.76
C VAL G 328 -5.46 16.70 36.77
N SER G 329 -6.71 16.66 36.30
CA SER G 329 -7.82 17.00 37.17
C SER G 329 -7.97 16.00 38.32
N LEU G 330 -7.56 14.74 38.13
CA LEU G 330 -7.64 13.76 39.23
C LEU G 330 -6.43 13.82 40.16
N TYR G 331 -5.30 14.33 39.67
CA TYR G 331 -4.21 14.66 40.58
C TYR G 331 -4.66 15.76 41.54
N GLU G 332 -5.29 16.80 41.01
CA GLU G 332 -5.74 17.90 41.85
C GLU G 332 -6.78 17.42 42.85
N LYS G 333 -7.58 16.42 42.49
CA LYS G 333 -8.46 15.77 43.46
C LYS G 333 -7.66 15.01 44.51
N GLY G 334 -6.50 14.48 44.15
CA GLY G 334 -5.70 13.66 45.05
C GLY G 334 -5.76 12.17 44.77
N ASP G 335 -6.60 11.73 43.81
CA ASP G 335 -6.75 10.31 43.54
C ASP G 335 -5.61 9.77 42.68
N LEU G 336 -5.13 10.53 41.69
CA LEU G 336 -3.80 10.23 41.14
C LEU G 336 -2.70 10.78 42.00
N MET G 337 -2.00 9.87 42.66
CA MET G 337 -0.76 10.18 43.33
C MET G 337 0.34 10.15 42.27
N LEU G 338 0.98 11.29 42.04
CA LEU G 338 2.04 11.21 41.06
C LEU G 338 3.28 11.99 41.48
N ASP G 339 3.19 12.84 42.52
CA ASP G 339 4.41 13.30 43.20
C ASP G 339 5.14 12.16 43.87
N GLU G 340 4.40 11.11 44.28
CA GLU G 340 4.94 9.99 45.04
C GLU G 340 5.64 8.98 44.15
N MET G 341 5.21 8.85 42.90
CA MET G 341 5.91 7.94 42.00
C MET G 341 7.30 8.43 41.64
N ILE G 342 7.58 9.72 41.83
CA ILE G 342 8.89 10.24 41.47
C ILE G 342 9.85 9.90 42.61
N THR G 343 10.37 8.67 42.58
CA THR G 343 11.25 8.20 43.64
C THR G 343 12.58 8.94 43.64
N ARG G 344 13.21 9.10 42.45
CA ARG G 344 14.47 9.82 42.38
C ARG G 344 14.53 10.71 41.13
N THR G 345 15.22 11.85 41.26
CA THR G 345 15.55 12.69 40.12
C THR G 345 17.03 12.52 39.77
N TYR G 346 17.32 12.55 38.48
CA TYR G 346 18.67 12.36 37.99
C TYR G 346 19.04 13.48 37.02
N PRO G 347 20.34 13.73 36.83
CA PRO G 347 20.79 14.48 35.66
C PRO G 347 20.94 13.53 34.47
N LEU G 348 20.90 14.13 33.27
CA LEU G 348 21.11 13.35 32.05
C LEU G 348 22.41 12.56 32.12
N GLU G 349 23.45 13.14 32.72
CA GLU G 349 24.76 12.50 32.78
C GLU G 349 24.71 11.15 33.48
N ASN G 350 23.78 10.98 34.41
CA ASN G 350 23.63 9.72 35.13
C ASN G 350 22.31 9.05 34.78
N LEU G 351 21.96 9.06 33.50
CA LEU G 351 20.78 8.32 33.04
C LEU G 351 20.94 6.83 33.31
N GLN G 352 22.16 6.33 33.24
CA GLN G 352 22.43 4.90 33.42
C GLN G 352 22.06 4.47 34.86
N GLN G 353 22.36 5.30 35.85
CA GLN G 353 21.79 5.13 37.19
C GLN G 353 20.29 4.92 37.12
N ALA G 354 19.60 5.72 36.28
CA ALA G 354 18.14 5.68 36.25
C ALA G 354 17.64 4.43 35.54
N PHE G 355 18.26 4.05 34.41
CA PHE G 355 17.99 2.75 33.81
C PHE G 355 18.14 1.65 34.83
N ASP G 356 19.26 1.69 35.58
CA ASP G 356 19.55 0.66 36.58
C ASP G 356 18.46 0.57 37.62
N ASP G 357 18.08 1.73 38.18
CA ASP G 357 17.07 1.76 39.24
C ASP G 357 15.71 1.28 38.76
N MET G 358 15.36 1.54 37.49
CA MET G 358 14.10 1.02 36.97
C MET G 358 14.15 -0.50 36.89
N LEU G 359 15.26 -1.04 36.37
CA LEU G 359 15.45 -2.46 36.15
C LEU G 359 15.91 -3.20 37.40
N THR G 360 16.12 -2.50 38.50
CA THR G 360 16.41 -3.15 39.76
C THR G 360 15.27 -3.03 40.77
N GLY G 361 14.25 -2.23 40.49
CA GLY G 361 13.04 -2.21 41.29
C GLY G 361 12.98 -1.15 42.36
N LYS G 362 14.02 -0.35 42.49
CA LYS G 362 14.06 0.65 43.55
C LYS G 362 13.26 1.90 43.20
N ASN G 363 13.13 2.21 41.92
CA ASN G 363 12.25 3.28 41.48
C ASN G 363 10.85 2.75 41.14
N ALA G 364 9.84 3.53 41.52
CA ALA G 364 8.54 3.44 40.85
C ALA G 364 8.62 4.15 39.49
N LYS G 365 8.91 5.44 39.50
CA LYS G 365 9.38 6.11 38.30
C LYS G 365 10.63 6.92 38.66
N GLY G 366 11.51 7.04 37.68
CA GLY G 366 12.62 7.98 37.76
C GLY G 366 12.54 8.96 36.61
N VAL G 367 12.97 10.20 36.86
CA VAL G 367 12.85 11.29 35.90
C VAL G 367 14.17 12.01 35.80
N ILE G 368 14.61 12.30 34.58
CA ILE G 368 15.78 13.14 34.34
C ILE G 368 15.35 14.61 34.33
N ILE G 369 15.97 15.42 35.20
CA ILE G 369 15.63 16.85 35.31
C ILE G 369 16.72 17.69 34.68
N PHE G 370 16.30 18.74 33.97
CA PHE G 370 17.24 19.66 33.35
C PHE G 370 17.25 20.99 34.11
N ILE H 3 -45.80 -17.59 66.59
CA ILE H 3 -44.64 -16.74 66.77
C ILE H 3 -45.10 -15.30 66.71
N ILE H 4 -45.12 -14.62 67.86
CA ILE H 4 -45.67 -13.26 67.95
C ILE H 4 -44.61 -12.23 67.58
N SER H 5 -45.04 -11.07 67.08
CA SER H 5 -44.13 -10.04 66.61
C SER H 5 -44.76 -8.65 66.71
N LYS H 6 -44.19 -7.77 67.53
CA LYS H 6 -44.54 -6.37 67.40
C LYS H 6 -43.98 -5.92 66.05
N CYS H 7 -44.89 -5.46 65.23
CA CYS H 7 -44.65 -5.05 63.88
C CYS H 7 -45.51 -3.83 63.67
N ALA H 8 -45.11 -3.01 62.71
CA ALA H 8 -45.87 -1.83 62.37
C ALA H 8 -46.87 -2.18 61.27
N ILE H 9 -48.16 -2.00 61.57
CA ILE H 9 -49.28 -2.33 60.71
C ILE H 9 -49.92 -1.01 60.27
N ALA H 10 -49.81 -0.68 58.97
CA ALA H 10 -50.37 0.52 58.37
C ALA H 10 -51.58 0.19 57.49
N LYS H 11 -52.34 1.24 57.15
CA LYS H 11 -53.70 1.05 56.66
C LYS H 11 -53.83 2.10 55.56
N GLY H 12 -55.01 2.30 54.98
CA GLY H 12 -55.08 3.33 53.95
C GLY H 12 -55.31 4.75 54.44
N ASP H 13 -55.37 4.92 55.74
CA ASP H 13 -55.85 6.13 56.39
C ASP H 13 -54.71 7.03 56.85
N GLY H 14 -53.47 6.72 56.49
CA GLY H 14 -52.36 7.53 56.94
C GLY H 14 -51.95 7.29 58.38
N THR H 15 -52.51 6.28 59.02
CA THR H 15 -52.20 5.98 60.41
C THR H 15 -51.42 4.69 60.50
N PHE H 16 -50.63 4.56 61.56
CA PHE H 16 -49.97 3.31 61.89
C PHE H 16 -50.14 3.03 63.36
N SER H 17 -50.23 1.73 63.69
CA SER H 17 -50.46 1.27 65.05
C SER H 17 -49.65 0.01 65.27
N ILE H 18 -48.69 0.06 66.19
CA ILE H 18 -47.89 -1.13 66.46
C ILE H 18 -48.83 -2.22 66.95
N GLU H 19 -48.73 -3.39 66.33
CA GLU H 19 -49.55 -4.54 66.67
C GLU H 19 -48.67 -5.77 66.76
N THR H 20 -49.24 -6.83 67.31
CA THR H 20 -48.60 -8.13 67.43
C THR H 20 -49.22 -9.14 66.47
N VAL H 21 -48.37 -9.80 65.68
CA VAL H 21 -48.80 -10.66 64.58
C VAL H 21 -48.17 -12.02 64.73
N GLN H 22 -48.81 -13.00 64.13
CA GLN H 22 -48.30 -14.34 64.17
C GLN H 22 -47.58 -14.57 62.86
N VAL H 23 -46.38 -15.16 62.93
CA VAL H 23 -45.56 -15.42 61.76
C VAL H 23 -45.34 -16.92 61.67
N GLU H 24 -45.84 -17.52 60.60
CA GLU H 24 -45.89 -18.97 60.51
C GLU H 24 -44.54 -19.54 60.11
N SER H 25 -44.48 -20.85 60.03
CA SER H 25 -43.14 -21.36 59.87
C SER H 25 -42.86 -21.54 58.38
N PRO H 26 -41.59 -21.40 57.95
CA PRO H 26 -41.31 -21.27 56.50
C PRO H 26 -41.78 -22.46 55.70
N LYS H 27 -42.18 -22.18 54.45
CA LYS H 27 -42.38 -23.22 53.46
C LYS H 27 -41.04 -23.56 52.78
N ALA H 28 -41.11 -24.46 51.80
CA ALA H 28 -39.89 -25.03 51.23
C ALA H 28 -38.94 -23.95 50.74
N ASP H 29 -39.47 -22.97 50.02
CA ASP H 29 -38.67 -21.93 49.41
C ASP H 29 -38.68 -20.62 50.19
N GLU H 30 -39.21 -20.60 51.41
CA GLU H 30 -39.32 -19.41 52.26
C GLU H 30 -38.29 -19.49 53.38
N VAL H 31 -38.02 -18.33 54.00
CA VAL H 31 -37.01 -18.22 55.06
C VAL H 31 -37.60 -17.33 56.15
N LEU H 32 -37.32 -17.66 57.41
CA LEU H 32 -37.75 -16.86 58.55
C LEU H 32 -36.56 -16.07 59.10
N VAL H 33 -36.77 -14.79 59.39
CA VAL H 33 -35.67 -13.88 59.72
C VAL H 33 -36.02 -13.05 60.96
N LYS H 34 -35.15 -13.10 61.98
CA LYS H 34 -35.20 -12.16 63.08
C LYS H 34 -34.57 -10.84 62.64
N VAL H 35 -35.38 -9.77 62.58
CA VAL H 35 -34.97 -8.50 62.00
C VAL H 35 -34.23 -7.73 63.08
N LYS H 36 -32.89 -7.81 63.06
CA LYS H 36 -32.12 -7.07 64.04
C LYS H 36 -32.20 -5.57 63.79
N ALA H 37 -32.12 -5.12 62.54
CA ALA H 37 -32.29 -3.70 62.24
C ALA H 37 -33.10 -3.51 60.96
N ALA H 38 -33.81 -2.38 60.89
CA ALA H 38 -34.73 -2.12 59.81
C ALA H 38 -34.78 -0.63 59.54
N GLY H 39 -34.99 -0.26 58.27
CA GLY H 39 -34.78 1.09 57.82
C GLY H 39 -36.06 1.80 57.38
N LEU H 40 -35.91 3.12 57.21
CA LEU H 40 -37.02 4.02 56.91
C LEU H 40 -36.71 4.81 55.65
N CYS H 41 -37.78 5.14 54.93
CA CYS H 41 -37.70 5.87 53.68
C CYS H 41 -38.96 6.70 53.56
N HIS H 42 -38.91 7.74 52.73
CA HIS H 42 -40.13 8.47 52.39
C HIS H 42 -41.24 7.51 51.98
N THR H 43 -40.88 6.39 51.37
CA THR H 43 -41.88 5.50 50.79
C THR H 43 -42.66 4.78 51.89
N ASP H 44 -41.99 4.51 53.03
CA ASP H 44 -42.65 3.93 54.19
C ASP H 44 -43.69 4.89 54.77
N HIS H 45 -43.45 6.20 54.66
CA HIS H 45 -44.53 7.12 54.97
C HIS H 45 -45.61 7.09 53.90
N ASP H 46 -45.23 6.92 52.63
CA ASP H 46 -46.25 6.78 51.60
C ASP H 46 -47.04 5.48 51.76
N SER H 47 -46.44 4.42 52.31
CA SER H 47 -47.18 3.18 52.52
C SER H 47 -48.47 3.41 53.31
N LEU H 48 -48.45 4.39 54.22
CA LEU H 48 -49.65 4.79 54.96
C LEU H 48 -50.77 5.24 54.01
N ASN H 49 -50.41 6.03 52.99
CA ASN H 49 -51.27 6.60 51.96
C ASN H 49 -51.75 5.57 50.96
N TRP H 50 -51.02 4.48 50.80
CA TRP H 50 -51.56 3.33 50.09
C TRP H 50 -52.70 2.73 50.89
N GLY H 51 -53.67 2.17 50.18
CA GLY H 51 -54.93 1.81 50.80
C GLY H 51 -55.12 0.34 51.14
N LYS H 52 -54.10 -0.29 51.67
CA LYS H 52 -54.27 -1.61 52.25
C LYS H 52 -53.66 -1.65 53.64
N PRO H 53 -54.21 -2.45 54.52
CA PRO H 53 -53.40 -2.94 55.63
C PRO H 53 -52.16 -3.63 55.08
N ILE H 54 -50.99 -3.21 55.59
CA ILE H 54 -49.70 -3.86 55.31
C ILE H 54 -48.89 -3.87 56.59
N VAL H 55 -47.88 -4.73 56.61
CA VAL H 55 -46.78 -4.60 57.56
C VAL H 55 -45.69 -3.81 56.87
N MET H 56 -45.14 -2.83 57.56
CA MET H 56 -44.32 -1.84 56.91
C MET H 56 -42.86 -2.23 56.97
N GLY H 57 -42.07 -1.61 56.08
CA GLY H 57 -40.64 -1.79 56.08
C GLY H 57 -40.07 -2.52 54.89
N HIS H 58 -39.19 -1.84 54.14
CA HIS H 58 -38.53 -2.40 52.96
C HIS H 58 -37.02 -2.29 53.03
N GLU H 59 -36.47 -2.00 54.21
CA GLU H 59 -35.04 -1.99 54.46
C GLU H 59 -34.78 -2.90 55.63
N GLY H 60 -33.98 -3.94 55.42
CA GLY H 60 -33.94 -4.96 56.45
C GLY H 60 -32.67 -5.76 56.54
N ALA H 61 -32.32 -6.14 57.75
CA ALA H 61 -31.13 -6.92 58.03
C ALA H 61 -31.43 -7.84 59.21
N GLY H 62 -30.92 -9.06 59.15
CA GLY H 62 -31.27 -10.01 60.20
C GLY H 62 -30.44 -11.27 60.18
N PHE H 63 -30.95 -12.26 60.92
CA PHE H 63 -30.38 -13.59 61.01
C PHE H 63 -31.43 -14.63 60.67
N VAL H 64 -31.02 -15.66 59.94
CA VAL H 64 -31.91 -16.76 59.60
C VAL H 64 -32.27 -17.50 60.88
N GLU H 65 -33.56 -17.52 61.23
CA GLU H 65 -33.98 -18.38 62.35
C GLU H 65 -34.53 -19.72 61.91
N GLN H 66 -35.37 -19.75 60.87
CA GLN H 66 -35.91 -21.00 60.34
C GLN H 66 -35.83 -20.95 58.82
N VAL H 67 -35.43 -22.06 58.20
CA VAL H 67 -35.20 -22.04 56.76
C VAL H 67 -35.95 -23.22 56.17
N GLY H 68 -36.30 -23.12 54.88
CA GLY H 68 -37.21 -24.05 54.26
C GLY H 68 -36.58 -25.36 53.79
N SER H 69 -37.46 -26.24 53.30
CA SER H 69 -37.02 -27.50 52.73
C SER H 69 -36.06 -27.28 51.56
N ALA H 70 -36.37 -26.32 50.68
CA ALA H 70 -35.63 -26.18 49.42
C ALA H 70 -34.57 -25.09 49.44
N VAL H 71 -34.41 -24.37 50.55
CA VAL H 71 -33.35 -23.37 50.65
C VAL H 71 -32.04 -24.08 50.95
N THR H 72 -31.07 -23.91 50.06
CA THR H 72 -29.78 -24.57 50.17
C THR H 72 -28.72 -23.65 50.74
N ASN H 73 -28.56 -22.47 50.13
CA ASN H 73 -27.36 -21.70 50.41
C ASN H 73 -27.40 -21.18 51.83
N LEU H 74 -28.60 -21.10 52.40
CA LEU H 74 -28.83 -20.35 53.62
C LEU H 74 -29.10 -21.35 54.74
N ASN H 75 -28.39 -21.20 55.85
CA ASN H 75 -28.54 -22.08 56.99
C ASN H 75 -28.92 -21.27 58.23
N VAL H 76 -29.36 -21.98 59.27
CA VAL H 76 -29.85 -21.31 60.46
C VAL H 76 -28.73 -20.47 61.06
N GLY H 77 -29.04 -19.19 61.32
CA GLY H 77 -28.07 -18.27 61.85
C GLY H 77 -27.22 -17.58 60.81
N ASP H 78 -27.49 -17.81 59.53
CA ASP H 78 -26.76 -17.05 58.53
C ASP H 78 -27.15 -15.57 58.61
N TYR H 79 -26.25 -14.73 58.12
CA TYR H 79 -26.42 -13.28 58.19
C TYR H 79 -26.87 -12.83 56.81
N VAL H 80 -27.94 -12.03 56.80
CA VAL H 80 -28.74 -11.81 55.62
C VAL H 80 -29.17 -10.34 55.59
N ILE H 81 -29.10 -9.74 54.41
CA ILE H 81 -29.75 -8.45 54.14
C ILE H 81 -30.97 -8.74 53.27
N LEU H 82 -32.06 -8.04 53.55
CA LEU H 82 -33.31 -8.21 52.82
C LEU H 82 -33.37 -7.26 51.64
N ASN H 83 -34.06 -7.70 50.59
CA ASN H 83 -34.20 -6.91 49.38
C ASN H 83 -35.65 -6.95 48.96
N TRP H 84 -36.06 -6.00 48.13
CA TRP H 84 -37.41 -5.97 47.59
C TRP H 84 -37.45 -6.25 46.09
N ALA H 85 -36.43 -6.91 45.55
CA ALA H 85 -36.53 -7.42 44.19
C ALA H 85 -37.26 -8.78 44.16
N THR H 86 -36.96 -9.68 45.10
CA THR H 86 -37.61 -10.98 45.20
C THR H 86 -37.60 -11.73 43.88
N PRO H 87 -36.46 -11.84 43.20
CA PRO H 87 -36.46 -12.14 41.76
C PRO H 87 -36.84 -13.59 41.47
N CYS H 88 -37.58 -13.79 40.37
CA CYS H 88 -38.02 -15.15 40.02
C CYS H 88 -36.94 -15.92 39.26
N MET H 89 -36.06 -15.21 38.55
CA MET H 89 -34.88 -15.67 37.79
C MET H 89 -35.21 -16.31 36.44
N THR H 90 -36.47 -16.41 36.03
CA THR H 90 -36.77 -17.08 34.77
C THR H 90 -37.56 -16.21 33.80
N CYS H 91 -38.12 -15.10 34.24
CA CYS H 91 -38.90 -14.30 33.30
C CYS H 91 -38.00 -13.64 32.26
N PHE H 92 -38.66 -13.00 31.28
CA PHE H 92 -37.94 -12.30 30.22
C PHE H 92 -36.95 -11.29 30.80
N GLN H 93 -37.40 -10.44 31.71
CA GLN H 93 -36.50 -9.43 32.26
C GLN H 93 -35.42 -10.05 33.13
N CYS H 94 -35.76 -11.03 33.94
CA CYS H 94 -34.74 -11.71 34.74
C CYS H 94 -33.67 -12.34 33.86
N GLN H 95 -34.07 -12.97 32.75
CA GLN H 95 -33.07 -13.61 31.88
C GLN H 95 -32.26 -12.59 31.11
N GLU H 96 -32.76 -11.36 31.02
CA GLU H 96 -31.97 -10.27 30.47
C GLU H 96 -31.09 -9.59 31.52
N GLY H 97 -31.15 -10.02 32.79
CA GLY H 97 -30.39 -9.38 33.84
C GLY H 97 -31.15 -8.33 34.62
N ASN H 98 -32.41 -8.09 34.28
CA ASN H 98 -33.22 -7.04 34.89
C ASN H 98 -34.05 -7.56 36.07
N GLN H 99 -33.38 -8.22 37.04
CA GLN H 99 -34.09 -8.72 38.22
C GLN H 99 -34.84 -7.61 38.96
N HIS H 100 -34.38 -6.35 38.83
CA HIS H 100 -35.05 -5.26 39.54
C HIS H 100 -36.47 -5.04 39.02
N ILE H 101 -36.73 -5.35 37.76
CA ILE H 101 -38.06 -5.16 37.18
C ILE H 101 -38.64 -6.50 36.80
N CYS H 102 -38.53 -7.48 37.71
CA CYS H 102 -39.06 -8.81 37.46
C CYS H 102 -40.54 -8.74 37.10
N GLU H 103 -40.94 -9.55 36.11
CA GLU H 103 -42.34 -9.52 35.67
C GLU H 103 -43.24 -10.32 36.59
N SER H 104 -42.70 -11.31 37.31
CA SER H 104 -43.52 -12.18 38.16
C SER H 104 -43.58 -11.74 39.61
N ASN H 105 -42.46 -11.30 40.19
CA ASN H 105 -42.31 -11.22 41.63
C ASN H 105 -41.99 -9.82 42.14
N SER H 106 -41.93 -8.82 41.26
CA SER H 106 -41.68 -7.46 41.70
C SER H 106 -42.86 -6.90 42.48
N PRO H 107 -42.65 -6.35 43.68
CA PRO H 107 -43.76 -5.64 44.35
C PRO H 107 -44.18 -4.40 43.60
N VAL H 108 -43.36 -3.88 42.69
CA VAL H 108 -43.68 -2.63 42.02
C VAL H 108 -44.07 -2.94 40.58
N THR H 109 -43.17 -3.61 39.84
CA THR H 109 -43.36 -3.78 38.41
C THR H 109 -44.38 -4.86 38.09
N ALA H 110 -44.54 -5.86 38.95
CA ALA H 110 -45.61 -6.86 38.79
C ALA H 110 -46.85 -6.46 39.58
N THR H 116 -49.37 -12.44 44.43
CA THR H 116 -48.07 -12.31 43.78
C THR H 116 -46.99 -13.20 44.41
N PRO H 117 -46.21 -13.88 43.58
CA PRO H 117 -45.06 -14.62 44.10
C PRO H 117 -43.95 -13.63 44.42
N GLY H 118 -42.85 -14.14 44.96
CA GLY H 118 -41.92 -13.28 45.67
C GLY H 118 -42.42 -12.86 47.03
N HIS H 119 -43.71 -13.00 47.29
CA HIS H 119 -44.29 -12.85 48.61
C HIS H 119 -44.47 -14.23 49.23
N ALA H 120 -44.24 -14.34 50.54
CA ALA H 120 -44.48 -15.59 51.23
C ALA H 120 -45.96 -15.95 51.18
N HIS H 121 -46.27 -17.21 51.49
CA HIS H 121 -47.67 -17.62 51.57
C HIS H 121 -48.42 -16.74 52.55
N LEU H 122 -49.51 -16.12 52.06
CA LEU H 122 -50.14 -15.02 52.79
C LEU H 122 -50.65 -15.40 54.17
N GLU H 123 -50.88 -16.69 54.42
CA GLU H 123 -51.21 -17.13 55.77
C GLU H 123 -50.00 -17.18 56.69
N GLY H 124 -48.79 -17.08 56.13
CA GLY H 124 -47.59 -17.03 56.95
C GLY H 124 -47.60 -15.96 58.02
N THR H 125 -48.07 -14.77 57.68
CA THR H 125 -48.18 -13.67 58.64
C THR H 125 -49.63 -13.21 58.64
N THR H 126 -50.23 -13.20 59.82
CA THR H 126 -51.67 -13.05 59.87
C THR H 126 -51.93 -12.22 61.11
N TRP H 127 -52.75 -11.18 61.01
CA TRP H 127 -53.11 -10.36 62.16
C TRP H 127 -54.59 -10.61 62.48
N ASN H 128 -54.85 -11.11 63.69
CA ASN H 128 -56.13 -11.72 64.06
C ASN H 128 -56.33 -12.99 63.23
N ASP H 129 -57.33 -13.01 62.34
CA ASP H 129 -57.51 -14.12 61.40
C ASP H 129 -57.51 -13.62 59.95
N THR H 130 -56.91 -12.45 59.72
CA THR H 130 -56.88 -11.80 58.42
C THR H 130 -55.47 -11.85 57.87
N PRO H 131 -55.21 -12.49 56.73
CA PRO H 131 -53.85 -12.46 56.18
C PRO H 131 -53.44 -11.04 55.91
N ILE H 132 -52.18 -10.72 56.23
CA ILE H 132 -51.66 -9.36 56.09
C ILE H 132 -50.45 -9.37 55.17
N GLU H 133 -50.49 -8.49 54.19
CA GLU H 133 -49.40 -8.34 53.24
C GLU H 133 -48.18 -7.66 53.86
N ARG H 134 -47.02 -8.05 53.36
CA ARG H 134 -45.72 -7.53 53.73
C ARG H 134 -45.26 -6.48 52.70
N SER H 135 -44.97 -5.26 53.16
CA SER H 135 -44.64 -4.18 52.25
C SER H 135 -43.41 -4.54 51.42
N PHE H 136 -43.51 -4.35 50.11
CA PHE H 136 -42.46 -4.70 49.16
C PHE H 136 -42.01 -6.16 49.37
N ASN H 137 -42.93 -6.99 49.89
CA ASN H 137 -42.77 -8.43 50.09
C ASN H 137 -41.85 -8.81 51.27
N ILE H 138 -41.37 -7.85 52.06
CA ILE H 138 -40.42 -8.19 53.13
C ILE H 138 -40.88 -7.69 54.49
N GLY H 139 -41.60 -6.57 54.52
CA GLY H 139 -42.19 -6.02 55.74
C GLY H 139 -41.26 -6.03 56.94
N THR H 140 -40.23 -5.15 56.92
CA THR H 140 -39.09 -5.33 57.82
C THR H 140 -39.35 -4.81 59.21
N LEU H 141 -40.32 -3.89 59.38
CA LEU H 141 -40.60 -3.26 60.67
C LEU H 141 -41.37 -4.24 61.55
N SER H 142 -40.76 -5.39 61.73
CA SER H 142 -41.33 -6.50 62.47
C SER H 142 -40.18 -7.25 63.10
N GLU H 143 -40.44 -7.79 64.28
CA GLU H 143 -39.39 -8.53 64.95
C GLU H 143 -39.05 -9.76 64.13
N TYR H 144 -40.07 -10.31 63.46
CA TYR H 144 -39.96 -11.52 62.65
C TYR H 144 -40.74 -11.32 61.35
N THR H 145 -40.15 -11.77 60.24
CA THR H 145 -40.81 -11.67 58.94
C THR H 145 -40.56 -12.95 58.14
N LEU H 146 -41.58 -13.35 57.39
CA LEU H 146 -41.51 -14.53 56.54
C LEU H 146 -41.34 -14.07 55.09
N VAL H 147 -40.24 -14.49 54.45
CA VAL H 147 -39.93 -14.07 53.09
C VAL H 147 -39.50 -15.28 52.24
N LYS H 148 -39.74 -15.19 50.93
CA LYS H 148 -39.10 -16.12 50.00
C LYS H 148 -37.62 -15.82 49.86
N ALA H 149 -36.88 -16.92 49.67
CA ALA H 149 -35.44 -16.89 49.74
C ALA H 149 -34.87 -15.88 48.78
N SER H 150 -35.58 -15.60 47.68
CA SER H 150 -35.20 -14.55 46.75
C SER H 150 -34.97 -13.21 47.44
N ALA H 151 -35.66 -12.98 48.56
CA ALA H 151 -35.47 -11.75 49.34
C ALA H 151 -34.22 -11.78 50.21
N CYS H 152 -33.52 -12.91 50.25
CA CYS H 152 -32.48 -13.17 51.24
C CYS H 152 -31.13 -13.28 50.56
N VAL H 153 -30.20 -12.43 50.97
CA VAL H 153 -28.83 -12.43 50.46
C VAL H 153 -27.91 -12.73 51.64
N LYS H 154 -27.17 -13.83 51.54
CA LYS H 154 -26.16 -14.09 52.55
C LYS H 154 -25.00 -13.11 52.44
N ILE H 155 -24.62 -12.54 53.57
CA ILE H 155 -23.29 -11.95 53.66
C ILE H 155 -22.53 -12.63 54.77
N GLU H 156 -21.23 -12.33 54.82
CA GLU H 156 -20.35 -12.78 55.89
C GLU H 156 -19.42 -11.63 56.26
N THR H 157 -19.70 -10.96 57.38
CA THR H 157 -18.98 -9.81 57.90
C THR H 157 -19.33 -9.56 59.36
N ASN H 158 -18.50 -8.73 59.99
CA ASN H 158 -18.75 -8.20 61.31
C ASN H 158 -19.67 -6.99 61.28
N MET H 159 -20.28 -6.75 60.14
CA MET H 159 -20.89 -5.46 59.87
C MET H 159 -21.97 -5.13 60.90
N PRO H 160 -22.00 -3.90 61.41
CA PRO H 160 -23.12 -3.48 62.26
C PRO H 160 -24.45 -3.62 61.55
N MET H 161 -25.46 -4.08 62.28
CA MET H 161 -26.76 -4.32 61.65
C MET H 161 -27.37 -3.07 61.04
N PRO H 162 -27.49 -1.95 61.76
CA PRO H 162 -28.17 -0.80 61.14
C PRO H 162 -27.54 -0.41 59.82
N SER H 163 -26.22 -0.58 59.71
CA SER H 163 -25.52 -0.19 58.50
C SER H 163 -25.87 -1.10 57.34
N ALA H 164 -26.04 -2.39 57.59
CA ALA H 164 -26.45 -3.28 56.51
C ALA H 164 -27.91 -3.04 56.12
N SER H 165 -28.71 -2.54 57.05
CA SER H 165 -30.14 -2.37 56.79
C SER H 165 -30.40 -1.40 55.65
N ILE H 166 -29.55 -0.37 55.52
CA ILE H 166 -29.82 0.66 54.52
C ILE H 166 -29.35 0.25 53.14
N ILE H 167 -28.45 -0.72 53.05
CA ILE H 167 -28.10 -1.34 51.78
C ILE H 167 -29.33 -1.78 51.01
N SER H 168 -30.41 -2.15 51.72
CA SER H 168 -31.63 -2.65 51.08
C SER H 168 -32.34 -1.61 50.21
N CYS H 169 -32.15 -0.31 50.44
CA CYS H 169 -32.93 0.62 49.64
C CYS H 169 -32.08 1.76 49.07
N GLY H 170 -31.86 2.79 49.89
CA GLY H 170 -31.20 4.01 49.44
C GLY H 170 -29.78 3.84 48.94
N VAL H 171 -28.99 2.97 49.56
CA VAL H 171 -27.64 2.70 49.09
C VAL H 171 -27.67 1.92 47.78
N MET H 172 -28.60 0.98 47.64
CA MET H 172 -28.66 0.27 46.37
C MET H 172 -29.06 1.19 45.23
N THR H 173 -30.14 1.96 45.42
CA THR H 173 -30.65 2.72 44.31
C THR H 173 -29.66 3.80 43.90
N GLY H 174 -29.08 4.51 44.88
CA GLY H 174 -28.08 5.54 44.65
C GLY H 174 -26.85 5.02 43.92
N TYR H 175 -26.11 4.10 44.56
CA TYR H 175 -24.87 3.60 43.95
C TYR H 175 -25.15 2.91 42.62
N GLY H 176 -26.24 2.13 42.53
CA GLY H 176 -26.53 1.39 41.31
C GLY H 176 -26.92 2.29 40.14
N SER H 177 -27.69 3.32 40.41
CA SER H 177 -27.97 4.32 39.37
C SER H 177 -26.68 4.86 38.77
N VAL H 178 -25.63 5.02 39.58
CA VAL H 178 -24.37 5.52 39.05
C VAL H 178 -23.65 4.42 38.28
N VAL H 179 -23.33 3.33 38.97
CA VAL H 179 -22.43 2.32 38.43
C VAL H 179 -23.12 1.44 37.39
N ASN H 180 -24.33 0.96 37.68
CA ASN H 180 -25.03 0.06 36.79
C ASN H 180 -25.85 0.76 35.73
N SER H 181 -26.63 1.76 36.16
CA SER H 181 -27.57 2.34 35.22
C SER H 181 -26.86 3.36 34.32
N ALA H 182 -26.10 4.27 34.91
CA ALA H 182 -25.32 5.20 34.10
C ALA H 182 -23.95 4.67 33.72
N LYS H 183 -23.39 3.72 34.47
CA LYS H 183 -22.07 3.19 34.16
C LYS H 183 -21.11 4.34 33.98
N LEU H 184 -21.08 5.16 35.03
CA LEU H 184 -20.32 6.39 35.02
C LEU H 184 -18.83 6.10 34.89
N GLN H 185 -18.19 6.80 33.97
CA GLN H 185 -16.79 6.55 33.67
C GLN H 185 -15.87 7.40 34.53
N ALA H 186 -14.74 6.80 34.89
CA ALA H 186 -13.71 7.51 35.63
C ALA H 186 -13.29 8.78 34.91
N GLY H 187 -13.07 9.84 35.69
CA GLY H 187 -12.62 11.11 35.16
C GLY H 187 -13.72 12.03 34.70
N SER H 188 -14.96 11.73 35.02
CA SER H 188 -16.09 12.47 34.47
C SER H 188 -16.52 13.56 35.45
N SER H 189 -17.39 14.47 34.96
CA SER H 189 -18.09 15.41 35.80
C SER H 189 -19.49 14.88 36.11
N ALA H 190 -19.93 15.14 37.34
CA ALA H 190 -21.18 14.58 37.85
C ALA H 190 -21.87 15.61 38.73
N VAL H 191 -23.18 15.76 38.52
CA VAL H 191 -24.03 16.66 39.29
C VAL H 191 -25.10 15.82 39.99
N VAL H 192 -25.36 16.11 41.26
CA VAL H 192 -26.30 15.36 42.08
C VAL H 192 -27.33 16.32 42.65
N LEU H 193 -28.61 16.08 42.34
CA LEU H 193 -29.70 16.95 42.80
C LEU H 193 -30.46 16.21 43.90
N GLY H 194 -30.40 16.73 45.13
CA GLY H 194 -31.05 16.09 46.26
C GLY H 194 -30.13 15.09 46.95
N THR H 195 -29.26 15.60 47.82
CA THR H 195 -28.23 14.78 48.47
C THR H 195 -28.75 14.22 49.79
N GLY H 196 -29.81 13.42 49.66
CA GLY H 196 -30.49 12.81 50.78
C GLY H 196 -30.11 11.36 50.94
N GLY H 197 -31.09 10.53 51.29
CA GLY H 197 -30.82 9.11 51.43
C GLY H 197 -30.33 8.48 50.12
N VAL H 198 -30.95 8.86 49.01
CA VAL H 198 -30.51 8.41 47.69
C VAL H 198 -29.29 9.21 47.24
N GLY H 199 -29.43 10.55 47.24
CA GLY H 199 -28.39 11.41 46.69
C GLY H 199 -27.01 11.16 47.28
N LEU H 200 -26.93 11.04 48.61
CA LEU H 200 -25.64 10.84 49.25
C LEU H 200 -24.98 9.57 48.74
N ASN H 201 -25.78 8.55 48.44
CA ASN H 201 -25.20 7.34 47.89
C ASN H 201 -24.92 7.46 46.40
N VAL H 202 -25.58 8.40 45.70
CA VAL H 202 -25.14 8.69 44.34
C VAL H 202 -23.74 9.27 44.37
N ILE H 203 -23.49 10.16 45.35
CA ILE H 203 -22.16 10.77 45.50
C ILE H 203 -21.11 9.72 45.81
N GLN H 204 -21.47 8.71 46.62
CA GLN H 204 -20.49 7.68 46.94
C GLN H 204 -20.17 6.83 45.72
N GLY H 205 -21.18 6.52 44.91
CA GLY H 205 -20.94 5.83 43.66
C GLY H 205 -20.07 6.65 42.73
N ALA H 206 -20.34 7.96 42.65
CA ALA H 206 -19.50 8.86 41.85
C ALA H 206 -18.05 8.84 42.31
N ARG H 207 -17.84 8.93 43.63
CA ARG H 207 -16.46 8.95 44.12
C ARG H 207 -15.79 7.61 43.85
N ILE H 208 -16.50 6.53 44.14
CA ILE H 208 -15.95 5.19 43.95
C ILE H 208 -15.68 4.93 42.48
N SER H 209 -16.55 5.41 41.58
CA SER H 209 -16.35 5.19 40.15
C SER H 209 -15.28 6.09 39.55
N GLY H 210 -14.74 7.03 40.33
CA GLY H 210 -13.65 7.85 39.85
C GLY H 210 -14.07 9.11 39.16
N ALA H 211 -15.21 9.68 39.51
CA ALA H 211 -15.56 10.98 38.96
C ALA H 211 -14.53 12.02 39.41
N ALA H 212 -14.19 12.94 38.51
CA ALA H 212 -13.28 14.01 38.90
C ALA H 212 -14.01 15.15 39.57
N LYS H 213 -15.27 15.41 39.18
CA LYS H 213 -16.10 16.40 39.84
C LYS H 213 -17.42 15.80 40.22
N ILE H 214 -17.82 16.10 41.45
CA ILE H 214 -19.07 15.64 42.03
C ILE H 214 -19.74 16.89 42.58
N ILE H 215 -20.62 17.48 41.78
CA ILE H 215 -21.23 18.77 42.07
C ILE H 215 -22.54 18.52 42.79
N ALA H 216 -22.56 18.77 44.10
CA ALA H 216 -23.76 18.55 44.90
C ALA H 216 -24.60 19.81 44.97
N ILE H 217 -25.91 19.64 44.91
CA ILE H 217 -26.87 20.74 44.98
C ILE H 217 -28.10 20.37 45.79
N ASP H 218 -28.51 21.30 46.67
CA ASP H 218 -29.61 21.02 47.57
C ASP H 218 -30.27 22.34 48.00
N ILE H 219 -31.48 22.22 48.53
CA ILE H 219 -32.12 23.31 49.28
C ILE H 219 -31.50 23.52 50.66
N ASN H 220 -30.97 22.48 51.29
CA ASN H 220 -30.68 22.48 52.71
C ASN H 220 -29.16 22.48 52.91
N GLN H 221 -28.66 23.33 53.83
CA GLN H 221 -27.22 23.54 53.93
C GLN H 221 -26.51 22.39 54.67
N GLU H 222 -27.14 21.86 55.72
CA GLU H 222 -26.60 20.65 56.35
C GLU H 222 -26.39 19.56 55.30
N ARG H 223 -27.40 19.34 54.45
CA ARG H 223 -27.33 18.27 53.46
C ARG H 223 -26.08 18.41 52.59
N LEU H 224 -25.76 19.65 52.19
CA LEU H 224 -24.55 19.90 51.41
C LEU H 224 -23.31 19.59 52.23
N ASP H 225 -23.34 19.86 53.54
CA ASP H 225 -22.21 19.49 54.38
C ASP H 225 -22.09 17.96 54.47
N MET H 226 -23.21 17.25 54.62
CA MET H 226 -23.12 15.81 54.52
C MET H 226 -22.77 15.38 53.11
N ALA H 227 -23.05 16.22 52.11
CA ALA H 227 -22.64 15.88 50.75
C ALA H 227 -21.13 15.91 50.60
N LEU H 228 -20.48 16.91 51.22
CA LEU H 228 -19.02 16.99 51.18
C LEU H 228 -18.38 15.87 51.96
N GLN H 229 -19.03 15.44 53.04
CA GLN H 229 -18.48 14.39 53.88
C GLN H 229 -18.32 13.09 53.09
N PHE H 230 -19.31 12.76 52.26
CA PHE H 230 -19.34 11.48 51.55
C PHE H 230 -18.69 11.54 50.16
N GLY H 231 -18.12 12.68 49.77
CA GLY H 231 -17.33 12.68 48.55
C GLY H 231 -17.41 13.89 47.61
N ALA H 232 -18.33 14.81 47.87
CA ALA H 232 -18.49 15.93 46.96
C ALA H 232 -17.19 16.72 46.89
N THR H 233 -16.99 17.36 45.73
CA THR H 233 -15.95 18.33 45.50
C THR H 233 -16.47 19.75 45.39
N HIS H 234 -17.74 19.92 45.02
CA HIS H 234 -18.36 21.21 44.88
C HIS H 234 -19.78 21.10 45.43
N THR H 235 -20.35 22.24 45.83
CA THR H 235 -21.71 22.28 46.35
C THR H 235 -22.37 23.57 45.90
N ILE H 236 -23.69 23.52 45.74
CA ILE H 236 -24.49 24.67 45.34
C ILE H 236 -25.76 24.65 46.17
N LEU H 237 -26.07 25.78 46.78
CA LEU H 237 -27.30 25.97 47.55
C LEU H 237 -28.40 26.47 46.61
N ALA H 238 -29.50 25.72 46.54
CA ALA H 238 -30.56 26.00 45.59
C ALA H 238 -31.73 26.71 46.28
N ASP H 239 -32.20 27.79 45.68
CA ASP H 239 -33.43 28.41 46.15
C ASP H 239 -34.60 27.45 45.92
N LYS H 240 -35.57 27.51 46.83
CA LYS H 240 -36.78 26.73 46.68
C LYS H 240 -37.55 27.11 45.42
N ASN H 241 -37.51 28.38 45.03
CA ASN H 241 -38.35 28.83 43.94
C ASN H 241 -37.67 28.76 42.58
N ASP H 242 -36.42 28.31 42.51
CA ASP H 242 -35.81 28.16 41.19
C ASP H 242 -36.58 27.10 40.41
N ILE H 243 -37.11 27.50 39.25
CA ILE H 243 -38.02 26.68 38.47
C ILE H 243 -37.12 25.84 37.57
N GLY H 244 -37.16 24.50 37.74
CA GLY H 244 -36.25 23.61 37.04
C GLY H 244 -34.79 23.74 37.41
N LEU H 245 -34.46 24.54 38.42
CA LEU H 245 -33.09 24.77 38.88
C LEU H 245 -32.22 25.35 37.76
N LEU H 246 -32.82 26.20 36.92
CA LEU H 246 -32.12 26.73 35.76
C LEU H 246 -30.95 27.62 36.17
N LYS H 247 -31.12 28.45 37.20
CA LYS H 247 -29.97 29.21 37.68
C LYS H 247 -28.90 28.27 38.22
N ALA H 248 -29.32 27.19 38.88
CA ALA H 248 -28.37 26.14 39.24
C ALA H 248 -27.71 25.52 38.02
N SER H 249 -28.43 25.47 36.90
CA SER H 249 -27.79 24.96 35.69
C SER H 249 -26.72 25.92 35.19
N GLU H 250 -26.98 27.23 35.27
CA GLU H 250 -25.92 28.18 34.91
C GLU H 250 -24.71 28.02 35.82
N ASP H 251 -24.92 27.83 37.12
CA ASP H 251 -23.78 27.62 38.00
C ASP H 251 -23.04 26.34 37.66
N VAL H 252 -23.77 25.29 37.26
CA VAL H 252 -23.16 24.05 36.81
C VAL H 252 -22.32 24.29 35.55
N LYS H 253 -22.88 25.04 34.59
CA LYS H 253 -22.17 25.35 33.35
C LYS H 253 -20.87 26.11 33.63
N LYS H 254 -20.94 27.13 34.49
CA LYS H 254 -19.76 27.90 34.83
C LYS H 254 -18.71 27.03 35.52
N LEU H 255 -19.13 25.96 36.18
CA LEU H 255 -18.21 25.03 36.82
C LEU H 255 -17.74 23.93 35.89
N THR H 256 -18.32 23.84 34.68
CA THR H 256 -18.02 22.76 33.75
C THR H 256 -17.42 23.28 32.45
N ASN H 257 -16.78 24.44 32.51
CA ASN H 257 -16.22 25.09 31.32
C ASN H 257 -17.29 25.33 30.26
N GLY H 258 -18.55 25.53 30.69
CA GLY H 258 -19.61 26.08 29.85
C GLY H 258 -20.53 25.06 29.19
N ARG H 259 -20.00 23.86 28.85
CA ARG H 259 -20.81 22.80 28.22
C ARG H 259 -21.82 22.15 29.17
N GLY H 260 -21.53 22.06 30.46
CA GLY H 260 -22.37 21.30 31.36
C GLY H 260 -21.64 20.06 31.79
N ALA H 261 -22.30 19.26 32.62
CA ALA H 261 -21.68 18.04 33.14
C ALA H 261 -21.98 16.84 32.24
N ASP H 262 -21.02 15.91 32.24
CA ASP H 262 -21.21 14.62 31.58
C ASP H 262 -22.39 13.84 32.16
N TYR H 263 -22.48 13.77 33.47
CA TYR H 263 -23.46 12.96 34.16
C TYR H 263 -24.26 13.82 35.13
N ALA H 264 -25.56 13.55 35.24
CA ALA H 264 -26.32 14.16 36.32
C ALA H 264 -27.44 13.22 36.78
N PHE H 265 -27.70 13.24 38.08
CA PHE H 265 -28.64 12.34 38.71
C PHE H 265 -29.64 13.14 39.53
N GLU H 266 -30.92 12.88 39.31
CA GLU H 266 -32.03 13.57 39.96
C GLU H 266 -32.45 12.72 41.14
N CYS H 267 -32.69 13.35 42.29
CA CYS H 267 -33.11 12.62 43.49
C CYS H 267 -33.52 13.58 44.59
N THR H 268 -34.49 14.44 44.24
CA THR H 268 -35.02 15.53 45.07
C THR H 268 -36.43 15.28 45.58
N ALA H 269 -37.16 14.30 45.03
CA ALA H 269 -38.55 13.98 45.36
C ALA H 269 -39.56 15.00 44.87
N ILE H 270 -39.18 15.92 44.00
CA ILE H 270 -40.10 16.95 43.48
C ILE H 270 -40.41 16.64 42.02
N PRO H 271 -41.66 16.37 41.66
CA PRO H 271 -42.01 16.04 40.27
C PRO H 271 -41.63 17.10 39.25
N ALA H 272 -41.77 18.39 39.56
CA ALA H 272 -41.48 19.41 38.57
C ALA H 272 -39.98 19.55 38.26
N LEU H 273 -39.13 18.82 38.97
CA LEU H 273 -37.70 18.82 38.70
C LEU H 273 -37.28 17.56 37.94
N GLY H 274 -38.24 16.85 37.34
CA GLY H 274 -37.94 15.59 36.66
C GLY H 274 -37.01 15.74 35.46
N ALA H 275 -37.15 16.84 34.72
CA ALA H 275 -36.24 17.15 33.62
C ALA H 275 -34.99 17.90 34.07
N ALA H 276 -34.90 18.25 35.36
CA ALA H 276 -33.80 19.08 35.83
C ALA H 276 -32.40 18.58 35.50
N PRO H 277 -32.09 17.29 35.57
CA PRO H 277 -30.72 16.87 35.22
C PRO H 277 -30.34 17.21 33.81
N LEU H 278 -31.31 17.21 32.89
CA LEU H 278 -31.00 17.51 31.50
C LEU H 278 -30.41 18.90 31.36
N ALA H 279 -30.93 19.85 32.12
CA ALA H 279 -30.32 21.16 32.12
C ALA H 279 -28.92 21.14 32.73
N MET H 280 -28.57 20.09 33.49
CA MET H 280 -27.29 20.08 34.19
C MET H 280 -26.16 19.52 33.34
N ILE H 281 -26.44 19.21 32.08
CA ILE H 281 -25.64 18.26 31.32
C ILE H 281 -25.27 18.78 29.95
N ARG H 282 -24.05 18.44 29.52
CA ARG H 282 -23.59 18.65 28.15
C ARG H 282 -24.32 17.75 27.14
N ASN H 283 -24.37 18.19 25.88
CA ASN H 283 -24.89 17.33 24.83
C ASN H 283 -24.14 16.02 24.84
N ALA H 284 -24.85 14.92 24.54
CA ALA H 284 -24.29 13.56 24.56
C ALA H 284 -23.93 13.07 25.96
N GLY H 285 -24.49 13.68 27.01
CA GLY H 285 -24.29 13.25 28.37
C GLY H 285 -25.51 12.46 28.82
N THR H 286 -25.41 11.85 29.99
CA THR H 286 -26.50 10.98 30.44
C THR H 286 -27.10 11.58 31.71
N ALA H 287 -28.43 11.61 31.78
CA ALA H 287 -29.14 12.18 32.91
C ALA H 287 -30.06 11.13 33.52
N VAL H 288 -29.88 10.88 34.81
CA VAL H 288 -30.61 9.82 35.50
C VAL H 288 -31.61 10.45 36.46
N GLN H 289 -32.89 10.17 36.27
CA GLN H 289 -33.93 10.58 37.20
C GLN H 289 -34.31 9.42 38.10
N VAL H 290 -33.80 9.47 39.34
CA VAL H 290 -33.93 8.39 40.30
C VAL H 290 -35.16 8.50 41.18
N SER H 291 -35.80 9.67 41.26
CA SER H 291 -36.89 9.84 42.22
C SER H 291 -38.12 9.00 41.87
N GLY H 292 -38.44 8.89 40.58
CA GLY H 292 -39.67 8.24 40.15
C GLY H 292 -40.92 9.08 40.38
N ILE H 293 -41.55 9.54 39.29
CA ILE H 293 -42.60 10.55 39.31
C ILE H 293 -43.82 10.01 38.58
N GLU H 294 -44.96 9.94 39.27
CA GLU H 294 -46.16 9.33 38.70
C GLU H 294 -47.20 10.38 38.33
N GLU H 295 -46.74 11.56 37.93
CA GLU H 295 -47.59 12.71 37.63
C GLU H 295 -47.22 13.25 36.26
N GLU H 296 -48.13 13.99 35.66
CA GLU H 296 -47.82 14.70 34.43
C GLU H 296 -47.07 15.98 34.78
N ILE H 297 -46.05 16.29 33.99
CA ILE H 297 -45.26 17.50 34.19
C ILE H 297 -45.07 18.12 32.83
N THR H 298 -44.78 19.41 32.81
CA THR H 298 -44.44 20.10 31.58
C THR H 298 -42.92 20.11 31.42
N ILE H 299 -42.46 19.91 30.19
CA ILE H 299 -41.04 19.70 29.91
C ILE H 299 -40.69 20.43 28.62
N ASP H 300 -39.81 21.43 28.72
CA ASP H 300 -39.27 22.08 27.54
C ASP H 300 -38.33 21.11 26.83
N MET H 301 -38.71 20.66 25.64
CA MET H 301 -38.04 19.56 24.98
C MET H 301 -36.69 19.95 24.38
N ARG H 302 -36.35 21.23 24.33
CA ARG H 302 -34.98 21.59 23.95
C ARG H 302 -33.97 21.06 24.96
N LEU H 303 -34.39 20.95 26.23
CA LEU H 303 -33.54 20.36 27.23
C LEU H 303 -33.12 18.94 26.84
N PHE H 304 -34.05 18.17 26.25
CA PHE H 304 -33.71 16.84 25.77
C PHE H 304 -32.75 16.87 24.61
N GLU H 305 -32.60 18.02 23.96
CA GLU H 305 -32.03 18.03 22.61
C GLU H 305 -30.54 17.77 22.68
N TRP H 306 -30.11 16.71 21.95
CA TRP H 306 -28.78 16.55 21.37
C TRP H 306 -28.07 15.46 22.15
N ASP H 307 -28.61 14.24 21.96
CA ASP H 307 -28.03 12.94 22.28
C ASP H 307 -27.95 12.65 23.77
N LYS H 308 -28.75 13.33 24.58
CA LYS H 308 -28.67 13.22 26.02
C LYS H 308 -29.52 12.06 26.48
N ILE H 309 -28.86 11.01 26.97
CA ILE H 309 -29.52 9.80 27.45
C ILE H 309 -30.35 10.13 28.69
N TYR H 310 -31.57 9.64 28.74
CA TYR H 310 -32.46 9.85 29.87
C TYR H 310 -33.03 8.51 30.29
N ILE H 311 -32.76 8.14 31.54
CA ILE H 311 -33.24 6.88 32.09
C ILE H 311 -33.84 7.14 33.47
N ASN H 312 -35.01 6.57 33.73
CA ASN H 312 -35.39 6.45 35.12
C ASN H 312 -35.41 5.01 35.58
N PRO H 313 -34.39 4.61 36.31
CA PRO H 313 -34.17 3.21 36.65
C PRO H 313 -34.75 2.89 38.01
N LEU H 314 -35.03 1.60 38.20
CA LEU H 314 -35.57 1.14 39.48
C LEU H 314 -34.42 0.50 40.25
N TYR H 315 -34.36 0.78 41.55
CA TYR H 315 -33.56 -0.01 42.49
C TYR H 315 -32.08 -0.10 42.07
N GLY H 316 -31.56 0.93 41.42
CA GLY H 316 -30.18 0.90 40.92
C GLY H 316 -29.82 -0.28 40.04
N LYS H 317 -30.78 -0.83 39.28
CA LYS H 317 -30.61 -2.03 38.45
C LYS H 317 -30.25 -3.27 39.28
N CYS H 318 -30.82 -3.38 40.47
CA CYS H 318 -30.30 -4.30 41.48
C CYS H 318 -30.48 -5.78 41.11
N ARG H 319 -29.37 -6.49 40.90
CA ARG H 319 -29.44 -7.94 41.08
C ARG H 319 -28.91 -8.29 42.47
N PRO H 320 -29.78 -8.53 43.45
CA PRO H 320 -29.33 -8.49 44.87
C PRO H 320 -28.21 -9.45 45.23
N GLN H 321 -28.21 -10.72 44.77
CA GLN H 321 -27.12 -11.63 45.13
C GLN H 321 -25.78 -11.21 44.54
N VAL H 322 -25.80 -10.32 43.55
CA VAL H 322 -24.57 -9.87 42.89
C VAL H 322 -24.11 -8.56 43.45
N ASP H 323 -25.00 -7.56 43.45
CA ASP H 323 -24.65 -6.21 43.88
C ASP H 323 -24.39 -6.14 45.37
N PHE H 324 -25.35 -6.60 46.18
CA PHE H 324 -25.23 -6.39 47.61
C PHE H 324 -23.86 -6.80 48.14
N PRO H 325 -23.26 -7.92 47.73
CA PRO H 325 -21.91 -8.23 48.24
C PRO H 325 -20.82 -7.32 47.67
N LYS H 326 -20.99 -6.73 46.49
CA LYS H 326 -19.98 -5.78 46.03
C LYS H 326 -19.93 -4.58 46.96
N LEU H 327 -21.12 -4.12 47.41
CA LEU H 327 -21.23 -3.02 48.35
C LEU H 327 -20.61 -3.38 49.70
N VAL H 328 -20.88 -4.59 50.17
CA VAL H 328 -20.25 -5.07 51.41
C VAL H 328 -18.73 -5.04 51.29
N SER H 329 -18.21 -5.52 50.16
CA SER H 329 -16.77 -5.63 50.01
C SER H 329 -16.12 -4.25 49.78
N LEU H 330 -16.87 -3.31 49.22
CA LEU H 330 -16.46 -1.92 49.20
C LEU H 330 -16.44 -1.33 50.59
N TYR H 331 -17.42 -1.68 51.42
CA TYR H 331 -17.43 -1.22 52.81
C TYR H 331 -16.27 -1.81 53.59
N GLU H 332 -15.98 -3.09 53.41
CA GLU H 332 -14.83 -3.66 54.08
C GLU H 332 -13.56 -2.94 53.65
N LYS H 333 -13.50 -2.55 52.37
CA LYS H 333 -12.34 -1.83 51.88
C LYS H 333 -12.27 -0.41 52.44
N GLY H 334 -13.41 0.14 52.87
CA GLY H 334 -13.49 1.49 53.39
C GLY H 334 -14.05 2.51 52.42
N ASP H 335 -14.09 2.22 51.12
CA ASP H 335 -14.55 3.20 50.15
C ASP H 335 -16.03 3.52 50.31
N LEU H 336 -16.83 2.54 50.75
CA LEU H 336 -18.25 2.75 50.97
C LEU H 336 -18.50 3.01 52.44
N MET H 337 -19.20 4.10 52.73
CA MET H 337 -19.38 4.65 54.07
C MET H 337 -20.85 4.56 54.40
N LEU H 338 -21.18 4.03 55.56
CA LEU H 338 -22.60 3.83 55.75
C LEU H 338 -22.96 3.86 57.23
N ASP H 339 -22.00 3.54 58.10
CA ASP H 339 -22.18 3.85 59.52
C ASP H 339 -22.36 5.35 59.73
N GLU H 340 -21.57 6.18 59.04
CA GLU H 340 -21.70 7.63 59.14
C GLU H 340 -23.07 8.12 58.67
N MET H 341 -23.68 7.43 57.68
CA MET H 341 -24.99 7.86 57.24
C MET H 341 -26.07 7.65 58.27
N ILE H 342 -25.86 6.74 59.22
CA ILE H 342 -26.87 6.43 60.23
C ILE H 342 -26.87 7.58 61.23
N THR H 343 -27.83 8.49 61.13
CA THR H 343 -27.86 9.58 62.10
C THR H 343 -28.18 9.05 63.48
N ARG H 344 -29.16 8.15 63.58
CA ARG H 344 -29.75 7.88 64.87
C ARG H 344 -30.57 6.59 64.79
N THR H 345 -30.68 5.91 65.93
CA THR H 345 -31.40 4.65 66.00
C THR H 345 -32.51 4.77 67.04
N TYR H 346 -33.61 4.05 66.79
CA TYR H 346 -34.84 4.22 67.54
C TYR H 346 -35.41 2.88 68.00
N PRO H 347 -36.15 2.87 69.10
CA PRO H 347 -37.06 1.75 69.36
C PRO H 347 -38.15 1.68 68.32
N LEU H 348 -38.56 0.46 67.99
CA LEU H 348 -39.71 0.23 67.12
C LEU H 348 -40.89 1.11 67.52
N GLU H 349 -41.12 1.24 68.83
CA GLU H 349 -42.32 1.90 69.32
C GLU H 349 -42.36 3.36 68.87
N ASN H 350 -41.28 4.11 69.09
CA ASN H 350 -41.25 5.52 68.78
C ASN H 350 -41.05 5.73 67.28
N LEU H 351 -42.02 5.24 66.53
CA LEU H 351 -41.86 5.35 65.08
C LEU H 351 -42.31 6.70 64.51
N GLN H 352 -43.26 7.46 65.12
CA GLN H 352 -43.47 8.85 64.57
C GLN H 352 -42.17 9.58 64.66
N GLN H 353 -41.49 9.35 65.77
CA GLN H 353 -40.33 10.14 66.08
C GLN H 353 -39.43 10.00 64.85
N ALA H 354 -38.85 8.84 64.60
CA ALA H 354 -38.21 8.63 63.30
C ALA H 354 -39.02 9.20 62.13
N PHE H 355 -40.33 8.94 62.10
CA PHE H 355 -41.17 9.43 61.01
C PHE H 355 -41.24 10.96 60.98
N ASP H 356 -41.44 11.61 62.13
CA ASP H 356 -41.64 13.05 62.19
C ASP H 356 -40.35 13.83 62.02
N ASP H 357 -39.33 13.23 61.44
CA ASP H 357 -38.00 13.65 61.77
C ASP H 357 -36.96 13.39 60.69
N LYS H 365 -30.72 9.82 58.28
CA LYS H 365 -31.49 8.59 58.11
C LYS H 365 -31.57 7.80 59.39
N GLY H 366 -32.76 7.28 59.70
CA GLY H 366 -32.96 6.59 60.97
C GLY H 366 -33.29 5.11 60.83
N VAL H 367 -33.01 4.33 61.89
CA VAL H 367 -33.03 2.89 61.84
C VAL H 367 -33.81 2.35 63.03
N ILE H 368 -34.81 1.53 62.77
CA ILE H 368 -35.51 0.78 63.82
C ILE H 368 -34.72 -0.49 64.12
N ILE H 369 -34.15 -0.55 65.32
CA ILE H 369 -33.37 -1.67 65.81
C ILE H 369 -34.25 -2.52 66.72
N PHE H 370 -33.88 -3.79 66.88
CA PHE H 370 -34.60 -4.75 67.69
C PHE H 370 -33.63 -5.47 68.61
#